data_5VMT
#
_entry.id   5VMT
#
_cell.length_a   142.450
_cell.length_b   132.100
_cell.length_c   156.000
_cell.angle_alpha   90.000
_cell.angle_beta   94.560
_cell.angle_gamma   90.000
#
_symmetry.space_group_name_H-M   'C 1 2 1'
#
loop_
_entity.id
_entity.type
_entity.pdbx_description
1 polymer 'Glyceraldehyde-3-phosphate dehydrogenase'
2 non-polymer NICOTINAMIDE-ADENINE-DINUCLEOTIDE
3 non-polymer 'CHLORIDE ION'
4 water water
#
_entity_poly.entity_id   1
_entity_poly.type   'polypeptide(L)'
_entity_poly.pdbx_seq_one_letter_code
;MAHHHHHHMSIKVAINGFGRIGRLALRQIEKAHGIEVAAVNDLTPAEMLLHLFKYDSTQGRFQGTAELKDDAIVVNGREI
KVFANPNPEELPWGELGVDVVLECTGFFTNKTKAEAHIRAGARKVVISAPGGNDVKTVVYGVNQDILDGSETVISAASCT
TNCLAPMAAVLQKEFGVVEGLMTTIHAYTGDQNTLDAPHRKGDLRRARAAALNIVPNSTGAAKAIGLVIPELNGKLDGSA
QRVPVATGSLTELVSVLERPATKEEINAAMKAASSESYGYNEDQIVSSDVVGIEYGSLFDATQTRVMTVGGKQLVKTVAW
YDNEMSYTCQLVRTLEYFAGKI
;
_entity_poly.pdbx_strand_id   A,B,C,D,E,F,G,H
#
loop_
_chem_comp.id
_chem_comp.type
_chem_comp.name
_chem_comp.formula
CL non-polymer 'CHLORIDE ION' 'Cl -1'
NAD non-polymer NICOTINAMIDE-ADENINE-DINUCLEOTIDE 'C21 H27 N7 O14 P2'
#
# COMPACT_ATOMS: atom_id res chain seq x y z
N MET A 9 -20.54 17.25 3.97
CA MET A 9 -20.27 16.83 5.34
C MET A 9 -20.85 15.44 5.62
N SER A 10 -19.97 14.51 6.00
CA SER A 10 -20.39 13.17 6.41
C SER A 10 -21.30 13.22 7.64
N ILE A 11 -22.13 12.19 7.77
CA ILE A 11 -22.78 11.94 9.05
C ILE A 11 -21.72 11.59 10.08
N LYS A 12 -21.71 12.32 11.19
CA LYS A 12 -20.72 12.13 12.24
C LYS A 12 -21.27 11.25 13.35
N VAL A 13 -20.63 10.09 13.54
CA VAL A 13 -21.02 9.10 14.55
C VAL A 13 -20.05 9.13 15.71
N ALA A 14 -20.60 9.02 16.92
CA ALA A 14 -19.83 8.69 18.12
C ALA A 14 -20.23 7.31 18.60
N ILE A 15 -19.24 6.53 19.04
CA ILE A 15 -19.44 5.19 19.58
C ILE A 15 -19.25 5.24 21.10
N ASN A 16 -20.30 4.89 21.86
CA ASN A 16 -20.21 4.79 23.31
C ASN A 16 -20.10 3.31 23.67
N GLY A 17 -18.94 2.93 24.21
CA GLY A 17 -18.64 1.55 24.52
C GLY A 17 -17.86 0.95 23.37
N PHE A 18 -16.54 1.00 23.46
CA PHE A 18 -15.67 0.46 22.41
C PHE A 18 -15.39 -1.02 22.64
N GLY A 19 -16.45 -1.82 22.80
CA GLY A 19 -16.34 -3.24 23.08
C GLY A 19 -16.35 -4.08 21.83
N ARG A 20 -16.84 -5.32 21.97
CA ARG A 20 -16.97 -6.18 20.79
C ARG A 20 -17.77 -5.50 19.68
N ILE A 21 -18.98 -5.03 19.98
CA ILE A 21 -19.79 -4.40 18.94
C ILE A 21 -19.20 -3.05 18.55
N GLY A 22 -18.77 -2.26 19.54
CA GLY A 22 -18.25 -0.94 19.26
C GLY A 22 -17.05 -0.96 18.31
N ARG A 23 -16.10 -1.87 18.56
CA ARG A 23 -14.90 -1.83 17.73
C ARG A 23 -15.18 -2.27 16.31
N LEU A 24 -15.99 -3.32 16.14
CA LEU A 24 -16.36 -3.78 14.81
C LEU A 24 -17.21 -2.74 14.07
N ALA A 25 -18.06 -2.02 14.80
CA ALA A 25 -18.83 -0.95 14.20
C ALA A 25 -17.90 0.06 13.55
N LEU A 26 -16.77 0.38 14.22
CA LEU A 26 -15.78 1.28 13.64
C LEU A 26 -15.18 0.71 12.36
N ARG A 27 -14.83 -0.58 12.38
CA ARG A 27 -14.32 -1.23 11.18
C ARG A 27 -15.28 -1.08 10.01
N GLN A 28 -16.57 -1.32 10.24
CA GLN A 28 -17.52 -1.31 9.15
C GLN A 28 -17.81 0.10 8.66
N ILE A 29 -17.87 1.07 9.58
CA ILE A 29 -18.11 2.44 9.19
C ILE A 29 -16.92 3.00 8.41
N GLU A 30 -15.71 2.54 8.71
CA GLU A 30 -14.55 2.94 7.93
C GLU A 30 -14.70 2.61 6.45
N LYS A 31 -15.34 1.48 6.12
CA LYS A 31 -15.54 1.12 4.72
C LYS A 31 -16.76 1.76 4.09
N ALA A 32 -17.53 2.56 4.83
CA ALA A 32 -18.78 3.10 4.35
C ALA A 32 -18.57 4.52 3.83
N HIS A 33 -19.40 4.90 2.88
CA HIS A 33 -19.31 6.21 2.26
C HIS A 33 -20.36 7.11 2.87
N GLY A 34 -19.96 8.30 3.27
CA GLY A 34 -20.90 9.29 3.75
C GLY A 34 -21.02 9.34 5.25
N ILE A 35 -20.30 8.47 5.96
CA ILE A 35 -20.43 8.41 7.39
C ILE A 35 -19.08 8.04 7.98
N GLU A 36 -18.75 8.64 9.12
CA GLU A 36 -17.46 8.43 9.76
C GLU A 36 -17.62 8.58 11.26
N VAL A 37 -16.83 7.82 12.00
CA VAL A 37 -16.80 7.90 13.45
C VAL A 37 -15.91 9.06 13.86
N ALA A 38 -16.47 9.99 14.63
CA ALA A 38 -15.73 11.16 15.10
C ALA A 38 -15.12 10.98 16.48
N ALA A 39 -15.69 10.10 17.29
CA ALA A 39 -15.25 9.91 18.66
C ALA A 39 -15.71 8.55 19.15
N VAL A 40 -14.92 8.00 20.06
CA VAL A 40 -15.34 6.84 20.81
C VAL A 40 -15.11 7.18 22.28
N ASN A 41 -15.94 6.57 23.14
CA ASN A 41 -15.86 6.76 24.59
C ASN A 41 -15.92 5.37 25.22
N ASP A 42 -15.10 5.18 26.25
CA ASP A 42 -14.99 3.92 26.95
C ASP A 42 -14.46 4.22 28.35
N LEU A 43 -13.99 3.20 29.05
CA LEU A 43 -13.44 3.36 30.39
C LEU A 43 -11.93 3.23 30.44
N THR A 44 -11.25 3.36 29.31
CA THR A 44 -9.90 2.83 29.20
C THR A 44 -8.97 3.83 28.57
N PRO A 45 -7.68 3.80 28.91
CA PRO A 45 -6.73 4.64 28.21
C PRO A 45 -6.72 4.30 26.73
N ALA A 46 -6.35 5.28 25.92
CA ALA A 46 -6.40 5.10 24.49
C ALA A 46 -5.47 3.98 24.02
N GLU A 47 -4.36 3.75 24.73
CA GLU A 47 -3.43 2.70 24.34
C GLU A 47 -4.09 1.32 24.38
N MET A 48 -4.90 1.06 25.42
CA MET A 48 -5.59 -0.22 25.51
C MET A 48 -6.63 -0.35 24.41
N LEU A 49 -7.36 0.71 24.14
CA LEU A 49 -8.36 0.64 23.09
C LEU A 49 -7.71 0.46 21.71
N LEU A 50 -6.62 1.19 21.43
CA LEU A 50 -5.99 1.06 20.12
C LEU A 50 -5.54 -0.38 19.89
N HIS A 51 -4.92 -0.98 20.90
CA HIS A 51 -4.44 -2.35 20.79
C HIS A 51 -5.59 -3.32 20.46
N LEU A 52 -6.70 -3.21 21.17
CA LEU A 52 -7.84 -4.09 20.91
C LEU A 52 -8.45 -3.81 19.54
N PHE A 53 -8.35 -2.58 19.04
CA PHE A 53 -8.83 -2.30 17.69
C PHE A 53 -7.95 -2.96 16.63
N LYS A 54 -6.63 -2.90 16.79
CA LYS A 54 -5.72 -3.50 15.81
C LYS A 54 -5.79 -5.01 15.84
N TYR A 55 -5.82 -5.61 17.03
CA TYR A 55 -5.68 -7.05 17.19
C TYR A 55 -6.96 -7.66 17.74
N ASP A 56 -7.45 -8.71 17.08
CA ASP A 56 -8.73 -9.31 17.45
C ASP A 56 -8.65 -10.82 17.33
N SER A 57 -8.95 -11.52 18.43
CA SER A 57 -8.80 -12.97 18.48
C SER A 57 -9.76 -13.71 17.52
N THR A 58 -10.93 -13.17 17.24
CA THR A 58 -11.84 -13.88 16.35
C THR A 58 -12.04 -13.23 15.00
N GLN A 59 -11.89 -11.91 14.90
CA GLN A 59 -12.18 -11.19 13.66
C GLN A 59 -10.94 -10.81 12.84
N GLY A 60 -9.73 -11.16 13.29
CA GLY A 60 -8.52 -10.88 12.54
C GLY A 60 -7.95 -9.50 12.78
N ARG A 61 -6.70 -9.32 12.32
CA ARG A 61 -6.05 -8.02 12.40
C ARG A 61 -6.88 -6.98 11.66
N PHE A 62 -6.87 -5.76 12.19
CA PHE A 62 -7.49 -4.65 11.48
C PHE A 62 -6.74 -4.41 10.18
N GLN A 63 -7.51 -4.34 9.08
CA GLN A 63 -6.98 -4.14 7.74
C GLN A 63 -6.95 -2.64 7.46
N GLY A 64 -5.95 -1.99 8.01
CA GLY A 64 -5.81 -0.56 7.86
C GLY A 64 -4.75 -0.08 8.82
N THR A 65 -4.51 1.22 8.78
CA THR A 65 -3.52 1.80 9.67
C THR A 65 -4.22 2.25 10.95
N ALA A 66 -3.54 2.10 12.07
CA ALA A 66 -4.11 2.55 13.34
C ALA A 66 -2.93 2.95 14.22
N GLU A 67 -2.91 4.20 14.67
CA GLU A 67 -1.81 4.73 15.46
C GLU A 67 -2.36 5.43 16.70
N LEU A 68 -1.48 5.60 17.66
CA LEU A 68 -1.82 6.22 18.93
C LEU A 68 -1.39 7.67 18.91
N LYS A 69 -2.24 8.54 19.46
CA LYS A 69 -1.91 9.96 19.64
C LYS A 69 -2.31 10.40 21.05
N ASP A 70 -2.19 11.69 21.34
CA ASP A 70 -2.51 12.22 22.66
C ASP A 70 -4.02 12.28 22.80
N ASP A 71 -4.59 11.30 23.50
CA ASP A 71 -6.03 11.22 23.73
C ASP A 71 -6.82 10.99 22.43
N ALA A 72 -6.24 10.20 21.53
CA ALA A 72 -6.89 9.94 20.24
C ALA A 72 -6.24 8.73 19.59
N ILE A 73 -7.03 8.01 18.79
CA ILE A 73 -6.49 7.04 17.87
C ILE A 73 -6.62 7.61 16.46
N VAL A 74 -5.63 7.32 15.62
CA VAL A 74 -5.60 7.77 14.24
C VAL A 74 -5.84 6.54 13.37
N VAL A 75 -7.02 6.49 12.76
CA VAL A 75 -7.46 5.33 12.00
C VAL A 75 -7.49 5.74 10.53
N ASN A 76 -6.69 5.05 9.72
CA ASN A 76 -6.53 5.36 8.30
C ASN A 76 -6.22 6.85 8.12
N GLY A 77 -5.39 7.37 9.01
CA GLY A 77 -4.98 8.75 8.93
C GLY A 77 -5.89 9.72 9.64
N ARG A 78 -7.14 9.35 9.90
CA ARG A 78 -8.07 10.28 10.50
C ARG A 78 -8.01 10.18 12.02
N GLU A 79 -8.01 11.34 12.67
CA GLU A 79 -7.95 11.37 14.12
C GLU A 79 -9.35 11.12 14.67
N ILE A 80 -9.44 10.23 15.64
CA ILE A 80 -10.70 9.91 16.31
C ILE A 80 -10.49 10.22 17.78
N LYS A 81 -11.27 11.15 18.32
CA LYS A 81 -11.05 11.54 19.71
C LYS A 81 -11.51 10.42 20.64
N VAL A 82 -10.75 10.21 21.70
CA VAL A 82 -11.02 9.13 22.64
C VAL A 82 -11.34 9.76 23.97
N PHE A 83 -12.44 9.35 24.56
CA PHE A 83 -12.86 9.84 25.86
C PHE A 83 -12.99 8.64 26.78
N ALA A 84 -13.05 8.92 28.08
CA ALA A 84 -13.12 7.86 29.08
C ALA A 84 -14.06 8.28 30.19
N ASN A 85 -15.16 8.90 29.82
CA ASN A 85 -16.12 9.40 30.78
C ASN A 85 -17.25 8.40 30.96
N PRO A 86 -17.44 7.82 32.15
CA PRO A 86 -18.55 6.88 32.34
C PRO A 86 -19.92 7.56 32.44
N ASN A 87 -19.99 8.87 32.65
CA ASN A 87 -21.27 9.57 32.65
C ASN A 87 -21.50 10.16 31.27
N PRO A 88 -22.40 9.60 30.47
CA PRO A 88 -22.62 10.13 29.11
C PRO A 88 -23.17 11.56 29.08
N GLU A 89 -23.63 12.10 30.20
CA GLU A 89 -24.07 13.49 30.22
C GLU A 89 -22.94 14.43 29.80
N GLU A 90 -21.70 14.12 30.18
CA GLU A 90 -20.61 15.07 30.12
C GLU A 90 -19.79 15.00 28.85
N LEU A 91 -20.18 14.14 27.89
CA LEU A 91 -19.41 13.95 26.67
C LEU A 91 -19.64 15.14 25.73
N PRO A 92 -18.62 15.57 25.03
CA PRO A 92 -18.70 16.80 24.21
C PRO A 92 -19.31 16.59 22.83
N TRP A 93 -20.42 15.85 22.77
CA TRP A 93 -21.02 15.55 21.47
C TRP A 93 -21.47 16.82 20.76
N GLY A 94 -22.11 17.73 21.47
CA GLY A 94 -22.45 19.01 20.90
C GLY A 94 -21.22 19.74 20.38
N GLU A 95 -20.16 19.79 21.21
CA GLU A 95 -18.95 20.49 20.83
C GLU A 95 -18.33 19.88 19.57
N LEU A 96 -18.53 18.59 19.35
CA LEU A 96 -17.96 17.89 18.21
C LEU A 96 -18.91 17.75 17.03
N GLY A 97 -20.16 18.20 17.16
CA GLY A 97 -21.10 18.10 16.05
C GLY A 97 -21.53 16.68 15.73
N VAL A 98 -21.67 15.83 16.75
CA VAL A 98 -22.04 14.44 16.53
C VAL A 98 -23.49 14.35 16.08
N ASP A 99 -23.74 13.57 15.02
CA ASP A 99 -25.12 13.36 14.60
C ASP A 99 -25.77 12.17 15.31
N VAL A 100 -25.15 11.00 15.27
CA VAL A 100 -25.72 9.80 15.86
C VAL A 100 -24.72 9.16 16.81
N VAL A 101 -25.22 8.71 17.97
CA VAL A 101 -24.45 7.91 18.91
C VAL A 101 -24.85 6.46 18.74
N LEU A 102 -23.85 5.59 18.57
CA LEU A 102 -24.05 4.15 18.69
C LEU A 102 -23.81 3.80 20.15
N GLU A 103 -24.89 3.47 20.87
CA GLU A 103 -24.82 3.16 22.29
C GLU A 103 -24.53 1.67 22.43
N CYS A 104 -23.26 1.34 22.72
CA CYS A 104 -22.78 -0.04 22.72
C CYS A 104 -22.16 -0.48 24.05
N THR A 105 -22.47 0.19 25.15
CA THR A 105 -21.83 -0.19 26.42
C THR A 105 -22.51 -1.36 27.12
N GLY A 106 -23.76 -1.67 26.79
CA GLY A 106 -24.53 -2.60 27.58
C GLY A 106 -25.09 -2.01 28.87
N PHE A 107 -24.87 -0.72 29.12
CA PHE A 107 -25.30 -0.09 30.37
C PHE A 107 -26.31 1.03 30.21
N PHE A 108 -26.69 1.38 28.98
CA PHE A 108 -27.60 2.51 28.77
C PHE A 108 -28.72 2.09 27.85
N THR A 109 -29.27 0.92 28.14
CA THR A 109 -30.16 0.21 27.23
C THR A 109 -31.63 0.59 27.42
N ASN A 110 -31.96 1.84 27.76
CA ASN A 110 -33.37 2.25 27.74
C ASN A 110 -33.45 3.72 27.32
N LYS A 111 -34.68 4.22 27.20
CA LYS A 111 -34.89 5.51 26.54
C LYS A 111 -34.30 6.68 27.31
N THR A 112 -34.57 6.76 28.62
CA THR A 112 -34.12 7.92 29.38
C THR A 112 -32.60 7.94 29.54
N LYS A 113 -32.00 6.77 29.77
CA LYS A 113 -30.55 6.73 29.92
C LYS A 113 -29.87 7.12 28.62
N ALA A 114 -30.34 6.58 27.49
CA ALA A 114 -29.70 6.87 26.21
C ALA A 114 -29.93 8.31 25.76
N GLU A 115 -30.98 8.96 26.25
CA GLU A 115 -31.19 10.40 25.99
C GLU A 115 -30.12 11.29 26.62
N ALA A 116 -29.29 10.78 27.53
CA ALA A 116 -28.13 11.54 27.98
C ALA A 116 -27.23 11.97 26.82
N HIS A 117 -27.19 11.17 25.75
CA HIS A 117 -26.36 11.56 24.60
C HIS A 117 -26.98 12.74 23.87
N ILE A 118 -28.31 12.82 23.85
CA ILE A 118 -28.98 13.93 23.19
C ILE A 118 -28.84 15.20 24.02
N ARG A 119 -28.86 15.04 25.36
CA ARG A 119 -28.56 16.18 26.22
C ARG A 119 -27.11 16.61 26.08
N ALA A 120 -26.21 15.67 25.80
CA ALA A 120 -24.81 16.00 25.56
C ALA A 120 -24.58 16.64 24.20
N GLY A 121 -25.61 16.76 23.36
CA GLY A 121 -25.49 17.51 22.12
C GLY A 121 -25.64 16.71 20.86
N ALA A 122 -25.83 15.40 20.94
CA ALA A 122 -26.02 14.58 19.74
C ALA A 122 -27.48 14.57 19.34
N ARG A 123 -27.72 14.35 18.04
CA ARG A 123 -29.08 14.42 17.52
C ARG A 123 -29.84 13.10 17.67
N LYS A 124 -29.18 11.95 17.50
CA LYS A 124 -29.89 10.67 17.51
C LYS A 124 -29.06 9.61 18.22
N VAL A 125 -29.74 8.61 18.80
CA VAL A 125 -29.10 7.44 19.39
C VAL A 125 -29.67 6.16 18.79
N VAL A 126 -28.78 5.21 18.50
CA VAL A 126 -29.15 3.82 18.20
C VAL A 126 -28.58 2.93 19.28
N ILE A 127 -29.44 2.23 20.02
CA ILE A 127 -29.01 1.30 21.06
C ILE A 127 -28.70 -0.05 20.44
N SER A 128 -27.47 -0.56 20.65
CA SER A 128 -27.01 -1.83 20.08
C SER A 128 -27.46 -3.04 20.89
N ALA A 129 -28.69 -3.02 21.38
CA ALA A 129 -29.24 -4.05 22.22
C ALA A 129 -30.73 -3.75 22.28
N PRO A 130 -31.58 -4.64 22.81
CA PRO A 130 -32.97 -4.23 23.09
C PRO A 130 -33.00 -3.03 24.03
N GLY A 131 -33.88 -2.08 23.71
CA GLY A 131 -33.91 -0.82 24.44
C GLY A 131 -35.20 -0.51 25.18
N GLY A 132 -36.03 -1.51 25.44
CA GLY A 132 -37.33 -1.32 26.04
C GLY A 132 -38.40 -1.11 24.98
N ASN A 133 -39.65 -1.18 25.40
CA ASN A 133 -40.76 -1.17 24.44
C ASN A 133 -41.22 0.23 24.07
N ASP A 134 -40.75 1.25 24.77
CA ASP A 134 -41.10 2.63 24.43
C ASP A 134 -40.09 3.20 23.46
N VAL A 135 -39.26 2.31 22.88
CA VAL A 135 -38.29 2.65 21.86
C VAL A 135 -38.54 1.68 20.72
N LYS A 136 -38.66 2.20 19.50
CA LYS A 136 -38.89 1.34 18.36
C LYS A 136 -37.70 0.42 18.12
N THR A 137 -37.99 -0.83 17.79
CA THR A 137 -36.98 -1.86 17.57
C THR A 137 -36.97 -2.22 16.09
N VAL A 138 -35.83 -2.03 15.45
CA VAL A 138 -35.71 -2.15 14.00
C VAL A 138 -34.74 -3.28 13.72
N VAL A 139 -35.21 -4.28 12.98
CA VAL A 139 -34.32 -5.24 12.34
C VAL A 139 -34.26 -4.85 10.88
N TYR A 140 -33.09 -4.38 10.45
CA TYR A 140 -32.99 -3.92 9.07
C TYR A 140 -33.28 -5.06 8.10
N GLY A 141 -34.03 -4.74 7.07
CA GLY A 141 -34.51 -5.73 6.13
C GLY A 141 -35.85 -6.33 6.50
N VAL A 142 -36.38 -6.03 7.68
CA VAL A 142 -37.67 -6.55 8.12
C VAL A 142 -38.68 -5.44 8.37
N ASN A 143 -38.28 -4.37 9.12
CA ASN A 143 -39.29 -3.39 9.51
C ASN A 143 -38.75 -1.96 9.69
N GLN A 144 -37.67 -1.59 8.98
CA GLN A 144 -37.15 -0.24 9.17
C GLN A 144 -38.11 0.84 8.69
N ASP A 145 -39.08 0.49 7.83
CA ASP A 145 -40.03 1.46 7.34
C ASP A 145 -40.87 2.09 8.45
N ILE A 146 -40.91 1.47 9.64
CA ILE A 146 -41.68 2.02 10.76
C ILE A 146 -41.12 3.33 11.27
N LEU A 147 -39.90 3.69 10.87
CA LEU A 147 -39.33 4.98 11.28
C LEU A 147 -39.95 6.07 10.43
N ASP A 148 -40.32 7.17 11.09
CA ASP A 148 -40.89 8.34 10.40
C ASP A 148 -39.99 9.57 10.51
N GLY A 149 -38.78 9.42 11.05
CA GLY A 149 -37.81 10.47 11.15
C GLY A 149 -37.82 11.22 12.47
N SER A 150 -38.97 11.30 13.12
CA SER A 150 -39.11 12.04 14.37
C SER A 150 -38.49 11.32 15.56
N GLU A 151 -38.02 10.10 15.41
CA GLU A 151 -37.43 9.41 16.55
C GLU A 151 -36.05 10.00 16.88
N THR A 152 -35.74 10.02 18.17
CA THR A 152 -34.42 10.39 18.67
C THR A 152 -33.61 9.21 19.17
N VAL A 153 -34.26 8.23 19.79
CA VAL A 153 -33.60 7.03 20.29
C VAL A 153 -34.32 5.81 19.74
N ILE A 154 -33.59 4.94 19.05
CA ILE A 154 -34.15 3.69 18.54
C ILE A 154 -33.23 2.54 18.94
N SER A 155 -33.72 1.32 18.72
CA SER A 155 -33.02 0.09 19.02
C SER A 155 -32.86 -0.78 17.77
N ALA A 156 -31.70 -1.40 17.62
CA ALA A 156 -31.46 -2.36 16.55
C ALA A 156 -31.71 -3.81 16.98
N ALA A 157 -32.42 -4.01 18.10
CA ALA A 157 -32.72 -5.33 18.65
C ALA A 157 -31.47 -6.08 19.05
N SER A 158 -31.62 -7.37 19.38
CA SER A 158 -30.52 -8.20 19.79
C SER A 158 -29.96 -8.94 18.58
N CYS A 159 -28.78 -9.55 18.77
CA CYS A 159 -28.21 -10.35 17.70
C CYS A 159 -29.17 -11.45 17.28
N THR A 160 -29.77 -12.13 18.26
CA THR A 160 -30.63 -13.26 17.95
C THR A 160 -31.87 -12.81 17.22
N THR A 161 -32.43 -11.69 17.64
CA THR A 161 -33.61 -11.17 16.95
C THR A 161 -33.30 -10.87 15.49
N ASN A 162 -32.11 -10.32 15.20
CA ASN A 162 -31.78 -10.04 13.81
C ASN A 162 -31.61 -11.33 13.03
N CYS A 163 -31.21 -12.41 13.71
CA CYS A 163 -31.15 -13.71 13.04
C CYS A 163 -32.55 -14.29 12.81
N LEU A 164 -33.39 -14.31 13.84
CA LEU A 164 -34.68 -14.97 13.74
C LEU A 164 -35.63 -14.21 12.81
N ALA A 165 -35.63 -12.87 12.88
CA ALA A 165 -36.71 -12.09 12.29
C ALA A 165 -36.93 -12.35 10.80
N PRO A 166 -35.91 -12.31 9.94
CA PRO A 166 -36.19 -12.58 8.51
C PRO A 166 -36.69 -14.01 8.26
N MET A 167 -36.20 -14.98 9.02
CA MET A 167 -36.69 -16.35 8.86
C MET A 167 -38.16 -16.44 9.26
N ALA A 168 -38.50 -15.86 10.42
CA ALA A 168 -39.89 -15.88 10.86
C ALA A 168 -40.78 -15.06 9.92
N ALA A 169 -40.25 -14.00 9.31
CA ALA A 169 -41.07 -13.16 8.42
C ALA A 169 -41.54 -13.97 7.20
N VAL A 170 -40.64 -14.76 6.61
CA VAL A 170 -40.98 -15.60 5.47
C VAL A 170 -41.99 -16.67 5.86
N LEU A 171 -41.80 -17.33 7.01
CA LEU A 171 -42.77 -18.36 7.41
C LEU A 171 -44.16 -17.75 7.61
N GLN A 172 -44.21 -16.58 8.23
CA GLN A 172 -45.50 -15.96 8.47
C GLN A 172 -46.16 -15.55 7.16
N LYS A 173 -45.41 -14.92 6.25
CA LYS A 173 -46.05 -14.45 5.02
C LYS A 173 -46.46 -15.61 4.10
N GLU A 174 -45.61 -16.65 4.01
CA GLU A 174 -45.85 -17.73 3.06
C GLU A 174 -46.73 -18.86 3.60
N PHE A 175 -46.73 -19.10 4.90
CA PHE A 175 -47.51 -20.18 5.47
C PHE A 175 -48.36 -19.79 6.65
N GLY A 176 -48.03 -18.70 7.34
CA GLY A 176 -48.71 -18.40 8.58
C GLY A 176 -48.18 -19.26 9.71
N VAL A 177 -47.95 -18.66 10.87
CA VAL A 177 -47.37 -19.35 12.01
C VAL A 177 -48.44 -19.46 13.07
N VAL A 178 -48.71 -20.69 13.52
CA VAL A 178 -49.55 -20.84 14.69
C VAL A 178 -48.77 -20.50 15.95
N GLU A 179 -47.63 -21.18 16.14
CA GLU A 179 -46.76 -20.94 17.28
C GLU A 179 -45.40 -21.53 16.98
N GLY A 180 -44.42 -21.17 17.80
CA GLY A 180 -43.08 -21.69 17.58
C GLY A 180 -42.23 -21.55 18.81
N LEU A 181 -41.29 -22.47 18.96
CA LEU A 181 -40.30 -22.42 20.03
C LEU A 181 -38.91 -22.34 19.43
N MET A 182 -38.12 -21.42 19.94
CA MET A 182 -36.77 -21.18 19.44
C MET A 182 -35.75 -21.78 20.39
N THR A 183 -34.65 -22.25 19.81
CA THR A 183 -33.44 -22.57 20.55
C THR A 183 -32.29 -21.93 19.83
N THR A 184 -31.62 -20.98 20.47
CA THR A 184 -30.40 -20.45 19.87
C THR A 184 -29.22 -21.14 20.52
N ILE A 185 -28.36 -21.70 19.69
CA ILE A 185 -27.10 -22.29 20.10
C ILE A 185 -26.04 -21.23 19.90
N HIS A 186 -25.56 -20.66 21.00
CA HIS A 186 -24.94 -19.36 20.98
C HIS A 186 -23.49 -19.42 21.45
N ALA A 187 -22.63 -18.69 20.76
CA ALA A 187 -21.28 -18.47 21.25
C ALA A 187 -21.32 -17.86 22.64
N TYR A 188 -20.31 -18.15 23.43
CA TYR A 188 -20.25 -17.48 24.72
C TYR A 188 -19.86 -16.02 24.51
N THR A 189 -20.23 -15.19 25.48
CA THR A 189 -20.00 -13.75 25.38
C THR A 189 -19.41 -13.25 26.69
N GLY A 190 -19.05 -11.96 26.70
CA GLY A 190 -18.36 -11.36 27.84
C GLY A 190 -19.18 -11.29 29.11
N ASP A 191 -20.50 -11.51 29.05
CA ASP A 191 -21.31 -11.58 30.26
C ASP A 191 -21.24 -12.96 30.94
N GLN A 192 -20.42 -13.88 30.43
CA GLN A 192 -20.10 -15.13 31.10
C GLN A 192 -18.68 -15.06 31.65
N ASN A 193 -18.44 -15.80 32.74
CA ASN A 193 -17.14 -15.79 33.41
C ASN A 193 -16.13 -16.70 32.72
N THR A 194 -14.86 -16.31 32.83
CA THR A 194 -13.79 -17.15 32.29
C THR A 194 -13.73 -18.48 33.03
N LEU A 195 -13.69 -18.43 34.36
CA LEU A 195 -13.79 -19.59 35.22
C LEU A 195 -14.94 -19.41 36.21
N ASP A 196 -15.35 -20.52 36.83
CA ASP A 196 -16.43 -20.48 37.82
C ASP A 196 -16.15 -19.42 38.87
N ALA A 197 -17.04 -18.45 39.00
CA ALA A 197 -16.86 -17.32 39.90
C ALA A 197 -18.22 -16.62 40.07
N PRO A 198 -18.35 -15.79 41.10
CA PRO A 198 -19.60 -15.02 41.26
C PRO A 198 -19.92 -14.18 40.03
N HIS A 199 -21.21 -14.10 39.71
CA HIS A 199 -21.71 -13.37 38.56
C HIS A 199 -22.41 -12.11 39.05
N ARG A 200 -22.11 -10.98 38.40
CA ARG A 200 -22.57 -9.68 38.91
C ARG A 200 -24.08 -9.63 39.03
N LYS A 201 -24.77 -10.21 38.07
CA LYS A 201 -26.22 -10.16 38.03
C LYS A 201 -26.87 -11.40 38.64
N GLY A 202 -26.12 -12.22 39.40
CA GLY A 202 -26.74 -13.34 40.11
C GLY A 202 -27.11 -14.55 39.27
N ASP A 203 -26.67 -14.64 38.01
CA ASP A 203 -27.02 -15.75 37.13
C ASP A 203 -26.15 -16.98 37.46
N LEU A 204 -26.76 -18.03 38.00
CA LEU A 204 -25.98 -19.20 38.42
C LEU A 204 -25.41 -19.95 37.22
N ARG A 205 -25.96 -19.77 36.02
CA ARG A 205 -25.41 -20.44 34.85
C ARG A 205 -24.38 -19.60 34.10
N ARG A 206 -24.58 -18.28 34.03
CA ARG A 206 -23.55 -17.45 33.44
C ARG A 206 -22.34 -17.33 34.35
N ALA A 207 -22.46 -17.70 35.63
CA ALA A 207 -21.32 -17.72 36.53
C ALA A 207 -20.26 -18.74 36.13
N ARG A 208 -20.62 -19.73 35.33
CA ARG A 208 -19.75 -20.85 35.07
C ARG A 208 -18.78 -20.56 33.92
N ALA A 209 -17.63 -21.22 33.97
CA ALA A 209 -16.58 -21.09 32.97
C ALA A 209 -17.14 -21.23 31.56
N ALA A 210 -16.95 -20.17 30.75
CA ALA A 210 -17.63 -20.06 29.47
C ALA A 210 -17.17 -21.12 28.47
N ALA A 211 -15.87 -21.41 28.39
CA ALA A 211 -15.32 -22.26 27.34
C ALA A 211 -15.29 -23.72 27.75
N LEU A 212 -15.98 -24.09 28.82
CA LEU A 212 -16.03 -25.46 29.32
C LEU A 212 -17.43 -26.07 29.32
N ASN A 213 -18.46 -25.33 28.94
CA ASN A 213 -19.80 -25.74 29.29
C ASN A 213 -20.81 -25.45 28.21
N ILE A 214 -21.78 -26.34 28.11
CA ILE A 214 -23.09 -26.01 27.59
C ILE A 214 -23.89 -25.33 28.70
N VAL A 215 -24.31 -24.09 28.45
CA VAL A 215 -24.87 -23.22 29.47
C VAL A 215 -26.25 -22.76 29.02
N PRO A 216 -27.32 -23.33 29.58
CA PRO A 216 -28.67 -22.82 29.30
C PRO A 216 -28.85 -21.41 29.83
N ASN A 217 -29.56 -20.59 29.06
CA ASN A 217 -29.79 -19.22 29.49
C ASN A 217 -31.03 -18.67 28.78
N SER A 218 -31.70 -17.73 29.42
CA SER A 218 -32.93 -17.21 28.85
C SER A 218 -32.62 -16.10 27.85
N THR A 219 -33.58 -15.87 26.96
CA THR A 219 -33.45 -14.80 26.00
C THR A 219 -34.85 -14.36 25.61
N GLY A 220 -35.02 -13.04 25.45
CA GLY A 220 -36.32 -12.52 25.08
C GLY A 220 -36.48 -12.36 23.58
N ALA A 221 -35.53 -12.85 22.80
CA ALA A 221 -35.48 -12.61 21.36
C ALA A 221 -36.74 -13.09 20.66
N ALA A 222 -37.19 -14.32 20.96
CA ALA A 222 -38.36 -14.85 20.23
C ALA A 222 -39.62 -14.09 20.61
N LYS A 223 -39.72 -13.66 21.87
CA LYS A 223 -40.84 -12.84 22.27
C LYS A 223 -40.82 -11.50 21.55
N ALA A 224 -39.62 -10.97 21.27
CA ALA A 224 -39.53 -9.64 20.69
C ALA A 224 -39.81 -9.66 19.21
N ILE A 225 -39.80 -10.84 18.58
CA ILE A 225 -40.27 -10.94 17.21
C ILE A 225 -41.69 -10.41 17.13
N GLY A 226 -42.45 -10.56 18.21
CA GLY A 226 -43.78 -10.03 18.29
C GLY A 226 -43.84 -8.53 18.16
N LEU A 227 -42.72 -7.84 18.37
CA LEU A 227 -42.63 -6.40 18.12
C LEU A 227 -42.15 -6.04 16.72
N VAL A 228 -41.19 -6.79 16.18
CA VAL A 228 -40.67 -6.47 14.86
C VAL A 228 -41.67 -6.86 13.80
N ILE A 229 -42.37 -7.98 14.01
CA ILE A 229 -43.42 -8.46 13.13
C ILE A 229 -44.68 -8.56 13.99
N PRO A 230 -45.53 -7.54 14.00
CA PRO A 230 -46.67 -7.57 14.93
C PRO A 230 -47.59 -8.76 14.74
N GLU A 231 -47.73 -9.27 13.51
CA GLU A 231 -48.59 -10.43 13.32
C GLU A 231 -48.05 -11.69 13.98
N LEU A 232 -46.86 -11.64 14.58
CA LEU A 232 -46.35 -12.75 15.36
C LEU A 232 -46.36 -12.45 16.86
N ASN A 233 -47.11 -11.44 17.28
CA ASN A 233 -47.18 -11.07 18.69
C ASN A 233 -47.75 -12.20 19.53
N GLY A 234 -47.07 -12.53 20.62
CA GLY A 234 -47.51 -13.60 21.50
C GLY A 234 -47.37 -15.00 20.94
N LYS A 235 -46.77 -15.15 19.75
CA LYS A 235 -46.75 -16.44 19.09
C LYS A 235 -45.45 -17.21 19.25
N LEU A 236 -44.35 -16.58 19.63
CA LEU A 236 -43.08 -17.25 19.71
C LEU A 236 -42.48 -17.11 21.10
N ASP A 237 -41.72 -18.13 21.49
CA ASP A 237 -40.85 -17.99 22.64
C ASP A 237 -39.67 -18.92 22.41
N GLY A 238 -38.76 -18.96 23.38
CA GLY A 238 -37.60 -19.80 23.24
C GLY A 238 -36.58 -19.53 24.34
N SER A 239 -35.39 -20.07 24.11
CA SER A 239 -34.34 -20.04 25.10
C SER A 239 -33.01 -20.22 24.38
N ALA A 240 -31.93 -20.17 25.12
CA ALA A 240 -30.59 -20.23 24.56
C ALA A 240 -29.80 -21.33 25.23
N GLN A 241 -28.82 -21.84 24.48
CA GLN A 241 -27.78 -22.71 25.01
C GLN A 241 -26.44 -22.09 24.61
N ARG A 242 -25.68 -21.57 25.58
CA ARG A 242 -24.36 -21.01 25.26
C ARG A 242 -23.33 -22.13 25.19
N VAL A 243 -22.50 -22.12 24.14
CA VAL A 243 -21.56 -23.23 23.90
C VAL A 243 -20.16 -22.68 23.62
N PRO A 244 -19.10 -23.51 23.81
CA PRO A 244 -17.71 -22.98 23.80
C PRO A 244 -17.12 -22.74 22.41
N VAL A 245 -17.74 -21.81 21.67
CA VAL A 245 -17.13 -21.13 20.53
C VAL A 245 -17.11 -19.65 20.88
N ALA A 246 -16.04 -18.96 20.47
CA ALA A 246 -15.81 -17.58 20.89
C ALA A 246 -16.67 -16.59 20.11
N THR A 247 -17.16 -16.97 18.94
CA THR A 247 -18.18 -16.21 18.23
C THR A 247 -18.73 -17.13 17.13
N GLY A 248 -19.94 -16.81 16.65
CA GLY A 248 -20.62 -17.67 15.71
C GLY A 248 -21.73 -18.46 16.39
N SER A 249 -22.95 -18.41 15.84
CA SER A 249 -24.14 -18.88 16.53
C SER A 249 -25.15 -19.37 15.50
N LEU A 250 -26.18 -20.07 15.97
CA LEU A 250 -27.29 -20.37 15.08
C LEU A 250 -28.58 -20.32 15.86
N THR A 251 -29.70 -20.11 15.14
CA THR A 251 -31.02 -20.08 15.75
C THR A 251 -31.86 -21.16 15.08
N GLU A 252 -32.39 -22.08 15.89
CA GLU A 252 -33.39 -23.04 15.45
C GLU A 252 -34.77 -22.56 15.85
N LEU A 253 -35.73 -22.73 14.96
CA LEU A 253 -37.13 -22.51 15.23
C LEU A 253 -37.92 -23.77 14.89
N VAL A 254 -38.60 -24.33 15.88
CA VAL A 254 -39.59 -25.39 15.67
C VAL A 254 -40.97 -24.74 15.74
N SER A 255 -41.72 -24.82 14.66
CA SER A 255 -42.97 -24.09 14.57
C SER A 255 -44.08 -24.99 14.05
N VAL A 256 -45.31 -24.59 14.41
CA VAL A 256 -46.51 -25.14 13.83
C VAL A 256 -47.02 -24.11 12.86
N LEU A 257 -47.14 -24.49 11.60
CA LEU A 257 -47.60 -23.56 10.59
C LEU A 257 -49.09 -23.74 10.38
N GLU A 258 -49.69 -22.77 9.70
CA GLU A 258 -51.12 -22.82 9.47
C GLU A 258 -51.49 -23.55 8.18
N ARG A 259 -50.57 -23.70 7.24
CA ARG A 259 -50.84 -24.35 5.97
C ARG A 259 -49.75 -25.37 5.70
N PRO A 260 -50.04 -26.40 4.89
CA PRO A 260 -49.02 -27.43 4.62
C PRO A 260 -47.83 -26.86 3.88
N ALA A 261 -46.66 -27.46 4.12
CA ALA A 261 -45.41 -27.00 3.55
C ALA A 261 -44.50 -28.20 3.30
N THR A 262 -43.60 -28.03 2.35
CA THR A 262 -42.53 -28.98 2.14
C THR A 262 -41.20 -28.30 2.35
N LYS A 263 -40.19 -29.14 2.55
CA LYS A 263 -38.83 -28.65 2.71
C LYS A 263 -38.44 -27.77 1.52
N GLU A 264 -38.80 -28.18 0.31
CA GLU A 264 -38.45 -27.41 -0.89
C GLU A 264 -39.18 -26.07 -0.95
N GLU A 265 -40.46 -26.04 -0.58
CA GLU A 265 -41.20 -24.79 -0.58
C GLU A 265 -40.60 -23.79 0.41
N ILE A 266 -40.29 -24.25 1.63
CA ILE A 266 -39.68 -23.38 2.62
C ILE A 266 -38.35 -22.83 2.12
N ASN A 267 -37.49 -23.70 1.59
CA ASN A 267 -36.17 -23.26 1.15
C ASN A 267 -36.28 -22.29 -0.01
N ALA A 268 -37.16 -22.58 -0.97
CA ALA A 268 -37.34 -21.68 -2.10
C ALA A 268 -37.83 -20.31 -1.65
N ALA A 269 -38.71 -20.30 -0.65
CA ALA A 269 -39.22 -19.04 -0.12
C ALA A 269 -38.14 -18.25 0.61
N MET A 270 -37.24 -18.95 1.31
CA MET A 270 -36.10 -18.29 1.94
C MET A 270 -35.18 -17.66 0.91
N LYS A 271 -34.85 -18.43 -0.14
CA LYS A 271 -33.98 -17.92 -1.20
C LYS A 271 -34.59 -16.73 -1.91
N ALA A 272 -35.88 -16.79 -2.20
CA ALA A 272 -36.53 -15.66 -2.88
C ALA A 272 -36.44 -14.39 -2.05
N ALA A 273 -36.40 -14.51 -0.73
CA ALA A 273 -36.32 -13.37 0.16
C ALA A 273 -34.89 -12.97 0.48
N SER A 274 -33.90 -13.61 -0.13
CA SER A 274 -32.54 -13.29 0.24
C SER A 274 -32.19 -11.87 -0.19
N SER A 275 -31.30 -11.25 0.57
CA SER A 275 -30.94 -9.87 0.35
C SER A 275 -29.55 -9.65 0.92
N GLU A 276 -29.16 -8.38 1.02
CA GLU A 276 -27.88 -8.04 1.65
C GLU A 276 -27.93 -8.35 3.13
N SER A 277 -29.11 -8.32 3.74
CA SER A 277 -29.28 -8.63 5.15
C SER A 277 -29.51 -10.11 5.42
N TYR A 278 -30.20 -10.81 4.53
CA TYR A 278 -30.64 -12.19 4.74
C TYR A 278 -29.96 -13.06 3.68
N GLY A 279 -28.96 -13.80 4.08
CA GLY A 279 -28.28 -14.67 3.15
C GLY A 279 -28.93 -16.03 3.01
N TYR A 280 -28.58 -16.74 1.93
CA TYR A 280 -29.10 -18.08 1.69
C TYR A 280 -27.95 -19.05 1.46
N ASN A 281 -27.89 -20.11 2.27
CA ASN A 281 -26.81 -21.09 2.23
C ASN A 281 -27.36 -22.47 1.93
N GLU A 282 -26.63 -23.21 1.09
CA GLU A 282 -26.92 -24.60 0.78
C GLU A 282 -25.74 -25.52 1.03
N ASP A 283 -24.61 -25.01 1.51
CA ASP A 283 -23.45 -25.84 1.79
C ASP A 283 -23.48 -26.39 3.21
N GLN A 284 -22.64 -27.41 3.42
CA GLN A 284 -22.50 -28.11 4.68
C GLN A 284 -21.51 -27.35 5.57
N ILE A 285 -21.92 -26.17 5.97
CA ILE A 285 -21.03 -25.29 6.70
C ILE A 285 -21.17 -25.54 8.20
N VAL A 286 -20.17 -25.08 8.95
CA VAL A 286 -20.16 -25.12 10.40
C VAL A 286 -19.88 -23.70 10.88
N SER A 287 -19.89 -23.52 12.22
CA SER A 287 -19.99 -22.17 12.77
C SER A 287 -18.79 -21.28 12.41
N SER A 288 -17.59 -21.84 12.31
CA SER A 288 -16.43 -21.00 12.01
C SER A 288 -16.51 -20.40 10.61
N ASP A 289 -17.21 -21.05 9.69
CA ASP A 289 -17.45 -20.49 8.35
C ASP A 289 -18.31 -19.23 8.38
N VAL A 290 -18.94 -18.96 9.52
CA VAL A 290 -19.90 -17.87 9.66
C VAL A 290 -19.27 -16.64 10.31
N VAL A 291 -18.09 -16.80 10.91
CA VAL A 291 -17.36 -15.71 11.52
C VAL A 291 -17.05 -14.62 10.51
N GLY A 292 -17.46 -13.40 10.80
CA GLY A 292 -17.14 -12.27 9.95
C GLY A 292 -18.07 -12.05 8.78
N ILE A 293 -19.15 -12.84 8.63
CA ILE A 293 -20.08 -12.60 7.54
C ILE A 293 -20.84 -11.29 7.79
N GLU A 294 -21.36 -10.71 6.72
CA GLU A 294 -22.05 -9.43 6.78
C GLU A 294 -23.58 -9.53 6.66
N TYR A 295 -24.11 -10.71 6.36
CA TYR A 295 -25.55 -10.90 6.48
C TYR A 295 -25.94 -10.81 7.94
N GLY A 296 -27.10 -10.21 8.22
CA GLY A 296 -27.60 -10.25 9.58
C GLY A 296 -28.03 -11.64 9.99
N SER A 297 -28.39 -12.46 9.01
CA SER A 297 -28.85 -13.82 9.23
C SER A 297 -28.56 -14.61 7.95
N LEU A 298 -28.14 -15.85 8.11
CA LEU A 298 -27.77 -16.70 6.98
C LEU A 298 -28.63 -17.97 7.07
N PHE A 299 -29.68 -18.05 6.26
CA PHE A 299 -30.54 -19.22 6.30
C PHE A 299 -29.80 -20.45 5.78
N ASP A 300 -29.94 -21.57 6.48
CA ASP A 300 -29.27 -22.83 6.13
C ASP A 300 -30.33 -23.81 5.64
N ALA A 301 -30.47 -23.89 4.32
CA ALA A 301 -31.46 -24.79 3.73
C ALA A 301 -31.16 -26.27 4.03
N THR A 302 -29.91 -26.61 4.36
CA THR A 302 -29.59 -28.02 4.60
C THR A 302 -30.21 -28.55 5.88
N GLN A 303 -30.66 -27.69 6.79
CA GLN A 303 -31.20 -28.14 8.05
C GLN A 303 -32.72 -28.06 8.10
N THR A 304 -33.38 -27.67 7.01
CA THR A 304 -34.84 -27.59 7.00
C THR A 304 -35.46 -28.97 7.11
N ARG A 305 -36.39 -29.13 8.04
CA ARG A 305 -37.07 -30.40 8.20
C ARG A 305 -38.57 -30.16 8.36
N VAL A 306 -39.36 -30.79 7.51
CA VAL A 306 -40.81 -30.78 7.64
C VAL A 306 -41.21 -32.21 7.93
N MET A 307 -41.67 -32.46 9.14
CA MET A 307 -42.06 -33.80 9.55
C MET A 307 -43.57 -33.92 9.58
N THR A 308 -44.10 -34.91 8.85
CA THR A 308 -45.54 -35.10 8.70
C THR A 308 -45.96 -36.41 9.35
N VAL A 309 -46.90 -36.32 10.30
CA VAL A 309 -47.44 -37.48 11.02
C VAL A 309 -48.97 -37.35 11.03
N GLY A 310 -49.63 -38.29 10.36
CA GLY A 310 -51.09 -38.25 10.30
C GLY A 310 -51.63 -36.90 9.90
N GLY A 311 -51.01 -36.27 8.91
CA GLY A 311 -51.45 -34.97 8.47
C GLY A 311 -50.91 -33.81 9.28
N LYS A 312 -50.47 -34.04 10.51
CA LYS A 312 -49.97 -32.95 11.35
C LYS A 312 -48.51 -32.69 11.03
N GLN A 313 -48.16 -31.42 10.86
CA GLN A 313 -46.81 -31.06 10.47
C GLN A 313 -46.15 -30.26 11.57
N LEU A 314 -44.87 -30.55 11.79
CA LEU A 314 -44.03 -29.81 12.71
C LEU A 314 -42.78 -29.49 11.91
N VAL A 315 -42.36 -28.24 11.97
CA VAL A 315 -41.36 -27.70 11.06
C VAL A 315 -40.19 -27.18 11.86
N LYS A 316 -38.98 -27.49 11.40
CA LYS A 316 -37.77 -26.90 11.94
C LYS A 316 -37.01 -26.17 10.84
N THR A 317 -36.70 -24.90 11.09
CA THR A 317 -35.86 -24.10 10.22
C THR A 317 -34.71 -23.51 11.02
N VAL A 318 -33.56 -23.36 10.38
CA VAL A 318 -32.33 -22.97 11.07
C VAL A 318 -31.62 -21.89 10.28
N ALA A 319 -31.14 -20.85 10.99
CA ALA A 319 -30.32 -19.81 10.40
C ALA A 319 -29.06 -19.57 11.24
N TRP A 320 -27.94 -19.35 10.57
CA TRP A 320 -26.69 -18.98 11.22
C TRP A 320 -26.59 -17.47 11.36
N TYR A 321 -25.72 -17.04 12.28
CA TYR A 321 -25.28 -15.65 12.36
C TYR A 321 -23.98 -15.58 13.14
N ASP A 322 -23.11 -14.67 12.75
CA ASP A 322 -22.04 -14.21 13.64
C ASP A 322 -22.64 -13.17 14.60
N ASN A 323 -22.90 -13.59 15.84
CA ASN A 323 -23.53 -12.70 16.81
C ASN A 323 -22.75 -11.39 16.93
N GLU A 324 -21.49 -11.38 16.52
CA GLU A 324 -20.73 -10.13 16.48
C GLU A 324 -20.84 -9.41 15.13
N MET A 325 -20.23 -9.96 14.07
CA MET A 325 -20.14 -9.20 12.84
C MET A 325 -21.50 -9.09 12.14
N SER A 326 -22.31 -10.16 12.17
CA SER A 326 -23.65 -10.09 11.58
C SER A 326 -24.47 -8.99 12.23
N TYR A 327 -24.43 -8.93 13.55
CA TYR A 327 -25.18 -7.91 14.23
C TYR A 327 -24.62 -6.52 13.92
N THR A 328 -23.29 -6.39 13.94
CA THR A 328 -22.65 -5.11 13.66
C THR A 328 -23.10 -4.55 12.32
N CYS A 329 -23.17 -5.41 11.29
CA CYS A 329 -23.59 -4.95 9.98
C CYS A 329 -25.05 -4.53 9.96
N GLN A 330 -25.92 -5.23 10.68
CA GLN A 330 -27.29 -4.77 10.81
C GLN A 330 -27.34 -3.43 11.52
N LEU A 331 -26.53 -3.30 12.57
CA LEU A 331 -26.44 -2.05 13.33
C LEU A 331 -26.00 -0.89 12.44
N VAL A 332 -25.06 -1.13 11.52
CA VAL A 332 -24.57 -0.05 10.67
C VAL A 332 -25.60 0.31 9.61
N ARG A 333 -26.26 -0.70 9.02
CA ARG A 333 -27.31 -0.46 8.04
C ARG A 333 -28.43 0.39 8.64
N THR A 334 -28.87 0.01 9.84
CA THR A 334 -29.92 0.77 10.52
C THR A 334 -29.45 2.17 10.80
N LEU A 335 -28.19 2.31 11.25
CA LEU A 335 -27.62 3.63 11.49
C LEU A 335 -27.66 4.50 10.25
N GLU A 336 -27.25 3.95 9.09
CA GLU A 336 -27.27 4.74 7.87
C GLU A 336 -28.69 5.12 7.48
N TYR A 337 -29.63 4.16 7.54
CA TYR A 337 -31.01 4.47 7.19
C TYR A 337 -31.59 5.53 8.14
N PHE A 338 -31.36 5.35 9.44
CA PHE A 338 -31.86 6.28 10.44
C PHE A 338 -31.24 7.66 10.31
N ALA A 339 -29.95 7.73 9.95
CA ALA A 339 -29.29 9.03 9.81
C ALA A 339 -29.75 9.78 8.57
N GLY A 340 -30.16 9.06 7.52
CA GLY A 340 -30.66 9.71 6.32
C GLY A 340 -32.06 10.25 6.54
N LYS A 341 -32.96 9.40 7.02
CA LYS A 341 -34.39 9.74 7.22
C LYS A 341 -34.58 10.87 8.24
N MET B 9 -20.51 -69.45 39.54
CA MET B 9 -19.81 -69.23 38.27
C MET B 9 -20.08 -67.84 37.71
N SER B 10 -19.05 -67.00 37.70
CA SER B 10 -19.19 -65.62 37.25
C SER B 10 -19.52 -65.57 35.76
N ILE B 11 -20.20 -64.51 35.35
CA ILE B 11 -20.48 -64.24 33.93
C ILE B 11 -19.26 -63.61 33.28
N LYS B 12 -18.70 -64.27 32.27
CA LYS B 12 -17.46 -63.82 31.65
C LYS B 12 -17.74 -62.94 30.43
N VAL B 13 -17.17 -61.75 30.44
CA VAL B 13 -17.40 -60.74 29.41
C VAL B 13 -16.09 -60.47 28.70
N ALA B 14 -16.16 -60.22 27.39
CA ALA B 14 -15.04 -59.68 26.64
C ALA B 14 -15.46 -58.35 26.03
N ILE B 15 -14.49 -57.44 25.92
CA ILE B 15 -14.73 -56.12 25.35
C ILE B 15 -13.94 -56.03 24.05
N ASN B 16 -14.65 -55.85 22.93
CA ASN B 16 -14.04 -55.63 21.63
C ASN B 16 -14.05 -54.13 21.36
N GLY B 17 -12.86 -53.52 21.28
CA GLY B 17 -12.78 -52.08 21.14
C GLY B 17 -12.68 -51.43 22.50
N PHE B 18 -11.43 -51.23 22.93
CA PHE B 18 -11.12 -50.65 24.24
C PHE B 18 -11.05 -49.13 24.13
N GLY B 19 -12.12 -48.53 23.65
CA GLY B 19 -12.20 -47.09 23.44
C GLY B 19 -12.80 -46.33 24.61
N ARG B 20 -13.45 -45.20 24.29
CA ARG B 20 -14.12 -44.43 25.33
C ARG B 20 -15.13 -45.30 26.06
N ILE B 21 -16.06 -45.89 25.32
CA ILE B 21 -17.07 -46.74 25.94
C ILE B 21 -16.45 -48.02 26.48
N GLY B 22 -15.59 -48.66 25.69
CA GLY B 22 -15.00 -49.92 26.12
C GLY B 22 -14.27 -49.79 27.45
N ARG B 23 -13.44 -48.75 27.60
CA ARG B 23 -12.67 -48.61 28.83
C ARG B 23 -13.56 -48.25 30.02
N LEU B 24 -14.51 -47.34 29.83
CA LEU B 24 -15.42 -47.02 30.92
C LEU B 24 -16.27 -48.23 31.30
N ALA B 25 -16.66 -49.02 30.30
CA ALA B 25 -17.36 -50.27 30.58
C ALA B 25 -16.57 -51.16 31.54
N LEU B 26 -15.26 -51.28 31.34
CA LEU B 26 -14.44 -52.05 32.28
C LEU B 26 -14.48 -51.46 33.69
N ARG B 27 -14.36 -50.14 33.79
CA ARG B 27 -14.46 -49.48 35.09
C ARG B 27 -15.76 -49.86 35.81
N GLN B 28 -16.88 -49.81 35.09
CA GLN B 28 -18.16 -50.08 35.73
C GLN B 28 -18.34 -51.57 36.03
N ILE B 29 -17.89 -52.43 35.11
CA ILE B 29 -18.05 -53.86 35.33
C ILE B 29 -17.18 -54.30 36.50
N GLU B 30 -16.03 -53.64 36.69
CA GLU B 30 -15.19 -53.91 37.84
C GLU B 30 -15.95 -53.77 39.15
N LYS B 31 -16.90 -52.83 39.23
CA LYS B 31 -17.67 -52.63 40.44
C LYS B 31 -18.86 -53.57 40.56
N ALA B 32 -19.09 -54.42 39.58
CA ALA B 32 -20.27 -55.27 39.55
C ALA B 32 -19.97 -56.64 40.16
N HIS B 33 -21.03 -57.31 40.62
CA HIS B 33 -20.95 -58.62 41.25
C HIS B 33 -21.53 -59.69 40.34
N GLY B 34 -20.80 -60.79 40.16
CA GLY B 34 -21.31 -61.89 39.40
C GLY B 34 -20.92 -61.83 37.94
N ILE B 35 -20.21 -60.79 37.55
CA ILE B 35 -19.83 -60.58 36.17
C ILE B 35 -18.45 -59.95 36.15
N GLU B 36 -17.61 -60.40 35.23
CA GLU B 36 -16.25 -59.90 35.17
C GLU B 36 -15.75 -59.93 33.73
N VAL B 37 -14.89 -58.98 33.42
CA VAL B 37 -14.24 -58.92 32.13
C VAL B 37 -13.03 -59.86 32.14
N ALA B 38 -13.00 -60.81 31.21
CA ALA B 38 -11.92 -61.77 31.08
C ALA B 38 -10.90 -61.37 30.04
N ALA B 39 -11.31 -60.59 29.04
CA ALA B 39 -10.42 -60.24 27.96
C ALA B 39 -10.91 -58.96 27.29
N VAL B 40 -9.97 -58.23 26.72
CA VAL B 40 -10.26 -57.09 25.87
C VAL B 40 -9.49 -57.27 24.58
N ASN B 41 -10.03 -56.71 23.50
CA ASN B 41 -9.41 -56.78 22.18
C ASN B 41 -9.45 -55.40 21.56
N ASP B 42 -8.35 -55.03 20.91
CA ASP B 42 -8.21 -53.75 20.22
C ASP B 42 -7.17 -53.97 19.12
N LEU B 43 -6.66 -52.89 18.54
CA LEU B 43 -5.62 -52.97 17.52
C LEU B 43 -4.25 -52.58 18.05
N THR B 44 -4.03 -52.66 19.36
CA THR B 44 -2.97 -51.95 20.05
C THR B 44 -2.21 -52.83 21.04
N PRO B 45 -0.93 -52.55 21.25
CA PRO B 45 -0.21 -53.22 22.34
C PRO B 45 -0.82 -52.90 23.69
N ALA B 46 -0.58 -53.80 24.65
CA ALA B 46 -1.21 -53.67 25.96
C ALA B 46 -0.78 -52.41 26.71
N GLU B 47 0.48 -51.97 26.55
CA GLU B 47 0.95 -50.80 27.30
C GLU B 47 0.12 -49.57 26.98
N MET B 48 -0.25 -49.39 25.71
CA MET B 48 -1.05 -48.24 25.32
C MET B 48 -2.44 -48.32 25.93
N LEU B 49 -3.05 -49.51 25.91
CA LEU B 49 -4.36 -49.68 26.52
C LEU B 49 -4.28 -49.50 28.03
N LEU B 50 -3.25 -50.04 28.67
CA LEU B 50 -3.10 -49.84 30.11
C LEU B 50 -2.99 -48.36 30.41
N HIS B 51 -2.15 -47.66 29.65
CA HIS B 51 -1.98 -46.23 29.87
C HIS B 51 -3.32 -45.49 29.78
N LEU B 52 -4.09 -45.75 28.71
CA LEU B 52 -5.36 -45.08 28.52
C LEU B 52 -6.41 -45.50 29.53
N PHE B 53 -6.33 -46.74 30.03
CA PHE B 53 -7.24 -47.14 31.09
C PHE B 53 -6.95 -46.36 32.37
N LYS B 54 -5.66 -46.17 32.68
CA LYS B 54 -5.26 -45.46 33.90
C LYS B 54 -5.55 -43.97 33.80
N TYR B 55 -5.27 -43.35 32.66
CA TYR B 55 -5.30 -41.90 32.55
C TYR B 55 -6.39 -41.48 31.57
N ASP B 56 -7.28 -40.61 32.02
CA ASP B 56 -8.46 -40.26 31.23
C ASP B 56 -8.67 -38.76 31.33
N SER B 57 -8.69 -38.08 30.18
CA SER B 57 -8.74 -36.63 30.14
C SER B 57 -10.05 -36.05 30.70
N THR B 58 -11.18 -36.75 30.54
CA THR B 58 -12.45 -36.24 31.02
C THR B 58 -13.02 -37.02 32.20
N GLN B 59 -12.69 -38.29 32.36
CA GLN B 59 -13.30 -39.09 33.41
C GLN B 59 -12.37 -39.31 34.61
N GLY B 60 -11.14 -38.79 34.60
CA GLY B 60 -10.22 -38.87 35.73
C GLY B 60 -9.41 -40.17 35.78
N ARG B 61 -8.43 -40.16 36.71
CA ARG B 61 -7.61 -41.34 37.00
C ARG B 61 -8.46 -42.52 37.38
N PHE B 62 -8.06 -43.71 36.95
CA PHE B 62 -8.73 -44.91 37.43
C PHE B 62 -8.55 -45.04 38.94
N GLN B 63 -9.66 -45.24 39.64
CA GLN B 63 -9.65 -45.38 41.10
C GLN B 63 -9.45 -46.86 41.42
N GLY B 64 -8.21 -47.29 41.28
CA GLY B 64 -7.86 -48.68 41.50
C GLY B 64 -6.46 -48.91 40.98
N THR B 65 -6.01 -50.14 41.15
CA THR B 65 -4.69 -50.51 40.68
C THR B 65 -4.79 -51.09 39.28
N ALA B 66 -3.77 -50.78 38.47
CA ALA B 66 -3.70 -51.27 37.09
C ALA B 66 -2.24 -51.35 36.70
N GLU B 67 -1.78 -52.56 36.37
CA GLU B 67 -0.39 -52.82 36.03
C GLU B 67 -0.31 -53.69 34.78
N LEU B 68 0.85 -53.71 34.15
CA LEU B 68 1.06 -54.47 32.92
C LEU B 68 1.72 -55.81 33.23
N LYS B 69 1.25 -56.86 32.55
CA LYS B 69 1.92 -58.16 32.48
C LYS B 69 2.17 -58.49 31.01
N ASP B 70 2.53 -59.74 30.73
CA ASP B 70 2.83 -60.13 29.36
C ASP B 70 1.54 -60.18 28.54
N ASP B 71 1.35 -59.17 27.68
CA ASP B 71 0.17 -59.14 26.79
C ASP B 71 -1.13 -59.25 27.57
N ALA B 72 -1.17 -58.60 28.73
CA ALA B 72 -2.32 -58.63 29.62
C ALA B 72 -2.22 -57.45 30.58
N ILE B 73 -3.37 -56.97 31.05
CA ILE B 73 -3.43 -55.96 32.10
C ILE B 73 -3.99 -56.60 33.37
N VAL B 74 -3.47 -56.18 34.52
CA VAL B 74 -3.90 -56.69 35.82
C VAL B 74 -4.61 -55.57 36.58
N VAL B 75 -5.93 -55.69 36.72
CA VAL B 75 -6.76 -54.64 37.30
C VAL B 75 -7.23 -55.10 38.66
N ASN B 76 -6.89 -54.34 39.70
CA ASN B 76 -7.20 -54.68 41.09
C ASN B 76 -6.78 -56.10 41.40
N GLY B 77 -5.60 -56.49 40.88
CA GLY B 77 -5.00 -57.77 41.19
C GLY B 77 -5.45 -58.94 40.33
N ARG B 78 -6.24 -58.69 39.29
CA ARG B 78 -6.81 -59.73 38.46
C ARG B 78 -6.34 -59.56 37.02
N GLU B 79 -5.94 -60.68 36.40
CA GLU B 79 -5.43 -60.63 35.04
C GLU B 79 -6.56 -60.62 34.04
N ILE B 80 -6.46 -59.72 33.07
CA ILE B 80 -7.38 -59.61 31.94
C ILE B 80 -6.54 -59.76 30.69
N LYS B 81 -6.81 -60.81 29.93
CA LYS B 81 -5.99 -61.07 28.75
C LYS B 81 -6.29 -60.00 27.70
N VAL B 82 -5.27 -59.60 26.96
CA VAL B 82 -5.38 -58.53 25.96
C VAL B 82 -5.05 -59.12 24.61
N PHE B 83 -5.91 -58.87 23.63
CA PHE B 83 -5.71 -59.31 22.27
C PHE B 83 -5.69 -58.11 21.33
N ALA B 84 -5.13 -58.32 20.15
CA ALA B 84 -4.98 -57.30 19.12
C ALA B 84 -5.38 -57.84 17.75
N ASN B 85 -6.43 -58.63 17.70
CA ASN B 85 -6.86 -59.22 16.45
C ASN B 85 -7.94 -58.36 15.82
N PRO B 86 -7.70 -57.80 14.64
CA PRO B 86 -8.73 -56.95 14.01
C PRO B 86 -9.90 -57.74 13.42
N ASN B 87 -9.82 -59.08 13.35
CA ASN B 87 -10.91 -59.88 12.81
C ASN B 87 -11.59 -60.69 13.92
N PRO B 88 -12.76 -60.27 14.40
CA PRO B 88 -13.28 -60.85 15.65
C PRO B 88 -13.57 -62.34 15.57
N GLU B 89 -13.77 -62.93 14.39
CA GLU B 89 -14.01 -64.38 14.36
C GLU B 89 -12.76 -65.20 14.66
N GLU B 90 -11.60 -64.58 14.74
CA GLU B 90 -10.39 -65.32 15.05
C GLU B 90 -10.01 -65.23 16.52
N LEU B 91 -10.85 -64.59 17.33
CA LEU B 91 -10.61 -64.49 18.75
C LEU B 91 -10.98 -65.80 19.44
N PRO B 92 -10.30 -66.15 20.54
CA PRO B 92 -10.53 -67.43 21.21
C PRO B 92 -11.67 -67.37 22.22
N TRP B 93 -12.81 -66.83 21.81
CA TRP B 93 -13.90 -66.61 22.74
C TRP B 93 -14.42 -67.93 23.30
N GLY B 94 -14.69 -68.89 22.42
CA GLY B 94 -15.14 -70.20 22.89
C GLY B 94 -14.14 -70.86 23.82
N GLU B 95 -12.84 -70.72 23.52
CA GLU B 95 -11.83 -71.39 24.34
C GLU B 95 -11.77 -70.80 25.73
N LEU B 96 -11.95 -69.49 25.85
CA LEU B 96 -11.93 -68.87 27.16
C LEU B 96 -13.28 -68.93 27.87
N GLY B 97 -14.30 -69.51 27.24
CA GLY B 97 -15.62 -69.50 27.82
C GLY B 97 -16.19 -68.11 28.00
N VAL B 98 -16.19 -67.29 26.94
CA VAL B 98 -16.71 -65.94 27.00
C VAL B 98 -18.22 -65.99 26.77
N ASP B 99 -18.99 -65.50 27.73
CA ASP B 99 -20.45 -65.50 27.59
C ASP B 99 -20.94 -64.35 26.71
N VAL B 100 -20.47 -63.13 26.97
CA VAL B 100 -20.97 -61.94 26.30
C VAL B 100 -19.80 -61.09 25.83
N VAL B 101 -19.88 -60.64 24.58
CA VAL B 101 -18.97 -59.64 24.03
C VAL B 101 -19.67 -58.29 24.06
N LEU B 102 -18.99 -57.28 24.61
CA LEU B 102 -19.41 -55.89 24.42
C LEU B 102 -18.72 -55.38 23.17
N GLU B 103 -19.50 -55.15 22.11
CA GLU B 103 -18.95 -54.73 20.83
C GLU B 103 -18.91 -53.20 20.78
N CYS B 104 -17.72 -52.63 20.98
CA CYS B 104 -17.53 -51.19 21.18
C CYS B 104 -16.52 -50.59 20.19
N THR B 105 -16.26 -51.25 19.07
CA THR B 105 -15.29 -50.72 18.11
C THR B 105 -15.88 -49.67 17.19
N GLY B 106 -17.21 -49.66 17.03
CA GLY B 106 -17.79 -48.83 16.01
C GLY B 106 -17.68 -49.40 14.61
N PHE B 107 -17.14 -50.62 14.44
CA PHE B 107 -16.95 -51.19 13.11
C PHE B 107 -17.78 -52.44 12.85
N PHE B 108 -18.54 -52.92 13.82
CA PHE B 108 -19.36 -54.13 13.64
C PHE B 108 -20.79 -53.89 14.13
N THR B 109 -21.38 -52.76 13.71
CA THR B 109 -22.63 -52.27 14.28
C THR B 109 -23.87 -52.78 13.54
N ASN B 110 -23.87 -54.02 13.07
CA ASN B 110 -25.11 -54.66 12.63
C ASN B 110 -25.00 -56.14 12.93
N LYS B 111 -26.11 -56.85 12.71
CA LYS B 111 -26.20 -58.25 13.14
C LYS B 111 -25.19 -59.11 12.38
N THR B 112 -25.05 -58.90 11.07
CA THR B 112 -24.13 -59.72 10.30
C THR B 112 -22.70 -59.53 10.77
N LYS B 113 -22.28 -58.28 11.00
CA LYS B 113 -20.91 -58.02 11.41
C LYS B 113 -20.65 -58.51 12.84
N ALA B 114 -21.58 -58.23 13.76
CA ALA B 114 -21.35 -58.61 15.15
C ALA B 114 -21.44 -60.12 15.35
N GLU B 115 -22.08 -60.84 14.43
CA GLU B 115 -22.15 -62.28 14.58
C GLU B 115 -20.79 -62.94 14.45
N ALA B 116 -19.77 -62.19 14.03
CA ALA B 116 -18.41 -62.71 14.05
C ALA B 116 -18.09 -63.29 15.43
N HIS B 117 -18.53 -62.61 16.49
CA HIS B 117 -18.21 -63.05 17.85
C HIS B 117 -18.90 -64.36 18.18
N ILE B 118 -20.11 -64.60 17.65
CA ILE B 118 -20.75 -65.89 17.88
C ILE B 118 -20.03 -66.97 17.10
N ARG B 119 -19.53 -66.64 15.92
CA ARG B 119 -18.70 -67.57 15.16
C ARG B 119 -17.39 -67.88 15.88
N ALA B 120 -16.89 -66.94 16.67
CA ALA B 120 -15.70 -67.17 17.48
C ALA B 120 -15.99 -67.87 18.80
N GLY B 121 -17.27 -68.12 19.10
CA GLY B 121 -17.62 -68.98 20.20
C GLY B 121 -18.13 -68.27 21.42
N ALA B 122 -18.21 -66.94 21.40
CA ALA B 122 -18.95 -66.25 22.43
C ALA B 122 -20.43 -66.59 22.27
N ARG B 123 -21.16 -66.54 23.39
CA ARG B 123 -22.58 -66.89 23.35
C ARG B 123 -23.47 -65.72 23.01
N LYS B 124 -23.14 -64.49 23.41
CA LYS B 124 -24.00 -63.34 23.19
C LYS B 124 -23.19 -62.11 22.81
N VAL B 125 -23.82 -61.20 22.04
CA VAL B 125 -23.21 -59.91 21.77
C VAL B 125 -24.17 -58.80 22.12
N VAL B 126 -23.66 -57.78 22.80
CA VAL B 126 -24.33 -56.50 22.99
C VAL B 126 -23.52 -55.44 22.22
N ILE B 127 -24.16 -54.80 21.25
CA ILE B 127 -23.56 -53.73 20.46
C ILE B 127 -23.76 -52.41 21.20
N SER B 128 -22.67 -51.70 21.43
CA SER B 128 -22.73 -50.41 22.10
C SER B 128 -23.11 -49.29 21.16
N ALA B 129 -24.06 -49.53 20.28
CA ALA B 129 -24.46 -48.56 19.30
C ALA B 129 -25.76 -49.02 18.69
N PRO B 130 -26.46 -48.17 17.92
CA PRO B 130 -27.57 -48.67 17.12
C PRO B 130 -27.07 -49.80 16.24
N GLY B 131 -27.86 -50.87 16.15
CA GLY B 131 -27.40 -52.06 15.48
C GLY B 131 -28.20 -52.37 14.24
N GLY B 132 -28.91 -51.36 13.73
CA GLY B 132 -29.85 -51.55 12.64
C GLY B 132 -31.25 -51.81 13.16
N ASN B 133 -32.20 -51.88 12.21
CA ASN B 133 -33.63 -51.99 12.53
C ASN B 133 -34.10 -53.42 12.75
N ASP B 134 -33.22 -54.40 12.54
CA ASP B 134 -33.55 -55.82 12.69
C ASP B 134 -32.91 -56.49 13.92
N VAL B 135 -32.47 -55.73 14.93
CA VAL B 135 -31.94 -56.33 16.17
C VAL B 135 -32.69 -55.70 17.32
N LYS B 136 -32.98 -56.48 18.35
CA LYS B 136 -33.63 -55.91 19.52
C LYS B 136 -32.74 -54.82 20.13
N THR B 137 -33.36 -53.70 20.44
CA THR B 137 -32.71 -52.49 20.90
C THR B 137 -33.28 -52.12 22.26
N VAL B 138 -32.43 -52.03 23.28
CA VAL B 138 -32.89 -51.90 24.65
C VAL B 138 -32.33 -50.65 25.28
N VAL B 139 -33.23 -49.83 25.84
CA VAL B 139 -32.89 -48.76 26.77
C VAL B 139 -33.26 -49.25 28.17
N TYR B 140 -32.27 -49.55 29.00
CA TYR B 140 -32.57 -50.07 30.32
C TYR B 140 -33.40 -49.06 31.10
N GLY B 141 -34.42 -49.56 31.78
CA GLY B 141 -35.38 -48.71 32.45
C GLY B 141 -36.57 -48.34 31.60
N VAL B 142 -36.57 -48.68 30.31
CA VAL B 142 -37.69 -48.42 29.43
C VAL B 142 -38.24 -49.73 28.85
N ASN B 143 -37.37 -50.62 28.35
CA ASN B 143 -37.90 -51.78 27.64
C ASN B 143 -37.03 -53.04 27.75
N GLN B 144 -36.26 -53.21 28.82
CA GLN B 144 -35.42 -54.42 28.90
C GLN B 144 -36.23 -55.71 28.95
N ASP B 145 -37.52 -55.66 29.33
CA ASP B 145 -38.39 -56.84 29.34
C ASP B 145 -38.59 -57.49 27.99
N ILE B 146 -38.27 -56.81 26.88
CA ILE B 146 -38.40 -57.46 25.58
C ILE B 146 -37.41 -58.60 25.40
N LEU B 147 -36.40 -58.68 26.27
CA LEU B 147 -35.41 -59.73 26.23
C LEU B 147 -35.87 -60.96 26.99
N ASP B 148 -35.71 -62.13 26.39
CA ASP B 148 -35.96 -63.39 27.07
C ASP B 148 -34.70 -64.23 27.21
N GLY B 149 -33.54 -63.74 26.78
CA GLY B 149 -32.32 -64.49 26.93
C GLY B 149 -31.95 -65.33 25.75
N SER B 150 -32.90 -65.71 24.91
CA SER B 150 -32.57 -66.51 23.74
C SER B 150 -31.97 -65.67 22.62
N GLU B 151 -31.90 -64.35 22.76
CA GLU B 151 -31.28 -63.54 21.72
C GLU B 151 -29.77 -63.76 21.70
N THR B 152 -29.17 -63.64 20.51
CA THR B 152 -27.71 -63.70 20.40
C THR B 152 -27.06 -62.34 20.19
N VAL B 153 -27.67 -61.44 19.44
CA VAL B 153 -27.12 -60.10 19.22
C VAL B 153 -28.19 -59.06 19.54
N ILE B 154 -27.89 -58.15 20.47
CA ILE B 154 -28.81 -57.08 20.79
C ILE B 154 -28.06 -55.76 20.75
N SER B 155 -28.82 -54.69 20.77
CA SER B 155 -28.30 -53.35 20.73
C SER B 155 -28.76 -52.61 21.96
N ALA B 156 -27.85 -51.84 22.54
CA ALA B 156 -28.14 -50.93 23.63
C ALA B 156 -28.42 -49.52 23.15
N ALA B 157 -28.67 -49.37 21.85
CA ALA B 157 -28.94 -48.07 21.23
C ALA B 157 -27.74 -47.14 21.38
N SER B 158 -27.95 -45.85 21.10
CA SER B 158 -26.94 -44.80 21.19
C SER B 158 -27.09 -44.04 22.50
N CYS B 159 -26.10 -43.19 22.76
CA CYS B 159 -26.19 -42.31 23.93
C CYS B 159 -27.46 -41.48 23.91
N THR B 160 -27.83 -40.93 22.74
CA THR B 160 -29.00 -40.04 22.67
C THR B 160 -30.31 -40.78 22.89
N THR B 161 -30.43 -41.99 22.36
CA THR B 161 -31.64 -42.77 22.60
C THR B 161 -31.82 -43.01 24.09
N ASN B 162 -30.73 -43.27 24.81
CA ASN B 162 -30.87 -43.53 26.24
C ASN B 162 -31.23 -42.24 26.97
N CYS B 163 -30.86 -41.10 26.40
CA CYS B 163 -31.32 -39.85 26.97
C CYS B 163 -32.76 -39.60 26.61
N LEU B 164 -33.10 -39.77 25.32
CA LEU B 164 -34.42 -39.39 24.85
C LEU B 164 -35.52 -40.29 25.41
N ALA B 165 -35.29 -41.60 25.40
CA ALA B 165 -36.36 -42.57 25.61
C ALA B 165 -37.10 -42.43 26.93
N PRO B 166 -36.44 -42.32 28.09
CA PRO B 166 -37.24 -42.20 29.34
C PRO B 166 -38.09 -40.95 29.38
N MET B 167 -37.56 -39.84 28.86
CA MET B 167 -38.33 -38.62 28.78
C MET B 167 -39.53 -38.77 27.86
N ALA B 168 -39.31 -39.37 26.69
CA ALA B 168 -40.39 -39.55 25.73
C ALA B 168 -41.41 -40.58 26.22
N ALA B 169 -40.97 -41.55 27.02
CA ALA B 169 -41.92 -42.53 27.54
C ALA B 169 -42.93 -41.86 28.45
N VAL B 170 -42.47 -40.97 29.32
CA VAL B 170 -43.39 -40.27 30.22
C VAL B 170 -44.37 -39.41 29.41
N LEU B 171 -43.87 -38.71 28.40
CA LEU B 171 -44.77 -37.88 27.59
C LEU B 171 -45.80 -38.73 26.88
N GLN B 172 -45.39 -39.88 26.33
CA GLN B 172 -46.33 -40.73 25.62
C GLN B 172 -47.36 -41.33 26.58
N LYS B 173 -46.88 -41.84 27.71
CA LYS B 173 -47.78 -42.50 28.66
C LYS B 173 -48.72 -41.50 29.33
N GLU B 174 -48.21 -40.32 29.70
CA GLU B 174 -49.03 -39.41 30.52
C GLU B 174 -49.87 -38.46 29.69
N PHE B 175 -49.46 -38.09 28.48
CA PHE B 175 -50.21 -37.11 27.72
C PHE B 175 -50.53 -37.57 26.31
N GLY B 176 -49.79 -38.52 25.75
CA GLY B 176 -49.91 -38.86 24.35
C GLY B 176 -49.16 -37.88 23.47
N VAL B 177 -48.41 -38.39 22.50
CA VAL B 177 -47.58 -37.57 21.64
C VAL B 177 -48.15 -37.64 20.23
N VAL B 178 -48.45 -36.46 19.66
CA VAL B 178 -48.79 -36.40 18.23
C VAL B 178 -47.54 -36.55 17.39
N GLU B 179 -46.57 -35.68 17.63
CA GLU B 179 -45.29 -35.72 16.94
C GLU B 179 -44.31 -34.86 17.74
N GLY B 180 -43.03 -35.01 17.43
CA GLY B 180 -42.01 -34.22 18.10
C GLY B 180 -40.75 -34.14 17.29
N LEU B 181 -40.04 -33.03 17.45
CA LEU B 181 -38.73 -32.82 16.84
C LEU B 181 -37.67 -32.64 17.94
N MET B 182 -36.59 -33.40 17.82
CA MET B 182 -35.52 -33.41 18.79
C MET B 182 -34.34 -32.60 18.27
N THR B 183 -33.63 -31.96 19.20
CA THR B 183 -32.30 -31.43 18.93
C THR B 183 -31.37 -31.87 20.06
N THR B 184 -30.36 -32.66 19.75
CA THR B 184 -29.36 -32.95 20.76
C THR B 184 -28.15 -32.03 20.58
N ILE B 185 -27.80 -31.33 21.66
CA ILE B 185 -26.61 -30.51 21.74
C ILE B 185 -25.56 -31.38 22.43
N HIS B 186 -24.61 -31.86 21.64
CA HIS B 186 -23.81 -33.04 21.94
C HIS B 186 -22.31 -32.73 21.98
N ALA B 187 -21.61 -33.33 22.94
CA ALA B 187 -20.16 -33.23 22.95
C ALA B 187 -19.56 -33.77 21.67
N TYR B 188 -18.38 -33.25 21.29
CA TYR B 188 -17.74 -33.85 20.13
C TYR B 188 -17.21 -35.23 20.49
N THR B 189 -17.11 -36.10 19.49
CA THR B 189 -16.67 -37.46 19.72
C THR B 189 -15.60 -37.79 18.69
N GLY B 190 -15.05 -39.01 18.82
CA GLY B 190 -13.92 -39.46 18.00
C GLY B 190 -14.23 -39.62 16.53
N ASP B 191 -15.50 -39.57 16.11
CA ASP B 191 -15.77 -39.63 14.68
C ASP B 191 -15.64 -38.27 14.02
N GLN B 192 -15.25 -37.24 14.76
CA GLN B 192 -14.90 -35.96 14.17
C GLN B 192 -13.39 -35.79 14.14
N ASN B 193 -12.92 -35.01 13.17
CA ASN B 193 -11.48 -34.81 13.03
C ASN B 193 -10.97 -33.75 14.00
N THR B 194 -9.68 -33.87 14.36
CA THR B 194 -9.05 -32.88 15.24
C THR B 194 -8.97 -31.52 14.58
N LEU B 195 -8.47 -31.48 13.36
CA LEU B 195 -8.48 -30.30 12.52
C LEU B 195 -9.16 -30.65 11.21
N ASP B 196 -9.52 -29.61 10.45
CA ASP B 196 -10.18 -29.79 9.14
C ASP B 196 -9.33 -30.75 8.29
N ALA B 197 -9.91 -31.86 7.88
CA ALA B 197 -9.17 -32.85 7.09
C ALA B 197 -10.19 -33.77 6.43
N PRO B 198 -9.80 -34.49 5.39
CA PRO B 198 -10.74 -35.45 4.78
C PRO B 198 -11.29 -36.39 5.83
N HIS B 199 -12.58 -36.68 5.71
CA HIS B 199 -13.27 -37.54 6.66
C HIS B 199 -13.49 -38.91 6.03
N ARG B 200 -13.21 -39.95 6.80
CA ARG B 200 -13.22 -41.32 6.26
C ARG B 200 -14.58 -41.67 5.67
N LYS B 201 -15.67 -41.27 6.33
CA LYS B 201 -17.01 -41.62 5.89
C LYS B 201 -17.66 -40.57 5.00
N GLY B 202 -16.88 -39.61 4.50
CA GLY B 202 -17.40 -38.65 3.53
C GLY B 202 -18.27 -37.55 4.08
N ASP B 203 -18.36 -37.41 5.41
CA ASP B 203 -19.20 -36.40 6.06
C ASP B 203 -18.50 -35.03 6.04
N LEU B 204 -19.05 -34.07 5.31
CA LEU B 204 -18.40 -32.75 5.17
C LEU B 204 -18.38 -31.96 6.48
N ARG B 205 -19.25 -32.26 7.43
CA ARG B 205 -19.26 -31.53 8.70
C ARG B 205 -18.40 -32.21 9.77
N ARG B 206 -18.41 -33.55 9.84
CA ARG B 206 -17.52 -34.22 10.78
C ARG B 206 -16.05 -34.11 10.35
N ALA B 207 -15.79 -33.66 9.13
CA ALA B 207 -14.43 -33.39 8.69
C ALA B 207 -13.80 -32.19 9.39
N ARG B 208 -14.60 -31.32 9.97
CA ARG B 208 -14.13 -30.05 10.50
C ARG B 208 -13.62 -30.21 11.93
N ALA B 209 -12.68 -29.34 12.31
CA ALA B 209 -12.08 -29.34 13.64
C ALA B 209 -13.14 -29.41 14.73
N ALA B 210 -13.07 -30.46 15.54
CA ALA B 210 -14.15 -30.75 16.46
C ALA B 210 -14.32 -29.67 17.52
N ALA B 211 -13.21 -29.17 18.07
CA ALA B 211 -13.21 -28.29 19.23
C ALA B 211 -13.26 -26.82 18.87
N LEU B 212 -13.54 -26.49 17.61
CA LEU B 212 -13.65 -25.11 17.15
C LEU B 212 -15.03 -24.78 16.60
N ASN B 213 -15.95 -25.75 16.51
CA ASN B 213 -17.11 -25.55 15.67
C ASN B 213 -18.38 -26.06 16.33
N ILE B 214 -19.48 -25.35 16.08
CA ILE B 214 -20.80 -25.96 16.15
C ILE B 214 -21.02 -26.71 14.84
N VAL B 215 -21.26 -28.01 14.96
CA VAL B 215 -21.25 -28.92 13.83
C VAL B 215 -22.61 -29.61 13.76
N PRO B 216 -23.47 -29.21 12.82
CA PRO B 216 -24.73 -29.96 12.62
C PRO B 216 -24.39 -31.35 12.12
N ASN B 217 -25.14 -32.33 12.62
CA ASN B 217 -24.92 -33.70 12.17
C ASN B 217 -26.19 -34.50 12.40
N SER B 218 -26.34 -35.54 11.60
CA SER B 218 -27.57 -36.30 11.67
C SER B 218 -27.50 -37.30 12.81
N THR B 219 -28.69 -37.72 13.25
CA THR B 219 -28.78 -38.76 14.24
C THR B 219 -30.12 -39.48 14.06
N GLY B 220 -30.10 -40.80 14.23
CA GLY B 220 -31.31 -41.57 14.12
C GLY B 220 -32.01 -41.81 15.43
N ALA B 221 -31.56 -41.18 16.52
CA ALA B 221 -32.11 -41.52 17.84
C ALA B 221 -33.61 -41.32 17.89
N ALA B 222 -34.09 -40.17 17.41
CA ALA B 222 -35.53 -39.98 17.50
C ALA B 222 -36.26 -40.78 16.45
N LYS B 223 -35.70 -40.84 15.23
CA LYS B 223 -36.38 -41.52 14.13
C LYS B 223 -36.59 -43.01 14.42
N ALA B 224 -35.61 -43.64 15.05
CA ALA B 224 -35.65 -45.07 15.35
C ALA B 224 -36.30 -45.38 16.71
N ILE B 225 -36.81 -44.37 17.42
CA ILE B 225 -37.35 -44.55 18.77
C ILE B 225 -38.40 -45.68 18.83
N GLY B 226 -39.10 -45.95 17.73
CA GLY B 226 -40.11 -47.00 17.67
C GLY B 226 -39.62 -48.39 18.01
N LEU B 227 -38.30 -48.62 17.99
CA LEU B 227 -37.75 -49.92 18.41
C LEU B 227 -37.72 -50.07 19.93
N VAL B 228 -37.63 -48.96 20.65
CA VAL B 228 -37.63 -48.95 22.11
C VAL B 228 -39.01 -48.70 22.68
N ILE B 229 -39.74 -47.74 22.12
CA ILE B 229 -41.07 -47.35 22.59
C ILE B 229 -42.03 -47.53 21.42
N PRO B 230 -42.72 -48.68 21.32
CA PRO B 230 -43.52 -48.95 20.11
C PRO B 230 -44.59 -47.90 19.85
N GLU B 231 -45.16 -47.30 20.87
CA GLU B 231 -46.22 -46.31 20.59
C GLU B 231 -45.69 -45.00 20.00
N LEU B 232 -44.38 -44.78 19.96
CA LEU B 232 -43.82 -43.60 19.32
C LEU B 232 -43.24 -43.91 17.94
N ASN B 233 -43.56 -45.08 17.37
CA ASN B 233 -43.04 -45.46 16.07
C ASN B 233 -43.51 -44.46 15.02
N GLY B 234 -42.57 -43.88 14.30
CA GLY B 234 -42.85 -42.91 13.25
C GLY B 234 -43.33 -41.55 13.71
N LYS B 235 -43.29 -41.25 15.01
CA LYS B 235 -43.82 -39.99 15.52
C LYS B 235 -42.74 -38.94 15.86
N LEU B 236 -41.46 -39.31 15.88
CA LEU B 236 -40.38 -38.38 16.22
C LEU B 236 -39.31 -38.38 15.13
N ASP B 237 -38.63 -37.26 15.02
CA ASP B 237 -37.37 -37.18 14.29
C ASP B 237 -36.54 -36.09 14.95
N GLY B 238 -35.36 -35.85 14.42
CA GLY B 238 -34.53 -34.80 15.00
C GLY B 238 -33.11 -34.83 14.43
N SER B 239 -32.24 -34.07 15.07
CA SER B 239 -30.90 -33.90 14.54
C SER B 239 -29.96 -33.46 15.67
N ALA B 240 -28.69 -33.34 15.33
CA ALA B 240 -27.70 -33.03 16.35
C ALA B 240 -26.94 -31.76 16.01
N GLN B 241 -26.47 -31.10 17.05
CA GLN B 241 -25.49 -30.03 16.98
C GLN B 241 -24.31 -30.41 17.88
N ARG B 242 -23.17 -30.73 17.26
CA ARG B 242 -21.96 -31.05 18.02
C ARG B 242 -21.24 -29.74 18.40
N VAL B 243 -20.86 -29.62 19.67
CA VAL B 243 -20.29 -28.36 20.14
C VAL B 243 -19.03 -28.68 20.95
N PRO B 244 -18.13 -27.68 21.13
CA PRO B 244 -16.80 -27.95 21.71
C PRO B 244 -16.77 -28.15 23.22
N VAL B 245 -17.41 -29.22 23.70
CA VAL B 245 -17.12 -29.80 25.00
C VAL B 245 -16.73 -31.25 24.76
N ALA B 246 -15.78 -31.75 25.56
CA ALA B 246 -15.19 -33.06 25.30
C ALA B 246 -16.06 -34.22 25.77
N THR B 247 -17.04 -33.98 26.65
CA THR B 247 -18.10 -34.94 26.97
C THR B 247 -19.20 -34.20 27.73
N GLY B 248 -20.40 -34.76 27.70
CA GLY B 248 -21.52 -34.09 28.30
C GLY B 248 -22.43 -33.44 27.28
N SER B 249 -23.72 -33.71 27.39
CA SER B 249 -24.68 -33.41 26.32
C SER B 249 -26.05 -33.11 26.91
N LEU B 250 -26.94 -32.61 26.06
CA LEU B 250 -28.34 -32.46 26.43
C LEU B 250 -29.19 -32.78 25.21
N THR B 251 -30.45 -33.15 25.46
CA THR B 251 -31.42 -33.44 24.41
C THR B 251 -32.64 -32.56 24.64
N GLU B 252 -32.98 -31.75 23.65
CA GLU B 252 -34.23 -31.01 23.64
C GLU B 252 -35.25 -31.77 22.78
N LEU B 253 -36.48 -31.83 23.25
CA LEU B 253 -37.58 -32.37 22.46
C LEU B 253 -38.70 -31.35 22.43
N VAL B 254 -39.03 -30.89 21.24
CA VAL B 254 -40.18 -30.03 21.06
C VAL B 254 -41.30 -30.87 20.48
N SER B 255 -42.43 -30.96 21.21
CA SER B 255 -43.47 -31.89 20.82
C SER B 255 -44.85 -31.23 20.88
N VAL B 256 -45.77 -31.82 20.13
CA VAL B 256 -47.19 -31.53 20.22
C VAL B 256 -47.84 -32.70 20.94
N LEU B 257 -48.47 -32.43 22.08
CA LEU B 257 -49.08 -33.49 22.88
C LEU B 257 -50.54 -33.65 22.51
N GLU B 258 -51.12 -34.77 22.94
CA GLU B 258 -52.51 -35.06 22.58
C GLU B 258 -53.52 -34.45 23.53
N ARG B 259 -53.12 -34.09 24.74
CA ARG B 259 -53.99 -33.44 25.71
C ARG B 259 -53.24 -32.28 26.35
N PRO B 260 -53.96 -31.29 26.89
CA PRO B 260 -53.30 -30.12 27.48
C PRO B 260 -52.42 -30.49 28.67
N ALA B 261 -51.37 -29.69 28.89
CA ALA B 261 -50.39 -29.95 29.94
C ALA B 261 -49.87 -28.65 30.54
N THR B 262 -49.40 -28.71 31.78
CA THR B 262 -48.65 -27.60 32.35
C THR B 262 -47.24 -28.09 32.66
N LYS B 263 -46.33 -27.12 32.78
CA LYS B 263 -44.94 -27.44 33.10
C LYS B 263 -44.86 -28.23 34.40
N GLU B 264 -45.69 -27.87 35.38
CA GLU B 264 -45.67 -28.56 36.67
C GLU B 264 -46.11 -30.01 36.51
N GLU B 265 -47.13 -30.25 35.68
CA GLU B 265 -47.57 -31.62 35.45
C GLU B 265 -46.49 -32.43 34.78
N ILE B 266 -45.83 -31.84 33.77
CA ILE B 266 -44.73 -32.53 33.10
C ILE B 266 -43.63 -32.84 34.09
N ASN B 267 -43.25 -31.86 34.91
CA ASN B 267 -42.14 -32.05 35.83
C ASN B 267 -42.47 -33.09 36.89
N ALA B 268 -43.70 -33.06 37.41
CA ALA B 268 -44.09 -34.03 38.43
C ALA B 268 -44.06 -35.45 37.88
N ALA B 269 -44.50 -35.62 36.63
CA ALA B 269 -44.53 -36.94 36.02
C ALA B 269 -43.11 -37.47 35.79
N MET B 270 -42.17 -36.57 35.44
CA MET B 270 -40.78 -36.99 35.29
C MET B 270 -40.22 -37.44 36.63
N LYS B 271 -40.43 -36.64 37.67
CA LYS B 271 -39.93 -37.03 38.98
C LYS B 271 -40.57 -38.34 39.44
N ALA B 272 -41.87 -38.51 39.19
CA ALA B 272 -42.53 -39.77 39.55
C ALA B 272 -41.91 -40.96 38.83
N ALA B 273 -41.35 -40.77 37.65
CA ALA B 273 -40.76 -41.87 36.91
C ALA B 273 -39.27 -42.03 37.17
N SER B 274 -38.70 -41.23 38.07
CA SER B 274 -37.26 -41.26 38.27
C SER B 274 -36.79 -42.58 38.90
N SER B 275 -35.56 -42.96 38.58
CA SER B 275 -34.99 -44.24 38.98
C SER B 275 -33.47 -44.11 38.96
N GLU B 276 -32.80 -45.24 39.06
CA GLU B 276 -31.36 -45.25 38.90
C GLU B 276 -30.94 -44.94 37.48
N SER B 277 -31.83 -45.18 36.49
CA SER B 277 -31.53 -44.86 35.08
C SER B 277 -31.94 -43.46 34.71
N TYR B 278 -33.01 -42.94 35.31
CA TYR B 278 -33.60 -41.65 34.96
C TYR B 278 -33.55 -40.74 36.17
N GLY B 279 -32.63 -39.77 36.14
CA GLY B 279 -32.50 -38.82 37.22
C GLY B 279 -33.43 -37.62 37.05
N TYR B 280 -33.66 -36.90 38.15
CA TYR B 280 -34.49 -35.69 38.15
C TYR B 280 -33.67 -34.55 38.75
N ASN B 281 -33.50 -33.48 38.01
CA ASN B 281 -32.67 -32.37 38.44
C ASN B 281 -33.47 -31.09 38.52
N GLU B 282 -33.23 -30.30 39.56
CA GLU B 282 -33.88 -29.01 39.71
C GLU B 282 -32.90 -27.86 39.89
N ASP B 283 -31.59 -28.12 39.87
CA ASP B 283 -30.61 -27.06 40.06
C ASP B 283 -30.23 -26.44 38.73
N GLN B 284 -29.59 -25.26 38.81
CA GLN B 284 -29.17 -24.53 37.62
C GLN B 284 -27.81 -25.03 37.15
N ILE B 285 -27.80 -26.25 36.66
CA ILE B 285 -26.55 -26.94 36.32
C ILE B 285 -26.15 -26.66 34.88
N VAL B 286 -24.88 -26.90 34.58
CA VAL B 286 -24.33 -26.81 33.23
C VAL B 286 -23.68 -28.14 32.89
N SER B 287 -23.19 -28.30 31.66
CA SER B 287 -22.84 -29.63 31.16
C SER B 287 -21.73 -30.29 31.97
N SER B 288 -20.74 -29.52 32.42
CA SER B 288 -19.64 -30.15 33.13
C SER B 288 -20.10 -30.78 34.45
N ASP B 289 -21.21 -30.30 35.03
CA ASP B 289 -21.77 -30.92 36.23
C ASP B 289 -22.27 -32.34 35.97
N VAL B 290 -22.38 -32.73 34.71
CA VAL B 290 -22.98 -34.00 34.30
C VAL B 290 -21.93 -35.02 33.90
N VAL B 291 -20.67 -34.62 33.74
CA VAL B 291 -19.58 -35.55 33.45
C VAL B 291 -19.49 -36.55 34.58
N GLY B 292 -19.55 -37.83 34.23
CA GLY B 292 -19.38 -38.91 35.20
C GLY B 292 -20.63 -39.35 35.96
N ILE B 293 -21.80 -38.78 35.66
CA ILE B 293 -23.03 -39.26 36.31
C ILE B 293 -23.35 -40.66 35.79
N GLU B 294 -24.12 -41.39 36.59
CA GLU B 294 -24.47 -42.76 36.25
C GLU B 294 -25.91 -42.90 35.77
N TYR B 295 -26.73 -41.85 35.80
CA TYR B 295 -28.04 -41.93 35.17
C TYR B 295 -27.85 -42.05 33.67
N GLY B 296 -28.72 -42.82 33.02
CA GLY B 296 -28.71 -42.78 31.58
C GLY B 296 -29.25 -41.47 31.05
N SER B 297 -30.08 -40.82 31.85
CA SER B 297 -30.68 -39.56 31.44
C SER B 297 -31.02 -38.80 32.70
N LEU B 298 -30.81 -37.49 32.67
CA LEU B 298 -31.04 -36.61 33.83
C LEU B 298 -31.98 -35.50 33.39
N PHE B 299 -33.26 -35.61 33.74
CA PHE B 299 -34.25 -34.62 33.33
C PHE B 299 -34.04 -33.28 34.01
N ASP B 300 -34.14 -32.20 33.23
CA ASP B 300 -33.93 -30.84 33.75
C ASP B 300 -35.26 -30.08 33.78
N ALA B 301 -35.89 -30.09 34.95
CA ALA B 301 -37.17 -29.41 35.16
C ALA B 301 -37.05 -27.90 34.99
N THR B 302 -35.85 -27.33 35.14
CA THR B 302 -35.73 -25.88 34.97
C THR B 302 -35.92 -25.46 33.51
N GLN B 303 -35.83 -26.38 32.56
CA GLN B 303 -35.91 -26.01 31.16
C GLN B 303 -37.27 -26.34 30.54
N THR B 304 -38.19 -26.90 31.31
CA THR B 304 -39.48 -27.28 30.76
C THR B 304 -40.25 -26.05 30.31
N ARG B 305 -40.82 -26.12 29.11
CA ARG B 305 -41.61 -25.01 28.56
C ARG B 305 -42.88 -25.56 27.92
N VAL B 306 -44.04 -25.05 28.35
CA VAL B 306 -45.31 -25.32 27.70
C VAL B 306 -45.82 -23.99 27.21
N MET B 307 -45.89 -23.79 25.91
CA MET B 307 -46.33 -22.53 25.35
C MET B 307 -47.74 -22.67 24.79
N THR B 308 -48.64 -21.80 25.24
CA THR B 308 -50.05 -21.85 24.86
C THR B 308 -50.41 -20.60 24.08
N VAL B 309 -50.85 -20.79 22.84
CA VAL B 309 -51.21 -19.71 21.94
C VAL B 309 -52.59 -20.06 21.39
N GLY B 310 -53.60 -19.30 21.80
CA GLY B 310 -54.97 -19.58 21.38
C GLY B 310 -55.40 -21.02 21.60
N GLY B 311 -55.09 -21.57 22.77
CA GLY B 311 -55.43 -22.94 23.06
C GLY B 311 -54.45 -23.97 22.52
N LYS B 312 -53.63 -23.63 21.53
CA LYS B 312 -52.68 -24.60 20.96
C LYS B 312 -51.39 -24.63 21.77
N GLN B 313 -50.93 -25.83 22.11
CA GLN B 313 -49.77 -25.96 22.97
C GLN B 313 -48.60 -26.58 22.24
N LEU B 314 -47.41 -26.05 22.53
CA LEU B 314 -46.14 -26.56 22.05
C LEU B 314 -45.24 -26.70 23.26
N VAL B 315 -44.56 -27.84 23.36
CA VAL B 315 -43.90 -28.27 24.58
C VAL B 315 -42.43 -28.54 24.29
N LYS B 316 -41.57 -28.08 25.21
CA LYS B 316 -40.15 -28.38 25.19
C LYS B 316 -39.77 -29.05 26.50
N THR B 317 -39.12 -30.20 26.39
CA THR B 317 -38.54 -30.89 27.54
C THR B 317 -37.09 -31.20 27.23
N VAL B 318 -36.24 -31.10 28.25
CA VAL B 318 -34.80 -31.19 28.09
C VAL B 318 -34.23 -32.13 29.15
N ALA B 319 -33.34 -33.02 28.72
CA ALA B 319 -32.63 -33.93 29.61
C ALA B 319 -31.15 -33.92 29.28
N TRP B 320 -30.32 -33.98 30.33
CA TRP B 320 -28.88 -34.07 30.21
C TRP B 320 -28.46 -35.53 30.10
N TYR B 321 -27.23 -35.73 29.62
CA TYR B 321 -26.54 -37.01 29.72
C TYR B 321 -25.05 -36.83 29.51
N ASP B 322 -24.28 -37.60 30.28
CA ASP B 322 -22.89 -37.79 29.90
C ASP B 322 -22.88 -38.89 28.84
N ASN B 323 -22.74 -38.47 27.57
CA ASN B 323 -22.77 -39.42 26.46
C ASN B 323 -21.75 -40.54 26.62
N GLU B 324 -20.74 -40.33 27.47
CA GLU B 324 -19.82 -41.40 27.83
C GLU B 324 -20.37 -42.21 29.00
N MET B 325 -20.36 -41.63 30.21
CA MET B 325 -20.63 -42.43 31.40
C MET B 325 -22.11 -42.81 31.51
N SER B 326 -23.02 -41.90 31.12
CA SER B 326 -24.44 -42.21 31.19
C SER B 326 -24.75 -43.41 30.32
N TYR B 327 -24.18 -43.42 29.11
CA TYR B 327 -24.43 -44.54 28.22
C TYR B 327 -23.75 -45.80 28.73
N THR B 328 -22.52 -45.67 29.22
CA THR B 328 -21.80 -46.83 29.76
C THR B 328 -22.58 -47.51 30.86
N CYS B 329 -23.16 -46.73 31.79
CA CYS B 329 -23.92 -47.38 32.86
C CYS B 329 -25.16 -48.05 32.32
N GLN B 330 -25.81 -47.44 31.34
CA GLN B 330 -26.95 -48.08 30.68
C GLN B 330 -26.53 -49.38 30.00
N LEU B 331 -25.37 -49.37 29.32
CA LEU B 331 -24.86 -50.57 28.68
C LEU B 331 -24.62 -51.69 29.68
N VAL B 332 -24.07 -51.35 30.84
CA VAL B 332 -23.75 -52.37 31.84
C VAL B 332 -25.03 -52.88 32.50
N ARG B 333 -26.00 -51.97 32.75
CA ARG B 333 -27.30 -52.42 33.27
C ARG B 333 -27.95 -53.40 32.29
N THR B 334 -27.93 -53.06 30.99
CA THR B 334 -28.48 -53.95 29.97
C THR B 334 -27.71 -55.24 29.91
N LEU B 335 -26.37 -55.16 29.97
CA LEU B 335 -25.53 -56.34 30.00
C LEU B 335 -25.87 -57.25 31.17
N GLU B 336 -26.01 -56.68 32.38
CA GLU B 336 -26.30 -57.52 33.54
C GLU B 336 -27.66 -58.17 33.40
N TYR B 337 -28.65 -57.41 32.97
CA TYR B 337 -29.98 -57.99 32.78
C TYR B 337 -29.96 -59.07 31.70
N PHE B 338 -29.26 -58.81 30.60
CA PHE B 338 -29.19 -59.79 29.51
C PHE B 338 -28.48 -61.06 29.96
N ALA B 339 -27.41 -60.92 30.75
CA ALA B 339 -26.65 -62.09 31.22
C ALA B 339 -27.42 -62.91 32.24
N GLY B 340 -28.32 -62.29 33.01
CA GLY B 340 -29.10 -63.06 33.96
C GLY B 340 -30.14 -63.96 33.33
N LYS B 341 -30.39 -63.81 32.03
CA LYS B 341 -31.31 -64.69 31.31
C LYS B 341 -30.61 -65.64 30.34
N ILE B 342 -29.37 -65.36 29.95
CA ILE B 342 -28.69 -66.04 28.85
C ILE B 342 -28.38 -67.52 29.18
N LYS C 12 -9.58 -23.65 64.12
CA LYS C 12 -10.69 -22.78 63.73
C LYS C 12 -10.26 -21.75 62.71
N VAL C 13 -10.60 -21.95 61.43
CA VAL C 13 -10.14 -21.10 60.35
C VAL C 13 -11.32 -20.33 59.76
N ALA C 14 -10.99 -19.26 59.03
CA ALA C 14 -11.97 -18.43 58.34
C ALA C 14 -11.41 -18.00 57.00
N ILE C 15 -12.29 -17.87 55.99
CA ILE C 15 -11.86 -17.73 54.60
C ILE C 15 -12.39 -16.43 54.02
N ASN C 16 -11.48 -15.50 53.69
CA ASN C 16 -11.84 -14.25 53.05
C ASN C 16 -11.60 -14.39 51.55
N GLY C 17 -12.69 -14.33 50.78
CA GLY C 17 -12.65 -14.56 49.35
C GLY C 17 -13.01 -15.99 49.01
N PHE C 18 -14.29 -16.25 48.74
CA PHE C 18 -14.75 -17.61 48.44
C PHE C 18 -14.62 -17.90 46.95
N GLY C 19 -13.41 -17.71 46.44
CA GLY C 19 -13.13 -17.90 45.03
C GLY C 19 -12.68 -19.32 44.75
N ARG C 20 -11.90 -19.48 43.67
CA ARG C 20 -11.35 -20.79 43.37
C ARG C 20 -10.57 -21.32 44.55
N ILE C 21 -9.61 -20.53 45.06
CA ILE C 21 -8.76 -20.97 46.15
C ILE C 21 -9.56 -21.12 47.44
N GLY C 22 -10.39 -20.13 47.76
CA GLY C 22 -11.18 -20.20 48.98
C GLY C 22 -12.10 -21.40 49.05
N ARG C 23 -12.83 -21.69 47.96
CA ARG C 23 -13.80 -22.78 48.00
C ARG C 23 -13.11 -24.14 48.07
N LEU C 24 -12.04 -24.33 47.29
CA LEU C 24 -11.31 -25.59 47.35
C LEU C 24 -10.65 -25.77 48.72
N ALA C 25 -10.18 -24.67 49.34
CA ALA C 25 -9.64 -24.78 50.69
C ALA C 25 -10.66 -25.37 51.65
N LEU C 26 -11.92 -24.90 51.57
CA LEU C 26 -12.97 -25.46 52.40
C LEU C 26 -13.15 -26.95 52.15
N ARG C 27 -13.12 -27.36 50.88
CA ARG C 27 -13.20 -28.78 50.55
C ARG C 27 -12.07 -29.56 51.22
N GLN C 28 -10.85 -29.03 51.19
CA GLN C 28 -9.71 -29.74 51.76
C GLN C 28 -9.74 -29.68 53.29
N ILE C 29 -10.16 -28.55 53.86
CA ILE C 29 -10.22 -28.46 55.31
C ILE C 29 -11.32 -29.37 55.85
N GLU C 30 -12.38 -29.63 55.06
CA GLU C 30 -13.41 -30.58 55.48
C GLU C 30 -12.83 -31.94 55.80
N LYS C 31 -11.73 -32.32 55.15
CA LYS C 31 -11.06 -33.55 55.49
C LYS C 31 -10.05 -33.39 56.63
N ALA C 32 -9.88 -32.18 57.18
CA ALA C 32 -8.85 -31.89 58.19
C ALA C 32 -9.39 -31.89 59.63
N HIS C 33 -8.49 -32.26 60.56
CA HIS C 33 -8.76 -32.41 61.99
C HIS C 33 -8.09 -31.31 62.81
N GLY C 34 -8.86 -30.68 63.71
CA GLY C 34 -8.34 -29.73 64.66
C GLY C 34 -8.51 -28.29 64.23
N ILE C 35 -8.97 -28.11 62.99
CA ILE C 35 -9.25 -26.81 62.40
C ILE C 35 -10.41 -27.04 61.45
N GLU C 36 -11.31 -26.08 61.40
CA GLU C 36 -12.51 -26.24 60.61
C GLU C 36 -12.91 -24.86 60.15
N VAL C 37 -13.52 -24.79 58.97
CA VAL C 37 -13.95 -23.49 58.47
C VAL C 37 -15.21 -23.11 59.23
N ALA C 38 -15.16 -21.98 59.92
CA ALA C 38 -16.25 -21.46 60.72
C ALA C 38 -17.05 -20.38 60.01
N ALA C 39 -16.44 -19.68 59.06
CA ALA C 39 -17.10 -18.58 58.39
C ALA C 39 -16.38 -18.28 57.08
N VAL C 40 -17.12 -17.74 56.12
CA VAL C 40 -16.53 -17.22 54.89
C VAL C 40 -17.07 -15.81 54.65
N ASN C 41 -16.29 -15.03 53.91
CA ASN C 41 -16.68 -13.68 53.51
C ASN C 41 -16.43 -13.53 52.02
N ASP C 42 -17.36 -12.85 51.34
CA ASP C 42 -17.21 -12.62 49.92
C ASP C 42 -17.97 -11.35 49.56
N LEU C 43 -18.10 -11.10 48.25
CA LEU C 43 -18.88 -9.97 47.79
C LEU C 43 -20.24 -10.41 47.25
N THR C 44 -20.67 -11.62 47.59
CA THR C 44 -21.77 -12.24 46.87
C THR C 44 -22.76 -12.84 47.86
N PRO C 45 -24.04 -12.90 47.48
CA PRO C 45 -25.03 -13.58 48.30
C PRO C 45 -24.73 -15.06 48.49
N ALA C 46 -25.29 -15.62 49.57
CA ALA C 46 -24.99 -16.99 49.96
C ALA C 46 -25.45 -18.02 48.94
N GLU C 47 -26.56 -17.75 48.25
CA GLU C 47 -27.06 -18.70 47.26
C GLU C 47 -26.03 -18.94 46.16
N MET C 48 -25.38 -17.87 45.68
CA MET C 48 -24.36 -17.98 44.64
C MET C 48 -23.10 -18.66 45.16
N LEU C 49 -22.71 -18.37 46.40
CA LEU C 49 -21.55 -19.02 46.98
C LEU C 49 -21.79 -20.50 47.16
N LEU C 50 -23.00 -20.87 47.61
CA LEU C 50 -23.35 -22.26 47.82
C LEU C 50 -23.32 -23.04 46.50
N HIS C 51 -23.91 -22.47 45.47
CA HIS C 51 -23.93 -23.10 44.15
C HIS C 51 -22.51 -23.35 43.64
N LEU C 52 -21.65 -22.33 43.70
CA LEU C 52 -20.30 -22.51 43.17
C LEU C 52 -19.48 -23.47 44.03
N PHE C 53 -19.80 -23.59 45.32
CA PHE C 53 -19.17 -24.60 46.14
C PHE C 53 -19.58 -26.01 45.72
N LYS C 54 -20.88 -26.21 45.47
CA LYS C 54 -21.41 -27.53 45.12
C LYS C 54 -20.94 -27.99 43.74
N TYR C 55 -20.97 -27.10 42.75
CA TYR C 55 -20.73 -27.44 41.36
C TYR C 55 -19.47 -26.75 40.85
N ASP C 56 -18.56 -27.53 40.25
CA ASP C 56 -17.27 -26.99 39.82
C ASP C 56 -16.90 -27.53 38.44
N SER C 57 -16.60 -26.61 37.51
CA SER C 57 -16.34 -27.03 36.13
C SER C 57 -15.04 -27.81 36.00
N THR C 58 -14.04 -27.56 36.83
CA THR C 58 -12.79 -28.29 36.73
C THR C 58 -12.51 -29.23 37.88
N GLN C 59 -13.01 -28.94 39.07
CA GLN C 59 -12.70 -29.80 40.20
C GLN C 59 -13.82 -30.77 40.53
N GLY C 60 -14.91 -30.79 39.74
CA GLY C 60 -15.96 -31.78 39.91
C GLY C 60 -16.94 -31.42 41.00
N ARG C 61 -17.99 -32.23 41.14
CA ARG C 61 -18.99 -31.97 42.16
C ARG C 61 -18.39 -32.18 43.55
N PHE C 62 -18.82 -31.34 44.49
CA PHE C 62 -18.42 -31.50 45.88
C PHE C 62 -18.91 -32.83 46.44
N GLN C 63 -18.01 -33.57 47.08
CA GLN C 63 -18.31 -34.88 47.66
C GLN C 63 -18.77 -34.72 49.10
N GLY C 64 -20.03 -34.33 49.25
CA GLY C 64 -20.58 -34.11 50.56
C GLY C 64 -21.89 -33.37 50.43
N THR C 65 -22.50 -33.10 51.58
CA THR C 65 -23.76 -32.38 51.61
C THR C 65 -23.50 -30.90 51.81
N ALA C 66 -24.28 -30.07 51.12
CA ALA C 66 -24.15 -28.63 51.24
C ALA C 66 -25.50 -27.98 50.96
N GLU C 67 -26.07 -27.34 51.98
CA GLU C 67 -27.36 -26.67 51.87
C GLU C 67 -27.24 -25.30 52.53
N LEU C 68 -28.14 -24.39 52.18
CA LEU C 68 -28.12 -23.04 52.69
C LEU C 68 -29.16 -22.89 53.81
N LYS C 69 -28.68 -22.62 55.04
CA LYS C 69 -29.55 -22.24 56.13
C LYS C 69 -29.56 -20.72 56.26
N ASP C 70 -30.23 -20.22 57.29
CA ASP C 70 -30.38 -18.78 57.47
C ASP C 70 -29.04 -18.18 57.87
N ASP C 71 -28.44 -17.39 56.97
CA ASP C 71 -27.19 -16.70 57.20
C ASP C 71 -25.98 -17.62 57.28
N ALA C 72 -26.12 -18.86 56.82
CA ALA C 72 -25.03 -19.82 56.87
C ALA C 72 -25.20 -20.85 55.77
N ILE C 73 -24.15 -21.66 55.57
CA ILE C 73 -24.23 -22.86 54.75
C ILE C 73 -23.93 -24.05 55.64
N VAL C 74 -24.58 -25.17 55.36
CA VAL C 74 -24.44 -26.38 56.16
C VAL C 74 -23.69 -27.43 55.33
N VAL C 75 -22.47 -27.71 55.73
CA VAL C 75 -21.59 -28.62 55.02
C VAL C 75 -21.42 -29.86 55.90
N ASN C 76 -21.90 -31.00 55.41
CA ASN C 76 -21.82 -32.25 56.18
C ASN C 76 -22.40 -32.09 57.57
N GLY C 77 -23.55 -31.42 57.66
CA GLY C 77 -24.25 -31.24 58.91
C GLY C 77 -23.84 -30.04 59.75
N ARG C 78 -22.63 -29.54 59.57
CA ARG C 78 -22.14 -28.41 60.34
C ARG C 78 -22.39 -27.07 59.65
N GLU C 79 -22.78 -26.05 60.42
CA GLU C 79 -23.10 -24.72 59.92
C GLU C 79 -21.86 -23.82 59.80
N ILE C 80 -21.77 -23.08 58.70
CA ILE C 80 -20.70 -22.10 58.45
C ILE C 80 -21.32 -20.74 58.08
N LYS C 81 -21.01 -19.70 58.83
CA LYS C 81 -21.61 -18.39 58.57
C LYS C 81 -21.02 -17.74 57.33
N VAL C 82 -21.87 -17.03 56.59
CA VAL C 82 -21.50 -16.38 55.33
C VAL C 82 -21.72 -14.87 55.44
N PHE C 83 -20.73 -14.08 55.01
CA PHE C 83 -20.81 -12.62 55.01
C PHE C 83 -20.51 -12.06 53.63
N ALA C 84 -21.04 -10.85 53.37
CA ALA C 84 -20.92 -10.19 52.06
C ALA C 84 -20.48 -8.75 52.26
N ASN C 85 -19.19 -8.58 52.58
CA ASN C 85 -18.61 -7.27 52.87
C ASN C 85 -17.36 -7.10 52.02
N PRO C 86 -17.17 -5.94 51.38
CA PRO C 86 -15.88 -5.62 50.73
C PRO C 86 -14.89 -4.87 51.62
N ASN C 87 -15.21 -4.65 52.90
CA ASN C 87 -14.30 -4.01 53.85
C ASN C 87 -13.84 -5.03 54.88
N PRO C 88 -12.57 -5.44 54.88
CA PRO C 88 -12.12 -6.45 55.85
C PRO C 88 -12.12 -5.98 57.28
N GLU C 89 -11.92 -4.68 57.52
CA GLU C 89 -11.91 -4.17 58.88
C GLU C 89 -13.26 -4.35 59.54
N GLU C 90 -14.34 -4.41 58.75
CA GLU C 90 -15.69 -4.57 59.28
C GLU C 90 -16.13 -6.03 59.34
N LEU C 91 -15.18 -6.99 59.51
CA LEU C 91 -15.51 -8.41 59.64
C LEU C 91 -15.60 -8.80 61.11
N PRO C 92 -16.68 -9.50 61.54
CA PRO C 92 -16.94 -9.75 62.96
C PRO C 92 -16.17 -10.93 63.56
N TRP C 93 -14.87 -10.96 63.36
CA TRP C 93 -14.08 -12.13 63.75
C TRP C 93 -13.98 -12.33 65.25
N ASP C 99 -9.40 -18.08 64.47
CA ASP C 99 -8.01 -17.81 64.82
C ASP C 99 -7.20 -17.29 63.62
N VAL C 100 -7.22 -18.03 62.50
CA VAL C 100 -6.44 -17.71 61.30
C VAL C 100 -7.38 -17.40 60.15
N VAL C 101 -7.14 -16.28 59.46
CA VAL C 101 -7.91 -15.88 58.29
C VAL C 101 -7.12 -16.26 57.05
N LEU C 102 -7.64 -17.20 56.26
CA LEU C 102 -7.13 -17.43 54.92
C LEU C 102 -7.55 -16.28 54.01
N GLU C 103 -6.57 -15.46 53.63
CA GLU C 103 -6.83 -14.28 52.81
C GLU C 103 -6.72 -14.68 51.34
N CYS C 104 -7.88 -14.84 50.69
CA CYS C 104 -7.93 -15.38 49.34
C CYS C 104 -8.63 -14.44 48.36
N THR C 105 -8.72 -13.15 48.68
CA THR C 105 -9.42 -12.22 47.80
C THR C 105 -8.57 -11.75 46.63
N GLY C 106 -7.24 -11.84 46.72
CA GLY C 106 -6.36 -11.28 45.70
C GLY C 106 -6.20 -9.78 45.74
N PHE C 107 -6.81 -9.10 46.72
CA PHE C 107 -6.80 -7.64 46.80
C PHE C 107 -6.08 -7.12 48.03
N PHE C 108 -5.55 -7.99 48.89
CA PHE C 108 -4.90 -7.59 50.13
C PHE C 108 -3.55 -8.28 50.27
N THR C 109 -2.75 -8.15 49.21
CA THR C 109 -1.54 -8.92 48.99
C THR C 109 -0.31 -8.30 49.63
N ASN C 110 -0.45 -7.61 50.76
CA ASN C 110 0.71 -7.19 51.55
C ASN C 110 0.30 -7.09 53.01
N LYS C 111 1.29 -6.81 53.86
CA LYS C 111 1.07 -6.79 55.31
C LYS C 111 0.12 -5.68 55.70
N THR C 112 0.26 -4.49 55.07
CA THR C 112 -0.56 -3.35 55.45
C THR C 112 -2.03 -3.61 55.18
N LYS C 113 -2.35 -4.16 53.99
CA LYS C 113 -3.73 -4.47 53.66
C LYS C 113 -4.23 -5.65 54.47
N ALA C 114 -3.39 -6.68 54.65
CA ALA C 114 -3.77 -7.84 55.43
C ALA C 114 -3.80 -7.56 56.92
N GLU C 115 -3.14 -6.49 57.38
CA GLU C 115 -3.26 -6.10 58.77
C GLU C 115 -4.69 -5.74 59.13
N ALA C 116 -5.54 -5.47 58.13
CA ALA C 116 -6.93 -5.09 58.39
C ALA C 116 -7.76 -6.24 58.96
N HIS C 117 -7.46 -7.49 58.58
CA HIS C 117 -8.13 -8.62 59.19
C HIS C 117 -7.80 -8.73 60.69
N ILE C 118 -6.58 -8.35 61.07
CA ILE C 118 -6.19 -8.41 62.48
C ILE C 118 -6.99 -7.40 63.30
N ARG C 119 -7.23 -6.21 62.73
CA ARG C 119 -8.04 -5.18 63.35
C ARG C 119 -9.54 -5.40 63.16
N ALA C 120 -9.93 -6.50 62.50
CA ALA C 120 -11.33 -6.94 62.46
C ALA C 120 -11.67 -7.86 63.62
N GLY C 121 -10.68 -8.53 64.21
CA GLY C 121 -10.90 -9.34 65.38
C GLY C 121 -10.06 -10.61 65.47
N ALA C 122 -9.43 -11.01 64.36
CA ALA C 122 -8.77 -12.30 64.27
C ALA C 122 -7.27 -12.20 64.51
N ARG C 123 -6.69 -13.33 64.94
CA ARG C 123 -5.34 -13.36 65.48
C ARG C 123 -4.29 -13.40 64.38
N LYS C 124 -4.14 -14.56 63.73
CA LYS C 124 -3.14 -14.78 62.69
C LYS C 124 -3.82 -14.78 61.30
N VAL C 125 -2.99 -14.90 60.27
CA VAL C 125 -3.48 -14.77 58.90
C VAL C 125 -2.48 -15.42 57.97
N VAL C 126 -2.98 -16.17 57.00
CA VAL C 126 -2.18 -16.74 55.92
C VAL C 126 -2.67 -16.14 54.61
N ILE C 127 -1.80 -15.42 53.91
CA ILE C 127 -2.15 -14.80 52.64
C ILE C 127 -1.95 -15.84 51.54
N SER C 128 -3.02 -16.11 50.77
CA SER C 128 -2.94 -17.11 49.69
C SER C 128 -2.30 -16.55 48.43
N ALA C 129 -1.19 -15.81 48.60
CA ALA C 129 -0.49 -15.15 47.50
C ALA C 129 0.86 -14.66 48.01
N PRO C 130 1.76 -14.19 47.14
CA PRO C 130 2.94 -13.50 47.65
C PRO C 130 2.53 -12.33 48.53
N GLY C 131 3.20 -12.19 49.65
CA GLY C 131 2.78 -11.21 50.64
C GLY C 131 3.80 -10.13 50.86
N GLY C 132 4.74 -10.01 49.93
CA GLY C 132 5.82 -9.05 50.08
C GLY C 132 7.03 -9.62 50.79
N ASN C 133 8.09 -8.81 50.82
CA ASN C 133 9.35 -9.21 51.41
C ASN C 133 9.41 -8.95 52.91
N ASP C 134 8.41 -8.27 53.47
CA ASP C 134 8.34 -7.98 54.89
C ASP C 134 7.49 -8.99 55.66
N VAL C 135 7.10 -10.09 55.01
CA VAL C 135 6.33 -11.17 55.62
C VAL C 135 7.01 -12.49 55.30
N LYS C 136 7.10 -13.39 56.29
CA LYS C 136 7.74 -14.68 56.06
C LYS C 136 6.95 -15.49 55.04
N THR C 137 7.67 -16.07 54.06
CA THR C 137 7.06 -16.77 52.92
C THR C 137 7.45 -18.24 52.95
N VAL C 138 6.46 -19.12 53.02
CA VAL C 138 6.67 -20.55 53.25
C VAL C 138 6.09 -21.36 52.11
N VAL C 139 6.92 -22.21 51.52
CA VAL C 139 6.46 -23.28 50.65
C VAL C 139 6.53 -24.56 51.48
N TYR C 140 5.38 -25.14 51.81
CA TYR C 140 5.41 -26.29 52.70
C TYR C 140 6.23 -27.42 52.08
N GLY C 141 7.04 -28.07 52.92
CA GLY C 141 7.94 -29.09 52.47
C GLY C 141 9.31 -28.59 52.08
N VAL C 142 9.53 -27.29 52.08
CA VAL C 142 10.81 -26.70 51.72
C VAL C 142 11.39 -25.90 52.88
N ASN C 143 10.57 -25.02 53.50
CA ASN C 143 11.11 -24.12 54.50
C ASN C 143 10.09 -23.72 55.57
N GLN C 144 9.12 -24.58 55.87
CA GLN C 144 8.14 -24.21 56.89
C GLN C 144 8.76 -24.12 58.29
N ASP C 145 9.94 -24.71 58.50
CA ASP C 145 10.61 -24.61 59.79
C ASP C 145 11.03 -23.18 60.14
N ILE C 146 11.12 -22.28 59.16
CA ILE C 146 11.51 -20.90 59.46
C ILE C 146 10.47 -20.18 60.31
N LEU C 147 9.26 -20.73 60.41
CA LEU C 147 8.22 -20.20 61.26
C LEU C 147 8.42 -20.64 62.71
N ASP C 148 8.19 -19.72 63.65
CA ASP C 148 8.23 -20.05 65.07
C ASP C 148 6.89 -19.83 65.80
N GLY C 149 5.83 -19.47 65.08
CA GLY C 149 4.51 -19.31 65.63
C GLY C 149 4.14 -17.90 66.03
N SER C 150 5.12 -17.07 66.38
CA SER C 150 4.88 -15.70 66.83
C SER C 150 4.49 -14.75 65.70
N GLU C 151 4.47 -15.23 64.46
CA GLU C 151 4.10 -14.39 63.33
C GLU C 151 2.60 -14.12 63.35
N THR C 152 2.22 -12.95 62.84
CA THR C 152 0.80 -12.60 62.71
C THR C 152 0.27 -12.75 61.29
N VAL C 153 1.06 -12.37 60.28
CA VAL C 153 0.66 -12.50 58.88
C VAL C 153 1.77 -13.24 58.15
N ILE C 154 1.41 -14.34 57.48
CA ILE C 154 2.38 -15.11 56.71
C ILE C 154 1.87 -15.29 55.28
N SER C 155 2.78 -15.66 54.39
CA SER C 155 2.45 -15.90 52.98
C SER C 155 2.84 -17.33 52.61
N ALA C 156 1.96 -17.98 51.86
CA ALA C 156 2.23 -19.27 51.25
C ALA C 156 2.70 -19.17 49.80
N ALA C 157 3.17 -18.00 49.40
CA ALA C 157 3.69 -17.76 48.06
C ALA C 157 2.63 -18.01 47.00
N SER C 158 3.06 -18.10 45.75
CA SER C 158 2.18 -18.33 44.61
C SER C 158 2.14 -19.80 44.27
N CYS C 159 1.20 -20.15 43.38
CA CYS C 159 1.12 -21.52 42.90
C CYS C 159 2.44 -21.95 42.25
N THR C 160 3.03 -21.06 41.45
CA THR C 160 4.28 -21.38 40.75
C THR C 160 5.44 -21.55 41.71
N THR C 161 5.53 -20.74 42.76
CA THR C 161 6.60 -20.95 43.73
C THR C 161 6.50 -22.33 44.36
N ASN C 162 5.28 -22.79 44.66
CA ASN C 162 5.12 -24.10 45.28
C ASN C 162 5.49 -25.22 44.33
N CYS C 163 5.33 -24.99 43.02
CA CYS C 163 5.82 -25.95 42.05
C CYS C 163 7.34 -25.85 41.87
N LEU C 164 7.84 -24.62 41.73
CA LEU C 164 9.25 -24.41 41.43
C LEU C 164 10.14 -24.75 42.62
N ALA C 165 9.75 -24.35 43.83
CA ALA C 165 10.68 -24.37 44.96
C ALA C 165 11.23 -25.77 45.25
N PRO C 166 10.43 -26.83 45.36
CA PRO C 166 11.03 -28.15 45.68
C PRO C 166 11.98 -28.65 44.61
N MET C 167 11.64 -28.43 43.34
CA MET C 167 12.54 -28.82 42.26
C MET C 167 13.84 -28.02 42.34
N ALA C 168 13.71 -26.69 42.53
CA ALA C 168 14.89 -25.83 42.54
C ALA C 168 15.76 -26.07 43.76
N ALA C 169 15.15 -26.38 44.90
CA ALA C 169 15.95 -26.63 46.09
C ALA C 169 16.84 -27.84 45.90
N VAL C 170 16.29 -28.91 45.32
CA VAL C 170 17.07 -30.12 45.11
C VAL C 170 18.24 -29.82 44.18
N LEU C 171 17.98 -29.06 43.11
CA LEU C 171 19.08 -28.69 42.23
C LEU C 171 20.12 -27.87 42.97
N GLN C 172 19.67 -26.97 43.85
CA GLN C 172 20.65 -26.17 44.57
C GLN C 172 21.47 -27.01 45.56
N LYS C 173 20.81 -27.87 46.34
CA LYS C 173 21.54 -28.64 47.36
C LYS C 173 22.46 -29.69 46.74
N GLU C 174 22.01 -30.37 45.67
CA GLU C 174 22.77 -31.51 45.15
C GLU C 174 23.81 -31.12 44.11
N PHE C 175 23.63 -30.03 43.37
CA PHE C 175 24.59 -29.68 42.35
C PHE C 175 25.01 -28.21 42.47
N GLY C 176 24.14 -27.38 43.05
CA GLY C 176 24.37 -25.95 43.04
C GLY C 176 23.95 -25.30 41.75
N VAL C 177 23.32 -24.14 41.83
CA VAL C 177 22.78 -23.45 40.66
C VAL C 177 23.60 -22.19 40.41
N VAL C 178 24.16 -22.06 39.20
CA VAL C 178 24.75 -20.79 38.80
C VAL C 178 23.63 -19.80 38.50
N GLU C 179 22.75 -20.15 37.57
CA GLU C 179 21.61 -19.31 37.23
C GLU C 179 20.59 -20.16 36.47
N GLY C 180 19.37 -19.64 36.36
CA GLY C 180 18.34 -20.37 35.66
C GLY C 180 17.24 -19.47 35.14
N LEU C 181 16.63 -19.89 34.04
CA LEU C 181 15.46 -19.23 33.49
C LEU C 181 14.29 -20.20 33.51
N MET C 182 13.16 -19.71 34.00
CA MET C 182 11.93 -20.50 34.10
C MET C 182 10.94 -20.12 33.01
N THR C 183 10.18 -21.11 32.56
CA THR C 183 8.97 -20.91 31.76
C THR C 183 7.85 -21.73 32.39
N THR C 184 6.83 -21.07 32.90
CA THR C 184 5.67 -21.80 33.34
C THR C 184 4.63 -21.74 32.22
N ILE C 185 4.21 -22.90 31.77
CA ILE C 185 3.13 -23.04 30.82
C ILE C 185 1.90 -23.30 31.66
N HIS C 186 1.06 -22.28 31.77
CA HIS C 186 0.10 -22.13 32.85
C HIS C 186 -1.32 -22.16 32.31
N ALA C 187 -2.21 -22.85 33.03
CA ALA C 187 -3.63 -22.74 32.73
C ALA C 187 -4.08 -21.29 32.79
N TYR C 188 -5.09 -20.97 32.00
CA TYR C 188 -5.63 -19.62 32.11
C TYR C 188 -6.43 -19.47 33.43
N THR C 189 -6.53 -18.23 33.90
CA THR C 189 -7.18 -17.94 35.16
C THR C 189 -8.15 -16.79 34.96
N GLY C 190 -8.86 -16.46 36.05
CA GLY C 190 -9.90 -15.45 36.03
C GLY C 190 -9.40 -14.03 35.82
N ASP C 191 -8.10 -13.78 35.96
CA ASP C 191 -7.56 -12.46 35.68
C ASP C 191 -7.35 -12.24 34.17
N GLN C 192 -7.73 -13.22 33.35
CA GLN C 192 -7.81 -13.03 31.91
C GLN C 192 -9.27 -12.92 31.54
N ASN C 193 -9.51 -12.21 30.43
CA ASN C 193 -10.84 -11.94 29.92
C ASN C 193 -11.38 -13.12 29.12
N THR C 194 -12.70 -13.27 29.16
CA THR C 194 -13.38 -14.31 28.39
C THR C 194 -13.20 -14.08 26.90
N LEU C 195 -13.49 -12.87 26.44
CA LEU C 195 -13.27 -12.40 25.08
C LEU C 195 -12.47 -11.10 25.15
N ASP C 196 -11.91 -10.69 24.01
CA ASP C 196 -11.11 -9.47 23.95
C ASP C 196 -11.91 -8.29 24.49
N ALA C 197 -11.38 -7.65 25.51
CA ALA C 197 -12.05 -6.52 26.14
C ALA C 197 -11.02 -5.74 26.93
N PRO C 198 -11.30 -4.48 27.25
CA PRO C 198 -10.38 -3.74 28.11
C PRO C 198 -10.10 -4.53 29.38
N HIS C 199 -8.85 -4.45 29.85
CA HIS C 199 -8.40 -5.17 31.04
C HIS C 199 -8.20 -4.21 32.22
N ARG C 200 -8.68 -4.64 33.40
CA ARG C 200 -8.72 -3.77 34.56
C ARG C 200 -7.34 -3.24 34.95
N LYS C 201 -6.32 -4.09 34.89
CA LYS C 201 -4.99 -3.67 35.31
C LYS C 201 -4.11 -3.22 34.14
N GLY C 202 -4.69 -2.99 32.97
CA GLY C 202 -3.95 -2.43 31.86
C GLY C 202 -3.06 -3.40 31.10
N ASP C 203 -3.13 -4.68 31.39
CA ASP C 203 -2.31 -5.69 30.72
C ASP C 203 -2.91 -5.98 29.36
N LEU C 204 -2.20 -5.61 28.30
CA LEU C 204 -2.64 -5.77 26.93
C LEU C 204 -2.76 -7.23 26.51
N ARG C 205 -2.05 -8.13 27.18
CA ARG C 205 -2.13 -9.55 26.82
C ARG C 205 -3.17 -10.31 27.63
N ARG C 206 -3.28 -10.00 28.91
CA ARG C 206 -4.36 -10.61 29.68
C ARG C 206 -5.73 -10.08 29.24
N ALA C 207 -5.78 -8.98 28.46
CA ALA C 207 -7.04 -8.51 27.92
C ALA C 207 -7.64 -9.47 26.88
N ARG C 208 -6.84 -10.39 26.35
CA ARG C 208 -7.28 -11.20 25.23
C ARG C 208 -8.08 -12.42 25.68
N ALA C 209 -8.94 -12.89 24.78
CA ALA C 209 -9.75 -14.07 25.04
C ALA C 209 -8.90 -15.23 25.55
N ALA C 210 -9.21 -15.70 26.75
CA ALA C 210 -8.34 -16.61 27.48
C ALA C 210 -8.24 -17.98 26.81
N ALA C 211 -9.36 -18.51 26.28
CA ALA C 211 -9.41 -19.87 25.76
C ALA C 211 -9.08 -19.96 24.29
N LEU C 212 -8.55 -18.90 23.71
CA LEU C 212 -8.19 -18.86 22.31
C LEU C 212 -6.70 -18.61 22.08
N ASN C 213 -5.93 -18.41 23.13
CA ASN C 213 -4.62 -17.83 22.91
C ASN C 213 -3.57 -18.45 23.81
N ILE C 214 -2.38 -18.54 23.23
CA ILE C 214 -1.15 -18.54 24.00
C ILE C 214 -0.86 -17.10 24.36
N VAL C 215 -0.74 -16.81 25.64
CA VAL C 215 -0.67 -15.45 26.17
C VAL C 215 0.60 -15.30 27.01
N PRO C 216 1.64 -14.65 26.49
CA PRO C 216 2.81 -14.37 27.32
C PRO C 216 2.41 -13.43 28.44
N ASN C 217 2.97 -13.67 29.62
CA ASN C 217 2.67 -12.80 30.76
C ASN C 217 3.77 -12.97 31.79
N SER C 218 4.00 -11.91 32.55
CA SER C 218 5.12 -11.94 33.49
C SER C 218 4.69 -12.63 34.80
N THR C 219 5.69 -13.09 35.52
CA THR C 219 5.53 -13.72 36.82
C THR C 219 6.82 -13.54 37.61
N GLY C 220 6.69 -13.29 38.91
CA GLY C 220 7.83 -13.08 39.79
C GLY C 220 8.29 -14.27 40.59
N ALA C 221 7.74 -15.47 40.34
CA ALA C 221 8.03 -16.62 41.19
C ALA C 221 9.52 -16.95 41.21
N ALA C 222 10.16 -16.95 40.04
CA ALA C 222 11.56 -17.33 39.98
C ALA C 222 12.47 -16.25 40.57
N LYS C 223 12.14 -14.99 40.33
CA LYS C 223 12.93 -13.88 40.87
C LYS C 223 12.85 -13.80 42.39
N ALA C 224 11.69 -14.13 42.96
CA ALA C 224 11.44 -14.07 44.40
C ALA C 224 11.83 -15.34 45.16
N ILE C 225 12.39 -16.34 44.47
CA ILE C 225 12.75 -17.62 45.11
C ILE C 225 13.60 -17.44 46.37
N GLY C 226 14.40 -16.37 46.44
CA GLY C 226 15.24 -16.17 47.60
C GLY C 226 14.48 -16.08 48.91
N LEU C 227 13.18 -15.80 48.86
CA LEU C 227 12.39 -15.74 50.09
C LEU C 227 12.13 -17.13 50.66
N VAL C 228 12.04 -18.12 49.79
CA VAL C 228 11.88 -19.50 50.21
C VAL C 228 13.24 -20.20 50.35
N ILE C 229 14.11 -20.01 49.37
CA ILE C 229 15.42 -20.65 49.32
C ILE C 229 16.48 -19.56 49.25
N PRO C 230 17.04 -19.13 50.39
CA PRO C 230 17.96 -17.99 50.34
C PRO C 230 19.13 -18.22 49.41
N GLU C 231 19.67 -19.43 49.38
CA GLU C 231 20.86 -19.69 48.58
C GLU C 231 20.57 -19.70 47.07
N LEU C 232 19.35 -19.42 46.65
CA LEU C 232 19.04 -19.19 45.23
C LEU C 232 18.68 -17.74 44.98
N ASN C 233 18.94 -16.86 45.94
CA ASN C 233 18.56 -15.46 45.80
C ASN C 233 19.33 -14.83 44.65
N GLY C 234 18.60 -14.20 43.73
CA GLY C 234 19.17 -13.53 42.57
C GLY C 234 19.69 -14.45 41.49
N LYS C 235 19.43 -15.75 41.59
CA LYS C 235 19.98 -16.70 40.64
C LYS C 235 18.97 -17.14 39.57
N LEU C 236 17.67 -16.90 39.78
CA LEU C 236 16.64 -17.35 38.87
C LEU C 236 15.76 -16.19 38.41
N ASP C 237 15.27 -16.32 37.18
CA ASP C 237 14.19 -15.48 36.68
C ASP C 237 13.41 -16.29 35.65
N GLY C 238 12.39 -15.68 35.07
CA GLY C 238 11.58 -16.38 34.08
C GLY C 238 10.32 -15.61 33.76
N SER C 239 9.42 -16.30 33.07
CA SER C 239 8.18 -15.71 32.59
C SER C 239 7.18 -16.84 32.35
N ALA C 240 5.96 -16.48 31.94
CA ALA C 240 4.85 -17.43 31.81
C ALA C 240 4.25 -17.42 30.41
N GLN C 241 3.67 -18.56 30.04
CA GLN C 241 2.81 -18.64 28.86
C GLN C 241 1.48 -19.24 29.29
N ARG C 242 0.41 -18.43 29.26
CA ARG C 242 -0.93 -18.91 29.56
C ARG C 242 -1.54 -19.59 28.34
N VAL C 243 -2.11 -20.78 28.52
CA VAL C 243 -2.61 -21.55 27.38
C VAL C 243 -4.02 -22.05 27.70
N PRO C 244 -4.80 -22.41 26.67
CA PRO C 244 -6.24 -22.70 26.84
C PRO C 244 -6.52 -24.08 27.45
N VAL C 245 -6.08 -24.28 28.68
CA VAL C 245 -6.63 -25.31 29.56
C VAL C 245 -7.11 -24.62 30.84
N ALA C 246 -8.25 -25.08 31.38
CA ALA C 246 -8.90 -24.33 32.46
C ALA C 246 -8.24 -24.52 33.83
N THR C 247 -7.43 -25.56 33.97
CA THR C 247 -6.58 -25.72 35.15
C THR C 247 -5.55 -26.77 34.82
N GLY C 248 -4.46 -26.76 35.57
CA GLY C 248 -3.36 -27.66 35.32
C GLY C 248 -2.26 -26.93 34.58
N SER C 249 -1.03 -27.02 35.09
CA SER C 249 0.07 -26.23 34.58
C SER C 249 1.36 -27.01 34.77
N LEU C 250 2.44 -26.49 34.18
CA LEU C 250 3.78 -27.02 34.43
C LEU C 250 4.77 -25.87 34.44
N THR C 251 5.91 -26.14 35.07
CA THR C 251 7.02 -25.22 35.18
C THR C 251 8.28 -25.90 34.64
N GLU C 252 8.87 -25.30 33.62
CA GLU C 252 10.18 -25.69 33.13
C GLU C 252 11.21 -24.77 33.73
N LEU C 253 12.35 -25.32 34.11
CA LEU C 253 13.51 -24.54 34.54
C LEU C 253 14.70 -24.96 33.69
N VAL C 254 15.29 -24.02 32.99
CA VAL C 254 16.55 -24.24 32.29
C VAL C 254 17.65 -23.59 33.11
N SER C 255 18.61 -24.37 33.57
CA SER C 255 19.59 -23.85 34.51
C SER C 255 21.00 -24.25 34.10
N VAL C 256 21.95 -23.48 34.60
CA VAL C 256 23.37 -23.82 34.56
C VAL C 256 23.75 -24.25 35.97
N LEU C 257 24.27 -25.46 36.10
CA LEU C 257 24.65 -25.98 37.41
C LEU C 257 26.14 -25.76 37.66
N GLU C 258 26.52 -25.93 38.93
CA GLU C 258 27.90 -25.73 39.35
C GLU C 258 28.76 -26.99 39.24
N ARG C 259 28.16 -28.17 39.16
CA ARG C 259 28.90 -29.41 38.97
C ARG C 259 28.19 -30.27 37.93
N PRO C 260 28.90 -31.22 37.30
CA PRO C 260 28.26 -32.05 36.27
C PRO C 260 27.15 -32.92 36.81
N ALA C 261 26.17 -33.19 35.96
CA ALA C 261 24.99 -33.97 36.32
C ALA C 261 24.55 -34.82 35.13
N THR C 262 23.85 -35.90 35.43
CA THR C 262 23.20 -36.69 34.39
C THR C 262 21.69 -36.64 34.61
N LYS C 263 20.93 -36.98 33.58
CA LYS C 263 19.48 -37.06 33.76
C LYS C 263 19.13 -38.06 34.87
N GLU C 264 19.87 -39.18 34.96
CA GLU C 264 19.58 -40.23 35.94
C GLU C 264 19.83 -39.73 37.36
N GLU C 265 20.96 -39.06 37.59
CA GLU C 265 21.25 -38.53 38.91
C GLU C 265 20.25 -37.46 39.29
N ILE C 266 19.91 -36.56 38.37
CA ILE C 266 18.93 -35.52 38.64
C ILE C 266 17.60 -36.14 39.05
N ASN C 267 17.14 -37.13 38.28
CA ASN C 267 15.86 -37.76 38.60
C ASN C 267 15.95 -38.51 39.92
N ALA C 268 17.06 -39.20 40.15
CA ALA C 268 17.22 -39.94 41.40
C ALA C 268 17.16 -39.02 42.60
N ALA C 269 17.77 -37.83 42.48
CA ALA C 269 17.73 -36.88 43.58
C ALA C 269 16.34 -36.33 43.77
N MET C 270 15.59 -36.15 42.67
CA MET C 270 14.21 -35.74 42.78
C MET C 270 13.38 -36.76 43.53
N LYS C 271 13.52 -38.03 43.16
CA LYS C 271 12.77 -39.08 43.83
C LYS C 271 13.09 -39.14 45.32
N ALA C 272 14.36 -38.96 45.68
CA ALA C 272 14.75 -39.04 47.08
C ALA C 272 14.05 -37.98 47.93
N ALA C 273 13.73 -36.82 47.35
CA ALA C 273 13.07 -35.77 48.11
C ALA C 273 11.55 -35.84 48.02
N SER C 274 11.01 -36.86 47.37
CA SER C 274 9.56 -36.91 47.18
C SER C 274 8.86 -37.07 48.52
N SER C 275 7.69 -36.47 48.62
CA SER C 275 6.92 -36.43 49.86
C SER C 275 5.47 -36.20 49.48
N GLU C 276 4.64 -35.89 50.49
CA GLU C 276 3.26 -35.54 50.20
C GLU C 276 3.15 -34.22 49.46
N SER C 277 4.15 -33.36 49.56
CA SER C 277 4.20 -32.09 48.84
C SER C 277 4.84 -32.22 47.47
N TYR C 278 5.85 -33.08 47.34
CA TYR C 278 6.63 -33.17 46.12
C TYR C 278 6.46 -34.57 45.55
N GLY C 279 5.70 -34.70 44.49
CA GLY C 279 5.54 -36.00 43.86
C GLY C 279 6.62 -36.27 42.83
N TYR C 280 6.78 -37.55 42.49
CA TYR C 280 7.74 -37.98 41.48
C TYR C 280 6.97 -38.80 40.44
N ASN C 281 7.07 -38.40 39.17
CA ASN C 281 6.35 -39.06 38.09
C ASN C 281 7.31 -39.60 37.05
N GLU C 282 7.01 -40.82 36.57
CA GLU C 282 7.72 -41.42 35.44
C GLU C 282 6.80 -41.83 34.30
N ASP C 283 5.51 -41.56 34.41
CA ASP C 283 4.58 -41.90 33.35
C ASP C 283 4.44 -40.78 32.34
N GLN C 284 3.94 -41.12 31.16
CA GLN C 284 3.78 -40.16 30.06
C GLN C 284 2.47 -39.38 30.24
N ILE C 285 2.42 -38.59 31.31
CA ILE C 285 1.19 -37.91 31.68
C ILE C 285 1.07 -36.59 30.93
N VAL C 286 -0.15 -36.07 30.89
CA VAL C 286 -0.46 -34.78 30.31
C VAL C 286 -1.20 -33.97 31.38
N SER C 287 -1.55 -32.73 31.04
CA SER C 287 -2.00 -31.79 32.06
C SER C 287 -3.29 -32.25 32.75
N SER C 288 -4.22 -32.86 32.00
CA SER C 288 -5.50 -33.22 32.63
C SER C 288 -5.33 -34.32 33.68
N ASP C 289 -4.30 -35.16 33.54
CA ASP C 289 -3.96 -36.15 34.55
C ASP C 289 -3.56 -35.52 35.87
N VAL C 290 -3.30 -34.21 35.86
CA VAL C 290 -2.80 -33.50 37.02
C VAL C 290 -3.93 -32.73 37.72
N VAL C 291 -5.07 -32.55 37.07
CA VAL C 291 -6.21 -31.87 37.69
C VAL C 291 -6.59 -32.62 38.95
N GLY C 292 -6.61 -31.90 40.08
CA GLY C 292 -7.05 -32.39 41.37
C GLY C 292 -6.02 -33.08 42.23
N ILE C 293 -4.75 -33.15 41.81
CA ILE C 293 -3.75 -33.82 42.67
C ILE C 293 -3.48 -32.98 43.92
N GLU C 294 -2.97 -33.66 44.94
CA GLU C 294 -2.71 -33.04 46.22
C GLU C 294 -1.24 -32.74 46.47
N TYR C 295 -0.33 -33.18 45.60
CA TYR C 295 1.05 -32.72 45.69
C TYR C 295 1.09 -31.24 45.34
N GLY C 296 1.90 -30.47 46.07
CA GLY C 296 2.16 -29.11 45.63
C GLY C 296 2.97 -29.04 44.37
N SER C 297 3.72 -30.08 44.06
CA SER C 297 4.53 -30.11 42.86
C SER C 297 4.76 -31.57 42.51
N LEU C 298 4.75 -31.86 41.21
CA LEU C 298 4.91 -33.24 40.73
C LEU C 298 6.05 -33.22 39.72
N PHE C 299 7.22 -33.71 40.13
CA PHE C 299 8.36 -33.75 39.24
C PHE C 299 8.15 -34.78 38.13
N ASP C 300 8.52 -34.42 36.91
CA ASP C 300 8.33 -35.27 35.75
C ASP C 300 9.69 -35.74 35.24
N ALA C 301 10.10 -36.94 35.67
CA ALA C 301 11.39 -37.48 35.26
C ALA C 301 11.49 -37.67 33.73
N THR C 302 10.37 -37.81 33.03
CA THR C 302 10.40 -38.04 31.59
C THR C 302 10.83 -36.82 30.80
N GLN C 303 10.83 -35.63 31.40
CA GLN C 303 11.19 -34.42 30.68
C GLN C 303 12.57 -33.89 31.02
N THR C 304 13.31 -34.56 31.91
CA THR C 304 14.64 -34.10 32.29
C THR C 304 15.62 -34.23 31.14
N ARG C 305 16.36 -33.15 30.86
CA ARG C 305 17.34 -33.15 29.80
C ARG C 305 18.62 -32.49 30.30
N VAL C 306 19.74 -33.20 30.16
CA VAL C 306 21.08 -32.66 30.43
C VAL C 306 21.85 -32.68 29.12
N MET C 307 22.14 -31.50 28.60
CA MET C 307 22.79 -31.37 27.31
C MET C 307 24.25 -30.94 27.50
N THR C 308 25.16 -31.71 26.93
CA THR C 308 26.58 -31.49 27.09
C THR C 308 27.22 -31.13 25.76
N VAL C 309 27.88 -29.98 25.71
CA VAL C 309 28.52 -29.48 24.51
C VAL C 309 29.93 -29.06 24.91
N GLY C 310 30.93 -29.82 24.45
CA GLY C 310 32.30 -29.53 24.81
C GLY C 310 32.53 -29.36 26.31
N GLY C 311 32.00 -30.28 27.11
CA GLY C 311 32.14 -30.19 28.55
C GLY C 311 31.14 -29.29 29.25
N LYS C 312 30.52 -28.36 28.53
CA LYS C 312 29.55 -27.44 29.12
C LYS C 312 28.16 -28.05 29.14
N GLN C 313 27.49 -27.97 30.29
CA GLN C 313 26.19 -28.59 30.48
C GLN C 313 25.12 -27.55 30.69
N LEU C 314 23.97 -27.81 30.09
CA LEU C 314 22.76 -27.01 30.24
C LEU C 314 21.62 -27.97 30.56
N VAL C 315 20.80 -27.63 31.56
CA VAL C 315 19.87 -28.59 32.14
C VAL C 315 18.45 -28.06 32.07
N LYS C 316 17.52 -28.94 31.68
CA LYS C 316 16.08 -28.66 31.72
C LYS C 316 15.41 -29.66 32.63
N THR C 317 14.68 -29.15 33.63
CA THR C 317 13.87 -29.98 34.51
C THR C 317 12.46 -29.42 34.54
N VAL C 318 11.47 -30.32 34.64
CA VAL C 318 10.06 -29.96 34.53
C VAL C 318 9.27 -30.57 35.66
N ALA C 319 8.40 -29.77 36.26
CA ALA C 319 7.47 -30.25 37.27
C ALA C 319 6.06 -29.79 36.92
N TRP C 320 5.09 -30.68 37.14
CA TRP C 320 3.68 -30.34 36.94
C TRP C 320 3.08 -29.77 38.22
N TYR C 321 1.94 -29.09 38.09
CA TYR C 321 1.11 -28.76 39.24
C TYR C 321 -0.27 -28.37 38.77
N ASP C 322 -1.26 -28.73 39.58
CA ASP C 322 -2.59 -28.14 39.48
C ASP C 322 -2.57 -26.80 40.22
N ASN C 323 -2.47 -25.71 39.46
CA ASN C 323 -2.37 -24.38 40.04
C ASN C 323 -3.53 -24.10 40.99
N GLU C 324 -4.62 -24.86 40.87
CA GLU C 324 -5.73 -24.77 41.82
C GLU C 324 -5.50 -25.73 42.97
N MET C 325 -5.61 -27.05 42.71
CA MET C 325 -5.66 -27.97 43.84
C MET C 325 -4.30 -28.14 44.50
N SER C 326 -3.23 -28.19 43.69
CA SER C 326 -1.88 -28.31 44.26
C SER C 326 -1.59 -27.17 45.21
N TYR C 327 -1.94 -25.95 44.81
CA TYR C 327 -1.70 -24.82 45.69
C TYR C 327 -2.60 -24.88 46.91
N THR C 328 -3.88 -25.25 46.71
CA THR C 328 -4.82 -25.34 47.83
C THR C 328 -4.32 -26.28 48.92
N CYS C 329 -3.82 -27.46 48.55
CA CYS C 329 -3.34 -28.42 49.55
C CYS C 329 -2.10 -27.91 50.25
N GLN C 330 -1.19 -27.25 49.52
CA GLN C 330 -0.06 -26.60 50.16
C GLN C 330 -0.54 -25.53 51.13
N LEU C 331 -1.54 -24.75 50.71
CA LEU C 331 -2.10 -23.73 51.59
C LEU C 331 -2.63 -24.36 52.86
N VAL C 332 -3.25 -25.54 52.75
CA VAL C 332 -3.79 -26.22 53.93
C VAL C 332 -2.68 -26.87 54.76
N ARG C 333 -1.69 -27.49 54.13
CA ARG C 333 -0.59 -28.06 54.91
C ARG C 333 0.09 -26.99 55.72
N THR C 334 0.42 -25.86 55.09
CA THR C 334 1.05 -24.75 55.78
C THR C 334 0.13 -24.20 56.87
N LEU C 335 -1.16 -24.07 56.56
CA LEU C 335 -2.12 -23.59 57.55
C LEU C 335 -2.14 -24.52 58.76
N GLU C 336 -2.11 -25.83 58.55
CA GLU C 336 -2.09 -26.76 59.68
C GLU C 336 -0.82 -26.59 60.50
N TYR C 337 0.35 -26.56 59.83
CA TYR C 337 1.61 -26.44 60.55
C TYR C 337 1.69 -25.15 61.36
N PHE C 338 1.22 -24.05 60.78
CA PHE C 338 1.25 -22.76 61.47
C PHE C 338 0.39 -22.79 62.71
N ALA C 339 -0.71 -23.55 62.67
CA ALA C 339 -1.63 -23.63 63.81
C ALA C 339 -1.01 -24.38 64.99
N GLY C 340 -0.12 -25.33 64.72
CA GLY C 340 0.57 -26.06 65.77
C GLY C 340 1.71 -25.31 66.45
N LYS C 341 1.51 -24.03 66.74
CA LYS C 341 2.57 -23.20 67.30
C LYS C 341 2.01 -22.00 68.05
N HIS D 8 8.89 -21.20 -22.32
CA HIS D 8 7.96 -20.11 -22.03
C HIS D 8 6.71 -20.65 -21.37
N MET D 9 6.93 -21.60 -20.47
CA MET D 9 5.87 -22.35 -19.79
C MET D 9 5.98 -22.12 -18.29
N SER D 10 4.85 -21.87 -17.65
CA SER D 10 4.84 -21.71 -16.20
C SER D 10 5.22 -23.03 -15.52
N ILE D 11 5.78 -22.92 -14.31
CA ILE D 11 6.19 -24.08 -13.54
C ILE D 11 4.95 -24.82 -13.06
N LYS D 12 4.81 -26.08 -13.47
CA LYS D 12 3.62 -26.89 -13.20
C LYS D 12 3.85 -27.76 -11.98
N VAL D 13 3.05 -27.54 -10.92
CA VAL D 13 3.22 -28.19 -9.62
C VAL D 13 2.10 -29.21 -9.39
N ALA D 14 2.45 -30.34 -8.82
CA ALA D 14 1.47 -31.25 -8.23
C ALA D 14 1.61 -31.22 -6.72
N ILE D 15 0.47 -31.35 -6.03
CA ILE D 15 0.43 -31.40 -4.58
C ILE D 15 -0.05 -32.78 -4.16
N ASN D 16 0.80 -33.52 -3.48
CA ASN D 16 0.44 -34.82 -2.92
C ASN D 16 0.08 -34.63 -1.45
N GLY D 17 -1.17 -34.88 -1.10
CA GLY D 17 -1.62 -34.62 0.24
C GLY D 17 -2.27 -33.25 0.31
N PHE D 18 -3.58 -33.21 0.12
CA PHE D 18 -4.33 -31.96 0.15
C PHE D 18 -4.79 -31.66 1.57
N GLY D 19 -3.85 -31.65 2.51
CA GLY D 19 -4.14 -31.45 3.92
C GLY D 19 -4.05 -30.00 4.33
N ARG D 20 -3.70 -29.77 5.59
CA ARG D 20 -3.51 -28.40 6.04
C ARG D 20 -2.47 -27.69 5.18
N ILE D 21 -1.28 -28.28 5.04
CA ILE D 21 -0.23 -27.64 4.25
C ILE D 21 -0.58 -27.64 2.76
N GLY D 22 -1.04 -28.80 2.25
CA GLY D 22 -1.35 -28.89 0.84
C GLY D 22 -2.36 -27.85 0.39
N ARG D 23 -3.43 -27.67 1.17
CA ARG D 23 -4.45 -26.74 0.74
C ARG D 23 -3.95 -25.31 0.82
N LEU D 24 -3.24 -24.96 1.90
CA LEU D 24 -2.72 -23.60 2.01
C LEU D 24 -1.65 -23.32 0.96
N ALA D 25 -0.83 -24.32 0.62
CA ALA D 25 0.13 -24.14 -0.46
C ALA D 25 -0.57 -23.77 -1.77
N LEU D 26 -1.71 -24.40 -2.05
CA LEU D 26 -2.46 -24.02 -3.25
C LEU D 26 -2.91 -22.57 -3.19
N ARG D 27 -3.42 -22.13 -2.03
CA ARG D 27 -3.81 -20.73 -1.87
C ARG D 27 -2.65 -19.82 -2.21
N GLN D 28 -1.46 -20.16 -1.70
CA GLN D 28 -0.29 -19.30 -1.88
C GLN D 28 0.21 -19.35 -3.31
N ILE D 29 0.19 -20.52 -3.94
CA ILE D 29 0.65 -20.60 -5.33
C ILE D 29 -0.32 -19.88 -6.26
N GLU D 30 -1.62 -19.89 -5.94
CA GLU D 30 -2.58 -19.12 -6.74
C GLU D 30 -2.19 -17.65 -6.79
N LYS D 31 -1.60 -17.12 -5.72
CA LYS D 31 -1.15 -15.73 -5.70
C LYS D 31 0.22 -15.53 -6.32
N ALA D 32 0.89 -16.58 -6.78
CA ALA D 32 2.25 -16.49 -7.27
C ALA D 32 2.30 -16.38 -8.79
N HIS D 33 3.34 -15.70 -9.28
CA HIS D 33 3.55 -15.50 -10.70
C HIS D 33 4.62 -16.46 -11.17
N GLY D 34 4.33 -17.19 -12.23
CA GLY D 34 5.32 -18.07 -12.79
C GLY D 34 5.19 -19.51 -12.36
N ILE D 35 4.23 -19.81 -11.50
CA ILE D 35 4.08 -21.16 -10.98
C ILE D 35 2.60 -21.41 -10.73
N GLU D 36 2.15 -22.61 -11.02
CA GLU D 36 0.73 -22.91 -10.92
C GLU D 36 0.57 -24.38 -10.60
N VAL D 37 -0.50 -24.69 -9.86
CA VAL D 37 -0.81 -26.07 -9.51
C VAL D 37 -1.57 -26.73 -10.65
N ALA D 38 -1.05 -27.86 -11.13
CA ALA D 38 -1.68 -28.60 -12.21
C ALA D 38 -2.53 -29.75 -11.71
N ALA D 39 -2.26 -30.25 -10.51
CA ALA D 39 -3.01 -31.40 -10.00
C ALA D 39 -2.79 -31.49 -8.51
N VAL D 40 -3.78 -32.07 -7.83
CA VAL D 40 -3.65 -32.44 -6.44
C VAL D 40 -4.07 -33.91 -6.33
N ASN D 41 -3.50 -34.60 -5.33
CA ASN D 41 -3.84 -35.98 -5.04
C ASN D 41 -4.02 -36.17 -3.54
N ASP D 42 -5.03 -36.95 -3.17
CA ASP D 42 -5.37 -37.25 -1.79
C ASP D 42 -6.05 -38.63 -1.77
N LEU D 43 -6.71 -38.95 -0.66
CA LEU D 43 -7.44 -40.20 -0.56
C LEU D 43 -8.94 -40.02 -0.69
N THR D 44 -9.40 -38.89 -1.22
CA THR D 44 -10.79 -38.52 -1.05
C THR D 44 -11.41 -38.04 -2.35
N PRO D 45 -12.73 -38.21 -2.49
CA PRO D 45 -13.41 -37.66 -3.67
C PRO D 45 -13.24 -36.15 -3.72
N ALA D 46 -13.38 -35.62 -4.95
CA ALA D 46 -13.10 -34.21 -5.22
C ALA D 46 -14.02 -33.30 -4.45
N GLU D 47 -15.27 -33.72 -4.21
CA GLU D 47 -16.23 -32.88 -3.48
C GLU D 47 -15.70 -32.55 -2.08
N MET D 48 -15.11 -33.53 -1.40
CA MET D 48 -14.58 -33.27 -0.08
C MET D 48 -13.37 -32.34 -0.16
N LEU D 49 -12.50 -32.55 -1.15
CA LEU D 49 -11.33 -31.69 -1.23
C LEU D 49 -11.73 -30.25 -1.53
N LEU D 50 -12.69 -30.08 -2.44
CA LEU D 50 -13.19 -28.75 -2.75
C LEU D 50 -13.78 -28.08 -1.51
N HIS D 51 -14.57 -28.83 -0.75
CA HIS D 51 -15.22 -28.27 0.43
C HIS D 51 -14.18 -27.74 1.43
N LEU D 52 -13.17 -28.55 1.73
CA LEU D 52 -12.13 -28.13 2.67
C LEU D 52 -11.28 -27.02 2.06
N PHE D 53 -11.19 -26.95 0.73
CA PHE D 53 -10.45 -25.84 0.16
C PHE D 53 -11.18 -24.51 0.39
N LYS D 54 -12.51 -24.51 0.18
CA LYS D 54 -13.29 -23.27 0.33
C LYS D 54 -13.41 -22.85 1.79
N TYR D 55 -13.65 -23.80 2.68
CA TYR D 55 -14.01 -23.49 4.06
C TYR D 55 -12.92 -24.01 4.98
N ASP D 56 -12.42 -23.13 5.84
CA ASP D 56 -11.28 -23.47 6.69
C ASP D 56 -11.53 -22.88 8.07
N SER D 57 -11.50 -23.72 9.11
CA SER D 57 -11.82 -23.29 10.46
C SER D 57 -10.82 -22.29 11.03
N THR D 58 -9.55 -22.34 10.62
CA THR D 58 -8.60 -21.38 11.20
C THR D 58 -8.08 -20.36 10.22
N GLN D 59 -8.06 -20.66 8.93
CA GLN D 59 -7.49 -19.72 7.98
C GLN D 59 -8.55 -18.93 7.20
N GLY D 60 -9.84 -19.17 7.45
CA GLY D 60 -10.91 -18.44 6.79
C GLY D 60 -11.32 -19.01 5.44
N ARG D 61 -12.41 -18.47 4.92
CA ARG D 61 -12.87 -18.84 3.58
C ARG D 61 -11.80 -18.52 2.54
N PHE D 62 -11.65 -19.40 1.57
CA PHE D 62 -10.80 -19.10 0.43
C PHE D 62 -11.33 -17.85 -0.27
N GLN D 63 -10.43 -16.89 -0.52
CA GLN D 63 -10.77 -15.62 -1.19
C GLN D 63 -10.53 -15.77 -2.70
N GLY D 64 -11.50 -16.36 -3.36
CA GLY D 64 -11.44 -16.63 -4.78
C GLY D 64 -12.59 -17.55 -5.14
N THR D 65 -12.67 -17.90 -6.42
CA THR D 65 -13.71 -18.82 -6.87
C THR D 65 -13.18 -20.25 -6.86
N ALA D 66 -14.05 -21.17 -6.48
CA ALA D 66 -13.72 -22.59 -6.43
C ALA D 66 -14.99 -23.40 -6.65
N GLU D 67 -15.01 -24.17 -7.74
CA GLU D 67 -16.17 -24.96 -8.12
C GLU D 67 -15.70 -26.37 -8.46
N LEU D 68 -16.65 -27.30 -8.51
CA LEU D 68 -16.37 -28.70 -8.79
C LEU D 68 -16.62 -29.02 -10.27
N LYS D 69 -15.91 -30.02 -10.78
CA LYS D 69 -16.21 -30.57 -12.11
C LYS D 69 -16.01 -32.09 -12.04
N ASP D 70 -15.93 -32.71 -13.21
CA ASP D 70 -15.74 -34.15 -13.29
C ASP D 70 -14.33 -34.53 -12.86
N ASP D 71 -14.15 -34.82 -11.58
CA ASP D 71 -12.85 -35.25 -11.07
C ASP D 71 -11.81 -34.14 -11.18
N ALA D 72 -12.24 -32.91 -10.96
CA ALA D 72 -11.32 -31.77 -10.96
C ALA D 72 -11.98 -30.63 -10.20
N ILE D 73 -11.14 -29.72 -9.69
CA ILE D 73 -11.62 -28.47 -9.11
C ILE D 73 -11.20 -27.32 -10.02
N VAL D 74 -12.05 -26.30 -10.11
CA VAL D 74 -11.83 -25.12 -10.93
C VAL D 74 -11.58 -23.96 -9.98
N VAL D 75 -10.34 -23.50 -9.90
CA VAL D 75 -9.94 -22.48 -8.96
C VAL D 75 -9.62 -21.22 -9.76
N ASN D 76 -10.37 -20.15 -9.50
CA ASN D 76 -10.23 -18.89 -10.23
C ASN D 76 -10.32 -19.10 -11.75
N GLY D 77 -11.21 -20.00 -12.19
CA GLY D 77 -11.43 -20.26 -13.60
C GLY D 77 -10.56 -21.33 -14.23
N ARG D 78 -9.40 -21.65 -13.64
CA ARG D 78 -8.45 -22.62 -14.17
C ARG D 78 -8.72 -24.03 -13.62
N GLU D 79 -8.61 -25.03 -14.49
CA GLU D 79 -8.88 -26.41 -14.08
C GLU D 79 -7.66 -27.03 -13.39
N ILE D 80 -7.89 -27.69 -12.25
CA ILE D 80 -6.86 -28.43 -11.52
C ILE D 80 -7.35 -29.87 -11.37
N LYS D 81 -6.60 -30.82 -11.92
CA LYS D 81 -7.05 -32.21 -11.87
C LYS D 81 -6.90 -32.76 -10.45
N VAL D 82 -7.86 -33.60 -10.07
CA VAL D 82 -7.91 -34.21 -8.74
C VAL D 82 -7.79 -35.72 -8.90
N PHE D 83 -6.91 -36.33 -8.11
CA PHE D 83 -6.74 -37.77 -8.10
C PHE D 83 -6.89 -38.27 -6.66
N ALA D 84 -7.15 -39.58 -6.54
CA ALA D 84 -7.32 -40.19 -5.23
C ALA D 84 -6.63 -41.55 -5.18
N ASN D 85 -5.39 -41.60 -5.66
CA ASN D 85 -4.58 -42.80 -5.69
C ASN D 85 -3.55 -42.74 -4.56
N PRO D 86 -3.56 -43.68 -3.62
CA PRO D 86 -2.60 -43.64 -2.51
C PRO D 86 -1.23 -44.23 -2.80
N ASN D 87 -0.88 -44.56 -4.04
CA ASN D 87 0.49 -44.96 -4.38
C ASN D 87 1.05 -44.02 -5.44
N PRO D 88 2.02 -43.18 -5.10
CA PRO D 88 2.48 -42.14 -6.02
C PRO D 88 3.05 -42.65 -7.34
N GLU D 89 3.56 -43.90 -7.39
CA GLU D 89 4.08 -44.48 -8.62
C GLU D 89 3.11 -44.31 -9.78
N GLU D 90 1.82 -44.46 -9.50
CA GLU D 90 0.79 -44.51 -10.52
C GLU D 90 0.23 -43.15 -10.87
N LEU D 91 0.76 -42.09 -10.32
CA LEU D 91 0.20 -40.80 -10.67
C LEU D 91 0.70 -40.34 -12.03
N PRO D 92 -0.15 -39.63 -12.81
CA PRO D 92 0.21 -39.26 -14.19
C PRO D 92 1.13 -38.06 -14.26
N TRP D 93 2.11 -37.99 -13.37
CA TRP D 93 2.96 -36.80 -13.27
C TRP D 93 3.69 -36.55 -14.57
N GLY D 94 4.20 -37.60 -15.20
CA GLY D 94 4.81 -37.44 -16.52
C GLY D 94 3.81 -36.97 -17.55
N GLU D 95 2.65 -37.63 -17.62
CA GLU D 95 1.68 -37.29 -18.66
C GLU D 95 1.21 -35.85 -18.55
N LEU D 96 1.20 -35.28 -17.33
CA LEU D 96 0.79 -33.90 -17.10
C LEU D 96 1.94 -32.89 -17.11
N GLY D 97 3.17 -33.35 -17.32
CA GLY D 97 4.28 -32.41 -17.33
C GLY D 97 4.55 -31.78 -15.99
N VAL D 98 4.48 -32.55 -14.91
CA VAL D 98 4.63 -31.98 -13.58
C VAL D 98 6.10 -31.72 -13.33
N ASP D 99 6.43 -30.47 -13.03
CA ASP D 99 7.82 -30.12 -12.75
C ASP D 99 8.23 -30.51 -11.34
N VAL D 100 7.43 -30.12 -10.34
CA VAL D 100 7.75 -30.37 -8.95
C VAL D 100 6.52 -30.89 -8.23
N VAL D 101 6.71 -31.84 -7.32
CA VAL D 101 5.68 -32.32 -6.43
C VAL D 101 5.94 -31.74 -5.05
N LEU D 102 4.92 -31.08 -4.47
CA LEU D 102 4.93 -30.78 -3.05
C LEU D 102 4.42 -32.01 -2.33
N GLU D 103 5.30 -32.72 -1.62
CA GLU D 103 4.92 -33.95 -0.93
C GLU D 103 4.45 -33.59 0.48
N CYS D 104 3.13 -33.57 0.69
CA CYS D 104 2.54 -33.08 1.93
C CYS D 104 1.66 -34.12 2.62
N THR D 105 1.85 -35.41 2.34
CA THR D 105 1.01 -36.42 2.95
C THR D 105 1.45 -36.80 4.36
N GLY D 106 2.71 -36.56 4.70
CA GLY D 106 3.25 -37.07 5.92
C GLY D 106 3.59 -38.54 5.87
N PHE D 107 3.39 -39.19 4.73
CA PHE D 107 3.61 -40.61 4.58
C PHE D 107 4.78 -40.95 3.67
N PHE D 108 5.48 -39.98 3.12
CA PHE D 108 6.60 -40.23 2.21
C PHE D 108 7.81 -39.38 2.56
N THR D 109 8.14 -39.30 3.85
CA THR D 109 9.10 -38.33 4.35
C THR D 109 10.55 -38.86 4.35
N ASN D 110 10.93 -39.61 3.33
CA ASN D 110 12.34 -39.93 3.07
C ASN D 110 12.54 -40.04 1.57
N LYS D 111 13.80 -40.23 1.16
CA LYS D 111 14.14 -40.14 -0.25
C LYS D 111 13.56 -41.27 -1.09
N THR D 112 13.71 -42.53 -0.65
CA THR D 112 13.25 -43.65 -1.47
C THR D 112 11.73 -43.61 -1.62
N LYS D 113 11.00 -43.26 -0.56
CA LYS D 113 9.55 -43.16 -0.68
C LYS D 113 9.15 -42.00 -1.58
N ALA D 114 9.81 -40.85 -1.45
CA ALA D 114 9.43 -39.68 -2.25
C ALA D 114 9.85 -39.82 -3.72
N GLU D 115 10.88 -40.61 -4.02
CA GLU D 115 11.31 -40.72 -5.41
C GLU D 115 10.26 -41.38 -6.29
N ALA D 116 9.17 -41.91 -5.73
CA ALA D 116 8.12 -42.47 -6.55
C ALA D 116 7.54 -41.41 -7.49
N HIS D 117 7.44 -40.16 -7.03
CA HIS D 117 6.99 -39.06 -7.86
C HIS D 117 7.91 -38.83 -9.06
N ILE D 118 9.21 -39.06 -8.89
CA ILE D 118 10.13 -38.95 -10.02
C ILE D 118 9.88 -40.07 -11.01
N ARG D 119 9.62 -41.29 -10.52
CA ARG D 119 9.39 -42.43 -11.39
C ARG D 119 8.07 -42.29 -12.14
N ALA D 120 7.11 -41.56 -11.57
CA ALA D 120 5.85 -41.25 -12.22
C ALA D 120 5.95 -40.10 -13.22
N GLY D 121 7.14 -39.50 -13.37
CA GLY D 121 7.36 -38.52 -14.41
C GLY D 121 7.64 -37.12 -13.93
N ALA D 122 7.65 -36.86 -12.62
CA ALA D 122 7.99 -35.53 -12.15
C ALA D 122 9.50 -35.34 -12.13
N ARG D 123 9.91 -34.07 -12.16
CA ARG D 123 11.34 -33.75 -12.22
C ARG D 123 11.97 -33.62 -10.84
N LYS D 124 11.28 -32.98 -9.89
CA LYS D 124 11.83 -32.68 -8.58
C LYS D 124 10.73 -32.88 -7.54
N VAL D 125 11.13 -33.05 -6.28
CA VAL D 125 10.18 -33.20 -5.17
C VAL D 125 10.63 -32.34 -4.00
N VAL D 126 9.67 -31.64 -3.38
CA VAL D 126 9.92 -30.95 -2.11
C VAL D 126 9.03 -31.58 -1.05
N ILE D 127 9.65 -32.15 -0.02
CA ILE D 127 8.96 -32.77 1.10
C ILE D 127 8.64 -31.68 2.13
N SER D 128 7.36 -31.57 2.49
CA SER D 128 6.91 -30.57 3.45
C SER D 128 7.17 -30.98 4.89
N ALA D 129 8.31 -31.57 5.16
CA ALA D 129 8.62 -32.10 6.48
C ALA D 129 10.10 -32.43 6.48
N PRO D 130 10.70 -32.76 7.62
CA PRO D 130 12.04 -33.35 7.59
C PRO D 130 12.00 -34.58 6.71
N GLY D 131 13.04 -34.74 5.89
CA GLY D 131 13.00 -35.83 4.94
C GLY D 131 14.08 -36.86 5.11
N GLY D 132 14.73 -36.91 6.27
CA GLY D 132 15.88 -37.76 6.45
C GLY D 132 17.17 -37.06 6.06
N ASN D 133 18.29 -37.67 6.40
CA ASN D 133 19.52 -36.92 6.24
C ASN D 133 20.14 -37.02 4.85
N ASP D 134 19.66 -37.92 3.99
CA ASP D 134 20.21 -37.97 2.65
C ASP D 134 19.41 -37.09 1.71
N VAL D 135 18.61 -36.20 2.29
CA VAL D 135 17.85 -35.19 1.58
C VAL D 135 18.26 -33.89 2.22
N LYS D 136 18.64 -32.90 1.40
CA LYS D 136 19.02 -31.60 1.93
C LYS D 136 17.82 -30.91 2.56
N THR D 137 18.06 -30.24 3.70
CA THR D 137 17.02 -29.58 4.48
C THR D 137 17.23 -28.08 4.35
N VAL D 138 16.24 -27.38 3.81
CA VAL D 138 16.38 -25.97 3.43
C VAL D 138 15.37 -25.15 4.24
N VAL D 139 15.87 -24.17 4.98
CA VAL D 139 15.04 -23.12 5.56
C VAL D 139 15.27 -21.88 4.70
N TYR D 140 14.23 -21.47 3.98
CA TYR D 140 14.40 -20.34 3.09
C TYR D 140 14.76 -19.10 3.89
N GLY D 141 15.73 -18.34 3.37
CA GLY D 141 16.29 -17.19 4.05
C GLY D 141 17.48 -17.51 4.94
N VAL D 142 17.83 -18.79 5.13
CA VAL D 142 18.95 -19.16 5.97
C VAL D 142 20.02 -19.92 5.20
N ASN D 143 19.61 -20.91 4.39
CA ASN D 143 20.62 -21.76 3.75
C ASN D 143 20.21 -22.31 2.39
N GLN D 144 19.32 -21.63 1.65
CA GLN D 144 18.91 -22.19 0.37
C GLN D 144 20.04 -22.23 -0.64
N ASP D 145 21.10 -21.46 -0.42
CA ASP D 145 22.25 -21.51 -1.32
C ASP D 145 22.94 -22.86 -1.30
N ILE D 146 22.69 -23.72 -0.31
CA ILE D 146 23.34 -25.03 -0.30
C ILE D 146 22.86 -25.91 -1.44
N LEU D 147 21.77 -25.52 -2.10
CA LEU D 147 21.30 -26.27 -3.26
C LEU D 147 22.13 -25.88 -4.48
N ASP D 148 22.54 -26.88 -5.24
CA ASP D 148 23.35 -26.69 -6.44
C ASP D 148 22.60 -27.09 -7.71
N GLY D 149 21.31 -27.40 -7.61
CA GLY D 149 20.51 -27.75 -8.75
C GLY D 149 20.43 -29.23 -9.02
N SER D 150 21.47 -29.99 -8.65
CA SER D 150 21.53 -31.43 -8.91
C SER D 150 20.63 -32.23 -7.97
N GLU D 151 20.03 -31.62 -6.96
CA GLU D 151 19.14 -32.35 -6.09
C GLU D 151 17.82 -32.62 -6.80
N THR D 152 17.26 -33.79 -6.55
CA THR D 152 15.93 -34.15 -7.06
C THR D 152 14.89 -34.10 -5.97
N VAL D 153 15.27 -34.47 -4.75
CA VAL D 153 14.40 -34.47 -3.58
C VAL D 153 15.03 -33.59 -2.51
N ILE D 154 14.27 -32.61 -2.04
CA ILE D 154 14.70 -31.74 -0.96
C ILE D 154 13.59 -31.62 0.09
N SER D 155 13.97 -31.08 1.24
CA SER D 155 13.07 -30.89 2.36
C SER D 155 13.01 -29.41 2.73
N ALA D 156 11.82 -28.93 3.05
CA ALA D 156 11.65 -27.60 3.59
C ALA D 156 11.62 -27.60 5.10
N ALA D 157 12.12 -28.68 5.72
CA ALA D 157 12.22 -28.82 7.17
C ALA D 157 10.85 -28.81 7.83
N SER D 158 10.85 -28.66 9.14
CA SER D 158 9.66 -28.59 9.96
C SER D 158 9.28 -27.14 10.20
N CYS D 159 8.06 -26.95 10.69
CA CYS D 159 7.60 -25.60 11.06
C CYS D 159 8.50 -24.99 12.13
N THR D 160 8.88 -25.78 13.14
CA THR D 160 9.72 -25.27 14.22
C THR D 160 11.12 -24.91 13.72
N THR D 161 11.71 -25.74 12.85
CA THR D 161 13.01 -25.41 12.30
C THR D 161 12.96 -24.09 11.52
N ASN D 162 11.87 -23.86 10.77
CA ASN D 162 11.76 -22.60 10.04
C ASN D 162 11.57 -21.42 10.98
N CYS D 163 10.98 -21.66 12.15
CA CYS D 163 10.83 -20.60 13.13
C CYS D 163 12.16 -20.29 13.80
N LEU D 164 12.85 -21.33 14.23
CA LEU D 164 14.05 -21.17 15.05
C LEU D 164 15.23 -20.65 14.23
N ALA D 165 15.37 -21.11 12.98
CA ALA D 165 16.64 -20.94 12.26
C ALA D 165 17.05 -19.47 12.08
N PRO D 166 16.21 -18.55 11.63
CA PRO D 166 16.70 -17.16 11.48
C PRO D 166 17.07 -16.52 12.81
N MET D 167 16.30 -16.83 13.86
CA MET D 167 16.64 -16.34 15.19
C MET D 167 17.98 -16.91 15.63
N ALA D 168 18.18 -18.22 15.45
CA ALA D 168 19.43 -18.85 15.86
C ALA D 168 20.62 -18.35 15.04
N ALA D 169 20.39 -18.00 13.77
CA ALA D 169 21.48 -17.51 12.92
C ALA D 169 22.00 -16.16 13.39
N VAL D 170 21.11 -15.23 13.79
CA VAL D 170 21.56 -13.92 14.25
C VAL D 170 22.42 -14.07 15.49
N LEU D 171 21.97 -14.87 16.45
CA LEU D 171 22.73 -15.07 17.67
C LEU D 171 24.10 -15.68 17.38
N GLN D 172 24.15 -16.64 16.43
CA GLN D 172 25.43 -17.28 16.11
C GLN D 172 26.38 -16.28 15.47
N LYS D 173 25.89 -15.55 14.46
CA LYS D 173 26.77 -14.61 13.76
C LYS D 173 27.15 -13.44 14.66
N GLU D 174 26.21 -12.92 15.46
CA GLU D 174 26.49 -11.69 16.17
C GLU D 174 27.14 -11.88 17.53
N PHE D 175 26.89 -13.00 18.21
CA PHE D 175 27.42 -13.20 19.56
C PHE D 175 28.17 -14.50 19.75
N GLY D 176 27.93 -15.53 18.94
CA GLY D 176 28.43 -16.87 19.18
C GLY D 176 27.54 -17.66 20.15
N VAL D 177 27.25 -18.91 19.83
CA VAL D 177 26.39 -19.76 20.65
C VAL D 177 27.23 -20.88 21.23
N VAL D 178 27.22 -20.99 22.57
CA VAL D 178 27.85 -22.14 23.22
C VAL D 178 26.95 -23.36 23.16
N GLU D 179 25.73 -23.23 23.68
CA GLU D 179 24.72 -24.28 23.70
C GLU D 179 23.37 -23.62 23.97
N GLY D 180 22.30 -24.36 23.71
CA GLY D 180 20.96 -23.84 23.92
C GLY D 180 19.95 -24.94 24.02
N LEU D 181 18.88 -24.69 24.78
CA LEU D 181 17.73 -25.59 24.85
C LEU D 181 16.49 -24.88 24.33
N MET D 182 15.75 -25.56 23.47
CA MET D 182 14.55 -25.03 22.86
C MET D 182 13.31 -25.62 23.54
N THR D 183 12.27 -24.82 23.64
CA THR D 183 10.94 -25.29 23.98
C THR D 183 9.99 -24.65 22.99
N THR D 184 9.34 -25.44 22.15
CA THR D 184 8.31 -24.88 21.29
C THR D 184 6.98 -25.13 21.98
N ILE D 185 6.24 -24.05 22.23
CA ILE D 185 4.89 -24.16 22.74
C ILE D 185 3.98 -24.10 21.52
N HIS D 186 3.44 -25.26 21.15
CA HIS D 186 3.00 -25.54 19.80
C HIS D 186 1.51 -25.85 19.77
N ALA D 187 0.84 -25.31 18.75
CA ALA D 187 -0.53 -25.66 18.49
C ALA D 187 -0.66 -27.17 18.26
N TYR D 188 -1.81 -27.72 18.64
CA TYR D 188 -2.02 -29.13 18.35
C TYR D 188 -2.24 -29.33 16.87
N THR D 189 -1.95 -30.53 16.41
CA THR D 189 -2.01 -30.86 14.99
C THR D 189 -2.74 -32.19 14.79
N GLY D 190 -2.93 -32.54 13.52
CA GLY D 190 -3.69 -33.74 13.19
C GLY D 190 -3.04 -35.05 13.62
N ASP D 191 -1.78 -35.03 14.04
CA ASP D 191 -1.21 -36.26 14.57
C ASP D 191 -1.59 -36.50 16.02
N GLN D 192 -2.45 -35.66 16.60
CA GLN D 192 -3.00 -35.89 17.92
C GLN D 192 -4.45 -36.31 17.79
N ASN D 193 -4.91 -37.10 18.76
CA ASN D 193 -6.27 -37.61 18.71
C ASN D 193 -7.27 -36.58 19.23
N THR D 194 -8.51 -36.67 18.72
CA THR D 194 -9.55 -35.76 19.18
C THR D 194 -9.87 -36.00 20.64
N LEU D 195 -10.08 -37.25 21.01
CA LEU D 195 -10.26 -37.65 22.39
C LEU D 195 -9.27 -38.78 22.65
N ASP D 196 -9.07 -39.08 23.94
CA ASP D 196 -8.17 -40.17 24.35
C ASP D 196 -8.50 -41.46 23.62
N ALA D 197 -7.51 -41.99 22.88
CA ALA D 197 -7.70 -43.19 22.07
C ALA D 197 -6.32 -43.73 21.69
N PRO D 198 -6.23 -45.00 21.29
CA PRO D 198 -4.94 -45.54 20.85
C PRO D 198 -4.31 -44.68 19.75
N HIS D 199 -3.00 -44.60 19.76
CA HIS D 199 -2.32 -43.78 18.78
C HIS D 199 -1.62 -44.67 17.76
N ARG D 200 -1.74 -44.28 16.48
CA ARG D 200 -1.25 -45.12 15.40
C ARG D 200 0.23 -45.44 15.56
N LYS D 201 1.03 -44.46 15.97
CA LYS D 201 2.48 -44.61 16.11
C LYS D 201 2.93 -44.89 17.54
N GLY D 202 2.02 -45.25 18.44
CA GLY D 202 2.40 -45.67 19.78
C GLY D 202 2.80 -44.57 20.73
N ASP D 203 2.64 -43.30 20.36
CA ASP D 203 2.98 -42.19 21.24
C ASP D 203 1.87 -42.02 22.28
N LEU D 204 2.21 -42.26 23.55
CA LEU D 204 1.25 -42.22 24.66
C LEU D 204 0.72 -40.83 24.96
N ARG D 205 1.42 -39.77 24.54
CA ARG D 205 0.92 -38.44 24.83
C ARG D 205 0.08 -37.89 23.67
N ARG D 206 0.49 -38.16 22.44
CA ARG D 206 -0.32 -37.78 21.29
C ARG D 206 -1.59 -38.61 21.21
N ALA D 207 -1.71 -39.68 22.01
CA ALA D 207 -2.96 -40.42 22.16
C ALA D 207 -4.04 -39.61 22.88
N ARG D 208 -3.67 -38.58 23.63
CA ARG D 208 -4.60 -37.88 24.49
C ARG D 208 -5.34 -36.79 23.72
N ALA D 209 -6.54 -36.46 24.22
CA ALA D 209 -7.38 -35.42 23.63
C ALA D 209 -6.60 -34.12 23.43
N ALA D 210 -6.52 -33.67 22.17
CA ALA D 210 -5.63 -32.58 21.76
C ALA D 210 -6.05 -31.23 22.34
N ALA D 211 -7.35 -30.95 22.38
CA ALA D 211 -7.85 -29.65 22.78
C ALA D 211 -8.10 -29.59 24.28
N LEU D 212 -7.66 -30.60 25.03
CA LEU D 212 -7.85 -30.66 26.47
C LEU D 212 -6.57 -30.61 27.27
N ASN D 213 -5.39 -30.62 26.63
CA ASN D 213 -4.19 -30.95 27.38
C ASN D 213 -2.98 -30.11 26.95
N ILE D 214 -2.13 -29.84 27.93
CA ILE D 214 -0.73 -29.56 27.63
C ILE D 214 -0.03 -30.91 27.45
N VAL D 215 0.55 -31.12 26.28
CA VAL D 215 1.04 -32.43 25.86
C VAL D 215 2.53 -32.31 25.55
N PRO D 216 3.39 -32.79 26.44
CA PRO D 216 4.81 -32.84 26.11
C PRO D 216 5.03 -33.75 24.92
N ASN D 217 5.93 -33.36 24.03
CA ASN D 217 6.23 -34.20 22.89
C ASN D 217 7.60 -33.84 22.35
N SER D 218 8.24 -34.83 21.73
CA SER D 218 9.58 -34.63 21.24
C SER D 218 9.55 -33.98 19.86
N THR D 219 10.68 -33.37 19.51
CA THR D 219 10.89 -32.74 18.22
C THR D 219 12.39 -32.71 17.94
N GLY D 220 12.75 -32.90 16.67
CA GLY D 220 14.13 -32.85 16.25
C GLY D 220 14.52 -31.49 15.71
N ALA D 221 13.64 -30.49 15.84
CA ALA D 221 13.84 -29.19 15.21
C ALA D 221 15.15 -28.54 15.64
N ALA D 222 15.43 -28.55 16.94
CA ALA D 222 16.63 -27.87 17.43
C ALA D 222 17.89 -28.57 16.92
N LYS D 223 17.88 -29.90 16.83
CA LYS D 223 18.98 -30.63 16.24
C LYS D 223 19.11 -30.33 14.76
N ALA D 224 17.97 -30.09 14.07
CA ALA D 224 18.06 -29.85 12.63
C ALA D 224 18.75 -28.52 12.33
N ILE D 225 18.73 -27.59 13.28
CA ILE D 225 19.45 -26.32 13.11
C ILE D 225 20.94 -26.58 12.86
N GLY D 226 21.49 -27.64 13.45
CA GLY D 226 22.86 -28.02 13.20
C GLY D 226 23.13 -28.43 11.77
N LEU D 227 22.06 -28.79 11.02
CA LEU D 227 22.16 -29.08 9.60
C LEU D 227 21.88 -27.85 8.76
N VAL D 228 20.93 -27.02 9.20
CA VAL D 228 20.60 -25.81 8.46
C VAL D 228 21.69 -24.77 8.65
N ILE D 229 22.22 -24.69 9.86
CA ILE D 229 23.29 -23.74 10.16
C ILE D 229 24.45 -24.60 10.67
N PRO D 230 25.38 -24.99 9.80
CA PRO D 230 26.42 -25.94 10.22
C PRO D 230 27.26 -25.46 11.40
N GLU D 231 27.38 -24.15 11.61
CA GLU D 231 28.20 -23.73 12.74
C GLU D 231 27.49 -23.90 14.08
N LEU D 232 26.26 -24.42 14.07
CA LEU D 232 25.54 -24.78 15.28
C LEU D 232 25.41 -26.29 15.44
N ASN D 233 26.21 -27.07 14.72
CA ASN D 233 26.12 -28.52 14.77
C ASN D 233 26.41 -29.01 16.18
N GLY D 234 25.51 -29.83 16.71
CA GLY D 234 25.65 -30.38 18.05
C GLY D 234 25.44 -29.41 19.20
N LYS D 235 24.97 -28.18 18.97
CA LYS D 235 24.90 -27.21 20.06
C LYS D 235 23.52 -27.01 20.65
N LEU D 236 22.44 -27.44 19.97
CA LEU D 236 21.09 -27.19 20.44
C LEU D 236 20.30 -28.49 20.55
N ASP D 237 19.36 -28.52 21.48
CA ASP D 237 18.33 -29.54 21.51
C ASP D 237 17.09 -28.93 22.16
N GLY D 238 16.02 -29.70 22.24
CA GLY D 238 14.80 -29.19 22.84
C GLY D 238 13.64 -30.13 22.63
N SER D 239 12.45 -29.64 22.98
CA SER D 239 11.25 -30.44 22.92
C SER D 239 10.05 -29.50 22.83
N ALA D 240 8.86 -30.10 22.74
CA ALA D 240 7.63 -29.38 22.49
C ALA D 240 6.63 -29.60 23.62
N GLN D 241 5.74 -28.62 23.77
CA GLN D 241 4.53 -28.72 24.56
C GLN D 241 3.42 -28.32 23.61
N ARG D 242 2.59 -29.30 23.22
CA ARG D 242 1.41 -29.03 22.41
C ARG D 242 0.31 -28.51 23.32
N VAL D 243 -0.35 -27.43 22.92
CA VAL D 243 -1.35 -26.81 23.78
C VAL D 243 -2.60 -26.53 22.96
N PRO D 244 -3.72 -26.31 23.63
CA PRO D 244 -5.03 -26.23 22.95
C PRO D 244 -5.33 -24.91 22.24
N VAL D 245 -4.51 -24.59 21.24
CA VAL D 245 -4.89 -23.66 20.18
C VAL D 245 -4.76 -24.44 18.87
N ALA D 246 -5.68 -24.17 17.93
CA ALA D 246 -5.78 -24.98 16.72
C ALA D 246 -4.71 -24.64 15.67
N THR D 247 -4.07 -23.49 15.79
CA THR D 247 -2.91 -23.15 14.99
C THR D 247 -2.29 -21.92 15.62
N GLY D 248 -1.00 -21.71 15.33
CA GLY D 248 -0.26 -20.62 15.92
C GLY D 248 0.60 -21.09 17.07
N SER D 249 1.89 -20.75 17.04
CA SER D 249 2.85 -21.36 17.95
C SER D 249 3.96 -20.38 18.28
N LEU D 250 4.79 -20.77 19.25
CA LEU D 250 6.02 -20.03 19.48
C LEU D 250 7.15 -20.98 19.88
N THR D 251 8.37 -20.52 19.64
CA THR D 251 9.59 -21.23 19.98
C THR D 251 10.40 -20.32 20.89
N GLU D 252 10.70 -20.80 22.08
CA GLU D 252 11.64 -20.18 23.00
C GLU D 252 13.00 -20.86 22.84
N LEU D 253 14.07 -20.07 22.91
CA LEU D 253 15.43 -20.61 23.00
C LEU D 253 16.11 -20.02 24.23
N VAL D 254 16.53 -20.88 25.15
CA VAL D 254 17.36 -20.48 26.28
C VAL D 254 18.80 -20.89 25.96
N SER D 255 19.70 -19.90 25.83
CA SER D 255 21.04 -20.18 25.34
C SER D 255 22.11 -19.49 26.18
N VAL D 256 23.32 -20.07 26.12
CA VAL D 256 24.55 -19.48 26.65
C VAL D 256 25.34 -18.95 25.47
N LEU D 257 25.66 -17.66 25.48
CA LEU D 257 26.38 -17.03 24.38
C LEU D 257 27.88 -16.96 24.65
N GLU D 258 28.63 -16.65 23.57
CA GLU D 258 30.08 -16.59 23.68
C GLU D 258 30.60 -15.23 24.10
N ARG D 259 29.81 -14.17 23.92
CA ARG D 259 30.17 -12.81 24.30
C ARG D 259 29.00 -12.18 25.04
N PRO D 260 29.27 -11.16 25.85
CA PRO D 260 28.17 -10.50 26.57
C PRO D 260 27.22 -9.85 25.60
N ALA D 261 25.95 -9.78 26.00
CA ALA D 261 24.87 -9.24 25.20
C ALA D 261 23.89 -8.53 26.11
N THR D 262 23.15 -7.58 25.55
CA THR D 262 22.03 -6.94 26.22
C THR D 262 20.75 -7.16 25.43
N LYS D 263 19.62 -6.92 26.10
CA LYS D 263 18.33 -7.06 25.41
C LYS D 263 18.29 -6.19 24.15
N GLU D 264 18.82 -4.96 24.24
CA GLU D 264 18.77 -4.03 23.13
C GLU D 264 19.63 -4.50 21.97
N GLU D 265 20.85 -4.99 22.26
CA GLU D 265 21.69 -5.49 21.19
C GLU D 265 21.04 -6.68 20.50
N ILE D 266 20.50 -7.61 21.28
CA ILE D 266 19.84 -8.77 20.69
C ILE D 266 18.69 -8.33 19.79
N ASN D 267 17.86 -7.40 20.29
CA ASN D 267 16.71 -6.96 19.52
C ASN D 267 17.12 -6.17 18.28
N ALA D 268 18.12 -5.29 18.40
CA ALA D 268 18.54 -4.52 17.24
C ALA D 268 19.08 -5.44 16.16
N ALA D 269 19.80 -6.50 16.56
CA ALA D 269 20.32 -7.41 15.57
C ALA D 269 19.20 -8.20 14.90
N MET D 270 18.20 -8.60 15.68
CA MET D 270 17.05 -9.28 15.10
C MET D 270 16.33 -8.37 14.10
N LYS D 271 16.08 -7.12 14.49
CA LYS D 271 15.43 -6.21 13.56
C LYS D 271 16.28 -5.99 12.30
N ALA D 272 17.60 -5.88 12.46
CA ALA D 272 18.47 -5.66 11.32
C ALA D 272 18.41 -6.80 10.30
N ALA D 273 18.16 -8.02 10.75
CA ALA D 273 18.07 -9.19 9.87
C ALA D 273 16.65 -9.46 9.33
N SER D 274 15.68 -8.60 9.61
CA SER D 274 14.32 -8.90 9.20
C SER D 274 14.17 -8.85 7.68
N SER D 275 13.24 -9.66 7.18
CA SER D 275 13.05 -9.86 5.74
C SER D 275 11.62 -10.31 5.50
N GLU D 276 11.36 -10.77 4.27
CA GLU D 276 10.05 -11.36 4.01
C GLU D 276 9.87 -12.65 4.79
N SER D 277 10.97 -13.33 5.10
CA SER D 277 10.89 -14.59 5.84
C SER D 277 10.94 -14.40 7.34
N TYR D 278 11.67 -13.40 7.81
CA TYR D 278 11.91 -13.21 9.24
C TYR D 278 11.33 -11.85 9.63
N GLY D 279 10.19 -11.87 10.32
CA GLY D 279 9.56 -10.65 10.77
C GLY D 279 10.04 -10.20 12.14
N TYR D 280 9.82 -8.93 12.44
CA TYR D 280 10.23 -8.32 13.70
C TYR D 280 9.02 -7.66 14.36
N ASN D 281 8.72 -8.04 15.61
CA ASN D 281 7.54 -7.56 16.31
C ASN D 281 7.91 -6.87 17.63
N GLU D 282 7.21 -5.77 17.92
CA GLU D 282 7.39 -5.07 19.18
C GLU D 282 6.08 -4.89 19.93
N ASP D 283 4.96 -5.40 19.40
CA ASP D 283 3.67 -5.27 20.06
C ASP D 283 3.39 -6.44 21.00
N GLN D 284 2.44 -6.20 21.89
CA GLN D 284 2.03 -7.16 22.91
C GLN D 284 0.97 -8.11 22.35
N ILE D 285 1.43 -8.96 21.43
CA ILE D 285 0.56 -9.83 20.68
C ILE D 285 0.40 -11.17 21.42
N VAL D 286 -0.64 -11.91 21.03
CA VAL D 286 -0.92 -13.26 21.50
C VAL D 286 -1.03 -14.18 20.27
N SER D 287 -1.21 -15.49 20.48
CA SER D 287 -0.99 -16.45 19.41
C SER D 287 -1.95 -16.24 18.22
N SER D 288 -3.21 -15.87 18.50
CA SER D 288 -4.15 -15.69 17.39
C SER D 288 -3.78 -14.51 16.47
N ASP D 289 -3.04 -13.51 16.95
CA ASP D 289 -2.57 -12.44 16.07
C ASP D 289 -1.61 -12.94 14.99
N VAL D 290 -1.11 -14.16 15.15
CA VAL D 290 -0.09 -14.74 14.28
C VAL D 290 -0.72 -15.64 13.23
N VAL D 291 -1.99 -16.03 13.41
CA VAL D 291 -2.67 -16.88 12.44
C VAL D 291 -2.68 -16.20 11.09
N GLY D 292 -2.17 -16.91 10.07
CA GLY D 292 -2.20 -16.42 8.71
C GLY D 292 -1.05 -15.51 8.31
N ILE D 293 -0.06 -15.26 9.20
CA ILE D 293 1.08 -14.44 8.78
C ILE D 293 1.90 -15.18 7.73
N GLU D 294 2.63 -14.40 6.93
CA GLU D 294 3.44 -14.93 5.85
C GLU D 294 4.93 -14.95 6.18
N TYR D 295 5.35 -14.39 7.31
CA TYR D 295 6.69 -14.63 7.80
C TYR D 295 6.80 -16.08 8.19
N GLY D 296 7.94 -16.71 7.90
CA GLY D 296 8.23 -18.01 8.48
C GLY D 296 8.56 -17.92 9.96
N SER D 297 8.99 -16.75 10.41
CA SER D 297 9.31 -16.55 11.80
C SER D 297 9.07 -15.08 12.10
N LEU D 298 8.50 -14.81 13.27
CA LEU D 298 8.18 -13.45 13.70
C LEU D 298 8.82 -13.27 15.07
N PHE D 299 9.95 -12.56 15.11
CA PHE D 299 10.67 -12.37 16.36
C PHE D 299 9.91 -11.39 17.25
N ASP D 300 9.83 -11.73 18.53
CA ASP D 300 9.10 -10.93 19.51
C ASP D 300 10.13 -10.29 20.45
N ALA D 301 10.47 -9.03 20.16
CA ALA D 301 11.41 -8.30 21.00
C ALA D 301 10.90 -8.11 22.42
N THR D 302 9.57 -8.19 22.64
CA THR D 302 9.01 -7.98 23.98
C THR D 302 9.32 -9.12 24.94
N GLN D 303 9.78 -10.27 24.46
CA GLN D 303 10.09 -11.39 25.36
C GLN D 303 11.59 -11.62 25.56
N THR D 304 12.45 -10.77 24.98
CA THR D 304 13.88 -10.97 25.10
C THR D 304 14.34 -10.76 26.55
N ARG D 305 15.10 -11.73 27.06
CA ARG D 305 15.61 -11.69 28.43
C ARG D 305 17.08 -12.08 28.44
N VAL D 306 17.92 -11.21 29.00
CA VAL D 306 19.31 -11.50 29.29
C VAL D 306 19.47 -11.44 30.80
N MET D 307 19.78 -12.57 31.42
CA MET D 307 19.96 -12.65 32.86
C MET D 307 21.44 -12.84 33.18
N THR D 308 21.99 -11.93 33.99
CA THR D 308 23.40 -11.95 34.34
C THR D 308 23.51 -12.19 35.84
N VAL D 309 24.25 -13.22 36.23
CA VAL D 309 24.45 -13.58 37.63
C VAL D 309 25.95 -13.77 37.84
N GLY D 310 26.58 -12.85 38.57
CA GLY D 310 28.02 -12.91 38.79
C GLY D 310 28.82 -13.07 37.52
N GLY D 311 28.49 -12.29 36.49
CA GLY D 311 29.17 -12.37 35.22
C GLY D 311 28.66 -13.41 34.25
N LYS D 312 27.96 -14.45 34.73
CA LYS D 312 27.44 -15.48 33.85
C LYS D 312 26.09 -15.06 33.27
N GLN D 313 25.93 -15.20 31.95
CA GLN D 313 24.72 -14.77 31.26
C GLN D 313 23.96 -15.98 30.74
N LEU D 314 22.64 -15.88 30.83
CA LEU D 314 21.71 -16.86 30.27
C LEU D 314 20.66 -16.07 29.49
N VAL D 315 20.35 -16.51 28.28
CA VAL D 315 19.60 -15.71 27.32
C VAL D 315 18.38 -16.47 26.86
N LYS D 316 17.23 -15.80 26.84
CA LYS D 316 16.01 -16.34 26.28
C LYS D 316 15.56 -15.44 25.13
N THR D 317 15.33 -16.02 23.96
CA THR D 317 14.74 -15.33 22.83
C THR D 317 13.55 -16.15 22.35
N VAL D 318 12.51 -15.47 21.89
CA VAL D 318 11.25 -16.13 21.50
C VAL D 318 10.79 -15.61 20.14
N ALA D 319 10.36 -16.53 19.28
CA ALA D 319 9.76 -16.16 18.00
C ALA D 319 8.42 -16.87 17.85
N TRP D 320 7.46 -16.16 17.25
CA TRP D 320 6.16 -16.73 16.89
C TRP D 320 6.22 -17.38 15.51
N TYR D 321 5.25 -18.25 15.27
CA TYR D 321 5.01 -18.76 13.93
C TYR D 321 3.61 -19.32 13.83
N ASP D 322 2.98 -19.09 12.68
CA ASP D 322 1.81 -19.88 12.33
C ASP D 322 2.33 -21.17 11.73
N ASN D 323 2.30 -22.25 12.53
CA ASN D 323 2.84 -23.52 12.06
C ASN D 323 2.19 -23.96 10.75
N GLU D 324 1.02 -23.41 10.42
CA GLU D 324 0.41 -23.64 9.12
C GLU D 324 0.90 -22.64 8.08
N MET D 325 0.46 -21.38 8.19
CA MET D 325 0.69 -20.45 7.10
C MET D 325 2.15 -20.02 7.00
N SER D 326 2.83 -19.82 8.14
CA SER D 326 4.25 -19.45 8.11
C SER D 326 5.07 -20.51 7.41
N TYR D 327 4.82 -21.77 7.75
CA TYR D 327 5.57 -22.83 7.11
C TYR D 327 5.20 -22.92 5.63
N THR D 328 3.90 -22.81 5.31
CA THR D 328 3.45 -22.90 3.92
C THR D 328 4.16 -21.87 3.05
N CYS D 329 4.26 -20.62 3.51
CA CYS D 329 4.93 -19.57 2.74
C CYS D 329 6.44 -19.84 2.62
N GLN D 330 7.05 -20.39 3.67
CA GLN D 330 8.43 -20.87 3.56
C GLN D 330 8.53 -22.01 2.55
N LEU D 331 7.57 -22.94 2.59
CA LEU D 331 7.55 -24.02 1.62
C LEU D 331 7.47 -23.49 0.20
N VAL D 332 6.66 -22.45 -0.01
CA VAL D 332 6.47 -21.95 -1.38
C VAL D 332 7.71 -21.20 -1.84
N ARG D 333 8.31 -20.40 -0.95
CA ARG D 333 9.54 -19.73 -1.33
C ARG D 333 10.62 -20.74 -1.74
N THR D 334 10.80 -21.79 -0.93
CA THR D 334 11.78 -22.82 -1.24
C THR D 334 11.47 -23.49 -2.58
N LEU D 335 10.18 -23.75 -2.83
CA LEU D 335 9.74 -24.33 -4.09
C LEU D 335 10.13 -23.46 -5.29
N GLU D 336 9.83 -22.18 -5.20
CA GLU D 336 10.12 -21.28 -6.31
C GLU D 336 11.62 -21.20 -6.55
N TYR D 337 12.39 -21.09 -5.47
CA TYR D 337 13.83 -21.04 -5.61
C TYR D 337 14.36 -22.37 -6.19
N PHE D 338 13.88 -23.49 -5.67
CA PHE D 338 14.32 -24.79 -6.16
C PHE D 338 13.91 -24.99 -7.62
N ALA D 339 12.73 -24.51 -7.99
CA ALA D 339 12.25 -24.65 -9.35
C ALA D 339 13.03 -23.79 -10.33
N GLY D 340 13.56 -22.65 -9.87
CA GLY D 340 14.35 -21.79 -10.73
C GLY D 340 15.73 -22.31 -11.07
N LYS D 341 16.19 -23.36 -10.43
CA LYS D 341 17.47 -23.96 -10.79
C LYS D 341 17.27 -25.14 -11.74
N ILE E 15 38.25 7.30 -11.72
CA ILE E 15 37.29 8.01 -12.55
C ILE E 15 37.99 8.94 -13.53
N ASN E 16 38.00 8.58 -14.81
CA ASN E 16 38.57 9.42 -15.86
C ASN E 16 37.45 10.11 -16.63
N GLY E 17 37.43 11.43 -16.58
CA GLY E 17 36.36 12.17 -17.20
C GLY E 17 35.30 12.59 -16.22
N PHE E 18 35.43 13.81 -15.71
CA PHE E 18 34.51 14.34 -14.73
C PHE E 18 33.35 15.06 -15.41
N GLY E 19 32.71 14.37 -16.35
CA GLY E 19 31.63 14.93 -17.13
C GLY E 19 30.29 14.66 -16.47
N ARG E 20 29.26 14.54 -17.30
CA ARG E 20 27.94 14.22 -16.76
C ARG E 20 27.97 12.94 -15.95
N ILE E 21 28.43 11.85 -16.56
CA ILE E 21 28.44 10.55 -15.89
C ILE E 21 29.45 10.53 -14.75
N GLY E 22 30.67 11.03 -15.01
CA GLY E 22 31.71 10.97 -13.99
C GLY E 22 31.31 11.66 -12.69
N ARG E 23 30.76 12.87 -12.79
CA ARG E 23 30.44 13.64 -11.58
C ARG E 23 29.28 13.01 -10.83
N LEU E 24 28.24 12.59 -11.55
CA LEU E 24 27.14 11.89 -10.89
C LEU E 24 27.61 10.57 -10.31
N ALA E 25 28.54 9.90 -10.99
CA ALA E 25 29.09 8.67 -10.44
C ALA E 25 29.67 8.91 -9.05
N LEU E 26 30.37 10.02 -8.88
CA LEU E 26 30.90 10.35 -7.56
C LEU E 26 29.79 10.54 -6.54
N ARG E 27 28.71 11.25 -6.90
CA ARG E 27 27.59 11.42 -5.99
C ARG E 27 27.07 10.09 -5.47
N GLN E 28 26.91 9.12 -6.36
CA GLN E 28 26.30 7.87 -5.95
C GLN E 28 27.23 7.07 -5.05
N ILE E 29 28.53 7.14 -5.30
CA ILE E 29 29.50 6.41 -4.50
C ILE E 29 29.59 6.97 -3.07
N GLU E 30 29.40 8.29 -2.91
CA GLU E 30 29.37 8.87 -1.57
C GLU E 30 28.27 8.23 -0.73
N LYS E 31 27.15 7.89 -1.36
CA LYS E 31 26.02 7.26 -0.71
C LYS E 31 26.19 5.76 -0.60
N ALA E 32 27.30 5.22 -1.07
CA ALA E 32 27.49 3.78 -1.08
C ALA E 32 28.25 3.35 0.15
N HIS E 33 27.96 2.14 0.61
CA HIS E 33 28.63 1.58 1.78
C HIS E 33 29.63 0.59 1.24
N GLY E 34 30.91 0.81 1.54
CA GLY E 34 31.98 -0.09 1.14
C GLY E 34 32.83 0.34 -0.04
N ILE E 35 32.56 1.48 -0.67
CA ILE E 35 33.31 1.92 -1.84
C ILE E 35 33.46 3.44 -1.81
N GLU E 36 34.60 3.93 -2.29
CA GLU E 36 34.90 5.36 -2.21
C GLU E 36 35.76 5.82 -3.38
N VAL E 37 35.51 7.06 -3.81
CA VAL E 37 36.26 7.73 -4.89
C VAL E 37 37.50 8.40 -4.30
N ALA E 38 38.66 8.12 -4.91
CA ALA E 38 39.89 8.76 -4.48
C ALA E 38 40.37 9.89 -5.40
N ALA E 39 40.06 9.83 -6.70
CA ALA E 39 40.61 10.82 -7.62
C ALA E 39 39.78 10.88 -8.90
N VAL E 40 39.83 12.05 -9.55
CA VAL E 40 39.23 12.30 -10.84
C VAL E 40 40.24 12.96 -11.77
N ASN E 41 40.00 12.84 -13.09
CA ASN E 41 40.80 13.51 -14.10
C ASN E 41 39.90 14.21 -15.10
N ASP E 42 40.29 15.43 -15.47
CA ASP E 42 39.58 16.20 -16.48
C ASP E 42 40.54 17.17 -17.13
N LEU E 43 40.21 17.55 -18.37
CA LEU E 43 41.00 18.51 -19.12
C LEU E 43 40.76 19.94 -18.65
N THR E 44 40.27 20.11 -17.42
CA THR E 44 39.75 21.38 -16.94
C THR E 44 40.34 21.68 -15.58
N PRO E 45 40.53 22.95 -15.26
CA PRO E 45 41.04 23.30 -13.92
C PRO E 45 40.06 22.85 -12.84
N ALA E 46 40.62 22.65 -11.63
CA ALA E 46 39.82 22.14 -10.51
C ALA E 46 38.72 23.10 -10.11
N GLU E 47 38.94 24.42 -10.30
CA GLU E 47 37.89 25.38 -9.98
C GLU E 47 36.63 25.09 -10.79
N MET E 48 36.82 24.76 -12.07
CA MET E 48 35.68 24.45 -12.94
C MET E 48 35.01 23.13 -12.55
N LEU E 49 35.80 22.12 -12.20
CA LEU E 49 35.22 20.84 -11.79
C LEU E 49 34.45 20.97 -10.48
N LEU E 50 35.01 21.73 -9.53
CA LEU E 50 34.34 21.94 -8.25
C LEU E 50 32.98 22.59 -8.45
N HIS E 51 32.94 23.63 -9.27
CA HIS E 51 31.68 24.33 -9.50
C HIS E 51 30.63 23.40 -10.10
N LEU E 52 30.99 22.66 -11.16
CA LEU E 52 30.01 21.80 -11.82
C LEU E 52 29.60 20.61 -10.95
N PHE E 53 30.49 20.11 -10.09
CA PHE E 53 30.07 19.05 -9.19
C PHE E 53 29.07 19.57 -8.17
N LYS E 54 29.31 20.78 -7.65
CA LYS E 54 28.42 21.34 -6.65
C LYS E 54 27.06 21.69 -7.25
N TYR E 55 27.06 22.30 -8.44
CA TYR E 55 25.85 22.84 -9.05
C TYR E 55 25.53 22.09 -10.34
N ASP E 56 24.30 21.58 -10.45
CA ASP E 56 23.90 20.75 -11.57
C ASP E 56 22.51 21.17 -12.03
N SER E 57 22.40 21.56 -13.30
CA SER E 57 21.17 22.15 -13.82
C SER E 57 19.98 21.19 -13.83
N THR E 58 20.22 19.88 -13.91
CA THR E 58 19.10 18.94 -13.91
C THR E 58 19.01 18.09 -12.66
N GLN E 59 20.12 17.79 -12.00
CA GLN E 59 20.16 16.88 -10.87
C GLN E 59 20.14 17.60 -9.54
N GLY E 60 20.02 18.93 -9.53
CA GLY E 60 19.93 19.69 -8.30
C GLY E 60 21.29 19.98 -7.69
N ARG E 61 21.28 20.82 -6.66
CA ARG E 61 22.50 21.10 -5.91
C ARG E 61 23.01 19.83 -5.24
N PHE E 62 24.32 19.80 -5.02
CA PHE E 62 24.90 18.64 -4.36
C PHE E 62 24.46 18.58 -2.90
N GLN E 63 24.02 17.40 -2.45
CA GLN E 63 23.59 17.19 -1.07
C GLN E 63 24.79 16.78 -0.23
N GLY E 64 25.60 17.78 0.12
CA GLY E 64 26.81 17.52 0.85
C GLY E 64 27.72 18.74 0.81
N THR E 65 28.89 18.56 1.40
CA THR E 65 29.93 19.60 1.40
C THR E 65 30.89 19.38 0.24
N ALA E 66 31.33 20.48 -0.37
CA ALA E 66 32.27 20.41 -1.47
C ALA E 66 33.10 21.68 -1.53
N GLU E 67 34.42 21.55 -1.36
CA GLU E 67 35.36 22.67 -1.33
C GLU E 67 36.58 22.33 -2.19
N LEU E 68 37.36 23.36 -2.52
CA LEU E 68 38.54 23.19 -3.38
C LEU E 68 39.82 23.09 -2.57
N ILE E 73 39.70 18.49 -4.45
CA ILE E 73 38.38 18.80 -3.93
C ILE E 73 38.09 17.90 -2.73
N VAL E 74 37.41 18.44 -1.73
CA VAL E 74 37.06 17.70 -0.52
C VAL E 74 35.55 17.57 -0.47
N VAL E 75 35.05 16.35 -0.68
CA VAL E 75 33.62 16.07 -0.72
C VAL E 75 33.28 15.20 0.48
N ASN E 76 32.38 15.67 1.34
CA ASN E 76 31.99 14.97 2.56
C ASN E 76 33.22 14.66 3.41
N GLY E 77 34.15 15.61 3.48
CA GLY E 77 35.36 15.42 4.24
C GLY E 77 36.44 14.74 3.42
N ARG E 78 36.22 13.49 3.04
CA ARG E 78 37.23 12.71 2.32
C ARG E 78 37.90 13.54 1.24
N GLU E 79 39.22 13.42 1.15
CA GLU E 79 39.99 14.19 0.18
C GLU E 79 39.98 13.47 -1.17
N ILE E 80 39.72 14.23 -2.23
CA ILE E 80 39.79 13.72 -3.59
C ILE E 80 40.75 14.60 -4.38
N LYS E 81 41.84 13.99 -4.86
CA LYS E 81 42.81 14.67 -5.68
C LYS E 81 42.31 14.75 -7.13
N VAL E 82 42.66 15.83 -7.81
CA VAL E 82 42.28 16.04 -9.20
C VAL E 82 43.56 16.10 -10.03
N PHE E 83 43.64 15.29 -11.07
CA PHE E 83 44.80 15.27 -11.95
C PHE E 83 44.42 15.42 -13.42
N LEU E 102 36.88 3.95 -13.70
CA LEU E 102 35.76 4.39 -14.52
C LEU E 102 36.11 5.28 -15.69
N GLU E 103 36.01 4.74 -16.89
CA GLU E 103 36.34 5.49 -18.10
C GLU E 103 35.09 6.23 -18.58
N CYS E 104 35.02 7.53 -18.29
CA CYS E 104 33.83 8.33 -18.58
C CYS E 104 34.13 9.53 -19.46
N THR E 105 35.27 9.53 -20.17
CA THR E 105 35.56 10.66 -21.05
C THR E 105 34.88 10.53 -22.39
N GLY E 106 34.50 9.30 -22.79
CA GLY E 106 33.98 9.03 -24.11
C GLY E 106 35.00 8.93 -25.21
N PHE E 107 36.30 9.00 -24.90
CA PHE E 107 37.35 8.97 -25.91
C PHE E 107 38.23 7.73 -25.84
N PHE E 108 37.99 6.84 -24.89
CA PHE E 108 38.77 5.62 -24.72
C PHE E 108 37.84 4.44 -24.50
N THR E 109 36.78 4.39 -25.31
CA THR E 109 35.62 3.51 -25.13
C THR E 109 35.78 2.19 -25.85
N ASN E 110 36.97 1.62 -25.92
CA ASN E 110 37.14 0.27 -26.44
C ASN E 110 38.30 -0.39 -25.72
N LYS E 111 38.53 -1.67 -26.03
CA LYS E 111 39.58 -2.42 -25.35
C LYS E 111 40.95 -1.85 -25.70
N THR E 112 41.17 -1.55 -26.99
CA THR E 112 42.47 -1.06 -27.44
C THR E 112 42.79 0.32 -26.87
N LYS E 113 41.83 1.25 -26.91
CA LYS E 113 42.10 2.60 -26.43
C LYS E 113 42.31 2.60 -24.92
N ALA E 114 41.52 1.81 -24.20
CA ALA E 114 41.64 1.73 -22.76
C ALA E 114 42.89 0.92 -22.41
N VAL E 126 36.37 0.26 -15.61
CA VAL E 126 35.01 0.07 -16.14
C VAL E 126 34.65 1.23 -17.06
N ILE E 127 34.40 0.92 -18.33
CA ILE E 127 34.07 1.93 -19.34
C ILE E 127 32.57 2.23 -19.29
N SER E 128 32.24 3.51 -19.11
CA SER E 128 30.85 3.94 -19.04
C SER E 128 30.23 4.11 -20.44
N ALA E 129 30.45 3.14 -21.33
CA ALA E 129 29.92 3.21 -22.69
C ALA E 129 30.05 1.85 -23.38
N PRO E 130 29.43 1.65 -24.54
CA PRO E 130 29.72 0.44 -25.33
C PRO E 130 31.20 0.35 -25.66
N GLY E 131 31.77 -0.85 -25.48
CA GLY E 131 33.20 -1.04 -25.58
C GLY E 131 33.65 -1.97 -26.69
N GLY E 132 32.80 -2.16 -27.68
CA GLY E 132 33.05 -3.13 -28.73
C GLY E 132 32.45 -4.49 -28.42
N ASN E 133 32.56 -5.38 -29.40
CA ASN E 133 31.97 -6.71 -29.35
C ASN E 133 32.86 -7.72 -28.63
N ASP E 134 34.11 -7.35 -28.34
CA ASP E 134 35.10 -8.21 -27.73
C ASP E 134 35.25 -8.05 -26.23
N VAL E 135 34.36 -7.30 -25.57
CA VAL E 135 34.48 -7.07 -24.14
C VAL E 135 33.15 -7.40 -23.48
N LYS E 136 33.23 -8.04 -22.30
CA LYS E 136 32.01 -8.39 -21.59
C LYS E 136 31.24 -7.12 -21.22
N THR E 137 29.97 -7.09 -21.58
CA THR E 137 29.11 -5.93 -21.39
C THR E 137 28.00 -6.32 -20.42
N VAL E 138 27.88 -5.58 -19.34
CA VAL E 138 27.02 -5.96 -18.23
C VAL E 138 25.93 -4.91 -18.05
N VAL E 139 24.67 -5.36 -18.08
CA VAL E 139 23.54 -4.60 -17.58
C VAL E 139 23.17 -5.23 -16.25
N TYR E 140 23.41 -4.49 -15.17
CA TYR E 140 23.19 -5.02 -13.83
C TYR E 140 21.72 -5.40 -13.65
N GLY E 141 21.49 -6.57 -13.06
CA GLY E 141 20.17 -7.11 -12.96
C GLY E 141 19.75 -7.99 -14.12
N VAL E 142 20.58 -8.09 -15.16
CA VAL E 142 20.28 -8.93 -16.32
C VAL E 142 21.34 -10.00 -16.53
N ASN E 143 22.63 -9.63 -16.51
CA ASN E 143 23.65 -10.59 -16.91
C ASN E 143 24.98 -10.38 -16.20
N GLN E 144 24.97 -9.86 -14.97
CA GLN E 144 26.25 -9.70 -14.29
C GLN E 144 26.90 -11.05 -13.95
N ASP E 145 26.16 -12.17 -13.98
CA ASP E 145 26.77 -13.47 -13.70
C ASP E 145 27.84 -13.86 -14.73
N ILE E 146 27.85 -13.26 -15.92
CA ILE E 146 28.85 -13.59 -16.95
C ILE E 146 30.27 -13.19 -16.57
N LEU E 147 30.45 -12.38 -15.53
CA LEU E 147 31.77 -11.98 -15.06
C LEU E 147 32.39 -13.04 -14.15
N ASP E 148 33.69 -13.31 -14.33
CA ASP E 148 34.41 -14.21 -13.43
C ASP E 148 35.58 -13.52 -12.73
N GLY E 149 35.75 -12.22 -12.90
CA GLY E 149 36.80 -11.49 -12.21
C GLY E 149 38.09 -11.33 -12.98
N SER E 150 38.40 -12.24 -13.90
CA SER E 150 39.65 -12.18 -14.65
C SER E 150 39.66 -11.09 -15.71
N GLU E 151 38.55 -10.39 -15.93
CA GLU E 151 38.50 -9.29 -16.88
C GLU E 151 39.24 -8.08 -16.33
N THR E 152 39.88 -7.33 -17.24
CA THR E 152 40.59 -6.11 -16.87
C THR E 152 39.80 -4.85 -17.18
N VAL E 153 39.11 -4.82 -18.31
CA VAL E 153 38.25 -3.72 -18.70
C VAL E 153 36.91 -4.30 -19.09
N ILE E 154 35.82 -3.81 -18.47
CA ILE E 154 34.47 -4.24 -18.82
C ILE E 154 33.62 -3.02 -19.12
N SER E 155 32.47 -3.27 -19.74
CA SER E 155 31.57 -2.22 -20.18
C SER E 155 30.23 -2.37 -19.48
N ALA E 156 29.65 -1.23 -19.10
CA ALA E 156 28.30 -1.15 -18.57
C ALA E 156 27.27 -0.80 -19.65
N ALA E 157 27.63 -0.94 -20.94
CA ALA E 157 26.75 -0.62 -22.05
C ALA E 157 26.37 0.85 -22.09
N SER E 158 25.33 1.17 -22.85
CA SER E 158 24.80 2.52 -22.96
C SER E 158 23.66 2.73 -21.96
N CYS E 159 23.24 3.99 -21.79
CA CYS E 159 22.03 4.22 -21.02
C CYS E 159 20.86 3.50 -21.65
N THR E 160 20.74 3.56 -22.99
CA THR E 160 19.59 2.92 -23.65
C THR E 160 19.62 1.41 -23.48
N THR E 161 20.81 0.79 -23.56
CA THR E 161 20.85 -0.64 -23.33
C THR E 161 20.35 -1.00 -21.95
N ASN E 162 20.73 -0.21 -20.94
CA ASN E 162 20.29 -0.52 -19.58
C ASN E 162 18.79 -0.30 -19.42
N CYS E 163 18.20 0.58 -20.23
CA CYS E 163 16.76 0.72 -20.21
C CYS E 163 16.07 -0.41 -20.96
N LEU E 164 16.55 -0.72 -22.16
CA LEU E 164 15.90 -1.72 -23.00
C LEU E 164 16.01 -3.12 -22.43
N ALA E 165 17.19 -3.49 -21.92
CA ALA E 165 17.50 -4.90 -21.64
C ALA E 165 16.55 -5.57 -20.67
N PRO E 166 16.24 -5.01 -19.49
CA PRO E 166 15.32 -5.72 -18.58
C PRO E 166 13.93 -5.90 -19.15
N MET E 167 13.44 -4.92 -19.92
CA MET E 167 12.14 -5.07 -20.55
C MET E 167 12.15 -6.18 -21.59
N ALA E 168 13.14 -6.16 -22.47
CA ALA E 168 13.19 -7.19 -23.50
C ALA E 168 13.52 -8.57 -22.90
N ALA E 169 14.27 -8.61 -21.80
CA ALA E 169 14.62 -9.90 -21.22
C ALA E 169 13.36 -10.63 -20.75
N VAL E 170 12.43 -9.89 -20.13
CA VAL E 170 11.17 -10.49 -19.68
C VAL E 170 10.35 -10.97 -20.88
N LEU E 171 10.27 -10.15 -21.95
CA LEU E 171 9.53 -10.57 -23.14
C LEU E 171 10.11 -11.84 -23.72
N GLN E 172 11.43 -11.94 -23.76
CA GLN E 172 12.08 -13.11 -24.34
C GLN E 172 11.86 -14.36 -23.47
N LYS E 173 12.03 -14.23 -22.15
CA LYS E 173 11.88 -15.40 -21.28
C LYS E 173 10.43 -15.88 -21.22
N GLU E 174 9.47 -14.97 -21.13
CA GLU E 174 8.08 -15.33 -20.86
C GLU E 174 7.25 -15.60 -22.11
N PHE E 175 7.61 -15.02 -23.26
CA PHE E 175 6.81 -15.24 -24.46
C PHE E 175 7.67 -15.66 -25.65
N GLY E 176 8.93 -15.27 -25.65
CA GLY E 176 9.76 -15.41 -26.84
C GLY E 176 9.48 -14.27 -27.81
N VAL E 177 10.54 -13.69 -28.35
CA VAL E 177 10.43 -12.53 -29.23
C VAL E 177 10.88 -12.98 -30.61
N VAL E 178 10.01 -12.78 -31.60
CA VAL E 178 10.38 -12.99 -32.99
C VAL E 178 11.32 -11.88 -33.45
N GLU E 179 10.86 -10.64 -33.32
CA GLU E 179 11.66 -9.49 -33.69
C GLU E 179 11.04 -8.24 -33.07
N GLY E 180 11.82 -7.17 -33.03
CA GLY E 180 11.32 -5.92 -32.48
C GLY E 180 12.05 -4.72 -33.02
N LEU E 181 11.34 -3.61 -33.12
CA LEU E 181 11.93 -2.33 -33.49
C LEU E 181 11.79 -1.37 -32.33
N MET E 182 12.89 -0.72 -32.00
CA MET E 182 12.94 0.19 -30.88
C MET E 182 12.85 1.63 -31.37
N THR E 183 12.19 2.45 -30.57
CA THR E 183 12.26 3.90 -30.71
C THR E 183 12.56 4.45 -29.33
N THR E 184 13.74 5.04 -29.16
CA THR E 184 14.04 5.73 -27.91
C THR E 184 13.80 7.22 -28.14
N ILE E 185 12.92 7.79 -27.32
CA ILE E 185 12.63 9.21 -27.31
C ILE E 185 13.50 9.79 -26.20
N HIS E 186 14.59 10.44 -26.58
CA HIS E 186 15.76 10.62 -25.75
C HIS E 186 16.00 12.09 -25.50
N ALA E 187 16.35 12.43 -24.25
CA ALA E 187 16.77 13.78 -23.95
C ALA E 187 17.98 14.17 -24.80
N TYR E 188 18.10 15.46 -25.09
CA TYR E 188 19.29 15.89 -25.82
C TYR E 188 20.52 15.89 -24.92
N THR E 189 21.69 15.70 -25.53
CA THR E 189 22.95 15.59 -24.78
C THR E 189 24.00 16.52 -25.40
N GLY E 190 25.17 16.54 -24.78
CA GLY E 190 26.25 17.44 -25.16
C GLY E 190 26.85 17.18 -26.52
N ASP E 191 26.55 16.04 -27.15
CA ASP E 191 27.02 15.82 -28.51
C ASP E 191 26.14 16.50 -29.55
N GLN E 192 25.12 17.25 -29.11
CA GLN E 192 24.33 18.13 -29.97
C GLN E 192 24.73 19.57 -29.71
N ASN E 193 24.59 20.42 -30.72
CA ASN E 193 24.99 21.80 -30.58
C ASN E 193 23.92 22.64 -29.91
N THR E 194 24.38 23.68 -29.22
CA THR E 194 23.48 24.63 -28.55
C THR E 194 22.61 25.33 -29.59
N LEU E 195 23.25 25.85 -30.64
CA LEU E 195 22.60 26.45 -31.79
C LEU E 195 23.14 25.79 -33.05
N ASP E 196 22.45 26.00 -34.18
CA ASP E 196 22.89 25.44 -35.45
C ASP E 196 24.35 25.81 -35.73
N ALA E 197 25.20 24.81 -35.89
CA ALA E 197 26.62 25.05 -36.12
C ALA E 197 27.23 23.77 -36.69
N PRO E 198 28.37 23.88 -37.38
CA PRO E 198 29.05 22.67 -37.88
C PRO E 198 29.26 21.68 -36.76
N HIS E 199 29.16 20.40 -37.08
CA HIS E 199 29.31 19.36 -36.08
C HIS E 199 30.63 18.63 -36.27
N ARG E 200 31.31 18.37 -35.14
CA ARG E 200 32.68 17.84 -35.17
C ARG E 200 32.74 16.51 -35.90
N LYS E 201 31.75 15.64 -35.70
CA LYS E 201 31.72 14.32 -36.29
C LYS E 201 30.89 14.28 -37.57
N GLY E 202 30.57 15.44 -38.14
CA GLY E 202 29.88 15.47 -39.41
C GLY E 202 28.39 15.14 -39.38
N ASP E 203 27.75 15.06 -38.21
CA ASP E 203 26.34 14.67 -38.18
C ASP E 203 25.47 15.87 -38.52
N LEU E 204 24.80 15.82 -39.67
CA LEU E 204 23.96 16.95 -40.07
C LEU E 204 22.78 17.14 -39.12
N ARG E 205 22.37 16.11 -38.37
CA ARG E 205 21.26 16.33 -37.45
C ARG E 205 21.70 16.77 -36.07
N ARG E 206 22.81 16.21 -35.55
CA ARG E 206 23.32 16.68 -34.26
C ARG E 206 23.94 18.06 -34.35
N ALA E 207 24.15 18.57 -35.56
CA ALA E 207 24.62 19.93 -35.73
C ALA E 207 23.59 20.97 -35.31
N ARG E 208 22.32 20.59 -35.22
CA ARG E 208 21.21 21.52 -35.02
C ARG E 208 20.97 21.83 -33.56
N ALA E 209 20.41 23.01 -33.30
CA ALA E 209 20.08 23.47 -31.94
C ALA E 209 19.30 22.43 -31.16
N ALA E 210 19.87 21.97 -30.04
CA ALA E 210 19.35 20.78 -29.35
C ALA E 210 17.97 21.01 -28.73
N ALA E 211 17.77 22.18 -28.11
CA ALA E 211 16.58 22.48 -27.34
C ALA E 211 15.47 23.09 -28.17
N LEU E 212 15.59 23.03 -29.51
CA LEU E 212 14.61 23.55 -30.46
C LEU E 212 14.03 22.50 -31.39
N ASN E 213 14.51 21.27 -31.34
CA ASN E 213 14.22 20.35 -32.43
C ASN E 213 13.95 18.95 -31.91
N ILE E 214 13.05 18.26 -32.60
CA ILE E 214 13.04 16.81 -32.61
C ILE E 214 14.12 16.37 -33.61
N VAL E 215 15.07 15.59 -33.12
CA VAL E 215 16.27 15.28 -33.90
C VAL E 215 16.39 13.77 -34.04
N PRO E 216 16.11 13.20 -35.22
CA PRO E 216 16.39 11.77 -35.43
C PRO E 216 17.89 11.49 -35.34
N ASN E 217 18.24 10.35 -34.75
CA ASN E 217 19.64 9.95 -34.68
C ASN E 217 19.70 8.45 -34.45
N SER E 218 20.80 7.85 -34.91
CA SER E 218 20.97 6.41 -34.85
C SER E 218 21.45 5.97 -33.46
N THR E 219 21.20 4.71 -33.16
CA THR E 219 21.70 4.09 -31.93
C THR E 219 21.79 2.60 -32.14
N GLY E 220 22.82 1.99 -31.58
CA GLY E 220 23.04 0.56 -31.67
C GLY E 220 22.56 -0.28 -30.50
N ALA E 221 21.79 0.29 -29.55
CA ALA E 221 21.44 -0.46 -28.35
C ALA E 221 20.70 -1.74 -28.69
N ALA E 222 19.70 -1.66 -29.57
CA ALA E 222 18.91 -2.84 -29.90
C ALA E 222 19.69 -3.81 -30.78
N LYS E 223 20.49 -3.31 -31.72
CA LYS E 223 21.27 -4.19 -32.56
C LYS E 223 22.30 -4.96 -31.75
N ALA E 224 22.86 -4.34 -30.71
CA ALA E 224 23.87 -4.97 -29.86
C ALA E 224 23.29 -5.73 -28.67
N ILE E 225 21.96 -5.81 -28.54
CA ILE E 225 21.32 -6.47 -27.40
C ILE E 225 21.83 -7.89 -27.20
N GLY E 226 22.24 -8.57 -28.27
CA GLY E 226 22.77 -9.91 -28.17
C GLY E 226 24.00 -10.04 -27.29
N LEU E 227 24.68 -8.93 -27.01
CA LEU E 227 25.83 -8.99 -26.11
C LEU E 227 25.40 -9.16 -24.67
N VAL E 228 24.23 -8.62 -24.32
CA VAL E 228 23.65 -8.80 -22.99
C VAL E 228 22.68 -9.97 -22.95
N ILE E 229 21.82 -10.12 -23.96
CA ILE E 229 20.82 -11.19 -23.99
C ILE E 229 21.01 -12.01 -25.25
N PRO E 230 21.79 -13.10 -25.21
CA PRO E 230 22.09 -13.85 -26.43
C PRO E 230 20.86 -14.40 -27.14
N GLU E 231 19.80 -14.75 -26.41
CA GLU E 231 18.59 -15.22 -27.09
C GLU E 231 17.89 -14.14 -27.91
N LEU E 232 18.36 -12.89 -27.87
CA LEU E 232 17.83 -11.82 -28.71
C LEU E 232 18.85 -11.29 -29.71
N ASN E 233 19.97 -12.00 -29.90
CA ASN E 233 20.99 -11.52 -30.82
C ASN E 233 20.45 -11.49 -32.26
N GLY E 234 20.63 -10.35 -32.91
CA GLY E 234 20.12 -10.21 -34.25
C GLY E 234 18.62 -10.10 -34.36
N LYS E 235 17.88 -9.96 -33.24
CA LYS E 235 16.42 -9.92 -33.28
C LYS E 235 15.84 -8.52 -33.17
N LEU E 236 16.61 -7.55 -32.68
CA LEU E 236 16.14 -6.21 -32.44
C LEU E 236 17.00 -5.20 -33.20
N ASP E 237 16.37 -4.08 -33.56
CA ASP E 237 17.07 -2.91 -34.05
C ASP E 237 16.23 -1.71 -33.64
N GLY E 238 16.68 -0.52 -34.03
CA GLY E 238 15.91 0.66 -33.68
C GLY E 238 16.66 1.94 -33.98
N SER E 239 16.12 3.02 -33.44
CA SER E 239 16.59 4.36 -33.72
C SER E 239 16.16 5.27 -32.57
N ALA E 240 16.62 6.52 -32.61
CA ALA E 240 16.38 7.49 -31.55
C ALA E 240 15.72 8.75 -32.08
N GLN E 241 14.98 9.42 -31.20
CA GLN E 241 14.50 10.77 -31.43
C GLN E 241 14.92 11.64 -30.26
N ARG E 242 15.88 12.53 -30.48
CA ARG E 242 16.28 13.46 -29.43
C ARG E 242 15.30 14.61 -29.40
N VAL E 243 14.84 14.96 -28.21
CA VAL E 243 13.81 15.99 -28.06
C VAL E 243 14.24 16.93 -26.95
N PRO E 244 13.62 18.11 -26.86
CA PRO E 244 14.13 19.14 -25.93
C PRO E 244 13.75 18.92 -24.47
N VAL E 245 14.26 17.84 -23.87
CA VAL E 245 14.37 17.74 -22.42
C VAL E 245 15.84 17.50 -22.10
N ALA E 246 16.32 18.10 -21.01
CA ALA E 246 17.76 18.04 -20.75
C ALA E 246 18.17 16.72 -20.11
N THR E 247 17.23 15.98 -19.55
CA THR E 247 17.52 14.62 -19.13
C THR E 247 16.19 13.93 -18.88
N GLY E 248 16.21 12.60 -18.97
CA GLY E 248 15.00 11.81 -18.88
C GLY E 248 14.51 11.37 -20.24
N SER E 249 14.29 10.07 -20.41
CA SER E 249 14.04 9.48 -21.72
C SER E 249 13.11 8.28 -21.57
N LEU E 250 12.65 7.78 -22.71
CA LEU E 250 11.93 6.52 -22.71
C LEU E 250 12.30 5.71 -23.94
N THR E 251 12.12 4.41 -23.82
CA THR E 251 12.37 3.46 -24.88
C THR E 251 11.05 2.75 -25.17
N GLU E 252 10.59 2.85 -26.42
CA GLU E 252 9.48 2.06 -26.92
C GLU E 252 10.02 0.87 -27.69
N LEU E 253 9.40 -0.29 -27.48
CA LEU E 253 9.69 -1.47 -28.28
C LEU E 253 8.40 -1.97 -28.88
N VAL E 254 8.34 -2.04 -30.21
CA VAL E 254 7.25 -2.70 -30.91
C VAL E 254 7.76 -4.07 -31.35
N SER E 255 7.16 -5.13 -30.87
CA SER E 255 7.70 -6.45 -31.13
C SER E 255 6.61 -7.43 -31.55
N VAL E 256 7.03 -8.49 -32.22
CA VAL E 256 6.20 -9.65 -32.51
C VAL E 256 6.66 -10.77 -31.59
N LEU E 257 5.75 -11.27 -30.76
CA LEU E 257 6.08 -12.30 -29.79
C LEU E 257 5.78 -13.69 -30.36
N GLU E 258 6.31 -14.72 -29.68
CA GLU E 258 6.14 -16.09 -30.14
C GLU E 258 4.86 -16.75 -29.65
N ARG E 259 4.23 -16.20 -28.62
CA ARG E 259 3.01 -16.73 -28.03
C ARG E 259 2.04 -15.59 -27.82
N PRO E 260 0.73 -15.88 -27.72
CA PRO E 260 -0.24 -14.80 -27.46
C PRO E 260 -0.01 -14.15 -26.10
N ALA E 261 -0.42 -12.89 -25.99
CA ALA E 261 -0.24 -12.12 -24.77
C ALA E 261 -1.40 -11.16 -24.58
N THR E 262 -1.66 -10.81 -23.33
CA THR E 262 -2.57 -9.70 -23.04
C THR E 262 -1.79 -8.61 -22.34
N LYS E 263 -2.36 -7.42 -22.34
CA LYS E 263 -1.73 -6.30 -21.66
C LYS E 263 -1.46 -6.67 -20.21
N GLU E 264 -2.43 -7.32 -19.57
CA GLU E 264 -2.31 -7.69 -18.16
C GLU E 264 -1.21 -8.72 -17.96
N GLU E 265 -1.08 -9.70 -18.86
CA GLU E 265 -0.05 -10.71 -18.70
C GLU E 265 1.34 -10.10 -18.80
N ILE E 266 1.55 -9.25 -19.80
CA ILE E 266 2.85 -8.60 -19.96
C ILE E 266 3.15 -7.75 -18.73
N ASN E 267 2.16 -6.98 -18.28
CA ASN E 267 2.41 -6.09 -17.14
C ASN E 267 2.71 -6.88 -15.87
N ALA E 268 1.98 -7.97 -15.63
CA ALA E 268 2.25 -8.77 -14.44
C ALA E 268 3.65 -9.35 -14.48
N ALA E 269 4.11 -9.75 -15.67
CA ALA E 269 5.45 -10.31 -15.78
C ALA E 269 6.51 -9.26 -15.49
N MET E 270 6.29 -8.02 -15.96
CA MET E 270 7.22 -6.95 -15.65
C MET E 270 7.28 -6.69 -14.16
N LYS E 271 6.11 -6.63 -13.51
CA LYS E 271 6.10 -6.42 -12.06
C LYS E 271 6.79 -7.55 -11.32
N ALA E 272 6.58 -8.80 -11.74
CA ALA E 272 7.21 -9.93 -11.06
C ALA E 272 8.73 -9.85 -11.12
N ALA E 273 9.26 -9.26 -12.19
CA ALA E 273 10.70 -9.14 -12.38
C ALA E 273 11.26 -7.85 -11.79
N SER E 274 10.44 -7.07 -11.09
CA SER E 274 10.90 -5.79 -10.56
C SER E 274 11.96 -6.01 -9.49
N SER E 275 12.88 -5.04 -9.40
CA SER E 275 14.02 -5.14 -8.50
C SER E 275 14.46 -3.73 -8.18
N GLU E 276 15.62 -3.59 -7.54
CA GLU E 276 16.15 -2.25 -7.36
C GLU E 276 16.67 -1.68 -8.67
N SER E 277 17.01 -2.53 -9.65
CA SER E 277 17.44 -2.05 -10.95
C SER E 277 16.29 -1.83 -11.93
N TYR E 278 15.22 -2.61 -11.81
CA TYR E 278 14.10 -2.57 -12.75
C TYR E 278 12.86 -2.17 -11.97
N GLY E 279 12.44 -0.92 -12.15
CA GLY E 279 11.26 -0.45 -11.46
C GLY E 279 9.99 -0.74 -12.23
N TYR E 280 8.87 -0.71 -11.52
CA TYR E 280 7.55 -0.94 -12.10
C TYR E 280 6.65 0.24 -11.80
N ASN E 281 6.08 0.83 -12.84
CA ASN E 281 5.27 2.03 -12.66
C ASN E 281 3.85 1.82 -13.18
N GLU E 282 2.88 2.33 -12.40
CA GLU E 282 1.48 2.39 -12.80
C GLU E 282 0.89 3.79 -12.72
N ASP E 283 1.67 4.79 -12.34
CA ASP E 283 1.12 6.13 -12.31
C ASP E 283 1.30 6.79 -13.67
N GLN E 284 0.54 7.86 -13.89
CA GLN E 284 0.53 8.62 -15.15
C GLN E 284 1.68 9.65 -15.15
N ILE E 285 2.89 9.14 -15.12
CA ILE E 285 4.05 9.99 -14.94
C ILE E 285 4.50 10.55 -16.28
N VAL E 286 5.31 11.60 -16.21
CA VAL E 286 5.93 12.21 -17.39
C VAL E 286 7.45 12.26 -17.14
N SER E 287 8.19 12.77 -18.13
CA SER E 287 9.64 12.58 -18.12
C SER E 287 10.29 13.21 -16.90
N SER E 288 9.82 14.36 -16.46
CA SER E 288 10.46 15.01 -15.33
C SER E 288 10.30 14.21 -14.05
N ASP E 289 9.23 13.40 -13.95
CA ASP E 289 9.07 12.53 -12.79
C ASP E 289 10.16 11.49 -12.67
N VAL E 290 10.96 11.31 -13.73
CA VAL E 290 11.99 10.29 -13.82
C VAL E 290 13.40 10.87 -13.63
N VAL E 291 13.56 12.19 -13.69
CA VAL E 291 14.86 12.81 -13.44
C VAL E 291 15.35 12.42 -12.06
N GLY E 292 16.54 11.82 -11.99
CA GLY E 292 17.15 11.46 -10.74
C GLY E 292 16.77 10.10 -10.17
N ILE E 293 15.96 9.30 -10.87
CA ILE E 293 15.63 7.97 -10.33
C ILE E 293 16.88 7.08 -10.33
N GLU E 294 16.86 6.07 -9.47
CA GLU E 294 17.98 5.16 -9.31
C GLU E 294 17.76 3.80 -9.96
N TYR E 295 16.55 3.51 -10.45
CA TYR E 295 16.38 2.33 -11.29
C TYR E 295 17.13 2.54 -12.60
N GLY E 296 17.74 1.47 -13.11
CA GLY E 296 18.27 1.58 -14.45
C GLY E 296 17.18 1.68 -15.51
N SER E 297 15.99 1.18 -15.21
CA SER E 297 14.88 1.18 -16.16
C SER E 297 13.60 1.16 -15.35
N LEU E 298 12.59 1.90 -15.80
CA LEU E 298 11.31 2.02 -15.11
C LEU E 298 10.21 1.61 -16.07
N PHE E 299 9.68 0.40 -15.89
CA PHE E 299 8.64 -0.06 -16.79
C PHE E 299 7.34 0.71 -16.54
N ASP E 300 6.68 1.13 -17.62
CA ASP E 300 5.43 1.90 -17.53
C ASP E 300 4.26 1.02 -17.99
N ALA E 301 3.56 0.42 -17.02
CA ALA E 301 2.43 -0.45 -17.33
C ALA E 301 1.31 0.30 -18.05
N THR E 302 1.20 1.63 -17.84
CA THR E 302 0.14 2.43 -18.45
C THR E 302 0.28 2.56 -19.96
N GLN E 303 1.44 2.21 -20.55
CA GLN E 303 1.64 2.38 -21.98
C GLN E 303 1.62 1.06 -22.74
N THR E 304 1.44 -0.07 -22.05
CA THR E 304 1.48 -1.37 -22.70
C THR E 304 0.30 -1.53 -23.66
N ARG E 305 0.59 -2.01 -24.86
CA ARG E 305 -0.47 -2.21 -25.84
C ARG E 305 -0.27 -3.54 -26.54
N VAL E 306 -1.29 -4.40 -26.52
CA VAL E 306 -1.31 -5.62 -27.31
C VAL E 306 -2.43 -5.48 -28.32
N MET E 307 -2.08 -5.39 -29.59
CA MET E 307 -3.07 -5.20 -30.64
C MET E 307 -3.25 -6.48 -31.42
N THR E 308 -4.50 -6.93 -31.53
CA THR E 308 -4.83 -8.17 -32.19
C THR E 308 -5.67 -7.88 -33.41
N VAL E 309 -5.21 -8.34 -34.57
CA VAL E 309 -5.94 -8.19 -35.83
C VAL E 309 -5.93 -9.55 -36.52
N GLY E 310 -7.11 -10.16 -36.62
CA GLY E 310 -7.28 -11.48 -37.21
C GLY E 310 -6.35 -12.53 -36.65
N GLY E 311 -6.24 -12.58 -35.32
CA GLY E 311 -5.35 -13.51 -34.66
C GLY E 311 -3.92 -13.05 -34.55
N LYS E 312 -3.48 -12.11 -35.38
CA LYS E 312 -2.10 -11.63 -35.33
C LYS E 312 -1.94 -10.53 -34.28
N GLN E 313 -0.87 -10.63 -33.50
CA GLN E 313 -0.59 -9.71 -32.41
C GLN E 313 0.70 -8.93 -32.65
N LEU E 314 0.62 -7.63 -32.32
CA LEU E 314 1.71 -6.68 -32.34
C LEU E 314 1.70 -5.94 -31.01
N VAL E 315 2.86 -5.82 -30.38
CA VAL E 315 2.96 -5.42 -28.99
C VAL E 315 3.86 -4.19 -28.90
N LYS E 316 3.44 -3.21 -28.11
CA LYS E 316 4.28 -2.08 -27.74
C LYS E 316 4.45 -2.06 -26.23
N THR E 317 5.70 -2.07 -25.77
CA THR E 317 6.03 -1.93 -24.36
C THR E 317 6.99 -0.74 -24.21
N VAL E 318 6.86 -0.01 -23.11
CA VAL E 318 7.58 1.25 -22.90
C VAL E 318 8.20 1.27 -21.52
N ALA E 319 9.46 1.71 -21.43
CA ALA E 319 10.15 1.90 -20.17
C ALA E 319 10.81 3.28 -20.15
N TRP E 320 10.76 3.92 -19.00
CA TRP E 320 11.44 5.18 -18.76
C TRP E 320 12.86 4.95 -18.27
N TYR E 321 13.69 5.97 -18.41
CA TYR E 321 14.98 6.00 -17.73
C TYR E 321 15.46 7.43 -17.72
N ASP E 322 16.12 7.82 -16.62
CA ASP E 322 16.94 9.01 -16.62
C ASP E 322 18.28 8.59 -17.23
N ASN E 323 18.48 8.94 -18.51
CA ASN E 323 19.71 8.55 -19.19
C ASN E 323 20.96 8.97 -18.43
N GLU E 324 20.84 9.93 -17.52
CA GLU E 324 21.94 10.30 -16.64
C GLU E 324 21.93 9.44 -15.37
N MET E 325 20.96 9.67 -14.49
CA MET E 325 21.04 9.08 -13.15
C MET E 325 20.80 7.57 -13.18
N SER E 326 19.84 7.13 -13.99
CA SER E 326 19.56 5.71 -14.11
C SER E 326 20.80 4.95 -14.55
N TYR E 327 21.52 5.49 -15.52
CA TYR E 327 22.71 4.83 -16.02
C TYR E 327 23.83 4.83 -14.97
N THR E 328 24.05 5.97 -14.31
CA THR E 328 25.08 6.06 -13.29
C THR E 328 24.90 5.00 -12.21
N CYS E 329 23.66 4.82 -11.74
CA CYS E 329 23.40 3.85 -10.68
C CYS E 329 23.65 2.43 -11.15
N GLN E 330 23.27 2.11 -12.39
CA GLN E 330 23.65 0.81 -12.95
C GLN E 330 25.16 0.69 -13.00
N LEU E 331 25.82 1.76 -13.42
CA LEU E 331 27.26 1.82 -13.50
C LEU E 331 27.88 1.58 -12.13
N VAL E 332 27.29 2.14 -11.07
CA VAL E 332 27.82 1.96 -9.73
C VAL E 332 27.50 0.56 -9.20
N ARG E 333 26.29 0.06 -9.43
CA ARG E 333 25.99 -1.31 -9.03
C ARG E 333 26.96 -2.26 -9.70
N THR E 334 27.17 -2.06 -10.99
CA THR E 334 28.14 -2.86 -11.74
C THR E 334 29.55 -2.66 -11.20
N LEU E 335 29.89 -1.43 -10.82
CA LEU E 335 31.20 -1.16 -10.26
C LEU E 335 31.45 -1.98 -9.01
N GLU E 336 30.49 -1.99 -8.08
CA GLU E 336 30.66 -2.72 -6.83
C GLU E 336 30.79 -4.21 -7.07
N TYR E 337 29.90 -4.77 -7.89
CA TYR E 337 29.88 -6.20 -8.13
C TYR E 337 31.18 -6.67 -8.76
N PHE E 338 31.68 -5.91 -9.73
CA PHE E 338 32.92 -6.32 -10.39
C PHE E 338 34.09 -6.31 -9.41
N ALA E 339 34.08 -5.39 -8.44
CA ALA E 339 35.16 -5.33 -7.47
C ALA E 339 35.14 -6.54 -6.55
N GLY E 340 33.97 -7.12 -6.33
CA GLY E 340 33.85 -8.32 -5.51
C GLY E 340 34.38 -9.53 -6.24
N MET F 9 -19.49 35.45 -57.65
CA MET F 9 -19.24 35.87 -56.28
C MET F 9 -18.65 34.72 -55.46
N SER F 10 -17.82 35.07 -54.47
CA SER F 10 -17.03 34.09 -53.73
C SER F 10 -17.88 33.28 -52.75
N ILE F 11 -17.33 32.14 -52.35
CA ILE F 11 -17.87 31.36 -51.24
C ILE F 11 -17.59 32.11 -49.94
N LYS F 12 -18.64 32.33 -49.15
CA LYS F 12 -18.48 33.05 -47.89
C LYS F 12 -18.23 32.02 -46.77
N VAL F 13 -17.12 32.19 -46.05
CA VAL F 13 -16.70 31.31 -44.97
C VAL F 13 -16.73 32.08 -43.66
N ALA F 14 -17.11 31.40 -42.58
CA ALA F 14 -16.95 31.91 -41.22
C ALA F 14 -16.05 30.97 -40.44
N ILE F 15 -15.26 31.54 -39.54
CA ILE F 15 -14.35 30.77 -38.72
C ILE F 15 -14.82 30.86 -37.28
N ASN F 16 -15.18 29.73 -36.73
CA ASN F 16 -15.59 29.67 -35.33
C ASN F 16 -14.42 29.16 -34.50
N GLY F 17 -13.88 30.03 -33.65
CA GLY F 17 -12.69 29.69 -32.90
C GLY F 17 -11.50 30.23 -33.65
N PHE F 18 -11.10 31.45 -33.29
CA PHE F 18 -9.98 32.13 -33.93
C PHE F 18 -8.67 31.79 -33.26
N GLY F 19 -8.40 30.49 -33.11
CA GLY F 19 -7.23 29.99 -32.43
C GLY F 19 -6.08 29.74 -33.37
N ARG F 20 -5.21 28.79 -32.97
CA ARG F 20 -4.07 28.45 -33.80
C ARG F 20 -4.53 28.04 -35.20
N ILE F 21 -5.43 27.06 -35.30
CA ILE F 21 -5.90 26.63 -36.61
C ILE F 21 -6.75 27.72 -37.25
N GLY F 22 -7.66 28.31 -36.47
CA GLY F 22 -8.51 29.34 -37.03
C GLY F 22 -7.73 30.49 -37.64
N ARG F 23 -6.72 31.00 -36.92
CA ARG F 23 -6.00 32.17 -37.46
C ARG F 23 -5.16 31.79 -38.69
N LEU F 24 -4.48 30.63 -38.65
CA LEU F 24 -3.75 30.20 -39.83
C LEU F 24 -4.69 29.91 -41.00
N ALA F 25 -5.88 29.39 -40.71
CA ALA F 25 -6.88 29.19 -41.76
C ALA F 25 -7.19 30.50 -42.47
N LEU F 26 -7.34 31.60 -41.73
CA LEU F 26 -7.55 32.90 -42.35
C LEU F 26 -6.40 33.29 -43.27
N ARG F 27 -5.15 33.11 -42.81
CA ARG F 27 -3.98 33.41 -43.64
C ARG F 27 -4.03 32.65 -44.96
N GLN F 28 -4.35 31.35 -44.91
CA GLN F 28 -4.32 30.54 -46.12
C GLN F 28 -5.52 30.87 -47.01
N ILE F 29 -6.68 31.14 -46.40
CA ILE F 29 -7.82 31.48 -47.23
C ILE F 29 -7.62 32.83 -47.90
N GLU F 30 -6.93 33.75 -47.23
CA GLU F 30 -6.63 35.04 -47.86
C GLU F 30 -5.88 34.85 -49.17
N LYS F 31 -5.01 33.84 -49.27
CA LYS F 31 -4.27 33.61 -50.50
C LYS F 31 -5.05 32.84 -51.53
N ALA F 32 -6.28 32.44 -51.21
CA ALA F 32 -7.09 31.59 -52.07
C ALA F 32 -8.02 32.45 -52.92
N HIS F 33 -8.41 31.91 -54.08
CA HIS F 33 -9.27 32.60 -55.04
C HIS F 33 -10.68 31.99 -55.01
N GLY F 34 -11.69 32.85 -54.93
CA GLY F 34 -13.05 32.40 -55.09
C GLY F 34 -13.74 32.13 -53.77
N ILE F 35 -13.03 32.28 -52.67
CA ILE F 35 -13.54 31.95 -51.36
C ILE F 35 -12.95 32.97 -50.41
N GLU F 36 -13.74 33.40 -49.43
CA GLU F 36 -13.24 34.44 -48.54
C GLU F 36 -13.91 34.31 -47.19
N VAL F 37 -13.18 34.70 -46.15
CA VAL F 37 -13.73 34.70 -44.80
C VAL F 37 -14.51 36.00 -44.60
N ALA F 38 -15.79 35.86 -44.25
CA ALA F 38 -16.64 37.02 -44.01
C ALA F 38 -16.78 37.34 -42.54
N ALA F 39 -16.53 36.37 -41.66
CA ALA F 39 -16.73 36.63 -40.24
C ALA F 39 -15.92 35.63 -39.43
N VAL F 40 -15.53 36.05 -38.23
CA VAL F 40 -14.92 35.16 -37.26
C VAL F 40 -15.66 35.32 -35.95
N ASN F 41 -15.69 34.26 -35.17
CA ASN F 41 -16.33 34.28 -33.87
C ASN F 41 -15.41 33.60 -32.88
N ASP F 42 -15.34 34.19 -31.69
CA ASP F 42 -14.48 33.69 -30.63
C ASP F 42 -15.11 34.11 -29.30
N LEU F 43 -14.32 34.03 -28.24
CA LEU F 43 -14.72 34.50 -26.92
C LEU F 43 -14.06 35.82 -26.57
N THR F 44 -13.59 36.57 -27.55
CA THR F 44 -12.60 37.58 -27.30
C THR F 44 -12.91 38.88 -28.04
N PRO F 45 -12.59 40.02 -27.44
CA PRO F 45 -12.74 41.29 -28.14
C PRO F 45 -11.79 41.38 -29.33
N ALA F 46 -12.18 42.22 -30.30
CA ALA F 46 -11.50 42.24 -31.59
C ALA F 46 -10.03 42.63 -31.47
N GLU F 47 -9.69 43.53 -30.54
CA GLU F 47 -8.30 43.97 -30.42
C GLU F 47 -7.37 42.79 -30.12
N MET F 48 -7.82 41.88 -29.24
CA MET F 48 -6.98 40.73 -28.90
C MET F 48 -6.83 39.82 -30.11
N LEU F 49 -7.91 39.61 -30.85
CA LEU F 49 -7.85 38.77 -32.03
C LEU F 49 -6.96 39.38 -33.10
N LEU F 50 -7.05 40.71 -33.29
CA LEU F 50 -6.21 41.37 -34.29
C LEU F 50 -4.74 41.18 -33.94
N HIS F 51 -4.40 41.42 -32.67
CA HIS F 51 -3.02 41.31 -32.24
C HIS F 51 -2.45 39.91 -32.49
N LEU F 52 -3.19 38.86 -32.10
CA LEU F 52 -2.72 37.50 -32.31
C LEU F 52 -2.68 37.14 -33.78
N PHE F 53 -3.54 37.76 -34.59
CA PHE F 53 -3.46 37.56 -36.03
C PHE F 53 -2.19 38.17 -36.59
N LYS F 54 -1.83 39.38 -36.15
CA LYS F 54 -0.64 40.03 -36.68
C LYS F 54 0.63 39.34 -36.21
N TYR F 55 0.69 39.01 -34.93
CA TYR F 55 1.93 38.56 -34.30
C TYR F 55 1.81 37.10 -33.88
N ASP F 56 2.77 36.28 -34.29
CA ASP F 56 2.68 34.84 -34.06
C ASP F 56 4.05 34.30 -33.67
N SER F 57 4.12 33.67 -32.50
CA SER F 57 5.39 33.25 -31.94
C SER F 57 6.07 32.17 -32.78
N THR F 58 5.29 31.33 -33.48
CA THR F 58 5.88 30.27 -34.30
C THR F 58 5.69 30.44 -35.79
N GLN F 59 4.62 31.07 -36.24
CA GLN F 59 4.40 31.15 -37.68
C GLN F 59 4.81 32.48 -38.25
N GLY F 60 5.33 33.39 -37.43
CA GLY F 60 5.84 34.66 -37.92
C GLY F 60 4.76 35.70 -38.15
N ARG F 61 5.22 36.92 -38.41
CA ARG F 61 4.32 38.05 -38.57
CA ARG F 61 4.31 38.04 -38.56
C ARG F 61 3.46 37.88 -39.81
N PHE F 62 2.20 38.27 -39.70
CA PHE F 62 1.31 38.21 -40.84
C PHE F 62 1.83 39.08 -41.97
N GLN F 63 1.91 38.50 -43.17
CA GLN F 63 2.41 39.16 -44.39
C GLN F 63 1.24 39.82 -45.11
N GLY F 64 0.86 40.98 -44.62
CA GLY F 64 -0.26 41.70 -45.19
C GLY F 64 -0.64 42.79 -44.21
N THR F 65 -1.68 43.53 -44.58
CA THR F 65 -2.19 44.56 -43.67
C THR F 65 -3.31 43.99 -42.81
N ALA F 66 -3.35 44.42 -41.55
CA ALA F 66 -4.38 44.01 -40.61
C ALA F 66 -4.57 45.15 -39.62
N GLU F 67 -5.78 45.71 -39.58
CA GLU F 67 -6.11 46.86 -38.75
C GLU F 67 -7.44 46.63 -38.05
N LEU F 68 -7.67 47.42 -37.01
CA LEU F 68 -8.87 47.34 -36.21
C LEU F 68 -9.89 48.38 -36.68
N LYS F 69 -11.16 48.02 -36.63
CA LYS F 69 -12.26 48.95 -36.84
C LYS F 69 -13.36 48.62 -35.85
N ASP F 70 -14.35 49.52 -35.72
CA ASP F 70 -15.43 49.35 -34.76
C ASP F 70 -16.05 47.95 -34.83
N ASP F 71 -15.66 47.09 -33.89
CA ASP F 71 -16.17 45.73 -33.80
C ASP F 71 -15.78 44.87 -34.99
N ALA F 72 -14.68 45.19 -35.68
CA ALA F 72 -14.25 44.36 -36.80
C ALA F 72 -12.75 44.47 -37.03
N ILE F 73 -12.22 43.53 -37.79
CA ILE F 73 -10.84 43.53 -38.26
C ILE F 73 -10.85 43.75 -39.77
N VAL F 74 -9.86 44.49 -40.26
CA VAL F 74 -9.74 44.79 -41.68
C VAL F 74 -8.45 44.11 -42.17
N VAL F 75 -8.60 43.09 -43.01
CA VAL F 75 -7.48 42.28 -43.49
C VAL F 75 -7.30 42.56 -44.97
N ASN F 76 -6.11 43.04 -45.35
CA ASN F 76 -5.80 43.38 -46.74
C ASN F 76 -6.87 44.29 -47.32
N GLY F 77 -7.32 45.28 -46.52
CA GLY F 77 -8.30 46.26 -46.96
C GLY F 77 -9.75 45.86 -46.79
N ARG F 78 -10.05 44.56 -46.72
CA ARG F 78 -11.42 44.04 -46.66
C ARG F 78 -11.90 43.81 -45.23
N GLU F 79 -13.16 44.17 -44.98
CA GLU F 79 -13.70 44.07 -43.62
C GLU F 79 -14.12 42.66 -43.30
N ILE F 80 -13.77 42.21 -42.10
CA ILE F 80 -14.16 40.92 -41.59
C ILE F 80 -14.91 41.15 -40.28
N LYS F 81 -16.16 40.69 -40.22
CA LYS F 81 -16.95 40.90 -39.01
C LYS F 81 -16.45 39.99 -37.90
N VAL F 82 -16.46 40.52 -36.68
CA VAL F 82 -15.99 39.82 -35.49
C VAL F 82 -17.15 39.69 -34.52
N PHE F 83 -17.36 38.47 -34.03
CA PHE F 83 -18.38 38.17 -33.04
C PHE F 83 -17.71 37.49 -31.85
N ALA F 84 -18.39 37.53 -30.72
CA ALA F 84 -17.91 36.86 -29.52
C ALA F 84 -19.09 36.20 -28.81
N ASN F 85 -19.69 35.22 -29.48
CA ASN F 85 -20.85 34.52 -28.94
C ASN F 85 -20.50 33.07 -28.64
N PRO F 86 -20.53 32.66 -27.36
CA PRO F 86 -20.24 31.24 -27.04
C PRO F 86 -21.23 30.26 -27.63
N ASN F 87 -22.42 30.71 -28.05
CA ASN F 87 -23.46 29.81 -28.51
C ASN F 87 -23.57 29.82 -30.03
N PRO F 88 -23.11 28.78 -30.74
CA PRO F 88 -23.14 28.83 -32.21
C PRO F 88 -24.54 28.97 -32.79
N GLU F 89 -25.57 28.44 -32.12
CA GLU F 89 -26.94 28.56 -32.61
C GLU F 89 -27.35 30.00 -32.86
N GLU F 90 -26.75 30.94 -32.14
CA GLU F 90 -27.19 32.33 -32.17
C GLU F 90 -26.45 33.17 -33.19
N LEU F 91 -25.55 32.58 -34.00
CA LEU F 91 -24.69 33.37 -34.88
C LEU F 91 -25.43 33.73 -36.17
N PRO F 92 -25.19 34.90 -36.74
CA PRO F 92 -26.00 35.37 -37.87
C PRO F 92 -25.58 34.81 -39.23
N TRP F 93 -25.29 33.51 -39.31
CA TRP F 93 -24.77 32.91 -40.54
C TRP F 93 -25.77 33.05 -41.68
N GLY F 94 -27.03 32.68 -41.43
CA GLY F 94 -28.05 32.93 -42.44
C GLY F 94 -28.10 34.38 -42.88
N GLU F 95 -28.18 35.31 -41.91
CA GLU F 95 -28.24 36.73 -42.24
C GLU F 95 -27.05 37.16 -43.09
N LEU F 96 -25.86 36.70 -42.75
CA LEU F 96 -24.67 37.10 -43.49
C LEU F 96 -24.42 36.26 -44.74
N GLY F 97 -25.29 35.32 -45.08
CA GLY F 97 -25.04 34.49 -46.24
C GLY F 97 -23.84 33.58 -46.12
N VAL F 98 -23.49 33.17 -44.91
CA VAL F 98 -22.34 32.30 -44.73
C VAL F 98 -22.62 30.93 -45.34
N ASP F 99 -21.74 30.48 -46.23
CA ASP F 99 -21.86 29.16 -46.83
C ASP F 99 -21.30 28.06 -45.93
N VAL F 100 -20.05 28.20 -45.50
CA VAL F 100 -19.35 27.15 -44.76
C VAL F 100 -18.75 27.74 -43.50
N VAL F 101 -18.94 27.06 -42.40
CA VAL F 101 -18.19 27.34 -41.17
C VAL F 101 -17.03 26.37 -41.07
N LEU F 102 -15.88 26.89 -40.70
CA LEU F 102 -14.76 26.11 -40.20
C LEU F 102 -14.93 26.06 -38.69
N GLU F 103 -15.27 24.89 -38.15
CA GLU F 103 -15.49 24.76 -36.71
C GLU F 103 -14.14 24.41 -36.09
N CYS F 104 -13.51 25.40 -35.46
CA CYS F 104 -12.14 25.29 -34.98
C CYS F 104 -12.02 25.58 -33.49
N THR F 105 -13.12 25.50 -32.71
CA THR F 105 -13.08 25.81 -31.29
C THR F 105 -12.60 24.66 -30.42
N GLY F 106 -12.72 23.41 -30.89
CA GLY F 106 -12.45 22.26 -30.05
C GLY F 106 -13.57 21.87 -29.12
N PHE F 107 -14.71 22.56 -29.18
CA PHE F 107 -15.82 22.30 -28.27
C PHE F 107 -17.07 21.81 -28.99
N PHE F 108 -17.04 21.68 -30.32
CA PHE F 108 -18.22 21.28 -31.10
C PHE F 108 -17.86 20.18 -32.08
N THR F 109 -17.09 19.18 -31.63
CA THR F 109 -16.46 18.23 -32.54
C THR F 109 -17.32 16.98 -32.79
N ASN F 110 -18.64 17.08 -32.86
CA ASN F 110 -19.43 15.97 -33.36
C ASN F 110 -20.61 16.55 -34.14
N LYS F 111 -21.35 15.66 -34.79
CA LYS F 111 -22.37 16.10 -35.73
C LYS F 111 -23.46 16.90 -35.03
N THR F 112 -23.95 16.40 -33.89
CA THR F 112 -25.07 17.09 -33.24
C THR F 112 -24.64 18.48 -32.75
N LYS F 113 -23.44 18.59 -32.16
CA LYS F 113 -22.97 19.89 -31.69
C LYS F 113 -22.63 20.83 -32.84
N ALA F 114 -21.99 20.33 -33.90
CA ALA F 114 -21.60 21.19 -35.01
C ALA F 114 -22.78 21.63 -35.88
N GLU F 115 -23.87 20.86 -35.87
CA GLU F 115 -25.09 21.26 -36.59
C GLU F 115 -25.70 22.55 -36.06
N ALA F 116 -25.15 23.09 -34.96
CA ALA F 116 -25.60 24.40 -34.49
C ALA F 116 -25.39 25.47 -35.56
N HIS F 117 -24.26 25.41 -36.26
CA HIS F 117 -24.01 26.36 -37.35
C HIS F 117 -25.03 26.20 -38.47
N ILE F 118 -25.55 24.99 -38.66
CA ILE F 118 -26.54 24.75 -39.70
C ILE F 118 -27.87 25.35 -39.30
N ARG F 119 -28.21 25.21 -38.00
CA ARG F 119 -29.37 25.86 -37.41
C ARG F 119 -29.23 27.38 -37.34
N ALA F 120 -28.00 27.90 -37.38
CA ALA F 120 -27.81 29.34 -37.47
C ALA F 120 -27.90 29.83 -38.91
N GLY F 121 -27.98 28.90 -39.87
CA GLY F 121 -28.23 29.25 -41.26
C GLY F 121 -27.05 29.07 -42.19
N ALA F 122 -25.95 28.53 -41.72
CA ALA F 122 -24.88 28.17 -42.63
C ALA F 122 -25.31 26.94 -43.42
N ARG F 123 -24.76 26.80 -44.62
CA ARG F 123 -25.08 25.65 -45.45
C ARG F 123 -24.24 24.42 -45.12
N LYS F 124 -22.98 24.60 -44.73
CA LYS F 124 -22.06 23.50 -44.50
C LYS F 124 -21.14 23.82 -43.34
N VAL F 125 -20.66 22.78 -42.66
CA VAL F 125 -19.67 22.87 -41.60
C VAL F 125 -18.54 21.88 -41.88
N VAL F 126 -17.31 22.34 -41.72
CA VAL F 126 -16.13 21.48 -41.72
C VAL F 126 -15.56 21.53 -40.31
N ILE F 127 -15.48 20.37 -39.65
CA ILE F 127 -14.91 20.33 -38.30
C ILE F 127 -13.40 20.19 -38.42
N SER F 128 -12.67 21.09 -37.77
CA SER F 128 -11.21 20.99 -37.84
C SER F 128 -10.65 19.99 -36.83
N ALA F 129 -11.27 18.82 -36.72
CA ALA F 129 -10.86 17.79 -35.77
C ALA F 129 -11.62 16.51 -36.10
N PRO F 130 -11.29 15.37 -35.50
CA PRO F 130 -12.18 14.20 -35.63
C PRO F 130 -13.57 14.57 -35.16
N GLY F 131 -14.57 14.10 -35.91
CA GLY F 131 -15.94 14.50 -35.70
C GLY F 131 -16.91 13.40 -35.33
N GLY F 132 -16.39 12.27 -34.87
CA GLY F 132 -17.21 11.09 -34.63
C GLY F 132 -17.20 10.16 -35.84
N ASN F 133 -17.79 8.98 -35.64
CA ASN F 133 -17.72 7.92 -36.63
C ASN F 133 -18.83 7.96 -37.68
N ASP F 134 -19.82 8.85 -37.50
CA ASP F 134 -20.97 8.98 -38.39
C ASP F 134 -20.91 10.19 -39.33
N VAL F 135 -19.75 10.80 -39.52
CA VAL F 135 -19.59 11.94 -40.44
C VAL F 135 -18.47 11.60 -41.40
N LYS F 136 -18.63 12.01 -42.66
CA LYS F 136 -17.55 11.79 -43.60
C LYS F 136 -16.31 12.54 -43.13
N THR F 137 -15.18 11.84 -43.14
CA THR F 137 -13.92 12.34 -42.63
C THR F 137 -12.92 12.28 -43.80
N VAL F 138 -12.37 13.43 -44.18
CA VAL F 138 -11.59 13.56 -45.40
C VAL F 138 -10.19 14.06 -45.09
N VAL F 139 -9.18 13.31 -45.56
CA VAL F 139 -7.80 13.75 -45.65
C VAL F 139 -7.56 14.10 -47.12
N TYR F 140 -7.38 15.38 -47.41
CA TYR F 140 -7.22 15.77 -48.81
C TYR F 140 -6.00 15.12 -49.43
N GLY F 141 -6.16 14.65 -50.67
CA GLY F 141 -5.14 13.89 -51.34
C GLY F 141 -5.25 12.39 -51.15
N VAL F 142 -6.15 11.93 -50.27
CA VAL F 142 -6.35 10.53 -50.00
C VAL F 142 -7.77 10.09 -50.32
N ASN F 143 -8.77 10.86 -49.85
CA ASN F 143 -10.12 10.36 -50.03
C ASN F 143 -11.17 11.44 -50.21
N GLN F 144 -10.79 12.62 -50.74
CA GLN F 144 -11.79 13.68 -50.90
C GLN F 144 -12.88 13.33 -51.92
N ASP F 145 -12.64 12.38 -52.82
CA ASP F 145 -13.66 11.98 -53.77
C ASP F 145 -14.91 11.42 -53.10
N ILE F 146 -14.83 11.04 -51.83
CA ILE F 146 -16.04 10.56 -51.15
C ILE F 146 -17.07 11.67 -50.94
N LEU F 147 -16.68 12.95 -51.08
CA LEU F 147 -17.64 14.05 -50.95
C LEU F 147 -18.39 14.26 -52.26
N ASP F 148 -19.71 14.44 -52.17
CA ASP F 148 -20.50 14.78 -53.35
C ASP F 148 -21.21 16.12 -53.23
N GLY F 149 -20.98 16.88 -52.16
CA GLY F 149 -21.56 18.20 -52.02
C GLY F 149 -22.85 18.25 -51.24
N SER F 150 -23.61 17.15 -51.21
CA SER F 150 -24.87 17.10 -50.50
C SER F 150 -24.70 16.95 -49.00
N GLU F 151 -23.48 16.78 -48.53
CA GLU F 151 -23.21 16.69 -47.10
C GLU F 151 -23.35 18.06 -46.45
N THR F 152 -23.77 18.08 -45.18
CA THR F 152 -23.80 19.33 -44.45
C THR F 152 -22.66 19.46 -43.45
N VAL F 153 -22.30 18.37 -42.79
CA VAL F 153 -21.25 18.38 -41.77
C VAL F 153 -20.22 17.34 -42.15
N ILE F 154 -18.96 17.75 -42.30
CA ILE F 154 -17.86 16.82 -42.54
C ILE F 154 -16.71 17.13 -41.59
N SER F 155 -15.79 16.19 -41.51
CA SER F 155 -14.62 16.32 -40.66
C SER F 155 -13.37 16.26 -41.52
N ALA F 156 -12.40 17.12 -41.21
CA ALA F 156 -11.09 17.05 -41.82
C ALA F 156 -10.10 16.24 -40.99
N ALA F 157 -10.60 15.44 -40.03
CA ALA F 157 -9.79 14.58 -39.16
C ALA F 157 -8.79 15.40 -38.36
N SER F 158 -7.81 14.74 -37.77
CA SER F 158 -6.78 15.36 -36.94
C SER F 158 -5.51 15.65 -37.72
N CYS F 159 -4.64 16.44 -37.10
CA CYS F 159 -3.33 16.69 -37.70
C CYS F 159 -2.59 15.37 -37.93
N THR F 160 -2.62 14.50 -36.92
CA THR F 160 -1.93 13.23 -37.06
C THR F 160 -2.55 12.37 -38.16
N THR F 161 -3.88 12.39 -38.29
CA THR F 161 -4.50 11.61 -39.35
C THR F 161 -4.02 12.08 -40.72
N ASN F 162 -3.86 13.39 -40.88
CA ASN F 162 -3.41 13.93 -42.16
C ASN F 162 -1.95 13.59 -42.43
N CYS F 163 -1.17 13.40 -41.36
CA CYS F 163 0.20 12.93 -41.53
C CYS F 163 0.25 11.43 -41.84
N LEU F 164 -0.48 10.62 -41.09
CA LEU F 164 -0.38 9.16 -41.20
C LEU F 164 -0.95 8.66 -42.52
N ALA F 165 -2.12 9.17 -42.91
CA ALA F 165 -2.95 8.55 -43.95
C ALA F 165 -2.25 8.43 -45.30
N PRO F 166 -1.60 9.45 -45.85
CA PRO F 166 -0.94 9.24 -47.14
C PRO F 166 0.21 8.22 -47.08
N MET F 167 0.96 8.18 -45.96
CA MET F 167 1.96 7.14 -45.78
C MET F 167 1.33 5.76 -45.66
N ALA F 168 0.27 5.65 -44.85
CA ALA F 168 -0.37 4.35 -44.65
C ALA F 168 -1.10 3.89 -45.90
N ALA F 169 -1.61 4.82 -46.70
CA ALA F 169 -2.28 4.45 -47.94
C ALA F 169 -1.31 3.77 -48.90
N VAL F 170 -0.10 4.29 -49.02
CA VAL F 170 0.85 3.66 -49.93
C VAL F 170 1.22 2.26 -49.43
N LEU F 171 1.50 2.11 -48.12
CA LEU F 171 1.84 0.79 -47.60
C LEU F 171 0.71 -0.21 -47.84
N GLN F 172 -0.54 0.23 -47.66
CA GLN F 172 -1.66 -0.68 -47.89
C GLN F 172 -1.82 -1.04 -49.37
N LYS F 173 -1.75 -0.03 -50.28
CA LYS F 173 -1.94 -0.32 -51.71
C LYS F 173 -0.78 -1.10 -52.30
N GLU F 174 0.46 -0.77 -51.94
CA GLU F 174 1.61 -1.39 -52.59
C GLU F 174 2.10 -2.68 -51.93
N PHE F 175 1.86 -2.86 -50.63
CA PHE F 175 2.38 -4.08 -50.00
C PHE F 175 1.29 -4.85 -49.28
N GLY F 176 0.25 -4.14 -48.85
CA GLY F 176 -0.78 -4.67 -47.96
C GLY F 176 -0.32 -4.64 -46.52
N VAL F 177 -1.16 -4.19 -45.58
CA VAL F 177 -0.78 -4.08 -44.17
C VAL F 177 -1.58 -5.11 -43.39
N VAL F 178 -0.86 -5.94 -42.63
CA VAL F 178 -1.53 -6.83 -41.67
C VAL F 178 -2.03 -6.04 -40.47
N GLU F 179 -1.13 -5.29 -39.82
CA GLU F 179 -1.45 -4.44 -38.69
C GLU F 179 -0.26 -3.51 -38.47
N GLY F 180 -0.50 -2.46 -37.68
CA GLY F 180 0.56 -1.53 -37.38
C GLY F 180 0.27 -0.77 -36.10
N LEU F 181 1.34 -0.39 -35.43
CA LEU F 181 1.30 0.45 -34.24
C LEU F 181 2.00 1.76 -34.56
N MET F 182 1.33 2.87 -34.28
CA MET F 182 1.78 4.23 -34.58
C MET F 182 2.33 4.87 -33.32
N THR F 183 3.36 5.71 -33.50
CA THR F 183 3.80 6.60 -32.44
C THR F 183 4.00 7.99 -33.04
N THR F 184 3.21 8.95 -32.61
CA THR F 184 3.44 10.32 -33.04
C THR F 184 4.22 11.07 -31.95
N ILE F 185 5.36 11.63 -32.35
CA ILE F 185 6.17 12.49 -31.50
C ILE F 185 5.73 13.91 -31.86
N HIS F 186 4.97 14.51 -30.98
CA HIS F 186 4.10 15.63 -31.33
C HIS F 186 4.52 16.85 -30.54
N ALA F 187 4.49 18.00 -31.20
CA ALA F 187 4.66 19.26 -30.49
C ALA F 187 3.59 19.37 -29.40
N TYR F 188 3.91 20.12 -28.35
CA TYR F 188 2.87 20.38 -27.36
C TYR F 188 1.85 21.36 -27.92
N THR F 189 0.64 21.31 -27.38
CA THR F 189 -0.45 22.10 -27.93
C THR F 189 -1.20 22.79 -26.80
N GLY F 190 -2.18 23.60 -27.20
CA GLY F 190 -2.93 24.42 -26.25
C GLY F 190 -3.76 23.64 -25.25
N ASP F 191 -3.97 22.34 -25.45
CA ASP F 191 -4.70 21.58 -24.43
C ASP F 191 -3.81 21.09 -23.29
N GLN F 192 -2.52 21.45 -23.26
CA GLN F 192 -1.65 21.17 -22.13
C GLN F 192 -1.41 22.44 -21.31
N ASN F 193 -1.12 22.26 -20.03
CA ASN F 193 -0.90 23.38 -19.13
C ASN F 193 0.51 23.97 -19.29
N THR F 194 0.63 25.26 -18.97
CA THR F 194 1.94 25.90 -19.01
C THR F 194 2.87 25.32 -17.95
N LEU F 195 2.41 25.25 -16.71
CA LEU F 195 3.10 24.60 -15.60
C LEU F 195 2.14 23.62 -14.95
N ASP F 196 2.68 22.72 -14.13
CA ASP F 196 1.88 21.71 -13.43
C ASP F 196 0.70 22.35 -12.73
N ALA F 197 -0.52 21.97 -13.14
CA ALA F 197 -1.73 22.56 -12.59
C ALA F 197 -2.91 21.66 -12.94
N PRO F 198 -4.02 21.76 -12.20
CA PRO F 198 -5.20 20.95 -12.52
C PRO F 198 -5.65 21.13 -13.96
N HIS F 199 -6.10 20.03 -14.56
CA HIS F 199 -6.50 20.04 -15.96
C HIS F 199 -8.01 19.91 -16.08
N ARG F 200 -8.58 20.71 -16.98
CA ARG F 200 -10.03 20.80 -17.10
C ARG F 200 -10.66 19.45 -17.43
N LYS F 201 -10.03 18.67 -18.30
CA LYS F 201 -10.64 17.43 -18.74
C LYS F 201 -10.17 16.22 -17.94
N GLY F 202 -9.56 16.43 -16.77
CA GLY F 202 -9.16 15.36 -15.88
C GLY F 202 -7.94 14.59 -16.31
N ASP F 203 -7.26 15.02 -17.38
CA ASP F 203 -6.12 14.30 -17.94
C ASP F 203 -4.87 14.57 -17.09
N LEU F 204 -4.39 13.53 -16.41
CA LEU F 204 -3.27 13.69 -15.48
C LEU F 204 -1.93 13.99 -16.16
N ARG F 205 -1.77 13.67 -17.44
CA ARG F 205 -0.51 13.94 -18.11
C ARG F 205 -0.50 15.28 -18.82
N ARG F 206 -1.62 15.69 -19.43
CA ARG F 206 -1.73 17.02 -20.03
C ARG F 206 -1.74 18.12 -18.99
N ALA F 207 -1.97 17.77 -17.73
CA ALA F 207 -1.88 18.71 -16.62
C ALA F 207 -0.47 19.20 -16.37
N ARG F 208 0.55 18.48 -16.87
CA ARG F 208 1.94 18.78 -16.53
C ARG F 208 2.47 19.89 -17.44
N ALA F 209 3.47 20.62 -16.93
CA ALA F 209 4.09 21.70 -17.67
C ALA F 209 4.50 21.25 -19.07
N ALA F 210 3.95 21.91 -20.10
CA ALA F 210 4.06 21.39 -21.47
C ALA F 210 5.50 21.42 -21.98
N ALA F 211 6.26 22.48 -21.69
CA ALA F 211 7.58 22.66 -22.27
C ALA F 211 8.69 22.06 -21.44
N LEU F 212 8.36 21.24 -20.43
CA LEU F 212 9.35 20.60 -19.57
C LEU F 212 9.36 19.08 -19.65
N ASN F 213 8.46 18.47 -20.42
CA ASN F 213 8.16 17.06 -20.26
C ASN F 213 7.97 16.34 -21.58
N ILE F 214 8.35 15.08 -21.61
CA ILE F 214 7.77 14.12 -22.53
C ILE F 214 6.46 13.63 -21.92
N VAL F 215 5.35 13.82 -22.62
CA VAL F 215 4.01 13.62 -22.09
C VAL F 215 3.29 12.60 -22.95
N PRO F 216 3.20 11.34 -22.48
CA PRO F 216 2.42 10.36 -23.25
C PRO F 216 0.95 10.76 -23.23
N ASN F 217 0.30 10.59 -24.38
CA ASN F 217 -1.12 10.92 -24.47
C ASN F 217 -1.76 10.13 -25.61
N SER F 218 -3.05 9.89 -25.46
CA SER F 218 -3.73 9.02 -26.41
C SER F 218 -4.11 9.82 -27.65
N THR F 219 -4.39 9.09 -28.72
CA THR F 219 -4.86 9.69 -29.96
C THR F 219 -5.62 8.62 -30.74
N GLY F 220 -6.70 9.04 -31.40
CA GLY F 220 -7.51 8.12 -32.18
C GLY F 220 -7.17 8.08 -33.65
N ALA F 221 -6.10 8.78 -34.07
CA ALA F 221 -5.79 8.90 -35.49
C ALA F 221 -5.63 7.53 -36.14
N ALA F 222 -4.85 6.65 -35.55
CA ALA F 222 -4.59 5.38 -36.21
C ALA F 222 -5.77 4.43 -36.05
N LYS F 223 -6.44 4.46 -34.88
CA LYS F 223 -7.56 3.58 -34.65
C LYS F 223 -8.74 3.88 -35.59
N ALA F 224 -9.00 5.17 -35.83
CA ALA F 224 -10.10 5.63 -36.67
C ALA F 224 -9.73 5.78 -38.14
N ILE F 225 -8.49 5.41 -38.55
CA ILE F 225 -8.03 5.56 -39.94
C ILE F 225 -9.02 4.93 -40.94
N GLY F 226 -9.76 3.90 -40.52
CA GLY F 226 -10.68 3.22 -41.41
C GLY F 226 -11.74 4.12 -42.00
N LEU F 227 -11.99 5.28 -41.39
CA LEU F 227 -12.94 6.22 -41.94
C LEU F 227 -12.38 6.90 -43.17
N VAL F 228 -11.05 7.02 -43.24
CA VAL F 228 -10.37 7.60 -44.39
C VAL F 228 -9.91 6.55 -45.40
N ILE F 229 -9.33 5.45 -44.93
CA ILE F 229 -8.79 4.40 -45.78
C ILE F 229 -9.49 3.09 -45.44
N PRO F 230 -10.52 2.72 -46.21
CA PRO F 230 -11.34 1.55 -45.82
C PRO F 230 -10.54 0.28 -45.69
N GLU F 231 -9.47 0.15 -46.48
CA GLU F 231 -8.66 -1.06 -46.42
CA GLU F 231 -8.63 -1.03 -46.44
C GLU F 231 -7.77 -1.12 -45.19
N LEU F 232 -7.74 -0.06 -44.37
CA LEU F 232 -7.00 -0.10 -43.11
C LEU F 232 -7.92 -0.15 -41.92
N ASN F 233 -9.20 -0.42 -42.15
CA ASN F 233 -10.17 -0.43 -41.07
C ASN F 233 -9.84 -1.50 -40.04
N GLY F 234 -9.70 -1.08 -38.79
CA GLY F 234 -9.40 -2.00 -37.72
C GLY F 234 -7.98 -2.54 -37.71
N LYS F 235 -7.08 -2.02 -38.55
CA LYS F 235 -5.75 -2.60 -38.62
C LYS F 235 -4.68 -1.84 -37.85
N LEU F 236 -4.95 -0.61 -37.44
CA LEU F 236 -3.94 0.24 -36.82
C LEU F 236 -4.39 0.76 -35.48
N ASP F 237 -3.43 0.99 -34.60
CA ASP F 237 -3.64 1.78 -33.42
C ASP F 237 -2.31 2.46 -33.10
N GLY F 238 -2.27 3.20 -32.01
CA GLY F 238 -1.04 3.86 -31.65
C GLY F 238 -1.27 4.90 -30.58
N SER F 239 -0.25 5.72 -30.36
CA SER F 239 -0.31 6.65 -29.25
C SER F 239 0.61 7.85 -29.52
N ALA F 240 0.60 8.82 -28.61
CA ALA F 240 1.36 10.05 -28.82
C ALA F 240 2.32 10.28 -27.66
N GLN F 241 3.44 10.95 -27.99
CA GLN F 241 4.34 11.49 -26.99
C GLN F 241 4.52 12.97 -27.33
N ARG F 242 3.94 13.84 -26.50
CA ARG F 242 4.10 15.29 -26.66
C ARG F 242 5.44 15.72 -26.07
N VAL F 243 6.19 16.53 -26.81
CA VAL F 243 7.54 16.91 -26.39
C VAL F 243 7.69 18.42 -26.53
N PRO F 244 8.69 19.02 -25.85
CA PRO F 244 8.79 20.50 -25.79
C PRO F 244 9.32 21.16 -27.06
N VAL F 245 8.56 21.06 -28.16
CA VAL F 245 8.65 21.99 -29.28
C VAL F 245 7.27 22.61 -29.49
N ALA F 246 7.26 23.90 -29.88
CA ALA F 246 6.01 24.66 -29.92
C ALA F 246 5.17 24.38 -31.17
N THR F 247 5.77 23.83 -32.22
CA THR F 247 5.04 23.28 -33.36
C THR F 247 6.01 22.43 -34.15
N GLY F 248 5.46 21.52 -34.95
CA GLY F 248 6.26 20.56 -35.70
C GLY F 248 6.29 19.21 -35.02
N SER F 249 5.94 18.16 -35.77
CA SER F 249 5.70 16.84 -35.22
C SER F 249 6.14 15.78 -36.22
N LEU F 250 6.14 14.52 -35.78
CA LEU F 250 6.34 13.41 -36.72
C LEU F 250 5.52 12.21 -36.29
N THR F 251 5.25 11.34 -37.27
CA THR F 251 4.49 10.12 -37.11
C THR F 251 5.31 8.91 -37.56
N GLU F 252 5.56 8.00 -36.63
CA GLU F 252 6.14 6.69 -36.91
C GLU F 252 5.02 5.68 -37.00
N LEU F 253 5.17 4.76 -37.94
CA LEU F 253 4.32 3.58 -38.02
C LEU F 253 5.24 2.37 -38.06
N VAL F 254 5.09 1.46 -37.09
CA VAL F 254 5.73 0.16 -37.16
C VAL F 254 4.66 -0.84 -37.58
N SER F 255 4.86 -1.50 -38.72
CA SER F 255 3.82 -2.35 -39.28
C SER F 255 4.35 -3.70 -39.72
N VAL F 256 3.42 -4.65 -39.78
CA VAL F 256 3.66 -5.95 -40.39
C VAL F 256 2.95 -5.92 -41.73
N LEU F 257 3.70 -6.09 -42.81
CA LEU F 257 3.18 -6.04 -44.18
C LEU F 257 2.87 -7.45 -44.66
N GLU F 258 2.13 -7.55 -45.77
CA GLU F 258 1.70 -8.85 -46.27
C GLU F 258 2.70 -9.48 -47.24
N ARG F 259 3.63 -8.71 -47.77
CA ARG F 259 4.66 -9.25 -48.63
C ARG F 259 5.99 -8.62 -48.23
N PRO F 260 7.11 -9.27 -48.57
CA PRO F 260 8.42 -8.68 -48.27
C PRO F 260 8.59 -7.35 -48.99
N ALA F 261 9.39 -6.48 -48.39
CA ALA F 261 9.63 -5.14 -48.87
C ALA F 261 11.10 -4.81 -48.65
N THR F 262 11.61 -3.87 -49.42
CA THR F 262 12.93 -3.31 -49.13
C THR F 262 12.77 -1.83 -48.80
N LYS F 263 13.80 -1.29 -48.15
CA LYS F 263 13.80 0.12 -47.81
C LYS F 263 13.62 0.98 -49.06
N GLU F 264 14.35 0.63 -50.13
CA GLU F 264 14.34 1.41 -51.37
C GLU F 264 13.00 1.33 -52.07
N GLU F 265 12.39 0.14 -52.05
CA GLU F 265 11.08 -0.06 -52.66
C GLU F 265 10.00 0.76 -51.96
N ILE F 266 9.99 0.78 -50.63
CA ILE F 266 9.05 1.61 -49.88
C ILE F 266 9.23 3.08 -50.22
N ASN F 267 10.49 3.54 -50.25
CA ASN F 267 10.74 4.96 -50.47
C ASN F 267 10.35 5.40 -51.88
N ALA F 268 10.65 4.58 -52.89
CA ALA F 268 10.26 4.90 -54.25
C ALA F 268 8.74 4.96 -54.38
N ALA F 269 8.05 4.06 -53.67
CA ALA F 269 6.59 4.07 -53.71
C ALA F 269 6.04 5.31 -53.04
N MET F 270 6.71 5.79 -52.00
CA MET F 270 6.33 7.05 -51.38
C MET F 270 6.53 8.21 -52.36
N LYS F 271 7.71 8.24 -53.00
CA LYS F 271 8.03 9.30 -53.93
C LYS F 271 7.08 9.33 -55.11
N ALA F 272 6.75 8.16 -55.66
CA ALA F 272 5.84 8.12 -56.79
C ALA F 272 4.48 8.70 -56.42
N ALA F 273 4.09 8.59 -55.16
CA ALA F 273 2.80 9.08 -54.68
C ALA F 273 2.84 10.52 -54.15
N SER F 274 3.98 11.21 -54.29
CA SER F 274 4.10 12.56 -53.75
C SER F 274 3.23 13.54 -54.52
N SER F 275 2.80 14.61 -53.84
CA SER F 275 1.85 15.56 -54.41
C SER F 275 1.93 16.90 -53.66
N GLU F 276 0.96 17.78 -53.92
CA GLU F 276 0.89 19.02 -53.18
C GLU F 276 0.54 18.79 -51.72
N SER F 277 -0.13 17.67 -51.42
CA SER F 277 -0.46 17.28 -50.05
C SER F 277 0.60 16.40 -49.41
N TYR F 278 1.27 15.57 -50.20
CA TYR F 278 2.20 14.56 -49.67
C TYR F 278 3.60 14.84 -50.21
N GLY F 279 4.46 15.36 -49.37
CA GLY F 279 5.82 15.64 -49.75
C GLY F 279 6.74 14.45 -49.59
N TYR F 280 7.89 14.52 -50.26
CA TYR F 280 8.92 13.48 -50.17
C TYR F 280 10.25 14.12 -49.81
N ASN F 281 10.89 13.64 -48.75
CA ASN F 281 12.12 14.26 -48.26
C ASN F 281 13.28 13.27 -48.22
N GLU F 282 14.46 13.76 -48.60
CA GLU F 282 15.69 12.97 -48.53
C GLU F 282 16.81 13.66 -47.76
N ASP F 283 16.57 14.84 -47.21
CA ASP F 283 17.59 15.54 -46.44
C ASP F 283 17.50 15.19 -44.96
N GLN F 284 18.57 15.50 -44.24
CA GLN F 284 18.69 15.22 -42.81
C GLN F 284 18.03 16.34 -42.01
N ILE F 285 16.72 16.44 -42.15
CA ILE F 285 15.98 17.55 -41.57
C ILE F 285 15.61 17.23 -40.13
N VAL F 286 15.28 18.27 -39.39
CA VAL F 286 14.76 18.18 -38.03
C VAL F 286 13.46 18.98 -37.97
N SER F 287 12.82 18.96 -36.81
CA SER F 287 11.44 19.45 -36.72
C SER F 287 11.32 20.93 -37.10
N SER F 288 12.32 21.75 -36.79
CA SER F 288 12.19 23.17 -37.12
C SER F 288 12.17 23.42 -38.64
N ASP F 289 12.74 22.53 -39.44
CA ASP F 289 12.67 22.68 -40.89
C ASP F 289 11.26 22.51 -41.43
N VAL F 290 10.37 21.97 -40.61
CA VAL F 290 9.01 21.63 -41.03
C VAL F 290 8.00 22.70 -40.62
N VAL F 291 8.37 23.63 -39.74
CA VAL F 291 7.48 24.71 -39.34
C VAL F 291 7.07 25.48 -40.58
N GLY F 292 5.74 25.63 -40.77
CA GLY F 292 5.26 26.44 -41.87
C GLY F 292 5.16 25.78 -43.22
N ILE F 293 5.47 24.49 -43.32
CA ILE F 293 5.30 23.82 -44.61
C ILE F 293 3.82 23.69 -44.95
N GLU F 294 3.53 23.51 -46.24
CA GLU F 294 2.19 23.42 -46.75
C GLU F 294 1.76 22.02 -47.14
N TYR F 295 2.68 21.05 -47.19
CA TYR F 295 2.25 19.66 -47.33
C TYR F 295 1.48 19.25 -46.08
N GLY F 296 0.44 18.44 -46.26
CA GLY F 296 -0.19 17.82 -45.10
C GLY F 296 0.69 16.76 -44.44
N SER F 297 1.65 16.20 -45.17
CA SER F 297 2.53 15.16 -44.67
C SER F 297 3.81 15.22 -45.49
N LEU F 298 4.93 15.00 -44.84
CA LEU F 298 6.23 15.04 -45.51
C LEU F 298 6.94 13.74 -45.19
N PHE F 299 6.96 12.82 -46.15
CA PHE F 299 7.59 11.54 -45.92
C PHE F 299 9.11 11.68 -45.83
N ASP F 300 9.70 11.01 -44.85
CA ASP F 300 11.13 11.06 -44.59
C ASP F 300 11.76 9.71 -44.95
N ALA F 301 12.29 9.62 -46.16
CA ALA F 301 12.95 8.41 -46.63
C ALA F 301 14.19 8.07 -45.83
N THR F 302 14.82 9.05 -45.17
CA THR F 302 16.05 8.77 -44.42
C THR F 302 15.77 7.92 -43.19
N GLN F 303 14.53 7.80 -42.74
CA GLN F 303 14.25 7.06 -41.53
C GLN F 303 13.64 5.69 -41.80
N THR F 304 13.44 5.31 -43.05
CA THR F 304 12.80 4.03 -43.38
C THR F 304 13.65 2.84 -42.94
N ARG F 305 13.03 1.89 -42.25
CA ARG F 305 13.72 0.69 -41.80
C ARG F 305 12.86 -0.53 -42.11
N VAL F 306 13.47 -1.50 -42.79
CA VAL F 306 12.89 -2.83 -42.98
C VAL F 306 13.84 -3.80 -42.30
N MET F 307 13.40 -4.40 -41.20
CA MET F 307 14.24 -5.32 -40.45
C MET F 307 13.77 -6.75 -40.69
N THR F 308 14.69 -7.61 -41.11
CA THR F 308 14.35 -8.99 -41.47
C THR F 308 15.06 -9.93 -40.50
N VAL F 309 14.27 -10.78 -39.84
CA VAL F 309 14.76 -11.75 -38.86
C VAL F 309 14.15 -13.09 -39.22
N GLY F 310 14.97 -14.04 -39.66
CA GLY F 310 14.50 -15.35 -40.05
C GLY F 310 13.34 -15.30 -41.01
N GLY F 311 13.43 -14.45 -42.04
CA GLY F 311 12.35 -14.32 -42.99
C GLY F 311 11.23 -13.39 -42.57
N LYS F 312 11.12 -13.07 -41.28
CA LYS F 312 10.08 -12.19 -40.80
C LYS F 312 10.51 -10.73 -40.87
N GLN F 313 9.64 -9.88 -41.40
CA GLN F 313 9.95 -8.46 -41.56
C GLN F 313 9.04 -7.61 -40.68
N LEU F 314 9.63 -6.57 -40.10
CA LEU F 314 8.94 -5.53 -39.35
C LEU F 314 9.46 -4.21 -39.89
N VAL F 315 8.55 -3.27 -40.13
CA VAL F 315 8.85 -2.08 -40.93
C VAL F 315 8.49 -0.82 -40.14
N LYS F 316 9.38 0.17 -40.21
CA LYS F 316 9.15 1.49 -39.66
C LYS F 316 9.20 2.52 -40.79
N THR F 317 8.16 3.32 -40.90
CA THR F 317 8.12 4.45 -41.82
C THR F 317 7.79 5.70 -41.03
N VAL F 318 8.37 6.84 -41.43
CA VAL F 318 8.24 8.08 -40.67
C VAL F 318 7.88 9.23 -41.60
N ALA F 319 6.93 10.06 -41.19
CA ALA F 319 6.58 11.26 -41.93
C ALA F 319 6.53 12.46 -40.99
N TRP F 320 6.98 13.62 -41.46
CA TRP F 320 6.91 14.86 -40.69
C TRP F 320 5.60 15.61 -40.96
N TYR F 321 5.27 16.53 -40.06
CA TYR F 321 4.21 17.51 -40.30
C TYR F 321 4.35 18.68 -39.35
N ASP F 322 4.03 19.86 -39.84
CA ASP F 322 3.69 20.96 -38.95
C ASP F 322 2.24 20.74 -38.51
N ASN F 323 2.02 20.28 -37.28
CA ASN F 323 0.66 20.04 -36.82
C ASN F 323 -0.20 21.29 -36.95
N GLU F 324 0.41 22.48 -37.04
CA GLU F 324 -0.34 23.71 -37.28
C GLU F 324 -0.53 23.96 -38.78
N MET F 325 0.53 24.28 -39.52
CA MET F 325 0.36 24.75 -40.89
C MET F 325 0.00 23.62 -41.85
N SER F 326 0.60 22.43 -41.68
CA SER F 326 0.28 21.29 -42.55
C SER F 326 -1.20 20.94 -42.47
N TYR F 327 -1.73 20.89 -41.26
CA TYR F 327 -3.14 20.57 -41.12
C TYR F 327 -4.00 21.70 -41.69
N THR F 328 -3.62 22.96 -41.40
CA THR F 328 -4.38 24.10 -41.91
C THR F 328 -4.48 24.04 -43.43
N CYS F 329 -3.36 23.74 -44.11
CA CYS F 329 -3.43 23.67 -45.56
C CYS F 329 -4.32 22.52 -46.02
N GLN F 330 -4.27 21.39 -45.31
CA GLN F 330 -5.19 20.29 -45.64
C GLN F 330 -6.62 20.71 -45.42
N LEU F 331 -6.88 21.38 -44.30
CA LEU F 331 -8.22 21.86 -43.98
C LEU F 331 -8.78 22.75 -45.10
N VAL F 332 -7.94 23.64 -45.63
CA VAL F 332 -8.36 24.59 -46.64
C VAL F 332 -8.54 23.91 -48.00
N ARG F 333 -7.63 23.00 -48.35
CA ARG F 333 -7.85 22.20 -49.54
C ARG F 333 -9.16 21.45 -49.46
N THR F 334 -9.42 20.80 -48.32
CA THR F 334 -10.66 20.07 -48.16
C THR F 334 -11.86 21.01 -48.24
N LEU F 335 -11.74 22.18 -47.61
CA LEU F 335 -12.77 23.21 -47.67
C LEU F 335 -13.03 23.65 -49.10
N GLU F 336 -11.95 23.93 -49.84
CA GLU F 336 -12.14 24.43 -51.20
C GLU F 336 -12.81 23.38 -52.06
N TYR F 337 -12.34 22.13 -51.96
CA TYR F 337 -12.93 21.06 -52.75
C TYR F 337 -14.40 20.85 -52.36
N PHE F 338 -14.68 20.86 -51.06
CA PHE F 338 -16.05 20.73 -50.57
C PHE F 338 -16.93 21.90 -51.01
N ALA F 339 -16.40 23.13 -50.94
CA ALA F 339 -17.21 24.29 -51.30
C ALA F 339 -17.45 24.36 -52.80
N GLY F 340 -16.55 23.81 -53.61
CA GLY F 340 -16.73 23.78 -55.04
C GLY F 340 -17.77 22.79 -55.50
N LYS F 341 -18.30 22.00 -54.58
CA LYS F 341 -19.43 21.15 -54.86
C LYS F 341 -20.61 21.70 -54.06
N ILE G 11 32.51 44.67 -55.87
CA ILE G 11 33.23 44.44 -54.62
C ILE G 11 33.12 42.96 -54.21
N LYS G 12 34.27 42.29 -54.15
CA LYS G 12 34.34 40.85 -53.90
C LYS G 12 34.58 40.59 -52.41
N VAL G 13 33.65 39.88 -51.78
CA VAL G 13 33.70 39.62 -50.34
C VAL G 13 33.97 38.14 -50.10
N ALA G 14 34.67 37.85 -49.01
CA ALA G 14 34.80 36.50 -48.49
C ALA G 14 34.34 36.47 -47.04
N ILE G 15 33.82 35.33 -46.61
CA ILE G 15 33.27 35.16 -45.27
C ILE G 15 34.14 34.15 -44.51
N ASN G 16 34.86 34.62 -43.50
CA ASN G 16 35.67 33.75 -42.65
C ASN G 16 34.85 33.47 -41.39
N GLY G 17 34.44 32.22 -41.22
CA GLY G 17 33.53 31.85 -40.16
C GLY G 17 32.10 31.80 -40.65
N PHE G 18 31.69 30.63 -41.14
CA PHE G 18 30.35 30.44 -41.69
C PHE G 18 29.38 30.02 -40.58
N GLY G 19 29.34 30.85 -39.55
CA GLY G 19 28.52 30.58 -38.38
C GLY G 19 27.16 31.20 -38.50
N ARG G 20 26.58 31.54 -37.36
CA ARG G 20 25.29 32.20 -37.38
C ARG G 20 25.35 33.50 -38.16
N ILE G 21 26.29 34.37 -37.79
CA ILE G 21 26.43 35.66 -38.46
C ILE G 21 26.96 35.48 -39.87
N GLY G 22 27.96 34.61 -40.05
CA GLY G 22 28.52 34.42 -41.37
C GLY G 22 27.49 33.97 -42.39
N ARG G 23 26.65 32.99 -42.01
CA ARG G 23 25.67 32.44 -42.94
C ARG G 23 24.55 33.44 -43.20
N LEU G 24 24.09 34.15 -42.18
CA LEU G 24 23.07 35.16 -42.44
C LEU G 24 23.64 36.32 -43.25
N ALA G 25 24.91 36.67 -43.03
CA ALA G 25 25.54 37.70 -43.86
C ALA G 25 25.45 37.33 -45.32
N LEU G 26 25.73 36.06 -45.64
CA LEU G 26 25.60 35.61 -47.02
C LEU G 26 24.17 35.78 -47.51
N ARG G 27 23.19 35.42 -46.69
CA ARG G 27 21.79 35.66 -47.06
C ARG G 27 21.53 37.13 -47.36
N GLN G 28 22.03 38.03 -46.51
CA GLN G 28 21.73 39.44 -46.73
C GLN G 28 22.54 40.02 -47.90
N ILE G 29 23.78 39.55 -48.08
CA ILE G 29 24.59 40.07 -49.17
C ILE G 29 24.03 39.63 -50.52
N GLU G 30 23.42 38.44 -50.59
CA GLU G 30 22.79 38.02 -51.84
C GLU G 30 21.72 39.00 -52.29
N LYS G 31 21.01 39.61 -51.36
CA LYS G 31 19.96 40.57 -51.71
C LYS G 31 20.47 41.97 -51.97
N ALA G 32 21.77 42.23 -51.84
CA ALA G 32 22.33 43.56 -51.99
C ALA G 32 22.88 43.75 -53.39
N HIS G 33 22.88 44.99 -53.86
CA HIS G 33 23.33 45.32 -55.20
C HIS G 33 24.72 45.97 -55.14
N GLY G 34 25.65 45.43 -55.91
CA GLY G 34 26.98 46.00 -56.02
C GLY G 34 28.06 45.31 -55.23
N ILE G 35 27.72 44.25 -54.50
CA ILE G 35 28.65 43.54 -53.65
C ILE G 35 28.30 42.05 -53.71
N GLU G 36 29.32 41.20 -53.68
CA GLU G 36 29.06 39.79 -53.90
C GLU G 36 30.03 38.95 -53.10
N VAL G 37 29.53 37.84 -52.54
CA VAL G 37 30.38 36.91 -51.79
C VAL G 37 31.04 35.95 -52.77
N ALA G 38 32.38 35.90 -52.72
CA ALA G 38 33.14 35.06 -53.63
C ALA G 38 33.55 33.73 -53.02
N ALA G 39 33.69 33.65 -51.69
CA ALA G 39 34.15 32.42 -51.05
C ALA G 39 33.78 32.48 -49.58
N VAL G 40 33.65 31.29 -48.99
CA VAL G 40 33.45 31.13 -47.55
C VAL G 40 34.52 30.18 -47.02
N ASN G 41 34.90 30.37 -45.76
CA ASN G 41 35.88 29.53 -45.10
C ASN G 41 35.43 29.15 -43.70
N ASP G 42 35.60 27.89 -43.34
CA ASP G 42 35.17 27.37 -42.04
C ASP G 42 36.05 26.14 -41.71
N LEU G 43 35.66 25.37 -40.70
CA LEU G 43 36.44 24.19 -40.30
C LEU G 43 35.84 22.86 -40.76
N THR G 44 34.92 22.87 -41.71
CA THR G 44 34.09 21.71 -41.98
C THR G 44 33.96 21.49 -43.48
N PRO G 45 33.70 20.26 -43.91
CA PRO G 45 33.45 20.00 -45.34
C PRO G 45 32.27 20.79 -45.89
N ALA G 46 32.27 20.93 -47.22
CA ALA G 46 31.25 21.74 -47.90
C ALA G 46 29.85 21.19 -47.69
N GLU G 47 29.72 19.87 -47.50
CA GLU G 47 28.41 19.26 -47.30
C GLU G 47 27.70 19.82 -46.07
N MET G 48 28.45 20.03 -44.98
CA MET G 48 27.88 20.53 -43.74
C MET G 48 27.47 22.01 -43.85
N LEU G 49 28.29 22.82 -44.52
CA LEU G 49 27.96 24.23 -44.63
C LEU G 49 26.72 24.43 -45.47
N LEU G 50 26.61 23.71 -46.58
CA LEU G 50 25.44 23.82 -47.45
C LEU G 50 24.17 23.48 -46.68
N HIS G 51 24.21 22.38 -45.92
CA HIS G 51 23.05 21.99 -45.15
C HIS G 51 22.63 23.09 -44.18
N LEU G 52 23.59 23.61 -43.41
CA LEU G 52 23.27 24.67 -42.44
C LEU G 52 22.87 25.96 -43.13
N PHE G 53 23.34 26.20 -44.35
CA PHE G 53 22.89 27.37 -45.08
C PHE G 53 21.43 27.20 -45.50
N LYS G 54 21.07 25.99 -45.97
CA LYS G 54 19.70 25.75 -46.42
C LYS G 54 18.73 25.72 -45.25
N TYR G 55 19.08 25.02 -44.18
CA TYR G 55 18.17 24.78 -43.06
C TYR G 55 18.65 25.52 -41.84
N ASP G 56 17.79 26.30 -41.24
CA ASP G 56 18.16 27.17 -40.12
C ASP G 56 17.04 27.10 -39.08
N SER G 57 17.39 26.68 -37.86
CA SER G 57 16.38 26.40 -36.83
C SER G 57 15.64 27.65 -36.38
N THR G 58 16.27 28.82 -36.43
CA THR G 58 15.60 30.03 -35.99
C THR G 58 15.26 30.99 -37.11
N GLN G 59 16.01 30.99 -38.19
CA GLN G 59 15.78 31.97 -39.25
C GLN G 59 15.06 31.39 -40.46
N GLY G 60 14.71 30.10 -40.43
CA GLY G 60 13.97 29.49 -41.52
C GLY G 60 14.88 29.04 -42.66
N ARG G 61 14.28 28.27 -43.56
CA ARG G 61 14.98 27.79 -44.75
C ARG G 61 15.44 28.95 -45.62
N PHE G 62 16.54 28.73 -46.33
CA PHE G 62 17.03 29.74 -47.25
C PHE G 62 16.02 29.92 -48.38
N GLN G 63 15.69 31.17 -48.69
CA GLN G 63 14.75 31.48 -49.77
C GLN G 63 15.53 31.57 -51.07
N GLY G 64 15.89 30.41 -51.60
CA GLY G 64 16.68 30.36 -52.81
C GLY G 64 17.23 28.97 -52.99
N THR G 65 17.98 28.80 -54.07
CA THR G 65 18.57 27.52 -54.38
C THR G 65 19.97 27.42 -53.82
N ALA G 66 20.33 26.23 -53.37
CA ALA G 66 21.66 25.98 -52.81
C ALA G 66 21.98 24.51 -53.03
N GLU G 67 23.05 24.25 -53.79
CA GLU G 67 23.44 22.90 -54.15
C GLU G 67 24.94 22.74 -53.92
N LEU G 68 25.39 21.48 -53.89
CA LEU G 68 26.79 21.15 -53.62
C LEU G 68 27.56 20.87 -54.90
N LYS G 69 28.80 21.33 -54.95
CA LYS G 69 29.82 20.88 -55.91
C LYS G 69 31.04 20.41 -55.14
N ASP G 70 32.05 19.91 -55.86
CA ASP G 70 33.29 19.48 -55.22
C ASP G 70 33.97 20.68 -54.59
N ASP G 71 33.81 20.82 -53.26
CA ASP G 71 34.41 21.93 -52.52
C ASP G 71 33.86 23.28 -52.95
N ALA G 72 32.55 23.33 -53.20
CA ALA G 72 31.88 24.56 -53.59
C ALA G 72 30.39 24.41 -53.38
N ILE G 73 29.73 25.53 -53.07
CA ILE G 73 28.28 25.58 -53.01
C ILE G 73 27.79 26.50 -54.12
N VAL G 74 26.64 26.18 -54.68
CA VAL G 74 26.05 26.98 -55.75
C VAL G 74 24.80 27.64 -55.17
N VAL G 75 24.88 28.94 -54.96
CA VAL G 75 23.80 29.71 -54.35
C VAL G 75 23.19 30.60 -55.41
N ASN G 76 21.90 30.43 -55.66
CA ASN G 76 21.19 31.21 -56.68
C ASN G 76 21.94 31.17 -58.01
N GLY G 77 22.50 30.01 -58.34
CA GLY G 77 23.21 29.80 -59.57
C GLY G 77 24.69 30.13 -59.56
N ARG G 78 25.14 31.02 -58.69
CA ARG G 78 26.54 31.43 -58.68
C ARG G 78 27.38 30.53 -57.77
N GLU G 79 28.56 30.15 -58.26
CA GLU G 79 29.43 29.25 -57.51
C GLU G 79 30.20 30.03 -56.46
N ILE G 80 30.29 29.47 -55.27
CA ILE G 80 31.03 30.04 -54.16
C ILE G 80 32.04 28.99 -53.68
N LYS G 81 33.32 29.33 -53.71
CA LYS G 81 34.36 28.37 -53.33
C LYS G 81 34.35 28.13 -51.83
N VAL G 82 34.59 26.89 -51.43
CA VAL G 82 34.53 26.49 -50.04
C VAL G 82 35.91 26.04 -49.60
N PHE G 83 36.39 26.61 -48.51
CA PHE G 83 37.67 26.24 -47.93
C PHE G 83 37.47 25.90 -46.46
N ALA G 84 38.40 25.10 -45.93
CA ALA G 84 38.31 24.59 -44.57
C ALA G 84 39.65 24.77 -43.85
N ASN G 85 40.05 26.03 -43.68
CA ASN G 85 41.40 26.38 -43.24
C ASN G 85 41.38 27.16 -41.93
N PRO G 86 41.85 26.56 -40.83
CA PRO G 86 41.82 27.28 -39.54
C PRO G 86 42.72 28.50 -39.52
N ASN G 87 43.92 28.42 -40.11
CA ASN G 87 44.85 29.53 -40.11
C ASN G 87 44.56 30.42 -41.31
N PRO G 88 44.10 31.67 -41.11
CA PRO G 88 43.84 32.55 -42.25
C PRO G 88 45.10 33.08 -42.92
N GLU G 89 46.28 32.67 -42.49
CA GLU G 89 47.50 33.03 -43.21
C GLU G 89 47.57 32.35 -44.57
N GLU G 90 46.95 31.18 -44.71
CA GLU G 90 47.09 30.33 -45.89
C GLU G 90 45.89 30.42 -46.83
N LEU G 91 44.93 31.31 -46.57
CA LEU G 91 43.74 31.42 -47.40
C LEU G 91 44.05 32.22 -48.66
N PRO G 92 43.64 31.74 -49.86
CA PRO G 92 44.04 32.35 -51.13
C PRO G 92 43.29 33.63 -51.50
N TRP G 93 43.24 34.58 -50.56
CA TRP G 93 42.48 35.81 -50.80
C TRP G 93 43.08 36.64 -51.93
N GLY G 94 44.41 36.61 -52.09
CA GLY G 94 45.03 37.32 -53.20
C GLY G 94 44.73 36.67 -54.53
N GLU G 95 44.83 35.34 -54.60
CA GLU G 95 44.57 34.62 -55.85
C GLU G 95 43.14 34.84 -56.33
N LEU G 96 42.16 34.76 -55.43
CA LEU G 96 40.76 34.91 -55.82
C LEU G 96 40.35 36.36 -56.02
N GLY G 97 41.23 37.31 -55.71
CA GLY G 97 40.92 38.72 -55.86
C GLY G 97 39.90 39.22 -54.86
N VAL G 98 40.12 38.89 -53.59
CA VAL G 98 39.19 39.21 -52.50
C VAL G 98 39.50 40.61 -51.97
N ASP G 99 38.45 41.44 -51.88
CA ASP G 99 38.59 42.84 -51.43
C ASP G 99 38.41 42.99 -49.93
N VAL G 100 37.19 42.77 -49.44
CA VAL G 100 36.86 42.93 -48.02
C VAL G 100 36.56 41.55 -47.44
N VAL G 101 37.25 41.19 -46.37
CA VAL G 101 36.90 40.01 -45.59
C VAL G 101 35.96 40.41 -44.47
N LEU G 102 34.86 39.66 -44.33
CA LEU G 102 34.04 39.68 -43.13
C LEU G 102 34.58 38.60 -42.20
N GLU G 103 35.21 39.02 -41.11
CA GLU G 103 35.84 38.11 -40.16
C GLU G 103 34.80 37.72 -39.11
N CYS G 104 34.24 36.52 -39.26
CA CYS G 104 33.10 36.06 -38.45
C CYS G 104 33.40 34.79 -37.68
N THR G 105 34.68 34.48 -37.44
CA THR G 105 35.02 33.27 -36.68
C THR G 105 34.91 33.47 -35.17
N GLY G 106 34.97 34.71 -34.69
CA GLY G 106 35.07 34.92 -33.25
C GLY G 106 36.45 34.73 -32.67
N PHE G 107 37.47 34.49 -33.49
CA PHE G 107 38.81 34.22 -33.01
C PHE G 107 39.83 35.26 -33.43
N PHE G 108 39.45 36.31 -34.15
CA PHE G 108 40.40 37.28 -34.66
C PHE G 108 39.93 38.72 -34.47
N THR G 109 39.49 39.04 -33.24
CA THR G 109 38.76 40.28 -32.95
C THR G 109 39.66 41.46 -32.65
N ASN G 110 40.83 41.58 -33.29
CA ASN G 110 41.64 42.79 -33.22
C ASN G 110 42.46 42.94 -34.50
N LYS G 111 43.19 44.06 -34.59
CA LYS G 111 43.95 44.38 -35.80
C LYS G 111 45.08 43.38 -36.05
N THR G 112 45.81 43.01 -34.99
CA THR G 112 46.96 42.12 -35.17
C THR G 112 46.53 40.75 -35.66
N LYS G 113 45.46 40.19 -35.09
CA LYS G 113 44.98 38.89 -35.55
C LYS G 113 44.35 38.98 -36.93
N ALA G 114 43.55 40.02 -37.17
CA ALA G 114 42.84 40.17 -38.44
C ALA G 114 43.77 40.54 -39.59
N GLU G 115 44.94 41.14 -39.29
CA GLU G 115 45.88 41.50 -40.34
C GLU G 115 46.29 40.29 -41.17
N ALA G 116 46.20 39.08 -40.60
CA ALA G 116 46.53 37.86 -41.33
C ALA G 116 45.65 37.69 -42.56
N HIS G 117 44.47 38.31 -42.59
CA HIS G 117 43.69 38.34 -43.81
C HIS G 117 44.33 39.24 -44.85
N ILE G 118 44.95 40.35 -44.40
CA ILE G 118 45.65 41.23 -45.33
C ILE G 118 46.91 40.56 -45.84
N ARG G 119 47.65 39.87 -44.96
CA ARG G 119 48.84 39.14 -45.39
C ARG G 119 48.47 38.01 -46.35
N ALA G 120 47.36 37.33 -46.08
CA ALA G 120 46.80 36.37 -47.03
C ALA G 120 46.46 37.03 -48.37
N GLY G 121 46.25 38.34 -48.38
CA GLY G 121 46.10 39.08 -49.62
C GLY G 121 44.79 39.83 -49.80
N ALA G 122 44.22 40.36 -48.72
CA ALA G 122 42.97 41.09 -48.80
C ALA G 122 43.20 42.56 -48.44
N ARG G 123 42.44 43.43 -49.11
CA ARG G 123 42.52 44.87 -48.87
C ARG G 123 41.96 45.25 -47.49
N LYS G 124 40.65 45.20 -47.34
CA LYS G 124 40.02 45.61 -46.10
C LYS G 124 39.46 44.40 -45.37
N VAL G 125 39.32 44.52 -44.05
CA VAL G 125 38.68 43.52 -43.22
C VAL G 125 37.64 44.22 -42.35
N VAL G 126 36.48 43.59 -42.18
CA VAL G 126 35.45 44.04 -41.23
C VAL G 126 35.23 42.90 -40.23
N ILE G 127 35.51 43.18 -38.96
CA ILE G 127 35.34 42.20 -37.89
C ILE G 127 33.92 42.26 -37.36
N SER G 128 33.25 41.09 -37.34
CA SER G 128 31.86 41.02 -36.87
C SER G 128 31.76 41.00 -35.35
N ALA G 129 32.56 41.80 -34.68
CA ALA G 129 32.62 41.85 -33.23
C ALA G 129 33.43 43.08 -32.84
N PRO G 130 33.45 43.47 -31.57
CA PRO G 130 34.37 44.53 -31.13
C PRO G 130 35.82 44.19 -31.49
N GLY G 131 36.55 45.23 -31.93
CA GLY G 131 37.89 45.03 -32.47
C GLY G 131 39.06 45.66 -31.75
N GLY G 132 38.88 46.04 -30.49
CA GLY G 132 39.95 46.74 -29.81
C GLY G 132 39.84 48.24 -29.95
N ASN G 133 40.75 48.94 -29.24
CA ASN G 133 40.69 50.39 -29.15
C ASN G 133 41.42 51.10 -30.28
N ASP G 134 42.26 50.40 -31.05
CA ASP G 134 43.00 51.02 -32.14
C ASP G 134 42.33 50.80 -33.48
N VAL G 135 41.07 50.37 -33.48
CA VAL G 135 40.32 50.08 -34.68
C VAL G 135 39.00 50.85 -34.63
N LYS G 136 38.63 51.44 -35.78
CA LYS G 136 37.39 52.19 -35.88
C LYS G 136 36.17 51.27 -35.75
N THR G 137 35.21 51.71 -34.95
CA THR G 137 34.00 50.95 -34.62
C THR G 137 32.78 51.70 -35.14
N VAL G 138 31.98 51.02 -35.98
CA VAL G 138 30.88 51.66 -36.70
C VAL G 138 29.57 50.98 -36.32
N VAL G 139 28.63 51.77 -35.81
CA VAL G 139 27.22 51.38 -35.72
C VAL G 139 26.50 52.15 -36.80
N TYR G 140 26.02 51.45 -37.82
CA TYR G 140 25.39 52.14 -38.92
C TYR G 140 24.15 52.89 -38.44
N GLY G 141 23.98 54.11 -38.94
CA GLY G 141 22.95 55.03 -38.49
C GLY G 141 23.39 55.97 -37.38
N VAL G 142 24.59 55.79 -36.83
CA VAL G 142 25.07 56.62 -35.74
C VAL G 142 26.34 57.36 -36.13
N ASN G 143 27.32 56.65 -36.71
CA ASN G 143 28.64 57.24 -36.91
C ASN G 143 29.36 56.67 -38.13
N GLN G 144 28.63 56.25 -39.18
CA GLN G 144 29.35 55.74 -40.34
C GLN G 144 30.22 56.80 -40.98
N ASP G 145 30.06 58.08 -40.61
CA ASP G 145 30.93 59.14 -41.09
C ASP G 145 32.39 58.92 -40.72
N ILE G 146 32.67 58.12 -39.68
CA ILE G 146 34.05 57.96 -39.26
C ILE G 146 34.89 57.24 -40.31
N LEU G 147 34.26 56.54 -41.24
CA LEU G 147 35.00 55.85 -42.30
C LEU G 147 35.27 56.74 -43.50
N ASP G 148 36.53 56.75 -43.96
CA ASP G 148 36.91 57.43 -45.18
C ASP G 148 37.49 56.47 -46.22
N GLY G 149 37.45 55.17 -45.94
CA GLY G 149 37.88 54.14 -46.86
C GLY G 149 39.32 53.70 -46.71
N SER G 150 40.21 54.57 -46.22
CA SER G 150 41.61 54.22 -46.11
C SER G 150 41.90 53.27 -44.95
N GLU G 151 40.91 52.96 -44.12
CA GLU G 151 41.12 52.02 -43.03
C GLU G 151 41.31 50.62 -43.61
N THR G 152 42.12 49.82 -42.93
CA THR G 152 42.33 48.45 -43.36
C THR G 152 41.53 47.44 -42.55
N VAL G 153 41.43 47.64 -41.24
CA VAL G 153 40.64 46.78 -40.37
C VAL G 153 39.68 47.67 -39.60
N ILE G 154 38.39 47.38 -39.67
CA ILE G 154 37.37 48.12 -38.97
C ILE G 154 36.50 47.13 -38.19
N SER G 155 35.71 47.68 -37.27
CA SER G 155 34.82 46.90 -36.43
C SER G 155 33.38 47.39 -36.59
N ALA G 156 32.44 46.44 -36.66
CA ALA G 156 31.01 46.72 -36.62
C ALA G 156 30.45 46.61 -35.21
N ALA G 157 31.30 46.64 -34.19
CA ALA G 157 30.90 46.54 -32.81
C ALA G 157 30.24 45.19 -32.55
N SER G 158 29.59 45.05 -31.39
CA SER G 158 28.87 43.85 -31.02
C SER G 158 27.40 44.03 -31.35
N CYS G 159 26.64 42.93 -31.23
CA CYS G 159 25.20 43.03 -31.38
C CYS G 159 24.61 44.02 -30.38
N THR G 160 25.05 43.97 -29.13
CA THR G 160 24.45 44.83 -28.11
C THR G 160 24.76 46.30 -28.38
N THR G 161 25.98 46.60 -28.86
CA THR G 161 26.34 47.98 -29.18
C THR G 161 25.41 48.56 -30.23
N ASN G 162 25.07 47.76 -31.26
CA ASN G 162 24.17 48.22 -32.31
C ASN G 162 22.75 48.42 -31.78
N CYS G 163 22.37 47.67 -30.75
CA CYS G 163 21.10 47.95 -30.08
C CYS G 163 21.22 49.19 -29.21
N LEU G 164 22.32 49.27 -28.47
CA LEU G 164 22.48 50.34 -27.48
C LEU G 164 22.73 51.70 -28.13
N ALA G 165 23.63 51.75 -29.11
CA ALA G 165 24.15 53.05 -29.56
C ALA G 165 23.08 54.01 -30.07
N PRO G 166 22.16 53.62 -30.97
CA PRO G 166 21.16 54.60 -31.42
C PRO G 166 20.23 55.10 -30.32
N MET G 167 19.90 54.24 -29.36
CA MET G 167 19.09 54.68 -28.24
C MET G 167 19.86 55.69 -27.38
N ALA G 168 21.11 55.36 -27.07
CA ALA G 168 21.90 56.22 -26.20
C ALA G 168 22.22 57.56 -26.87
N ALA G 169 22.35 57.58 -28.20
CA ALA G 169 22.66 58.83 -28.90
C ALA G 169 21.53 59.84 -28.78
N VAL G 170 20.28 59.40 -28.93
CA VAL G 170 19.15 60.33 -28.83
C VAL G 170 19.06 60.93 -27.42
N LEU G 171 19.23 60.10 -26.39
CA LEU G 171 19.16 60.60 -25.01
C LEU G 171 20.22 61.65 -24.74
N GLN G 172 21.42 61.45 -25.27
CA GLN G 172 22.50 62.43 -25.06
C GLN G 172 22.23 63.72 -25.80
N LYS G 173 21.87 63.63 -27.09
CA LYS G 173 21.72 64.84 -27.90
C LYS G 173 20.54 65.68 -27.44
N GLU G 174 19.44 65.06 -27.05
CA GLU G 174 18.23 65.81 -26.71
C GLU G 174 18.17 66.20 -25.24
N PHE G 175 18.84 65.48 -24.35
CA PHE G 175 18.76 65.79 -22.93
C PHE G 175 20.11 65.90 -22.23
N GLY G 176 21.12 65.24 -22.77
CA GLY G 176 22.39 65.10 -22.05
C GLY G 176 22.32 63.99 -21.02
N VAL G 177 23.38 63.17 -20.96
CA VAL G 177 23.41 62.00 -20.08
C VAL G 177 24.47 62.20 -19.02
N VAL G 178 24.08 62.06 -17.75
CA VAL G 178 25.06 62.05 -16.67
C VAL G 178 25.78 60.69 -16.61
N GLU G 179 25.02 59.63 -16.40
CA GLU G 179 25.55 58.27 -16.39
C GLU G 179 24.40 57.29 -16.56
N GLY G 180 24.75 56.04 -16.85
CA GLY G 180 23.73 55.01 -17.03
C GLY G 180 24.29 53.62 -16.82
N LEU G 181 23.41 52.73 -16.38
CA LEU G 181 23.71 51.31 -16.26
C LEU G 181 22.78 50.52 -17.17
N MET G 182 23.35 49.58 -17.93
CA MET G 182 22.64 48.77 -18.90
C MET G 182 22.43 47.35 -18.39
N THR G 183 21.29 46.77 -18.78
CA THR G 183 21.01 45.34 -18.65
C THR G 183 20.47 44.87 -19.99
N THR G 184 21.21 43.99 -20.66
CA THR G 184 20.71 43.34 -21.87
C THR G 184 20.21 41.95 -21.48
N ILE G 185 18.95 41.68 -21.81
CA ILE G 185 18.35 40.37 -21.61
C ILE G 185 18.49 39.63 -22.92
N HIS G 186 19.40 38.68 -22.96
CA HIS G 186 20.01 38.26 -24.21
C HIS G 186 19.71 36.82 -24.50
N ALA G 187 19.36 36.54 -25.76
CA ALA G 187 19.24 35.17 -26.21
C ALA G 187 20.55 34.44 -25.99
N TYR G 188 20.47 33.14 -25.71
CA TYR G 188 21.70 32.38 -25.52
C TYR G 188 22.40 32.18 -26.86
N THR G 189 23.71 31.98 -26.80
CA THR G 189 24.53 31.89 -28.01
C THR G 189 25.45 30.68 -27.91
N GLY G 190 26.21 30.45 -28.98
CA GLY G 190 27.01 29.24 -29.13
C GLY G 190 28.17 29.10 -28.16
N ASP G 191 28.57 30.17 -27.48
CA ASP G 191 29.62 30.06 -26.48
C ASP G 191 29.10 29.53 -25.14
N GLN G 192 27.83 29.15 -25.06
CA GLN G 192 27.30 28.47 -23.89
C GLN G 192 27.16 26.99 -24.23
N ASN G 193 27.26 26.15 -23.20
CA ASN G 193 27.19 24.72 -23.40
C ASN G 193 25.74 24.27 -23.46
N THR G 194 25.50 23.19 -24.19
CA THR G 194 24.14 22.65 -24.28
C THR G 194 23.68 22.14 -22.92
N LEU G 195 24.53 21.38 -22.25
CA LEU G 195 24.36 20.91 -20.88
C LEU G 195 25.56 21.33 -20.06
N ASP G 196 25.44 21.21 -18.74
CA ASP G 196 26.56 21.51 -17.85
C ASP G 196 27.81 20.74 -18.24
N ALA G 197 28.87 21.46 -18.55
CA ALA G 197 30.12 20.85 -18.99
C ALA G 197 31.22 21.87 -18.85
N PRO G 198 32.48 21.45 -18.81
CA PRO G 198 33.58 22.42 -18.80
C PRO G 198 33.45 23.39 -19.96
N HIS G 199 33.83 24.64 -19.70
CA HIS G 199 33.79 25.70 -20.69
C HIS G 199 35.21 26.03 -21.13
N ARG G 200 35.40 26.20 -22.44
CA ARG G 200 36.74 26.37 -22.99
C ARG G 200 37.46 27.55 -22.34
N LYS G 201 36.74 28.65 -22.11
CA LYS G 201 37.32 29.88 -21.60
C LYS G 201 37.21 30.03 -20.09
N GLY G 202 36.91 28.96 -19.36
CA GLY G 202 36.92 29.04 -17.91
C GLY G 202 35.76 29.77 -17.30
N ASP G 203 34.75 30.14 -18.09
CA ASP G 203 33.61 30.90 -17.60
C ASP G 203 32.65 29.94 -16.88
N LEU G 204 32.56 30.05 -15.56
CA LEU G 204 31.73 29.12 -14.80
C LEU G 204 30.24 29.25 -15.09
N ARG G 205 29.80 30.40 -15.61
CA ARG G 205 28.39 30.59 -15.93
C ARG G 205 28.09 30.22 -17.38
N ARG G 206 28.99 30.51 -18.31
CA ARG G 206 28.74 30.02 -19.65
C ARG G 206 28.91 28.51 -19.75
N ALA G 207 29.50 27.86 -18.73
CA ALA G 207 29.59 26.41 -18.70
C ALA G 207 28.23 25.73 -18.54
N ARG G 208 27.21 26.46 -18.13
CA ARG G 208 25.93 25.89 -17.75
C ARG G 208 25.03 25.73 -18.97
N ALA G 209 24.13 24.75 -18.88
CA ALA G 209 23.15 24.47 -19.92
C ALA G 209 22.40 25.73 -20.31
N ALA G 210 22.53 26.13 -21.57
CA ALA G 210 22.04 27.43 -22.00
C ALA G 210 20.53 27.51 -21.94
N ALA G 211 19.85 26.42 -22.28
CA ALA G 211 18.42 26.48 -22.44
C ALA G 211 17.69 26.19 -21.14
N LEU G 212 18.40 26.15 -20.02
CA LEU G 212 17.80 25.85 -18.72
C LEU G 212 17.94 26.97 -17.71
N ASN G 213 18.63 28.05 -18.04
CA ASN G 213 19.10 28.96 -17.00
C ASN G 213 19.01 30.42 -17.42
N ILE G 214 18.69 31.26 -16.45
CA ILE G 214 19.07 32.67 -16.51
C ILE G 214 20.55 32.71 -16.15
N VAL G 215 21.36 33.25 -17.04
CA VAL G 215 22.80 33.16 -16.97
C VAL G 215 23.38 34.58 -16.96
N PRO G 216 23.77 35.08 -15.80
CA PRO G 216 24.46 36.38 -15.75
C PRO G 216 25.81 36.31 -16.46
N ASN G 217 26.14 37.35 -17.21
CA ASN G 217 27.42 37.31 -17.89
C ASN G 217 27.83 38.73 -18.21
N SER G 218 29.14 38.94 -18.25
CA SER G 218 29.63 40.28 -18.48
C SER G 218 29.64 40.59 -19.98
N THR G 219 29.56 41.88 -20.28
CA THR G 219 29.67 42.34 -21.66
C THR G 219 30.23 43.76 -21.60
N GLY G 220 31.12 44.06 -22.55
CA GLY G 220 31.76 45.36 -22.61
C GLY G 220 31.10 46.36 -23.54
N ALA G 221 29.92 46.04 -24.08
CA ALA G 221 29.30 46.93 -25.07
C ALA G 221 29.05 48.31 -24.49
N ALA G 222 28.54 48.36 -23.25
CA ALA G 222 28.23 49.64 -22.63
C ALA G 222 29.49 50.39 -22.19
N LYS G 223 30.50 49.66 -21.72
CA LYS G 223 31.72 50.32 -21.27
C LYS G 223 32.45 50.99 -22.43
N ALA G 224 32.45 50.36 -23.59
CA ALA G 224 33.14 50.79 -24.79
C ALA G 224 32.32 51.74 -25.68
N ILE G 225 31.15 52.19 -25.23
CA ILE G 225 30.29 53.02 -26.08
C ILE G 225 30.99 54.27 -26.63
N GLY G 226 32.00 54.78 -25.92
CA GLY G 226 32.72 55.97 -26.38
C GLY G 226 33.38 55.83 -27.74
N LEU G 227 33.57 54.60 -28.22
CA LEU G 227 34.14 54.40 -29.53
C LEU G 227 33.14 54.75 -30.61
N VAL G 228 31.85 54.60 -30.32
CA VAL G 228 30.78 54.96 -31.25
C VAL G 228 30.28 56.39 -31.02
N ILE G 229 30.03 56.78 -29.78
CA ILE G 229 29.48 58.09 -29.46
C ILE G 229 30.41 58.79 -28.49
N PRO G 230 31.28 59.67 -28.99
CA PRO G 230 32.32 60.25 -28.12
C PRO G 230 31.77 61.00 -26.92
N GLU G 231 30.63 61.67 -27.07
CA GLU G 231 30.01 62.42 -25.99
C GLU G 231 29.45 61.48 -24.90
N LEU G 232 29.66 60.17 -25.02
CA LEU G 232 29.35 59.21 -23.96
C LEU G 232 30.54 58.39 -23.48
N ASN G 233 31.77 58.78 -23.77
CA ASN G 233 32.91 57.97 -23.34
C ASN G 233 32.99 57.91 -21.82
N GLY G 234 33.15 56.71 -21.27
CA GLY G 234 33.27 56.54 -19.84
C GLY G 234 31.99 56.76 -19.03
N LYS G 235 30.85 56.90 -19.68
CA LYS G 235 29.61 57.21 -18.99
C LYS G 235 28.71 56.00 -18.76
N LEU G 236 28.94 54.88 -19.44
CA LEU G 236 28.06 53.72 -19.34
C LEU G 236 28.83 52.45 -18.98
N ASP G 237 28.16 51.58 -18.23
CA ASP G 237 28.61 50.22 -18.04
C ASP G 237 27.37 49.35 -17.83
N GLY G 238 27.58 48.05 -17.69
CA GLY G 238 26.45 47.17 -17.55
C GLY G 238 26.86 45.72 -17.70
N SER G 239 25.85 44.89 -17.85
CA SER G 239 26.06 43.45 -17.85
C SER G 239 24.93 42.79 -18.64
N ALA G 240 25.03 41.47 -18.79
CA ALA G 240 24.10 40.70 -19.59
C ALA G 240 23.45 39.63 -18.73
N GLN G 241 22.22 39.29 -19.10
CA GLN G 241 21.52 38.12 -18.57
C GLN G 241 21.08 37.30 -19.76
N ARG G 242 21.72 36.14 -19.96
CA ARG G 242 21.33 35.23 -21.01
C ARG G 242 20.17 34.34 -20.56
N VAL G 243 19.15 34.22 -21.40
CA VAL G 243 17.92 33.50 -21.05
C VAL G 243 17.57 32.54 -22.17
N PRO G 244 16.71 31.51 -21.89
CA PRO G 244 16.47 30.42 -22.87
C PRO G 244 15.52 30.80 -24.00
N VAL G 245 15.93 31.79 -24.81
CA VAL G 245 15.43 31.95 -26.18
C VAL G 245 16.61 31.86 -27.14
N ALA G 246 16.40 31.21 -28.28
CA ALA G 246 17.50 30.90 -29.18
C ALA G 246 17.96 32.09 -30.02
N THR G 247 17.13 33.13 -30.14
CA THR G 247 17.55 34.39 -30.72
C THR G 247 16.49 35.43 -30.40
N GLY G 248 16.91 36.69 -30.43
CA GLY G 248 16.04 37.76 -30.01
C GLY G 248 16.35 38.19 -28.60
N SER G 249 16.59 39.48 -28.40
CA SER G 249 17.13 40.01 -27.16
C SER G 249 16.57 41.41 -26.94
N LEU G 250 16.85 41.97 -25.77
CA LEU G 250 16.54 43.37 -25.54
C LEU G 250 17.60 44.00 -24.64
N THR G 251 17.68 45.32 -24.70
CA THR G 251 18.59 46.10 -23.88
C THR G 251 17.80 47.14 -23.12
N GLU G 252 17.91 47.12 -21.80
CA GLU G 252 17.40 48.20 -20.97
C GLU G 252 18.52 49.17 -20.64
N LEU G 253 18.17 50.47 -20.57
CA LEU G 253 19.08 51.50 -20.08
C LEU G 253 18.40 52.25 -18.94
N VAL G 254 19.03 52.22 -17.77
CA VAL G 254 18.62 53.06 -16.65
C VAL G 254 19.58 54.24 -16.57
N SER G 255 19.05 55.45 -16.73
CA SER G 255 19.88 56.64 -16.88
C SER G 255 19.40 57.77 -16.00
N VAL G 256 20.35 58.64 -15.64
CA VAL G 256 20.08 59.94 -15.03
C VAL G 256 20.39 60.99 -16.08
N LEU G 257 19.40 61.80 -16.44
CA LEU G 257 19.59 62.80 -17.48
C LEU G 257 19.97 64.16 -16.88
N GLU G 258 20.46 65.03 -17.76
CA GLU G 258 20.94 66.36 -17.37
C GLU G 258 19.83 67.41 -17.37
N ARG G 259 18.73 67.15 -18.05
CA ARG G 259 17.60 68.05 -18.09
C ARG G 259 16.34 67.23 -17.82
N PRO G 260 15.27 67.87 -17.33
CA PRO G 260 14.03 67.11 -17.09
C PRO G 260 13.45 66.56 -18.38
N ALA G 261 12.77 65.41 -18.26
CA ALA G 261 12.22 64.74 -19.42
C ALA G 261 10.92 64.06 -19.01
N THR G 262 10.04 63.85 -20.00
CA THR G 262 8.85 63.05 -19.83
C THR G 262 8.94 61.83 -20.75
N LYS G 263 8.12 60.82 -20.44
CA LYS G 263 8.08 59.63 -21.30
C LYS G 263 7.77 60.02 -22.74
N GLU G 264 6.82 60.93 -22.93
CA GLU G 264 6.40 61.30 -24.29
C GLU G 264 7.51 61.96 -25.07
N GLU G 265 8.27 62.86 -24.44
CA GLU G 265 9.37 63.52 -25.16
C GLU G 265 10.43 62.51 -25.58
N ILE G 266 10.81 61.60 -24.67
CA ILE G 266 11.78 60.57 -25.02
C ILE G 266 11.27 59.74 -26.18
N ASN G 267 9.99 59.36 -26.15
CA ASN G 267 9.43 58.54 -27.22
C ASN G 267 9.37 59.31 -28.54
N ALA G 268 8.99 60.59 -28.49
CA ALA G 268 8.90 61.39 -29.71
C ALA G 268 10.27 61.56 -30.37
N ALA G 269 11.31 61.74 -29.55
CA ALA G 269 12.66 61.88 -30.07
C ALA G 269 13.18 60.59 -30.68
N MET G 270 12.83 59.44 -30.09
CA MET G 270 13.21 58.16 -30.67
C MET G 270 12.61 58.00 -32.06
N LYS G 271 11.32 58.30 -32.19
CA LYS G 271 10.67 58.21 -33.48
C LYS G 271 11.29 59.17 -34.50
N ALA G 272 11.64 60.39 -34.05
CA ALA G 272 12.27 61.34 -34.96
C ALA G 272 13.59 60.81 -35.50
N ALA G 273 14.29 59.98 -34.72
CA ALA G 273 15.55 59.41 -35.15
C ALA G 273 15.39 58.05 -35.84
N SER G 274 14.16 57.57 -35.99
CA SER G 274 13.95 56.25 -36.57
C SER G 274 14.34 56.24 -38.04
N SER G 275 14.85 55.10 -38.48
CA SER G 275 15.42 54.95 -39.81
C SER G 275 15.35 53.48 -40.20
N GLU G 276 16.07 53.13 -41.26
CA GLU G 276 16.21 51.73 -41.60
C GLU G 276 17.04 50.99 -40.57
N SER G 277 17.90 51.69 -39.84
CA SER G 277 18.72 51.09 -38.80
C SER G 277 18.05 51.09 -37.43
N TYR G 278 17.25 52.11 -37.13
CA TYR G 278 16.65 52.32 -35.82
C TYR G 278 15.13 52.32 -35.96
N GLY G 279 14.47 51.25 -35.51
CA GLY G 279 13.03 51.18 -35.62
C GLY G 279 12.29 51.79 -34.44
N TYR G 280 11.00 52.09 -34.64
CA TYR G 280 10.15 52.62 -33.58
C TYR G 280 8.86 51.78 -33.49
N ASN G 281 8.63 51.18 -32.30
CA ASN G 281 7.49 50.29 -32.09
C ASN G 281 6.61 50.79 -30.95
N GLU G 282 5.30 50.69 -31.15
CA GLU G 282 4.33 51.04 -30.12
C GLU G 282 3.42 49.87 -29.77
N ASP G 283 3.61 48.72 -30.41
CA ASP G 283 2.77 47.57 -30.14
C ASP G 283 3.31 46.75 -28.99
N GLN G 284 2.45 45.89 -28.46
CA GLN G 284 2.79 45.07 -27.31
C GLN G 284 3.48 43.79 -27.76
N ILE G 285 4.70 43.96 -28.27
CA ILE G 285 5.42 42.84 -28.88
C ILE G 285 6.22 42.09 -27.82
N VAL G 286 6.61 40.86 -28.17
CA VAL G 286 7.47 40.00 -27.37
C VAL G 286 8.65 39.59 -28.24
N SER G 287 9.59 38.81 -27.68
CA SER G 287 10.87 38.64 -28.36
C SER G 287 10.71 37.95 -29.72
N SER G 288 9.81 36.96 -29.83
CA SER G 288 9.68 36.24 -31.09
C SER G 288 9.19 37.13 -32.21
N ASP G 289 8.46 38.21 -31.90
CA ASP G 289 8.10 39.17 -32.93
C ASP G 289 9.29 39.84 -33.55
N VAL G 290 10.47 39.73 -32.93
CA VAL G 290 11.66 40.44 -33.38
C VAL G 290 12.63 39.56 -34.18
N VAL G 291 12.46 38.24 -34.12
CA VAL G 291 13.32 37.34 -34.89
C VAL G 291 13.22 37.69 -36.36
N GLY G 292 14.37 37.97 -36.98
CA GLY G 292 14.45 38.22 -38.40
C GLY G 292 14.20 39.64 -38.85
N ILE G 293 13.99 40.58 -37.92
CA ILE G 293 13.84 41.98 -38.32
C ILE G 293 15.16 42.49 -38.88
N GLU G 294 15.07 43.55 -39.65
CA GLU G 294 16.24 44.13 -40.30
C GLU G 294 16.71 45.43 -39.68
N TYR G 295 15.99 45.99 -38.72
CA TYR G 295 16.53 47.09 -37.93
C TYR G 295 17.71 46.59 -37.11
N GLY G 296 18.73 47.44 -36.96
CA GLY G 296 19.77 47.11 -36.00
C GLY G 296 19.30 47.20 -34.55
N SER G 297 18.27 47.99 -34.31
CA SER G 297 17.71 48.22 -32.99
C SER G 297 16.26 48.65 -33.17
N LEU G 298 15.37 48.20 -32.29
CA LEU G 298 13.95 48.52 -32.37
C LEU G 298 13.50 49.13 -31.05
N PHE G 299 13.33 50.45 -31.01
CA PHE G 299 12.96 51.09 -29.75
C PHE G 299 11.52 50.76 -29.37
N ASP G 300 11.33 50.45 -28.09
CA ASP G 300 10.02 50.07 -27.56
C ASP G 300 9.49 51.20 -26.66
N ALA G 301 8.66 52.05 -27.25
CA ALA G 301 8.03 53.14 -26.51
C ALA G 301 7.11 52.66 -25.40
N THR G 302 6.60 51.42 -25.46
CA THR G 302 5.70 50.96 -24.39
C THR G 302 6.44 50.71 -23.09
N GLN G 303 7.77 50.66 -23.11
CA GLN G 303 8.54 50.38 -21.90
C GLN G 303 9.21 51.62 -21.30
N THR G 304 9.01 52.81 -21.88
CA THR G 304 9.63 54.01 -21.33
C THR G 304 9.04 54.38 -19.98
N ARG G 305 9.91 54.61 -19.00
CA ARG G 305 9.52 55.03 -17.66
C ARG G 305 10.43 56.19 -17.25
N VAL G 306 9.81 57.30 -16.87
CA VAL G 306 10.52 58.42 -16.26
C VAL G 306 9.99 58.52 -14.84
N MET G 307 10.85 58.25 -13.87
CA MET G 307 10.45 58.27 -12.47
C MET G 307 11.04 59.48 -11.77
N THR G 308 10.18 60.28 -11.14
CA THR G 308 10.58 61.49 -10.45
C THR G 308 10.26 61.34 -8.96
N VAL G 309 11.28 61.45 -8.13
CA VAL G 309 11.14 61.32 -6.69
C VAL G 309 11.82 62.54 -6.08
N GLY G 310 11.02 63.43 -5.49
CA GLY G 310 11.56 64.66 -4.94
C GLY G 310 12.40 65.46 -5.90
N GLY G 311 11.94 65.59 -7.15
CA GLY G 311 12.64 66.38 -8.14
C GLY G 311 13.74 65.66 -8.90
N LYS G 312 14.32 64.60 -8.36
CA LYS G 312 15.35 63.84 -9.07
C LYS G 312 14.70 62.80 -9.98
N GLN G 313 15.18 62.70 -11.22
CA GLN G 313 14.57 61.84 -12.22
C GLN G 313 15.47 60.67 -12.60
N LEU G 314 14.85 59.52 -12.77
CA LEU G 314 15.51 58.30 -13.21
C LEU G 314 14.69 57.70 -14.35
N VAL G 315 15.37 57.30 -15.42
CA VAL G 315 14.74 57.00 -16.70
C VAL G 315 15.10 55.58 -17.13
N LYS G 316 14.10 54.85 -17.65
CA LYS G 316 14.29 53.52 -18.21
C LYS G 316 13.90 53.56 -19.68
N THR G 317 14.83 53.15 -20.55
CA THR G 317 14.54 53.00 -21.97
C THR G 317 14.92 51.59 -22.42
N VAL G 318 14.16 51.05 -23.36
CA VAL G 318 14.34 49.66 -23.81
C VAL G 318 14.32 49.59 -25.34
N ALA G 319 15.28 48.88 -25.91
CA ALA G 319 15.26 48.59 -27.34
C ALA G 319 15.47 47.09 -27.55
N TRP G 320 14.72 46.53 -28.50
CA TRP G 320 14.86 45.13 -28.90
C TRP G 320 15.92 45.01 -29.98
N TYR G 321 16.41 43.78 -30.15
CA TYR G 321 17.18 43.45 -31.32
C TYR G 321 17.23 41.94 -31.47
N ASP G 322 17.21 41.46 -32.71
CA ASP G 322 17.61 40.11 -33.05
C ASP G 322 19.14 40.07 -33.12
N ASN G 323 19.78 39.52 -32.07
CA ASN G 323 21.24 39.46 -32.03
C ASN G 323 21.83 38.81 -33.26
N GLU G 324 21.04 38.06 -34.02
CA GLU G 324 21.51 37.51 -35.29
C GLU G 324 21.23 38.47 -36.45
N MET G 325 19.96 38.58 -36.84
CA MET G 325 19.61 39.27 -38.08
C MET G 325 19.77 40.78 -37.96
N SER G 326 19.45 41.37 -36.80
CA SER G 326 19.67 42.80 -36.62
C SER G 326 21.13 43.14 -36.81
N TYR G 327 22.02 42.36 -36.20
CA TYR G 327 23.45 42.66 -36.30
C TYR G 327 23.94 42.43 -37.72
N THR G 328 23.52 41.33 -38.34
CA THR G 328 23.92 41.01 -39.70
C THR G 328 23.58 42.14 -40.65
N CYS G 329 22.36 42.67 -40.55
CA CYS G 329 21.97 43.75 -41.44
C CYS G 329 22.78 45.02 -41.16
N GLN G 330 23.09 45.29 -39.89
CA GLN G 330 24.02 46.37 -39.59
C GLN G 330 25.40 46.10 -40.16
N LEU G 331 25.90 44.88 -39.99
CA LEU G 331 27.19 44.49 -40.55
C LEU G 331 27.21 44.68 -42.05
N VAL G 332 26.13 44.33 -42.73
CA VAL G 332 26.10 44.41 -44.18
C VAL G 332 25.96 45.86 -44.63
N ARG G 333 25.16 46.66 -43.93
CA ARG G 333 25.10 48.10 -44.23
C ARG G 333 26.48 48.74 -44.10
N THR G 334 27.15 48.47 -42.99
CA THR G 334 28.49 49.00 -42.79
C THR G 334 29.46 48.46 -43.82
N LEU G 335 29.36 47.18 -44.15
CA LEU G 335 30.19 46.61 -45.21
C LEU G 335 29.98 47.34 -46.53
N GLU G 336 28.73 47.63 -46.89
CA GLU G 336 28.43 48.32 -48.15
C GLU G 336 28.94 49.77 -48.14
N TYR G 337 28.65 50.52 -47.08
CA TYR G 337 29.12 51.90 -47.00
C TYR G 337 30.65 51.94 -47.01
N PHE G 338 31.28 51.03 -46.26
CA PHE G 338 32.74 50.94 -46.25
C PHE G 338 33.28 50.60 -47.63
N ALA G 339 32.57 49.76 -48.38
CA ALA G 339 33.03 49.36 -49.71
C ALA G 339 32.92 50.50 -50.70
N GLY G 340 31.97 51.42 -50.51
CA GLY G 340 31.80 52.53 -51.43
C GLY G 340 32.88 53.60 -51.35
N LYS G 341 33.76 53.53 -50.35
CA LYS G 341 34.89 54.44 -50.22
C LYS G 341 36.23 53.78 -50.53
N ILE G 342 36.46 52.55 -50.06
CA ILE G 342 37.66 51.81 -50.39
C ILE G 342 37.41 50.98 -51.65
N SER H 10 -2.08 22.43 18.65
CA SER H 10 -1.49 22.59 17.31
C SER H 10 -2.42 23.41 16.39
N ILE H 11 -1.82 24.25 15.53
CA ILE H 11 -2.56 25.17 14.67
C ILE H 11 -3.03 24.44 13.42
N LYS H 12 -4.32 24.58 13.09
CA LYS H 12 -4.93 23.88 11.97
C LYS H 12 -5.09 24.85 10.79
N VAL H 13 -4.54 24.48 9.62
CA VAL H 13 -4.50 25.34 8.44
C VAL H 13 -5.35 24.73 7.34
N ALA H 14 -6.02 25.58 6.56
CA ALA H 14 -6.67 25.16 5.33
C ALA H 14 -6.06 25.93 4.16
N ILE H 15 -5.69 25.21 3.12
CA ILE H 15 -5.04 25.80 1.96
C ILE H 15 -6.10 25.95 0.89
N ASN H 16 -6.44 27.19 0.51
CA ASN H 16 -7.40 27.44 -0.55
C ASN H 16 -6.63 27.67 -1.84
N GLY H 17 -6.80 26.78 -2.81
CA GLY H 17 -6.04 26.86 -4.03
C GLY H 17 -4.81 25.99 -3.97
N PHE H 18 -4.95 24.75 -4.44
CA PHE H 18 -3.88 23.76 -4.38
C PHE H 18 -2.98 23.86 -5.60
N GLY H 19 -2.47 25.06 -5.87
CA GLY H 19 -1.67 25.31 -7.04
C GLY H 19 -0.19 25.13 -6.78
N ARG H 20 0.62 25.85 -7.54
CA ARG H 20 2.07 25.82 -7.31
C ARG H 20 2.38 26.21 -5.87
N ILE H 21 1.89 27.37 -5.42
CA ILE H 21 2.17 27.79 -4.06
C ILE H 21 1.42 26.92 -3.05
N GLY H 22 0.14 26.64 -3.32
CA GLY H 22 -0.63 25.86 -2.38
C GLY H 22 -0.02 24.49 -2.09
N ARG H 23 0.42 23.79 -3.14
CA ARG H 23 0.95 22.44 -2.94
C ARG H 23 2.30 22.49 -2.23
N LEU H 24 3.18 23.41 -2.63
CA LEU H 24 4.45 23.52 -1.93
C LEU H 24 4.25 23.98 -0.48
N ALA H 25 3.24 24.83 -0.25
CA ALA H 25 2.92 25.22 1.10
C ALA H 25 2.63 24.00 1.97
N LEU H 26 1.86 23.05 1.43
CA LEU H 26 1.64 21.82 2.18
C LEU H 26 2.95 21.09 2.44
N ARG H 27 3.81 21.00 1.42
CA ARG H 27 5.12 20.35 1.61
C ARG H 27 5.88 20.94 2.79
N GLN H 28 5.90 22.28 2.90
CA GLN H 28 6.64 22.92 3.98
C GLN H 28 5.92 22.80 5.33
N ILE H 29 4.60 22.88 5.35
CA ILE H 29 3.93 22.77 6.63
C ILE H 29 4.09 21.36 7.19
N GLU H 30 4.15 20.35 6.30
CA GLU H 30 4.44 18.98 6.71
C GLU H 30 5.75 18.88 7.47
N LYS H 31 6.76 19.68 7.08
CA LYS H 31 8.04 19.63 7.78
C LYS H 31 8.06 20.48 9.03
N ALA H 32 6.95 21.15 9.36
CA ALA H 32 6.92 22.11 10.46
C ALA H 32 6.42 21.47 11.75
N HIS H 33 6.88 22.05 12.86
CA HIS H 33 6.58 21.60 14.20
C HIS H 33 5.51 22.56 14.75
N GLY H 34 4.38 22.01 15.19
CA GLY H 34 3.37 22.83 15.83
C GLY H 34 2.23 23.31 14.95
N ILE H 35 2.25 22.98 13.66
CA ILE H 35 1.23 23.46 12.74
C ILE H 35 0.98 22.38 11.67
N GLU H 36 -0.28 22.24 11.25
CA GLU H 36 -0.66 21.18 10.35
C GLU H 36 -1.82 21.60 9.47
N VAL H 37 -1.87 21.04 8.27
CA VAL H 37 -2.96 21.28 7.33
C VAL H 37 -4.11 20.32 7.59
N ALA H 38 -5.31 20.87 7.77
CA ALA H 38 -6.50 20.07 7.99
C ALA H 38 -7.32 19.86 6.72
N ALA H 39 -7.23 20.76 5.74
CA ALA H 39 -8.06 20.65 4.54
C ALA H 39 -7.44 21.44 3.41
N VAL H 40 -7.73 21.01 2.18
CA VAL H 40 -7.37 21.77 0.97
C VAL H 40 -8.61 21.90 0.11
N ASN H 41 -8.63 22.98 -0.68
CA ASN H 41 -9.72 23.22 -1.60
C ASN H 41 -9.19 23.70 -2.95
N ASP H 42 -9.81 23.20 -4.02
CA ASP H 42 -9.43 23.55 -5.39
C ASP H 42 -10.68 23.34 -6.25
N LEU H 43 -10.50 23.29 -7.56
CA LEU H 43 -11.58 23.05 -8.51
C LEU H 43 -11.61 21.61 -9.01
N THR H 44 -11.02 20.70 -8.27
CA THR H 44 -10.59 19.45 -8.89
C THR H 44 -10.88 18.23 -8.03
N PRO H 45 -11.15 17.06 -8.66
CA PRO H 45 -11.25 15.83 -7.86
C PRO H 45 -9.95 15.56 -7.15
N ALA H 46 -10.06 14.80 -6.05
CA ALA H 46 -8.91 14.53 -5.21
C ALA H 46 -7.79 13.81 -5.97
N GLU H 47 -8.14 12.98 -6.96
CA GLU H 47 -7.15 12.21 -7.70
C GLU H 47 -6.13 13.10 -8.39
N MET H 48 -6.63 14.14 -9.06
CA MET H 48 -5.76 15.08 -9.74
C MET H 48 -4.93 15.87 -8.75
N LEU H 49 -5.53 16.25 -7.62
CA LEU H 49 -4.78 16.97 -6.61
C LEU H 49 -3.70 16.09 -6.01
N LEU H 50 -4.03 14.83 -5.73
CA LEU H 50 -3.04 13.92 -5.19
C LEU H 50 -1.88 13.75 -6.17
N HIS H 51 -2.20 13.55 -7.45
CA HIS H 51 -1.19 13.37 -8.47
C HIS H 51 -0.23 14.56 -8.56
N LEU H 52 -0.79 15.77 -8.60
CA LEU H 52 0.04 16.97 -8.67
C LEU H 52 0.86 17.18 -7.39
N PHE H 53 0.32 16.73 -6.24
CA PHE H 53 1.11 16.82 -5.02
C PHE H 53 2.29 15.87 -5.07
N LYS H 54 2.08 14.64 -5.55
CA LYS H 54 3.18 13.67 -5.59
C LYS H 54 4.22 14.04 -6.64
N TYR H 55 3.78 14.45 -7.81
CA TYR H 55 4.67 14.65 -8.96
C TYR H 55 4.71 16.11 -9.35
N ASP H 56 5.91 16.65 -9.47
CA ASP H 56 6.11 18.07 -9.69
C ASP H 56 7.21 18.24 -10.73
N SER H 57 6.90 18.95 -11.82
CA SER H 57 7.86 19.09 -12.92
C SER H 57 9.11 19.91 -12.55
N THR H 58 9.01 20.87 -11.60
CA THR H 58 10.19 21.67 -11.24
C THR H 58 10.71 21.45 -9.82
N GLN H 59 9.86 21.06 -8.88
CA GLN H 59 10.25 20.92 -7.49
C GLN H 59 10.54 19.48 -7.09
N GLY H 60 10.41 18.52 -8.02
CA GLY H 60 10.69 17.13 -7.73
C GLY H 60 9.52 16.37 -7.11
N ARG H 61 9.74 15.07 -6.93
CA ARG H 61 8.79 14.20 -6.24
C ARG H 61 8.68 14.55 -4.77
N PHE H 62 7.47 14.40 -4.23
CA PHE H 62 7.26 14.59 -2.80
C PHE H 62 8.03 13.55 -2.00
N GLN H 63 8.79 14.01 -1.01
CA GLN H 63 9.58 13.11 -0.18
C GLN H 63 8.73 12.68 1.01
N GLY H 64 7.82 11.76 0.74
CA GLY H 64 6.92 11.29 1.76
C GLY H 64 5.82 10.45 1.15
N THR H 65 4.94 9.96 2.01
CA THR H 65 3.84 9.13 1.56
C THR H 65 2.60 9.98 1.30
N ALA H 66 1.89 9.65 0.24
CA ALA H 66 0.68 10.39 -0.15
C ALA H 66 -0.27 9.43 -0.86
N GLU H 67 -1.48 9.26 -0.30
CA GLU H 67 -2.44 8.29 -0.81
C GLU H 67 -3.82 8.92 -0.95
N LEU H 68 -4.67 8.22 -1.69
CA LEU H 68 -6.00 8.72 -2.03
C LEU H 68 -7.06 8.09 -1.12
N LYS H 69 -8.02 8.90 -0.72
CA LYS H 69 -9.27 8.48 -0.11
C LYS H 69 -10.37 9.15 -0.88
N ASP H 70 -11.63 8.89 -0.56
CA ASP H 70 -12.67 9.70 -1.19
C ASP H 70 -12.89 10.95 -0.34
N ASP H 71 -12.93 12.09 -1.00
CA ASP H 71 -12.99 13.38 -0.32
C ASP H 71 -11.79 13.62 0.59
N ALA H 72 -10.65 12.99 0.31
CA ALA H 72 -9.46 13.23 1.14
C ALA H 72 -8.20 12.71 0.47
N ILE H 73 -7.06 13.10 1.03
CA ILE H 73 -5.76 12.50 0.78
C ILE H 73 -5.08 12.23 2.12
N VAL H 74 -4.23 11.22 2.16
CA VAL H 74 -3.50 10.87 3.37
C VAL H 74 -2.03 11.18 3.13
N VAL H 75 -1.50 12.17 3.84
CA VAL H 75 -0.12 12.61 3.66
C VAL H 75 0.66 12.28 4.93
N ASN H 76 1.71 11.47 4.77
CA ASN H 76 2.54 11.06 5.90
C ASN H 76 1.69 10.52 7.05
N GLY H 77 0.67 9.72 6.73
CA GLY H 77 -0.13 9.13 7.76
C GLY H 77 -1.31 9.97 8.23
N ARG H 78 -1.32 11.28 7.98
CA ARG H 78 -2.42 12.15 8.39
C ARG H 78 -3.40 12.38 7.24
N GLU H 79 -4.69 12.34 7.56
CA GLU H 79 -5.72 12.61 6.55
C GLU H 79 -5.91 14.12 6.41
N ILE H 80 -6.04 14.57 5.16
CA ILE H 80 -6.33 15.96 4.83
C ILE H 80 -7.61 15.98 3.99
N LYS H 81 -8.63 16.70 4.46
CA LYS H 81 -9.89 16.75 3.73
C LYS H 81 -9.73 17.56 2.45
N VAL H 82 -10.40 17.12 1.38
CA VAL H 82 -10.31 17.74 0.06
C VAL H 82 -11.69 18.19 -0.37
N PHE H 83 -11.80 19.43 -0.83
CA PHE H 83 -13.05 19.95 -1.38
C PHE H 83 -12.80 20.52 -2.77
N ALA H 84 -13.88 20.76 -3.50
CA ALA H 84 -13.77 21.38 -4.82
C ALA H 84 -14.88 22.41 -4.99
N ASN H 85 -14.99 23.33 -4.03
CA ASN H 85 -15.98 24.39 -4.11
C ASN H 85 -15.30 25.73 -4.38
N PRO H 86 -15.60 26.37 -5.52
CA PRO H 86 -15.01 27.69 -5.78
C PRO H 86 -15.47 28.78 -4.82
N ASN H 87 -16.66 28.65 -4.19
CA ASN H 87 -17.22 29.69 -3.34
C ASN H 87 -16.75 29.55 -1.90
N PRO H 88 -15.83 30.40 -1.44
CA PRO H 88 -15.18 30.14 -0.13
C PRO H 88 -16.12 30.25 1.07
N GLU H 89 -17.22 31.01 0.99
CA GLU H 89 -18.15 31.05 2.11
C GLU H 89 -18.75 29.68 2.36
N GLU H 90 -18.79 28.84 1.33
CA GLU H 90 -19.55 27.61 1.31
C GLU H 90 -18.72 26.40 1.78
N LEU H 91 -17.41 26.63 2.34
CA LEU H 91 -16.49 25.63 2.86
C LEU H 91 -16.63 25.49 4.38
N PRO H 92 -16.46 24.30 4.91
CA PRO H 92 -16.77 24.04 6.33
C PRO H 92 -15.58 24.27 7.25
N TRP H 93 -15.08 25.51 7.29
CA TRP H 93 -13.91 25.79 8.11
C TRP H 93 -14.24 25.72 9.60
N GLY H 94 -15.35 26.35 10.00
CA GLY H 94 -15.76 26.25 11.39
C GLY H 94 -15.97 24.81 11.82
N GLU H 95 -16.47 23.97 10.90
CA GLU H 95 -16.70 22.56 11.21
C GLU H 95 -15.40 21.83 11.53
N LEU H 96 -14.30 22.19 10.86
CA LEU H 96 -13.02 21.51 11.03
C LEU H 96 -12.09 22.21 12.01
N GLY H 97 -12.54 23.29 12.66
CA GLY H 97 -11.68 24.03 13.57
C GLY H 97 -10.50 24.74 12.93
N VAL H 98 -10.65 25.18 11.67
CA VAL H 98 -9.57 25.84 10.95
C VAL H 98 -9.27 27.21 11.57
N ASP H 99 -8.02 27.41 11.95
CA ASP H 99 -7.53 28.70 12.43
C ASP H 99 -7.22 29.66 11.28
N VAL H 100 -6.40 29.22 10.32
CA VAL H 100 -5.90 30.10 9.27
C VAL H 100 -6.13 29.46 7.91
N VAL H 101 -6.61 30.28 6.97
CA VAL H 101 -6.64 29.91 5.56
C VAL H 101 -5.46 30.56 4.86
N LEU H 102 -4.71 29.77 4.07
CA LEU H 102 -3.77 30.30 3.09
C LEU H 102 -4.53 30.50 1.79
N GLU H 103 -4.77 31.75 1.42
CA GLU H 103 -5.55 32.04 0.23
C GLU H 103 -4.58 32.07 -0.95
N CYS H 104 -4.57 30.97 -1.72
CA CYS H 104 -3.61 30.77 -2.79
C CYS H 104 -4.28 30.52 -4.13
N THR H 105 -5.54 30.92 -4.28
CA THR H 105 -6.20 30.71 -5.55
C THR H 105 -5.85 31.79 -6.57
N GLY H 106 -5.35 32.93 -6.12
CA GLY H 106 -5.17 34.05 -7.01
C GLY H 106 -6.44 34.81 -7.32
N PHE H 107 -7.57 34.46 -6.71
CA PHE H 107 -8.84 35.11 -7.01
C PHE H 107 -9.49 35.82 -5.84
N PHE H 108 -8.89 35.80 -4.66
CA PHE H 108 -9.48 36.44 -3.47
C PHE H 108 -8.43 37.30 -2.78
N THR H 109 -7.74 38.13 -3.55
CA THR H 109 -6.54 38.83 -3.12
C THR H 109 -6.80 40.20 -2.49
N ASN H 110 -7.90 40.38 -1.75
CA ASN H 110 -8.06 41.57 -0.92
C ASN H 110 -8.89 41.23 0.30
N LYS H 111 -9.03 42.21 1.20
CA LYS H 111 -9.65 41.95 2.50
C LYS H 111 -11.11 41.56 2.32
N THR H 112 -11.84 42.29 1.48
CA THR H 112 -13.27 42.04 1.33
C THR H 112 -13.52 40.65 0.78
N LYS H 113 -12.75 40.26 -0.23
CA LYS H 113 -12.92 38.94 -0.84
C LYS H 113 -12.48 37.82 0.09
N ALA H 114 -11.37 38.01 0.81
CA ALA H 114 -10.82 36.97 1.69
C ALA H 114 -11.62 36.76 2.95
N GLU H 115 -12.45 37.72 3.35
CA GLU H 115 -13.23 37.55 4.57
C GLU H 115 -14.26 36.43 4.43
N ALA H 116 -14.56 35.98 3.21
CA ALA H 116 -15.46 34.86 3.04
C ALA H 116 -14.98 33.63 3.79
N HIS H 117 -13.66 33.47 3.96
CA HIS H 117 -13.16 32.36 4.77
C HIS H 117 -13.52 32.56 6.23
N ILE H 118 -13.61 33.81 6.67
CA ILE H 118 -14.06 34.11 8.03
C ILE H 118 -15.56 33.92 8.13
N ARG H 119 -16.28 34.18 7.03
CA ARG H 119 -17.70 33.92 6.96
C ARG H 119 -18.02 32.44 6.78
N ALA H 120 -17.00 31.57 6.76
CA ALA H 120 -17.20 30.13 6.71
C ALA H 120 -16.68 29.44 7.96
N GLY H 121 -16.18 30.21 8.94
CA GLY H 121 -15.78 29.69 10.24
C GLY H 121 -14.31 29.75 10.55
N ALA H 122 -13.46 30.13 9.60
CA ALA H 122 -12.04 30.28 9.91
C ALA H 122 -11.79 31.64 10.55
N ARG H 123 -10.69 31.72 11.28
CA ARG H 123 -10.39 32.91 12.07
C ARG H 123 -9.54 33.93 11.32
N LYS H 124 -8.60 33.47 10.49
CA LYS H 124 -7.61 34.35 9.92
C LYS H 124 -7.24 33.87 8.53
N VAL H 125 -6.93 34.81 7.66
CA VAL H 125 -6.47 34.50 6.32
C VAL H 125 -5.10 35.11 6.11
N VAL H 126 -4.22 34.36 5.46
CA VAL H 126 -2.98 34.90 4.90
C VAL H 126 -3.08 34.77 3.40
N ILE H 127 -3.04 35.90 2.69
CA ILE H 127 -3.12 35.89 1.24
C ILE H 127 -1.72 35.69 0.65
N SER H 128 -1.58 34.68 -0.21
CA SER H 128 -0.28 34.40 -0.81
C SER H 128 0.03 35.32 -1.99
N ALA H 129 -0.30 36.59 -1.87
CA ALA H 129 -0.15 37.58 -2.92
C ALA H 129 -0.28 38.96 -2.29
N PRO H 130 0.03 40.04 -3.02
CA PRO H 130 -0.36 41.36 -2.52
C PRO H 130 -1.86 41.38 -2.27
N GLY H 131 -2.24 42.00 -1.16
CA GLY H 131 -3.58 41.83 -0.63
C GLY H 131 -4.57 42.97 -0.56
N GLY H 132 -4.38 44.03 -1.34
CA GLY H 132 -5.32 45.13 -1.27
C GLY H 132 -4.91 46.18 -0.25
N ASN H 133 -5.68 47.26 -0.24
CA ASN H 133 -5.29 48.41 0.57
C ASN H 133 -5.75 48.33 2.03
N ASP H 134 -6.63 47.39 2.40
CA ASP H 134 -7.12 47.29 3.76
C ASP H 134 -6.41 46.22 4.59
N VAL H 135 -5.27 45.73 4.12
CA VAL H 135 -4.62 44.58 4.75
C VAL H 135 -3.13 44.81 4.98
N LYS H 136 -2.65 44.39 6.16
CA LYS H 136 -1.23 44.48 6.50
C LYS H 136 -0.40 43.53 5.64
N THR H 137 0.76 44.03 5.19
CA THR H 137 1.64 43.31 4.27
C THR H 137 2.98 43.04 4.94
N VAL H 138 3.38 41.77 5.03
CA VAL H 138 4.55 41.35 5.77
C VAL H 138 5.50 40.57 4.87
N VAL H 139 6.76 41.00 4.84
CA VAL H 139 7.86 40.17 4.35
C VAL H 139 8.65 39.69 5.57
N TYR H 140 8.62 38.39 5.81
CA TYR H 140 9.30 37.84 6.97
C TYR H 140 10.80 38.15 6.88
N GLY H 141 11.37 38.55 8.02
CA GLY H 141 12.74 39.02 8.05
C GLY H 141 12.90 40.51 7.83
N VAL H 142 11.81 41.23 7.52
CA VAL H 142 11.86 42.66 7.29
C VAL H 142 10.91 43.40 8.24
N ASN H 143 9.64 42.97 8.30
CA ASN H 143 8.64 43.74 9.02
C ASN H 143 7.55 42.89 9.64
N GLN H 144 7.86 41.62 9.98
CA GLN H 144 6.87 40.80 10.68
C GLN H 144 6.56 41.37 12.05
N ASP H 145 7.38 42.32 12.50
CA ASP H 145 7.19 43.02 13.76
C ASP H 145 5.85 43.72 13.81
N ILE H 146 5.30 44.06 12.65
CA ILE H 146 4.04 44.80 12.57
C ILE H 146 2.83 43.99 12.98
N LEU H 147 2.96 42.66 13.01
CA LEU H 147 1.85 41.81 13.40
C LEU H 147 1.76 41.68 14.91
N ASP H 148 0.55 41.86 15.45
CA ASP H 148 0.30 41.61 16.87
C ASP H 148 -0.74 40.53 17.10
N GLY H 149 -1.20 39.85 16.04
CA GLY H 149 -2.15 38.77 16.18
C GLY H 149 -3.59 39.16 16.03
N SER H 150 -3.94 40.43 16.28
CA SER H 150 -5.31 40.91 16.22
C SER H 150 -5.83 41.09 14.79
N GLU H 151 -4.98 40.90 13.79
CA GLU H 151 -5.39 40.99 12.39
C GLU H 151 -6.16 39.74 11.98
N THR H 152 -7.08 39.91 11.05
CA THR H 152 -7.84 38.80 10.48
C THR H 152 -7.41 38.42 9.08
N VAL H 153 -7.11 39.40 8.22
CA VAL H 153 -6.63 39.15 6.86
C VAL H 153 -5.32 39.87 6.68
N ILE H 154 -4.26 39.13 6.36
CA ILE H 154 -2.95 39.70 6.13
C ILE H 154 -2.42 39.19 4.81
N SER H 155 -1.37 39.87 4.33
CA SER H 155 -0.72 39.56 3.06
C SER H 155 0.75 39.24 3.28
N ALA H 156 1.23 38.24 2.57
CA ALA H 156 2.66 37.95 2.48
C ALA H 156 3.28 38.61 1.26
N ALA H 157 2.56 39.55 0.63
CA ALA H 157 3.02 40.25 -0.56
C ALA H 157 3.24 39.29 -1.72
N SER H 158 3.96 39.73 -2.73
CA SER H 158 4.30 38.93 -3.90
C SER H 158 5.66 38.27 -3.72
N CYS H 159 5.98 37.33 -4.62
CA CYS H 159 7.34 36.78 -4.64
C CYS H 159 8.36 37.89 -4.88
N THR H 160 8.07 38.81 -5.80
CA THR H 160 9.05 39.85 -6.12
C THR H 160 9.27 40.78 -4.94
N THR H 161 8.21 41.12 -4.20
CA THR H 161 8.37 41.94 -3.01
C THR H 161 9.27 41.27 -2.00
N ASN H 162 9.10 39.96 -1.81
CA ASN H 162 9.93 39.24 -0.85
C ASN H 162 11.38 39.14 -1.33
N CYS H 163 11.60 39.16 -2.64
CA CYS H 163 12.95 39.23 -3.14
C CYS H 163 13.52 40.65 -2.99
N LEU H 164 12.72 41.65 -3.34
CA LEU H 164 13.18 43.04 -3.34
C LEU H 164 13.45 43.55 -1.93
N ALA H 165 12.57 43.24 -0.99
CA ALA H 165 12.55 43.95 0.30
C ALA H 165 13.83 43.83 1.12
N PRO H 166 14.38 42.63 1.37
CA PRO H 166 15.60 42.59 2.19
C PRO H 166 16.79 43.27 1.54
N MET H 167 16.91 43.18 0.22
CA MET H 167 17.98 43.90 -0.47
C MET H 167 17.80 45.39 -0.32
N ALA H 168 16.58 45.90 -0.54
CA ALA H 168 16.31 47.32 -0.47
C ALA H 168 16.35 47.84 0.96
N ALA H 169 15.99 47.00 1.94
CA ALA H 169 15.99 47.44 3.34
C ALA H 169 17.39 47.77 3.82
N VAL H 170 18.38 46.94 3.45
CA VAL H 170 19.75 47.20 3.86
C VAL H 170 20.26 48.49 3.23
N LEU H 171 20.01 48.67 1.94
CA LEU H 171 20.48 49.89 1.28
C LEU H 171 19.84 51.13 1.90
N GLN H 172 18.55 51.05 2.24
CA GLN H 172 17.89 52.21 2.82
C GLN H 172 18.43 52.52 4.22
N LYS H 173 18.57 51.49 5.05
CA LYS H 173 19.07 51.73 6.41
C LYS H 173 20.54 52.13 6.40
N GLU H 174 21.35 51.48 5.55
CA GLU H 174 22.79 51.67 5.61
C GLU H 174 23.28 52.82 4.75
N PHE H 175 22.58 53.17 3.67
CA PHE H 175 23.05 54.25 2.82
C PHE H 175 21.97 55.30 2.53
N GLY H 176 20.69 54.91 2.61
CA GLY H 176 19.63 55.80 2.17
C GLY H 176 19.43 55.78 0.67
N VAL H 177 18.17 55.78 0.22
CA VAL H 177 17.84 55.69 -1.20
C VAL H 177 17.16 56.98 -1.65
N VAL H 178 17.70 57.61 -2.69
CA VAL H 178 17.00 58.73 -3.33
C VAL H 178 15.85 58.21 -4.17
N GLU H 179 16.17 57.34 -5.12
CA GLU H 179 15.18 56.72 -6.00
C GLU H 179 15.84 55.50 -6.62
N GLY H 180 15.01 54.63 -7.18
CA GLY H 180 15.51 53.43 -7.82
C GLY H 180 14.51 52.87 -8.79
N LEU H 181 15.02 52.19 -9.82
CA LEU H 181 14.19 51.47 -10.78
C LEU H 181 14.53 49.98 -10.73
N MET H 182 13.50 49.14 -10.66
CA MET H 182 13.68 47.69 -10.58
C MET H 182 13.35 47.03 -11.92
N THR H 183 14.11 46.00 -12.26
CA THR H 183 13.71 45.08 -13.32
C THR H 183 13.90 43.66 -12.80
N THR H 184 12.82 42.92 -12.68
CA THR H 184 12.90 41.51 -12.31
C THR H 184 12.85 40.63 -13.55
N ILE H 185 13.83 39.75 -13.66
CA ILE H 185 13.89 38.73 -14.70
C ILE H 185 13.26 37.48 -14.10
N HIS H 186 12.03 37.20 -14.51
CA HIS H 186 11.10 36.36 -13.76
C HIS H 186 10.74 35.13 -14.58
N ALA H 187 10.76 33.97 -13.92
CA ALA H 187 10.30 32.75 -14.56
C ALA H 187 8.88 32.92 -15.05
N TYR H 188 8.55 32.22 -16.13
CA TYR H 188 7.16 32.29 -16.59
C TYR H 188 6.29 31.52 -15.61
N THR H 189 5.02 31.93 -15.52
CA THR H 189 4.08 31.35 -14.58
C THR H 189 2.77 31.08 -15.31
N GLY H 190 1.84 30.45 -14.60
CA GLY H 190 0.59 29.94 -15.15
C GLY H 190 -0.39 30.98 -15.67
N ASP H 191 -0.17 32.26 -15.36
CA ASP H 191 -1.02 33.28 -15.95
C ASP H 191 -0.62 33.64 -17.38
N GLN H 192 0.36 32.95 -17.96
CA GLN H 192 0.69 33.06 -19.37
C GLN H 192 0.22 31.82 -20.11
N ASN H 193 -0.06 31.99 -21.40
CA ASN H 193 -0.57 30.89 -22.19
C ASN H 193 0.57 29.97 -22.66
N THR H 194 0.22 28.70 -22.83
CA THR H 194 1.16 27.71 -23.33
C THR H 194 1.59 28.05 -24.75
N LEU H 195 0.63 28.36 -25.61
CA LEU H 195 0.86 28.90 -26.95
C LEU H 195 0.07 30.21 -27.12
N ASP H 196 0.37 30.94 -28.18
CA ASP H 196 -0.35 32.16 -28.51
C ASP H 196 -1.86 31.90 -28.55
N ALA H 197 -2.60 32.61 -27.70
CA ALA H 197 -4.03 32.41 -27.58
C ALA H 197 -4.62 33.61 -26.86
N PRO H 198 -5.94 33.82 -26.98
CA PRO H 198 -6.58 34.91 -26.24
C PRO H 198 -6.25 34.81 -24.75
N HIS H 199 -6.08 35.96 -24.11
CA HIS H 199 -5.79 35.97 -22.69
C HIS H 199 -7.02 36.48 -21.92
N ARG H 200 -7.33 35.79 -20.82
CA ARG H 200 -8.57 36.07 -20.08
C ARG H 200 -8.61 37.51 -19.59
N LYS H 201 -7.48 38.04 -19.11
CA LYS H 201 -7.40 39.38 -18.56
C LYS H 201 -6.96 40.42 -19.58
N GLY H 202 -6.98 40.09 -20.87
CA GLY H 202 -6.72 41.03 -21.94
C GLY H 202 -5.27 41.42 -22.15
N ASP H 203 -4.33 40.81 -21.45
CA ASP H 203 -2.93 41.17 -21.56
C ASP H 203 -2.39 40.65 -22.88
N LEU H 204 -2.07 41.58 -23.79
CA LEU H 204 -1.60 41.18 -25.11
C LEU H 204 -0.24 40.50 -25.04
N ARG H 205 0.52 40.71 -23.97
CA ARG H 205 1.82 40.08 -23.86
C ARG H 205 1.78 38.73 -23.14
N ARG H 206 0.97 38.61 -22.08
CA ARG H 206 0.79 37.32 -21.44
C ARG H 206 -0.02 36.35 -22.29
N ALA H 207 -0.67 36.82 -23.35
CA ALA H 207 -1.33 35.94 -24.29
C ALA H 207 -0.36 35.08 -25.07
N ARG H 208 0.91 35.45 -25.10
CA ARG H 208 1.89 34.83 -25.97
C ARG H 208 2.51 33.59 -25.31
N ALA H 209 2.91 32.65 -26.16
CA ALA H 209 3.50 31.37 -25.75
C ALA H 209 4.58 31.57 -24.71
N ALA H 210 4.41 30.93 -23.55
CA ALA H 210 5.22 31.25 -22.39
C ALA H 210 6.68 30.86 -22.57
N ALA H 211 6.96 29.67 -23.10
CA ALA H 211 8.31 29.13 -23.12
C ALA H 211 9.09 29.52 -24.36
N LEU H 212 8.56 30.44 -25.15
CA LEU H 212 9.19 30.90 -26.38
C LEU H 212 9.60 32.36 -26.39
N ASN H 213 9.36 33.12 -25.33
CA ASN H 213 9.44 34.56 -25.44
C ASN H 213 10.03 35.18 -24.19
N ILE H 214 10.79 36.26 -24.41
CA ILE H 214 10.95 37.29 -23.40
C ILE H 214 9.72 38.18 -23.47
N VAL H 215 9.01 38.28 -22.35
CA VAL H 215 7.69 38.88 -22.29
C VAL H 215 7.72 40.01 -21.27
N PRO H 216 7.77 41.27 -21.71
CA PRO H 216 7.67 42.38 -20.75
C PRO H 216 6.31 42.36 -20.08
N ASN H 217 6.29 42.71 -18.78
CA ASN H 217 5.03 42.73 -18.06
C ASN H 217 5.15 43.63 -16.84
N SER H 218 4.03 44.18 -16.41
CA SER H 218 4.02 45.13 -15.32
C SER H 218 3.99 44.42 -13.97
N THR H 219 4.44 45.14 -12.94
CA THR H 219 4.43 44.66 -11.56
C THR H 219 4.39 45.86 -10.62
N GLY H 220 3.66 45.72 -9.52
CA GLY H 220 3.59 46.74 -8.50
C GLY H 220 4.55 46.53 -7.35
N ALA H 221 5.45 45.55 -7.45
CA ALA H 221 6.28 45.18 -6.30
C ALA H 221 7.13 46.36 -5.81
N ALA H 222 7.80 47.04 -6.73
CA ALA H 222 8.69 48.13 -6.31
C ALA H 222 7.88 49.37 -5.89
N LYS H 223 6.80 49.67 -6.60
CA LYS H 223 5.97 50.81 -6.25
C LYS H 223 5.30 50.62 -4.90
N ALA H 224 4.98 49.38 -4.54
CA ALA H 224 4.33 49.05 -3.27
C ALA H 224 5.29 48.86 -2.11
N ILE H 225 6.60 48.93 -2.36
CA ILE H 225 7.58 48.68 -1.30
C ILE H 225 7.31 49.47 -0.04
N GLY H 226 6.67 50.64 -0.15
CA GLY H 226 6.38 51.43 1.03
C GLY H 226 5.51 50.71 2.05
N LEU H 227 4.80 49.66 1.63
CA LEU H 227 3.97 48.90 2.56
C LEU H 227 4.81 47.98 3.42
N VAL H 228 5.94 47.51 2.92
CA VAL H 228 6.86 46.71 3.72
C VAL H 228 7.91 47.59 4.41
N ILE H 229 8.46 48.55 3.68
CA ILE H 229 9.52 49.44 4.18
C ILE H 229 9.10 50.90 4.00
N PRO H 230 8.50 51.53 5.01
CA PRO H 230 8.01 52.91 4.81
C PRO H 230 9.07 53.91 4.41
N GLU H 231 10.28 53.79 4.95
CA GLU H 231 11.35 54.74 4.62
C GLU H 231 11.74 54.68 3.15
N LEU H 232 11.30 53.67 2.41
CA LEU H 232 11.45 53.58 0.96
C LEU H 232 10.16 53.90 0.22
N ASN H 233 9.20 54.52 0.90
CA ASN H 233 7.93 54.82 0.25
C ASN H 233 8.08 55.79 -0.91
N GLY H 234 7.50 55.42 -2.05
CA GLY H 234 7.50 56.28 -3.22
C GLY H 234 8.83 56.49 -3.89
N LYS H 235 9.86 55.76 -3.47
CA LYS H 235 11.20 55.96 -4.01
C LYS H 235 11.56 54.95 -5.09
N LEU H 236 10.79 53.87 -5.23
CA LEU H 236 11.08 52.80 -6.18
C LEU H 236 9.90 52.60 -7.13
N ASP H 237 10.23 52.14 -8.34
CA ASP H 237 9.26 51.56 -9.28
C ASP H 237 10.01 50.57 -10.18
N GLY H 238 9.28 49.94 -11.09
CA GLY H 238 9.93 48.99 -11.96
C GLY H 238 8.93 48.16 -12.75
N SER H 239 9.47 47.12 -13.40
CA SER H 239 8.74 46.29 -14.34
C SER H 239 9.38 44.91 -14.39
N ALA H 240 8.80 44.02 -15.18
CA ALA H 240 9.27 42.65 -15.24
C ALA H 240 9.53 42.21 -16.68
N GLN H 241 10.44 41.25 -16.83
CA GLN H 241 10.64 40.54 -18.08
C GLN H 241 10.51 39.04 -17.81
N ARG H 242 9.45 38.41 -18.31
CA ARG H 242 9.26 36.96 -18.19
C ARG H 242 10.06 36.25 -19.28
N VAL H 243 10.77 35.20 -18.87
CA VAL H 243 11.68 34.48 -19.77
C VAL H 243 11.43 32.99 -19.60
N PRO H 244 11.89 32.17 -20.56
CA PRO H 244 11.54 30.73 -20.55
C PRO H 244 12.35 29.88 -19.56
N VAL H 245 12.23 30.20 -18.27
CA VAL H 245 12.56 29.22 -17.25
C VAL H 245 11.28 28.95 -16.48
N ALA H 246 11.07 27.69 -16.10
CA ALA H 246 9.79 27.31 -15.52
C ALA H 246 9.67 27.70 -14.04
N THR H 247 10.78 27.94 -13.37
CA THR H 247 10.81 28.51 -12.03
C THR H 247 12.22 29.02 -11.80
N GLY H 248 12.35 29.96 -10.86
CA GLY H 248 13.62 30.62 -10.60
C GLY H 248 13.70 31.98 -11.26
N SER H 249 14.10 33.00 -10.50
CA SER H 249 14.03 34.39 -10.94
C SER H 249 15.17 35.19 -10.32
N LEU H 250 15.33 36.43 -10.75
CA LEU H 250 16.21 37.38 -10.06
C LEU H 250 15.63 38.78 -10.14
N THR H 251 16.05 39.64 -9.22
CA THR H 251 15.60 41.02 -9.16
C THR H 251 16.80 41.95 -9.23
N GLU H 252 16.80 42.83 -10.23
CA GLU H 252 17.75 43.92 -10.30
C GLU H 252 17.12 45.20 -9.79
N LEU H 253 17.88 45.95 -9.00
CA LEU H 253 17.49 47.29 -8.59
C LEU H 253 18.63 48.24 -8.95
N VAL H 254 18.34 49.22 -9.80
CA VAL H 254 19.28 50.30 -10.09
C VAL H 254 18.84 51.52 -9.31
N SER H 255 19.70 51.99 -8.43
CA SER H 255 19.32 52.99 -7.45
C SER H 255 20.35 54.12 -7.36
N VAL H 256 19.86 55.27 -6.91
CA VAL H 256 20.70 56.39 -6.50
C VAL H 256 20.66 56.43 -4.98
N LEU H 257 21.81 56.29 -4.34
CA LEU H 257 21.91 56.30 -2.89
C LEU H 257 22.21 57.72 -2.40
N GLU H 258 22.03 57.92 -1.09
CA GLU H 258 22.20 59.24 -0.49
C GLU H 258 23.61 59.52 -0.02
N ARG H 259 24.44 58.49 0.14
CA ARG H 259 25.81 58.63 0.58
C ARG H 259 26.67 57.85 -0.39
N PRO H 260 27.95 58.21 -0.51
CA PRO H 260 28.81 57.43 -1.41
C PRO H 260 28.91 56.01 -0.91
N ALA H 261 29.09 55.09 -1.85
CA ALA H 261 29.13 53.68 -1.53
C ALA H 261 30.17 53.01 -2.41
N THR H 262 30.72 51.90 -1.91
CA THR H 262 31.57 51.02 -2.67
C THR H 262 30.90 49.65 -2.76
N LYS H 263 31.34 48.86 -3.76
CA LYS H 263 30.80 47.51 -3.92
C LYS H 263 30.96 46.71 -2.64
N GLU H 264 32.12 46.83 -1.99
CA GLU H 264 32.37 46.07 -0.78
C GLU H 264 31.46 46.50 0.36
N GLU H 265 31.20 47.81 0.49
CA GLU H 265 30.29 48.29 1.53
C GLU H 265 28.89 47.72 1.34
N ILE H 266 28.40 47.71 0.09
CA ILE H 266 27.09 47.12 -0.19
C ILE H 266 27.08 45.64 0.16
N ASN H 267 28.10 44.90 -0.30
CA ASN H 267 28.13 43.47 -0.09
C ASN H 267 28.31 43.13 1.38
N ALA H 268 29.19 43.87 2.08
CA ALA H 268 29.40 43.64 3.50
C ALA H 268 28.12 43.89 4.28
N ALA H 269 27.35 44.90 3.89
CA ALA H 269 26.10 45.18 4.56
C ALA H 269 25.06 44.08 4.29
N MET H 270 25.06 43.54 3.07
CA MET H 270 24.16 42.43 2.76
C MET H 270 24.51 41.21 3.59
N LYS H 271 25.79 40.85 3.62
CA LYS H 271 26.21 39.67 4.37
C LYS H 271 25.87 39.81 5.86
N ALA H 272 26.09 41.00 6.42
CA ALA H 272 25.76 41.25 7.82
C ALA H 272 24.28 41.07 8.12
N ALA H 273 23.43 41.35 7.14
CA ALA H 273 21.99 41.23 7.31
C ALA H 273 21.46 39.87 6.90
N SER H 274 22.33 38.94 6.55
CA SER H 274 21.88 37.62 6.12
C SER H 274 21.25 36.86 7.29
N SER H 275 20.28 36.01 6.97
CA SER H 275 19.53 35.26 7.97
C SER H 275 18.97 34.02 7.30
N GLU H 276 18.03 33.36 7.97
CA GLU H 276 17.31 32.22 7.40
C GLU H 276 16.41 32.66 6.25
N SER H 277 16.04 33.94 6.22
CA SER H 277 15.22 34.54 5.16
C SER H 277 16.05 35.16 4.05
N TYR H 278 17.21 35.74 4.37
CA TYR H 278 18.01 36.48 3.41
C TYR H 278 19.37 35.80 3.28
N GLY H 279 19.58 35.10 2.16
CA GLY H 279 20.83 34.43 1.94
C GLY H 279 21.86 35.34 1.29
N TYR H 280 23.12 34.93 1.39
CA TYR H 280 24.26 35.64 0.82
C TYR H 280 25.07 34.68 -0.04
N ASN H 281 25.27 35.04 -1.31
CA ASN H 281 25.93 34.19 -2.29
C ASN H 281 27.17 34.85 -2.85
N GLU H 282 28.23 34.06 -2.99
CA GLU H 282 29.47 34.51 -3.64
C GLU H 282 29.88 33.62 -4.79
N ASP H 283 29.12 32.57 -5.08
CA ASP H 283 29.44 31.67 -6.16
C ASP H 283 28.79 32.15 -7.47
N GLN H 284 29.25 31.57 -8.58
CA GLN H 284 28.79 31.90 -9.93
C GLN H 284 27.52 31.11 -10.27
N ILE H 285 26.42 31.44 -9.59
CA ILE H 285 25.22 30.62 -9.74
C ILE H 285 24.36 31.09 -10.92
N VAL H 286 23.54 30.17 -11.41
CA VAL H 286 22.57 30.42 -12.47
C VAL H 286 21.20 29.99 -11.96
N SER H 287 20.15 30.20 -12.75
CA SER H 287 18.81 30.18 -12.20
C SER H 287 18.44 28.81 -11.61
N SER H 288 18.86 27.72 -12.24
CA SER H 288 18.43 26.41 -11.73
C SER H 288 19.05 26.11 -10.37
N ASP H 289 20.19 26.72 -10.07
CA ASP H 289 20.82 26.58 -8.76
C ASP H 289 19.93 27.13 -7.66
N VAL H 290 18.92 27.90 -8.03
CA VAL H 290 18.05 28.57 -7.09
C VAL H 290 16.72 27.81 -6.91
N VAL H 291 16.41 26.87 -7.80
CA VAL H 291 15.19 26.08 -7.69
C VAL H 291 15.19 25.35 -6.35
N GLY H 292 14.14 25.55 -5.56
CA GLY H 292 13.96 24.83 -4.31
C GLY H 292 14.64 25.41 -3.09
N ILE H 293 15.28 26.57 -3.18
CA ILE H 293 15.92 27.15 -1.99
C ILE H 293 14.86 27.63 -1.00
N GLU H 294 15.27 27.74 0.26
CA GLU H 294 14.35 28.15 1.31
C GLU H 294 14.52 29.60 1.76
N TYR H 295 15.56 30.30 1.30
CA TYR H 295 15.62 31.74 1.51
C TYR H 295 14.50 32.43 0.73
N GLY H 296 13.90 33.46 1.34
CA GLY H 296 12.98 34.30 0.61
C GLY H 296 13.65 35.15 -0.44
N SER H 297 14.95 35.42 -0.26
CA SER H 297 15.75 36.23 -1.18
C SER H 297 17.19 35.80 -1.00
N LEU H 298 17.93 35.74 -2.10
CA LEU H 298 19.32 35.30 -2.09
C LEU H 298 20.18 36.37 -2.77
N PHE H 299 20.89 37.16 -1.97
CA PHE H 299 21.70 38.23 -2.53
C PHE H 299 22.91 37.66 -3.26
N ASP H 300 23.19 38.19 -4.44
CA ASP H 300 24.31 37.70 -5.25
C ASP H 300 25.41 38.77 -5.24
N ALA H 301 26.41 38.58 -4.36
CA ALA H 301 27.48 39.55 -4.23
C ALA H 301 28.25 39.76 -5.53
N THR H 302 28.25 38.79 -6.43
CA THR H 302 29.00 38.88 -7.68
C THR H 302 28.40 39.86 -8.69
N GLN H 303 27.17 40.31 -8.51
CA GLN H 303 26.54 41.18 -9.51
C GLN H 303 26.46 42.64 -9.09
N THR H 304 26.97 42.99 -7.92
CA THR H 304 26.96 44.39 -7.49
C THR H 304 27.91 45.21 -8.35
N ARG H 305 27.44 46.38 -8.78
CA ARG H 305 28.25 47.30 -9.56
C ARG H 305 28.07 48.68 -8.96
N VAL H 306 29.18 49.33 -8.63
CA VAL H 306 29.18 50.72 -8.22
C VAL H 306 29.93 51.49 -9.29
N MET H 307 29.18 52.27 -10.06
CA MET H 307 29.72 53.05 -11.16
C MET H 307 29.69 54.52 -10.78
N THR H 308 30.85 55.17 -10.82
CA THR H 308 30.99 56.56 -10.40
C THR H 308 31.46 57.39 -11.58
N VAL H 309 30.69 58.43 -11.90
CA VAL H 309 30.96 59.32 -13.03
C VAL H 309 30.97 60.74 -12.48
N GLY H 310 32.14 61.37 -12.47
CA GLY H 310 32.27 62.73 -11.97
C GLY H 310 31.64 62.95 -10.62
N GLY H 311 31.86 62.04 -9.68
CA GLY H 311 31.28 62.16 -8.37
C GLY H 311 29.86 61.68 -8.27
N LYS H 312 29.13 61.59 -9.38
CA LYS H 312 27.76 61.11 -9.35
C LYS H 312 27.79 59.58 -9.45
N GLN H 313 27.06 58.90 -8.57
CA GLN H 313 27.08 57.46 -8.46
C GLN H 313 25.72 56.83 -8.80
N LEU H 314 25.77 55.67 -9.47
CA LEU H 314 24.61 54.84 -9.75
C LEU H 314 24.94 53.39 -9.39
N VAL H 315 24.00 52.71 -8.72
CA VAL H 315 24.24 51.41 -8.09
C VAL H 315 23.28 50.38 -8.66
N LYS H 316 23.80 49.18 -8.93
CA LYS H 316 22.99 48.01 -9.29
C LYS H 316 23.24 46.89 -8.28
N THR H 317 22.16 46.35 -7.72
CA THR H 317 22.22 45.17 -6.86
C THR H 317 21.23 44.11 -7.38
N VAL H 318 21.62 42.84 -7.26
CA VAL H 318 20.86 41.73 -7.82
C VAL H 318 20.71 40.63 -6.76
N ALA H 319 19.47 40.15 -6.57
CA ALA H 319 19.18 39.04 -5.68
C ALA H 319 18.33 38.01 -6.42
N TRP H 320 18.62 36.74 -6.17
CA TRP H 320 17.86 35.63 -6.72
C TRP H 320 16.66 35.28 -5.84
N TYR H 321 15.73 34.53 -6.41
CA TYR H 321 14.69 33.85 -5.66
C TYR H 321 14.08 32.76 -6.51
N ASP H 322 13.73 31.64 -5.88
CA ASP H 322 12.81 30.67 -6.48
C ASP H 322 11.42 31.22 -6.21
N ASN H 323 10.83 31.85 -7.22
CA ASN H 323 9.53 32.48 -7.04
C ASN H 323 8.47 31.52 -6.51
N GLU H 324 8.71 30.22 -6.62
CA GLU H 324 7.82 29.21 -6.02
C GLU H 324 8.26 28.93 -4.59
N MET H 325 9.41 28.25 -4.42
CA MET H 325 9.77 27.80 -3.08
C MET H 325 10.19 28.95 -2.17
N SER H 326 10.97 29.91 -2.70
CA SER H 326 11.41 31.04 -1.85
C SER H 326 10.21 31.74 -1.25
N TYR H 327 9.20 32.00 -2.08
CA TYR H 327 8.02 32.66 -1.58
C TYR H 327 7.25 31.75 -0.62
N THR H 328 7.14 30.47 -0.97
CA THR H 328 6.41 29.52 -0.13
C THR H 328 6.98 29.49 1.28
N CYS H 329 8.31 29.39 1.41
CA CYS H 329 8.93 29.35 2.72
C CYS H 329 8.73 30.66 3.46
N GLN H 330 8.80 31.79 2.76
CA GLN H 330 8.46 33.04 3.42
C GLN H 330 7.00 33.04 3.88
N LEU H 331 6.11 32.54 3.03
CA LEU H 331 4.70 32.44 3.39
C LEU H 331 4.52 31.59 4.63
N VAL H 332 5.26 30.50 4.75
CA VAL H 332 5.07 29.60 5.88
C VAL H 332 5.64 30.20 7.16
N ARG H 333 6.81 30.85 7.07
CA ARG H 333 7.35 31.55 8.22
C ARG H 333 6.36 32.60 8.71
N THR H 334 5.83 33.39 7.79
CA THR H 334 4.82 34.38 8.16
C THR H 334 3.61 33.73 8.77
N LEU H 335 3.15 32.63 8.16
CA LEU H 335 2.02 31.88 8.70
C LEU H 335 2.30 31.42 10.13
N GLU H 336 3.48 30.84 10.36
CA GLU H 336 3.81 30.36 11.69
C GLU H 336 3.91 31.51 12.68
N TYR H 337 4.58 32.59 12.29
CA TYR H 337 4.70 33.75 13.16
C TYR H 337 3.33 34.35 13.47
N PHE H 338 2.47 34.45 12.45
CA PHE H 338 1.15 35.02 12.65
C PHE H 338 0.30 34.18 13.59
N ALA H 339 0.43 32.85 13.48
CA ALA H 339 -0.43 31.92 14.22
C ALA H 339 -0.12 31.92 15.70
N GLY H 340 1.12 32.19 16.09
CA GLY H 340 1.49 32.24 17.47
C GLY H 340 1.00 33.45 18.21
N LYS H 341 0.24 34.31 17.54
CA LYS H 341 -0.33 35.48 18.18
C LYS H 341 -1.84 35.52 17.91
PA NAD I . -18.29 -5.67 25.73
O1A NAD I . -18.13 -5.95 27.18
O2A NAD I . -17.33 -6.46 24.87
O5B NAD I . -18.11 -4.12 25.44
C5B NAD I . -18.74 -3.13 26.27
C4B NAD I . -17.77 -1.99 26.43
O4B NAD I . -18.42 -0.90 27.10
C3B NAD I . -16.49 -2.32 27.21
O3B NAD I . -15.35 -2.07 26.41
C2B NAD I . -16.58 -1.42 28.45
O2B NAD I . -15.33 -0.94 28.90
C1B NAD I . -17.47 -0.29 27.95
N9A NAD I . -18.22 0.41 28.99
C8A NAD I . -18.95 -0.16 30.00
N7A NAD I . -19.60 0.69 30.75
C5A NAD I . -19.27 1.92 30.20
C6A NAD I . -19.65 3.24 30.51
N6A NAD I . -20.50 3.55 31.50
N1A NAD I . -19.14 4.24 29.76
C2A NAD I . -18.32 3.94 28.75
N3A NAD I . -17.90 2.74 28.35
C4A NAD I . -18.41 1.76 29.11
O3 NAD I . -19.75 -6.06 25.18
PN NAD I . -20.29 -6.30 23.70
O1N NAD I . -19.61 -5.43 22.73
O2N NAD I . -20.35 -7.77 23.47
O5D NAD I . -21.81 -5.80 23.80
C5D NAD I . -22.16 -4.41 23.84
C4D NAD I . -23.66 -4.34 23.70
O4D NAD I . -24.03 -4.95 22.44
C3D NAD I . -24.47 -5.05 24.78
O3D NAD I . -25.68 -4.35 25.08
C2D NAD I . -24.76 -6.41 24.14
O2D NAD I . -25.95 -7.03 24.63
C1D NAD I . -24.94 -5.99 22.68
N1N NAD I . -24.71 -7.11 21.63
C2N NAD I . -23.65 -7.92 21.73
C3N NAD I . -23.48 -8.97 20.84
C7N NAD I . -22.29 -9.88 20.83
O7N NAD I . -22.35 -10.94 20.20
N7N NAD I . -21.25 -9.58 21.60
C4N NAD I . -24.43 -9.15 19.84
C5N NAD I . -25.50 -8.27 19.74
C6N NAD I . -25.62 -7.26 20.64
CL CL J . -34.56 -32.08 12.50
CL CL K . -38.03 -22.64 25.75
PA NAD L . -13.32 -44.93 20.13
O1A NAD L . -12.82 -44.38 18.87
O2A NAD L . -12.86 -44.13 21.30
O5B NAD L . -12.99 -46.43 20.46
C5B NAD L . -13.00 -47.45 19.44
C4B NAD L . -11.89 -48.41 19.79
O4B NAD L . -12.03 -49.59 18.97
C3B NAD L . -10.46 -47.91 19.57
O3B NAD L . -9.62 -48.23 20.68
C2B NAD L . -10.04 -48.62 18.28
O2B NAD L . -8.64 -48.86 18.21
C1B NAD L . -10.78 -49.94 18.42
N9A NAD L . -11.01 -50.66 17.18
C8A NAD L . -11.31 -50.14 15.94
N7A NAD L . -11.47 -51.05 15.01
C5A NAD L . -11.25 -52.26 15.67
C6A NAD L . -11.27 -53.59 15.25
N6A NAD L . -11.57 -53.97 14.01
N1A NAD L . -11.00 -54.55 16.17
C2A NAD L . -10.75 -54.18 17.42
N3A NAD L . -10.71 -52.95 17.95
C4A NAD L . -10.97 -52.03 17.01
O3 NAD L . -14.91 -44.85 20.07
PN NAD L . -16.07 -44.69 21.15
O1N NAD L . -15.73 -45.47 22.36
O2N NAD L . -16.39 -43.27 21.30
O5D NAD L . -17.26 -45.37 20.36
C5D NAD L . -17.30 -46.81 20.19
C4D NAD L . -18.67 -47.26 19.78
O4D NAD L . -19.62 -46.89 20.82
C3D NAD L . -19.22 -46.64 18.49
O3D NAD L . -20.19 -47.52 17.91
C2D NAD L . -19.92 -45.39 19.03
O2D NAD L . -20.86 -44.80 18.13
C1D NAD L . -20.55 -45.98 20.30
N1N NAD L . -20.93 -44.96 21.40
C2N NAD L . -20.07 -43.96 21.69
C3N NAD L . -20.45 -42.95 22.56
C7N NAD L . -19.54 -41.79 22.94
O7N NAD L . -20.03 -40.77 23.47
N7N NAD L . -18.26 -41.85 22.60
C4N NAD L . -21.69 -43.02 23.16
C5N NAD L . -22.54 -44.08 22.88
C6N NAD L . -22.15 -45.04 21.98
PA NAD M . -11.06 -15.61 42.16
O1A NAD M . -11.47 -14.57 41.20
O2A NAD M . -11.78 -16.92 41.89
O5B NAD M . -11.21 -15.28 43.75
C5B NAD M . -11.61 -14.02 44.29
C4B NAD M . -12.92 -14.28 44.99
O4B NAD M . -13.06 -13.38 46.12
C3B NAD M . -14.15 -14.04 44.13
O3B NAD M . -15.19 -14.93 44.51
C2B NAD M . -14.46 -12.56 44.39
O2B NAD M . -15.81 -12.19 44.16
C1B NAD M . -14.11 -12.46 45.88
N9A NAD M . -13.65 -11.13 46.29
C8A NAD M . -12.99 -10.20 45.53
N7A NAD M . -12.69 -9.11 46.19
C5A NAD M . -13.18 -9.33 47.46
C6A NAD M . -13.15 -8.57 48.64
N6A NAD M . -12.61 -7.34 48.72
N1A NAD M . -13.70 -9.10 49.76
C2A NAD M . -14.26 -10.32 49.68
N3A NAD M . -14.35 -11.13 48.63
C4A NAD M . -13.78 -10.58 47.54
O3 NAD M . -9.50 -15.89 42.04
PN NAD M . -8.56 -16.90 42.85
O1N NAD M . -9.31 -17.41 44.03
O2N NAD M . -7.99 -17.87 41.89
O5D NAD M . -7.40 -15.96 43.36
C5D NAD M . -7.35 -15.56 44.76
C4D NAD M . -5.91 -15.32 45.17
O4D NAD M . -5.17 -16.56 45.10
C3D NAD M . -5.13 -14.32 44.31
O3D NAD M . -4.24 -13.55 45.10
C2D NAD M . -4.37 -15.22 43.36
O2D NAD M . -3.19 -14.62 42.80
C1D NAD M . -4.02 -16.36 44.31
N1N NAD M . -3.70 -17.67 43.60
C2N NAD M . -4.56 -18.07 42.64
C3N NAD M . -4.25 -19.19 41.87
C7N NAD M . -5.17 -19.67 40.79
O7N NAD M . -4.78 -20.53 39.98
N7N NAD M . -6.36 -19.07 40.66
C4N NAD M . -3.07 -19.88 42.14
C5N NAD M . -2.23 -19.44 43.15
C6N NAD M . -2.56 -18.33 43.87
CL CL N . 14.54 -30.59 26.32
PA NAD O . -2.99 -33.62 7.29
O1A NAD O . -3.43 -34.82 8.04
O2A NAD O . -3.91 -32.43 7.49
O5B NAD O . -2.71 -33.78 5.72
C5B NAD O . -2.25 -35.01 5.14
C4B NAD O . -3.10 -35.27 3.93
O4B NAD O . -2.51 -36.30 3.10
C3B NAD O . -4.53 -35.72 4.24
O3B NAD O . -5.47 -34.92 3.52
C2B NAD O . -4.53 -37.20 3.87
O2B NAD O . -5.78 -37.69 3.42
C1B NAD O . -3.51 -37.22 2.73
N9A NAD O . -2.88 -38.53 2.53
C8A NAD O . -2.45 -39.39 3.49
N7A NAD O . -1.92 -40.50 3.03
C5A NAD O . -1.99 -40.34 1.66
C6A NAD O . -1.55 -41.14 0.58
N6A NAD O . -0.97 -42.32 0.72
N1A NAD O . -1.74 -40.67 -0.67
C2A NAD O . -2.36 -39.49 -0.83
N3A NAD O . -2.83 -38.66 0.10
C4A NAD O . -2.59 -39.13 1.33
O3 NAD O . -1.54 -33.21 7.83
PN NAD O . -0.74 -31.85 7.70
O1N NAD O . -1.18 -31.15 6.47
O2N NAD O . -0.87 -31.16 9.00
O5D NAD O . 0.76 -32.35 7.54
C5D NAD O . 1.29 -32.83 6.28
C4D NAD O . 2.79 -32.91 6.35
O4D NAD O . 3.33 -31.58 6.55
C3D NAD O . 3.34 -33.74 7.52
O3D NAD O . 4.58 -34.34 7.15
C2D NAD O . 3.55 -32.69 8.60
O2D NAD O . 4.48 -33.05 9.62
C1D NAD O . 4.09 -31.56 7.73
N1N NAD O . 3.97 -30.16 8.38
C2N NAD O . 2.90 -29.88 9.14
C3N NAD O . 2.80 -28.68 9.79
C7N NAD O . 1.58 -28.22 10.52
O7N NAD O . 1.66 -27.28 11.32
N7N NAD O . 0.47 -28.93 10.37
C4N NAD O . 3.85 -27.77 9.65
C5N NAD O . 4.93 -28.07 8.85
C6N NAD O . 4.98 -29.27 8.21
CL CL P . 12.21 -14.84 30.63
PA NAD Q . 30.39 15.01 -20.98
O1A NAD Q . 30.77 15.72 -22.23
O2A NAD Q . 29.82 16.00 -19.95
O5B NAD Q . 31.63 14.17 -20.31
C5B NAD Q . 32.97 14.11 -20.84
C4B NAD Q . 33.87 14.82 -19.85
O4B NAD Q . 35.22 14.34 -20.01
C3B NAD Q . 33.91 16.34 -19.98
O3B NAD Q . 33.96 16.97 -18.70
C2B NAD Q . 35.19 16.57 -20.80
O2B NAD Q . 35.78 17.83 -20.49
C1B NAD Q . 36.09 15.44 -20.28
N9A NAD Q . 37.11 14.98 -21.21
C8A NAD Q . 36.99 14.81 -22.56
N7A NAD Q . 38.02 14.21 -23.11
C5A NAD Q . 38.88 13.97 -22.05
C6A NAD Q . 40.13 13.32 -21.95
N6A NAD Q . 40.76 12.76 -22.99
N1A NAD Q . 40.70 13.26 -20.73
C2A NAD Q . 40.07 13.81 -19.69
N3A NAD Q . 38.89 14.43 -19.65
C4A NAD Q . 38.33 14.47 -20.87
O3 NAD Q . 29.31 13.89 -21.32
PN NAD Q . 28.87 12.51 -20.64
O1N NAD Q . 29.44 12.44 -19.28
O2N NAD Q . 27.41 12.34 -20.84
O5D NAD Q . 29.59 11.42 -21.55
C5D NAD Q . 30.63 10.60 -20.99
C4D NAD Q . 30.31 9.16 -21.28
O4D NAD Q . 29.03 8.82 -20.69
C3D NAD Q . 30.23 8.78 -22.77
O3D NAD Q . 31.05 7.67 -23.05
C2D NAD Q . 28.74 8.47 -22.98
O2D NAD Q . 28.51 7.44 -23.93
C1D NAD Q . 28.36 7.99 -21.58
N1N NAD Q . 26.83 8.04 -21.28
C2N NAD Q . 26.24 9.23 -21.08
C3N NAD Q . 24.86 9.29 -20.95
C7N NAD Q . 24.13 10.60 -20.76
O7N NAD Q . 22.89 10.62 -20.90
N7N NAD Q . 24.85 11.70 -20.57
C4N NAD Q . 24.14 8.12 -20.97
C5N NAD Q . 24.78 6.91 -21.14
C6N NAD Q . 26.13 6.88 -21.30
CL CL R . 0.09 2.28 -28.54
PA NAD S . -6.84 26.97 -29.56
O1A NAD S . -6.88 26.79 -28.09
O2A NAD S . -5.58 27.71 -30.02
O5B NAD S . -8.02 27.81 -30.16
C5B NAD S . -9.39 27.55 -29.81
C4B NAD S . -10.07 28.88 -29.89
O4B NAD S . -11.50 28.71 -29.82
C3B NAD S . -9.68 29.87 -28.78
O3B NAD S . -9.23 31.10 -29.37
C2B NAD S . -10.96 30.01 -27.95
O2B NAD S . -11.15 31.34 -27.52
C1B NAD S . -12.04 29.70 -28.98
N9A NAD S . -13.31 29.21 -28.45
C8A NAD S . -13.49 28.31 -27.43
N7A NAD S . -14.74 28.06 -27.15
C5A NAD S . -15.45 28.85 -28.05
C6A NAD S . -16.82 29.05 -28.27
N6A NAD S . -17.79 28.49 -27.52
N1A NAD S . -17.19 29.90 -29.24
C2A NAD S . -16.23 30.52 -29.95
N3A NAD S . -14.90 30.43 -29.82
C4A NAD S . -14.57 29.57 -28.85
O3 NAD S . -6.89 25.53 -30.23
PN NAD S . -6.38 25.00 -31.65
O1N NAD S . -6.62 26.06 -32.66
O2N NAD S . -5.01 24.48 -31.46
O5D NAD S . -7.37 23.77 -31.89
C5D NAD S . -8.63 24.02 -32.52
C4D NAD S . -9.25 22.73 -33.00
O4D NAD S . -8.50 22.22 -34.12
C3D NAD S . -9.29 21.60 -31.97
O3D NAD S . -10.43 20.79 -32.20
C2D NAD S . -7.98 20.88 -32.26
O2D NAD S . -7.93 19.55 -31.73
C1D NAD S . -7.96 20.96 -33.78
N1N NAD S . -6.56 20.86 -34.41
C2N NAD S . -5.53 21.43 -33.78
C3N NAD S . -4.24 21.29 -34.26
C7N NAD S . -3.02 21.89 -33.62
O7N NAD S . -1.92 21.38 -33.86
N7N NAD S . -3.18 22.83 -32.69
C4N NAD S . -4.06 20.59 -35.45
C5N NAD S . -5.14 20.04 -36.11
C6N NAD S . -6.40 20.18 -35.57
CL CL T . 14.38 2.06 -36.85
PA NAD U . 29.31 30.84 -34.56
O1A NAD U . 29.81 29.73 -33.71
O2A NAD U . 27.97 30.46 -35.20
O5B NAD U . 30.33 31.18 -35.74
C5B NAD U . 31.70 30.76 -35.64
C4B NAD U . 32.00 29.92 -36.86
O4B NAD U . 33.37 30.14 -37.24
C3B NAD U . 31.82 28.41 -36.68
O3B NAD U . 31.20 27.82 -37.82
C2B NAD U . 33.26 27.90 -36.55
O2B NAD U . 33.36 26.57 -37.05
C1B NAD U . 34.00 28.89 -37.44
N9A NAD U . 35.42 29.07 -37.15
C8A NAD U . 36.01 29.27 -35.93
N7A NAD U . 37.29 29.52 -35.99
C5A NAD U . 37.57 29.45 -37.35
C6A NAD U . 38.77 29.60 -38.08
N6A NAD U . 39.95 29.87 -37.52
N1A NAD U . 38.71 29.47 -39.42
C2A NAD U . 37.52 29.20 -39.98
N3A NAD U . 36.33 29.05 -39.41
C4A NAD U . 36.43 29.19 -38.07
O3 NAD U . 29.08 32.19 -33.76
PN NAD U . 28.34 33.56 -34.17
O1N NAD U . 28.18 33.61 -35.64
O2N NAD U . 27.17 33.75 -33.29
O5D NAD U . 29.40 34.68 -33.73
C5D NAD U . 30.68 34.76 -34.37
C4D NAD U . 31.27 36.12 -34.09
O4D NAD U . 30.26 37.14 -34.33
C3D NAD U . 31.77 36.35 -32.67
O3D NAD U . 32.88 37.23 -32.67
C2D NAD U . 30.55 37.00 -31.99
O2D NAD U . 30.89 37.84 -30.89
C1D NAD U . 30.02 37.85 -33.15
N1N NAD U . 28.49 38.15 -33.04
C2N NAD U . 27.64 37.14 -32.81
C3N NAD U . 26.32 37.41 -32.53
C7N NAD U . 25.29 36.33 -32.24
O7N NAD U . 24.14 36.65 -31.83
N7N NAD U . 25.67 35.06 -32.37
C4N NAD U . 25.89 38.73 -32.51
C5N NAD U . 26.79 39.74 -32.78
C6N NAD U . 28.09 39.44 -33.05
PA NAD V . -1.72 28.25 -9.86
O1A NAD V . -2.59 28.45 -11.04
O2A NAD V . -0.60 27.23 -10.04
O5B NAD V . -2.62 27.90 -8.62
C5B NAD V . -3.95 28.45 -8.56
C4B NAD V . -4.82 27.31 -8.12
O4B NAD V . -6.04 27.83 -7.54
C3B NAD V . -5.21 26.32 -9.22
O3B NAD V . -4.95 24.98 -8.78
C2B NAD V . -6.70 26.62 -9.43
O2B NAD V . -7.47 25.52 -9.91
C1B NAD V . -7.11 27.04 -8.02
N9A NAD V . -8.32 27.84 -7.94
C8A NAD V . -8.70 28.86 -8.77
N7A NAD V . -9.85 29.41 -8.45
C5A NAD V . -10.25 28.70 -7.34
C6A NAD V . -11.39 28.79 -6.51
N6A NAD V . -12.36 29.69 -6.68
N1A NAD V . -11.49 27.92 -5.47
C2A NAD V . -10.50 27.03 -5.29
N3A NAD V . -9.38 26.85 -5.99
C4A NAD V . -9.32 27.73 -7.01
O3 NAD V . -0.98 29.60 -9.43
PN NAD V . 0.25 29.78 -8.42
O1N NAD V . 0.17 28.73 -7.38
O2N NAD V . 1.51 29.92 -9.18
O5D NAD V . -0.13 31.17 -7.74
C5D NAD V . -1.16 31.24 -6.71
C4D NAD V . -1.19 32.60 -6.09
O4D NAD V . 0.08 32.88 -5.46
C3D NAD V . -1.44 33.77 -7.04
O3D NAD V . -2.11 34.82 -6.36
C2D NAD V . -0.02 34.20 -7.39
O2D NAD V . 0.08 35.56 -7.86
C1D NAD V . 0.67 34.02 -6.05
N1N NAD V . 2.17 33.81 -6.14
C2N NAD V . 2.62 33.00 -7.12
C3N NAD V . 3.98 32.79 -7.27
C7N NAD V . 4.54 31.89 -8.33
O7N NAD V . 5.77 31.79 -8.43
N7N NAD V . 3.70 31.24 -9.11
C4N NAD V . 4.85 33.40 -6.38
C5N NAD V . 4.35 34.23 -5.39
C6N NAD V . 3.00 34.41 -5.27
#